data_7CXO
#
_entry.id   7CXO
#
_cell.length_a   148.476
_cell.length_b   258.575
_cell.length_c   165.734
_cell.angle_alpha   90.000
_cell.angle_beta   90.000
_cell.angle_gamma   90.000
#
_symmetry.space_group_name_H-M   'C 2 2 21'
#
loop_
_entity.id
_entity.type
_entity.pdbx_description
1 polymer 'L-arabinose isomerase'
2 non-polymer GLYCEROL
3 non-polymer 'MANGANESE (II) ION'
4 water water
#
_entity_poly.entity_id   1
_entity_poly.type   'polypeptide(L)'
_entity_poly.pdbx_seq_one_letter_code
;MKMPAYEFWFVVGSQHLYGDEALAQVEAHAREMVPALQAAVGNAHVLRWKGVLKDADEIRRLCLEASADDVCAGVIAWMH
TFSPAKMWIRGLLALRKPLLHLHTQFNRDIPWDTIDMDFMNLNQSAHGDREYGFIGARMGVARKVVVGHWEDPEVRERLA
KWMRTAVAFAESRNLKVARFGDNMREVAVTEGDKVGAQIQFGWSVNGYGIGDLVQYIRDVSEQKVNELLDEYEELYDIVP
AGRQEGPVRESIREQARIELGLKAFLQDGNFTAFTTTFEDLHGLKQLPGLAVQRLMQQGYGFAGEGDWKTAALLRIMKVM
STGLQGGTSFMEDYTYHFEKGNDLVLGSHMLEVCPSIAAEEKPILDVQHLGIGGKDDPARLVFDGGEGAAVNASLIDLGH
RFRLIVNEVDAVKPEHDMPKLPVARILWKPRPSLRDSAEAWILAGGAHHTCFSFAVTTEQLQDFAEMAGIECVVINEHTS
VSSFKNELKWNEVFWRGR
;
_entity_poly.pdbx_strand_id   A,B,C,D,E,F
#
loop_
_chem_comp.id
_chem_comp.type
_chem_comp.name
_chem_comp.formula
GOL non-polymer GLYCEROL 'C3 H8 O3'
MN non-polymer 'MANGANESE (II) ION' 'Mn 2'
#
# COMPACT_ATOMS: atom_id res chain seq x y z
N MET A 3 -33.42 27.40 0.87
CA MET A 3 -32.17 27.15 0.07
C MET A 3 -31.43 28.48 -0.14
N PRO A 4 -30.26 28.68 0.51
CA PRO A 4 -29.54 29.96 0.41
C PRO A 4 -29.18 30.26 -1.05
N ALA A 5 -28.93 31.54 -1.34
CA ALA A 5 -28.63 32.06 -2.69
C ALA A 5 -27.18 31.73 -3.01
N TYR A 6 -26.92 31.03 -4.11
CA TYR A 6 -25.60 30.45 -4.44
C TYR A 6 -25.09 31.03 -5.75
N GLU A 7 -23.86 31.53 -5.73
CA GLU A 7 -23.13 32.07 -6.90
C GLU A 7 -22.06 31.10 -7.37
N PHE A 8 -21.71 31.22 -8.64
CA PHE A 8 -20.53 30.58 -9.24
C PHE A 8 -19.60 31.71 -9.65
N TRP A 9 -18.32 31.54 -9.36
CA TRP A 9 -17.24 32.51 -9.61
C TRP A 9 -16.52 32.11 -10.91
N PHE A 10 -16.85 32.83 -11.99
CA PHE A 10 -16.18 32.73 -13.30
C PHE A 10 -14.85 33.47 -13.20
N VAL A 11 -13.77 32.78 -13.56
CA VAL A 11 -12.39 33.24 -13.35
C VAL A 11 -11.57 32.86 -14.58
N VAL A 12 -10.85 33.82 -15.15
CA VAL A 12 -10.05 33.62 -16.39
C VAL A 12 -8.58 33.76 -16.02
N GLY A 13 -7.79 32.73 -16.29
CA GLY A 13 -6.33 32.77 -16.15
C GLY A 13 -5.70 33.46 -17.36
N SER A 14 -4.65 34.22 -17.09
CA SER A 14 -3.76 34.82 -18.13
C SER A 14 -2.43 35.13 -17.45
N GLN A 15 -1.56 35.90 -18.10
CA GLN A 15 -0.25 36.33 -17.53
C GLN A 15 0.01 37.79 -17.91
N HIS A 16 1.14 38.33 -17.49
CA HIS A 16 1.57 39.72 -17.84
C HIS A 16 2.34 39.72 -19.18
N LEU A 17 2.79 38.55 -19.66
CA LEU A 17 3.79 38.37 -20.76
C LEU A 17 3.39 39.19 -22.00
N TYR A 18 2.14 39.13 -22.45
CA TYR A 18 1.67 39.70 -23.75
C TYR A 18 1.20 41.15 -23.54
N GLY A 19 1.80 41.84 -22.58
CA GLY A 19 1.45 43.23 -22.19
C GLY A 19 0.06 43.30 -21.60
N ASP A 20 -0.52 44.50 -21.58
CA ASP A 20 -1.76 44.84 -20.83
C ASP A 20 -2.93 44.97 -21.81
N GLU A 21 -2.69 45.47 -23.02
CA GLU A 21 -3.75 45.61 -24.04
C GLU A 21 -4.39 44.24 -24.28
N ALA A 22 -3.58 43.17 -24.30
CA ALA A 22 -4.04 41.78 -24.52
C ALA A 22 -4.88 41.32 -23.33
N LEU A 23 -4.55 41.73 -22.10
CA LEU A 23 -5.35 41.45 -20.88
C LEU A 23 -6.68 42.20 -20.95
N ALA A 24 -6.69 43.41 -21.51
CA ALA A 24 -7.92 44.21 -21.77
C ALA A 24 -8.82 43.47 -22.75
N GLN A 25 -8.23 42.86 -23.78
CA GLN A 25 -8.96 42.05 -24.80
C GLN A 25 -9.56 40.81 -24.13
N VAL A 26 -8.85 40.22 -23.16
CA VAL A 26 -9.30 39.00 -22.43
C VAL A 26 -10.47 39.40 -21.53
N GLU A 27 -10.35 40.52 -20.83
CA GLU A 27 -11.48 41.12 -20.08
C GLU A 27 -12.68 41.25 -21.05
N ALA A 28 -12.47 41.87 -22.21
CA ALA A 28 -13.52 42.11 -23.23
C ALA A 28 -14.23 40.80 -23.57
N HIS A 29 -13.48 39.73 -23.82
CA HIS A 29 -14.01 38.38 -24.15
C HIS A 29 -14.83 37.85 -22.98
N ALA A 30 -14.27 37.91 -21.77
CA ALA A 30 -14.92 37.36 -20.56
C ALA A 30 -16.24 38.08 -20.31
N ARG A 31 -16.21 39.42 -20.32
CA ARG A 31 -17.38 40.27 -19.96
C ARG A 31 -18.52 40.01 -20.96
N GLU A 32 -18.20 39.52 -22.17
CA GLU A 32 -19.20 39.10 -23.18
C GLU A 32 -19.75 37.70 -22.82
N MET A 33 -18.85 36.78 -22.44
CA MET A 33 -19.16 35.34 -22.22
C MET A 33 -20.09 35.18 -21.02
N VAL A 34 -19.77 35.85 -19.91
CA VAL A 34 -20.38 35.63 -18.56
C VAL A 34 -21.86 35.97 -18.56
N PRO A 35 -22.31 37.12 -19.13
CA PRO A 35 -23.74 37.35 -19.29
C PRO A 35 -24.43 36.31 -20.20
N ALA A 36 -23.83 36.00 -21.34
CA ALA A 36 -24.40 35.01 -22.30
C ALA A 36 -24.51 33.66 -21.60
N LEU A 37 -23.51 33.31 -20.79
CA LEU A 37 -23.46 32.03 -20.03
C LEU A 37 -24.55 32.03 -18.97
N GLN A 38 -24.79 33.17 -18.31
CA GLN A 38 -25.88 33.37 -17.29
C GLN A 38 -27.22 33.06 -17.94
N ALA A 39 -27.47 33.67 -19.11
CA ALA A 39 -28.73 33.55 -19.88
C ALA A 39 -28.92 32.09 -20.35
N ALA A 40 -27.82 31.39 -20.63
CA ALA A 40 -27.84 29.99 -21.12
C ALA A 40 -28.27 29.06 -19.97
N VAL A 41 -27.76 29.28 -18.77
CA VAL A 41 -27.94 28.32 -17.64
C VAL A 41 -29.19 28.71 -16.86
N GLY A 42 -29.83 29.83 -17.23
CA GLY A 42 -30.97 30.40 -16.49
C GLY A 42 -30.54 31.12 -15.22
N ASN A 43 -31.20 32.22 -14.89
CA ASN A 43 -30.86 33.09 -13.73
C ASN A 43 -31.40 32.48 -12.43
N ALA A 44 -31.24 31.17 -12.24
CA ALA A 44 -31.56 30.46 -10.99
C ALA A 44 -30.34 30.54 -10.06
N HIS A 45 -29.20 30.08 -10.56
CA HIS A 45 -27.90 30.12 -9.87
C HIS A 45 -27.03 31.15 -10.59
N VAL A 46 -26.60 32.19 -9.86
CA VAL A 46 -25.91 33.40 -10.41
C VAL A 46 -24.46 33.05 -10.78
N LEU A 47 -24.01 33.56 -11.92
CA LEU A 47 -22.63 33.45 -12.43
C LEU A 47 -21.95 34.80 -12.24
N ARG A 48 -21.18 34.97 -11.17
CA ARG A 48 -20.39 36.19 -10.91
C ARG A 48 -19.12 36.17 -11.78
N TRP A 49 -18.82 37.28 -12.44
CA TRP A 49 -17.51 37.51 -13.08
C TRP A 49 -16.53 37.99 -12.00
N LYS A 50 -15.49 37.20 -11.70
CA LYS A 50 -14.53 37.50 -10.60
C LYS A 50 -13.16 37.87 -11.18
N GLY A 51 -13.13 38.40 -12.40
CA GLY A 51 -11.94 39.05 -12.97
C GLY A 51 -10.96 38.07 -13.58
N VAL A 52 -9.94 38.62 -14.24
CA VAL A 52 -8.79 37.88 -14.84
C VAL A 52 -7.68 37.78 -13.79
N LEU A 53 -7.19 36.56 -13.56
CA LEU A 53 -6.13 36.29 -12.57
C LEU A 53 -4.81 36.01 -13.28
N LYS A 54 -3.83 36.89 -13.04
CA LYS A 54 -2.46 36.84 -13.60
C LYS A 54 -1.50 36.47 -12.48
N ASP A 55 -1.54 37.22 -11.36
CA ASP A 55 -0.58 37.12 -10.23
C ASP A 55 -0.92 35.89 -9.38
N ALA A 56 0.10 35.23 -8.82
CA ALA A 56 -0.02 34.09 -7.90
C ALA A 56 -0.73 34.52 -6.62
N ASP A 57 -0.52 35.78 -6.20
CA ASP A 57 -1.12 36.37 -4.98
C ASP A 57 -2.62 36.55 -5.24
N GLU A 58 -2.95 37.18 -6.36
CA GLU A 58 -4.34 37.46 -6.78
C GLU A 58 -5.12 36.14 -6.83
N ILE A 59 -4.57 35.11 -7.48
CA ILE A 59 -5.19 33.76 -7.61
C ILE A 59 -5.42 33.18 -6.21
N ARG A 60 -4.40 33.21 -5.35
CA ARG A 60 -4.54 32.68 -3.98
C ARG A 60 -5.70 33.40 -3.29
N ARG A 61 -5.69 34.72 -3.31
CA ARG A 61 -6.73 35.57 -2.69
C ARG A 61 -8.11 35.14 -3.16
N LEU A 62 -8.28 34.92 -4.46
CA LEU A 62 -9.60 34.56 -5.07
C LEU A 62 -10.04 33.19 -4.51
N CYS A 63 -9.18 32.17 -4.58
CA CYS A 63 -9.46 30.82 -4.07
C CYS A 63 -9.77 30.85 -2.57
N LEU A 64 -9.04 31.62 -1.77
CA LEU A 64 -9.27 31.79 -0.32
C LEU A 64 -10.64 32.41 -0.09
N GLU A 65 -11.01 33.42 -0.88
CA GLU A 65 -12.29 34.15 -0.72
C GLU A 65 -13.46 33.21 -1.01
N ALA A 66 -13.33 32.43 -2.09
CA ALA A 66 -14.33 31.46 -2.58
C ALA A 66 -14.55 30.37 -1.53
N SER A 67 -13.50 29.98 -0.81
CA SER A 67 -13.56 28.98 0.29
C SER A 67 -14.28 29.57 1.51
N ALA A 68 -13.98 30.83 1.84
CA ALA A 68 -14.51 31.51 3.03
C ALA A 68 -15.96 31.91 2.82
N ASP A 69 -16.38 32.20 1.58
CA ASP A 69 -17.73 32.74 1.27
C ASP A 69 -18.71 31.59 1.03
N ASP A 70 -19.70 31.42 1.93
CA ASP A 70 -20.70 30.33 1.89
C ASP A 70 -21.59 30.48 0.66
N VAL A 71 -21.61 31.65 0.05
CA VAL A 71 -22.49 31.94 -1.12
C VAL A 71 -21.83 31.37 -2.36
N CYS A 72 -20.50 31.26 -2.37
CA CYS A 72 -19.73 30.65 -3.49
C CYS A 72 -19.93 29.14 -3.49
N ALA A 73 -20.85 28.66 -4.30
CA ALA A 73 -21.19 27.22 -4.41
C ALA A 73 -20.11 26.51 -5.21
N GLY A 74 -19.36 27.28 -6.00
CA GLY A 74 -18.38 26.71 -6.95
C GLY A 74 -17.64 27.77 -7.74
N VAL A 75 -16.53 27.37 -8.36
CA VAL A 75 -15.62 28.27 -9.13
C VAL A 75 -15.42 27.66 -10.51
N ILE A 76 -15.67 28.46 -11.55
CA ILE A 76 -15.48 28.03 -12.96
C ILE A 76 -14.23 28.75 -13.47
N ALA A 77 -13.12 28.03 -13.59
CA ALA A 77 -11.85 28.55 -14.13
C ALA A 77 -11.75 28.18 -15.60
N TRP A 78 -11.15 29.08 -16.39
CA TRP A 78 -10.84 28.91 -17.85
C TRP A 78 -9.61 29.74 -18.18
N MET A 79 -8.52 29.09 -18.58
CA MET A 79 -7.26 29.76 -19.00
C MET A 79 -7.40 30.26 -20.45
N HIS A 80 -7.71 31.54 -20.60
CA HIS A 80 -7.83 32.21 -21.93
C HIS A 80 -6.48 32.07 -22.64
N THR A 81 -5.42 32.60 -22.02
CA THR A 81 -4.03 32.48 -22.51
C THR A 81 -3.27 31.49 -21.62
N PHE A 82 -2.08 31.10 -22.04
CA PHE A 82 -1.16 30.32 -21.22
C PHE A 82 -1.09 31.04 -19.89
N SER A 83 -1.51 30.40 -18.80
CA SER A 83 -1.37 30.88 -17.40
C SER A 83 -0.51 29.89 -16.63
N PRO A 84 0.76 30.27 -16.30
CA PRO A 84 1.69 29.38 -15.61
C PRO A 84 1.15 28.83 -14.28
N ALA A 85 1.07 27.50 -14.21
CA ALA A 85 0.21 26.78 -13.25
C ALA A 85 0.76 26.92 -11.84
N LYS A 86 2.06 27.18 -11.66
CA LYS A 86 2.66 27.28 -10.29
C LYS A 86 1.98 28.41 -9.51
N MET A 87 1.50 29.42 -10.22
CA MET A 87 0.74 30.56 -9.66
C MET A 87 -0.55 30.06 -9.00
N TRP A 88 -1.19 29.06 -9.61
CA TRP A 88 -2.45 28.46 -9.14
C TRP A 88 -2.26 27.43 -8.01
N ILE A 89 -1.05 26.94 -7.76
CA ILE A 89 -0.79 25.89 -6.74
C ILE A 89 -1.32 26.37 -5.39
N ARG A 90 -0.74 27.45 -4.85
CA ARG A 90 -1.11 28.00 -3.51
C ARG A 90 -2.64 28.15 -3.43
N GLY A 91 -3.24 28.62 -4.52
CA GLY A 91 -4.69 28.79 -4.70
C GLY A 91 -5.42 27.48 -4.57
N LEU A 92 -5.19 26.54 -5.49
CA LEU A 92 -5.93 25.24 -5.60
C LEU A 92 -5.91 24.50 -4.26
N LEU A 93 -4.80 24.51 -3.52
CA LEU A 93 -4.73 23.92 -2.15
C LEU A 93 -5.76 24.61 -1.24
N ALA A 94 -5.88 25.93 -1.27
CA ALA A 94 -6.78 26.68 -0.37
C ALA A 94 -8.24 26.63 -0.85
N LEU A 95 -8.48 26.34 -2.15
CA LEU A 95 -9.84 26.27 -2.73
C LEU A 95 -10.60 25.07 -2.13
N ARG A 96 -11.70 25.33 -1.41
CA ARG A 96 -12.52 24.33 -0.69
C ARG A 96 -13.84 24.10 -1.42
N LYS A 97 -14.13 24.90 -2.45
CA LYS A 97 -15.39 24.79 -3.24
C LYS A 97 -15.13 24.03 -4.54
N PRO A 98 -16.15 23.34 -5.08
CA PRO A 98 -16.02 22.57 -6.30
C PRO A 98 -15.43 23.43 -7.42
N LEU A 99 -14.60 22.82 -8.27
CA LEU A 99 -13.90 23.50 -9.38
C LEU A 99 -14.36 22.87 -10.69
N LEU A 100 -14.81 23.69 -11.61
CA LEU A 100 -15.01 23.30 -13.02
C LEU A 100 -13.95 23.99 -13.88
N HIS A 101 -13.05 23.19 -14.43
CA HIS A 101 -12.07 23.64 -15.46
C HIS A 101 -12.80 23.67 -16.80
N LEU A 102 -13.22 24.85 -17.23
CA LEU A 102 -13.89 25.05 -18.53
C LEU A 102 -12.77 25.26 -19.54
N HIS A 103 -12.50 24.24 -20.36
CA HIS A 103 -11.54 24.32 -21.49
C HIS A 103 -12.32 24.76 -22.72
N THR A 104 -12.41 26.07 -22.91
CA THR A 104 -13.11 26.67 -24.06
C THR A 104 -12.16 27.61 -24.82
N GLN A 105 -12.77 28.35 -25.75
CA GLN A 105 -12.12 29.36 -26.61
C GLN A 105 -13.20 30.36 -26.99
N PHE A 106 -12.86 31.64 -27.08
CA PHE A 106 -13.85 32.69 -27.40
C PHE A 106 -14.38 32.48 -28.82
N ASN A 107 -13.47 32.43 -29.80
CA ASN A 107 -13.82 32.33 -31.25
C ASN A 107 -14.14 30.88 -31.61
N ARG A 108 -15.23 30.67 -32.34
CA ARG A 108 -15.67 29.33 -32.82
C ARG A 108 -14.69 28.84 -33.89
N ASP A 109 -14.32 29.70 -34.83
CA ASP A 109 -13.51 29.34 -36.02
C ASP A 109 -12.20 30.15 -36.02
N ILE A 110 -11.18 29.62 -36.69
CA ILE A 110 -9.84 30.26 -36.90
C ILE A 110 -9.96 31.32 -38.00
N PRO A 111 -9.72 32.62 -37.69
CA PRO A 111 -9.76 33.65 -38.72
C PRO A 111 -8.59 33.55 -39.69
N TRP A 112 -8.63 32.54 -40.58
CA TRP A 112 -7.51 32.09 -41.45
C TRP A 112 -6.79 33.31 -42.08
N ASP A 113 -7.55 34.32 -42.49
CA ASP A 113 -7.04 35.50 -43.25
C ASP A 113 -6.22 36.42 -42.33
N THR A 114 -6.61 36.59 -41.07
CA THR A 114 -6.06 37.68 -40.22
C THR A 114 -5.36 37.12 -38.98
N ILE A 115 -5.02 35.83 -38.94
CA ILE A 115 -4.35 35.23 -37.74
C ILE A 115 -2.89 35.62 -37.78
N ASP A 116 -2.43 36.23 -36.70
CA ASP A 116 -1.06 36.79 -36.52
C ASP A 116 -0.58 36.43 -35.13
N MET A 117 0.69 36.69 -34.84
CA MET A 117 1.29 36.43 -33.52
C MET A 117 0.36 36.98 -32.43
N ASP A 118 -0.26 38.15 -32.64
CA ASP A 118 -1.17 38.79 -31.64
C ASP A 118 -2.33 37.83 -31.31
N PHE A 119 -2.99 37.27 -32.33
CA PHE A 119 -4.11 36.32 -32.14
C PHE A 119 -3.63 35.07 -31.43
N MET A 120 -2.46 34.54 -31.82
CA MET A 120 -1.89 33.29 -31.29
C MET A 120 -1.60 33.44 -29.80
N ASN A 121 -1.04 34.57 -29.36
CA ASN A 121 -0.81 34.83 -27.90
C ASN A 121 -1.99 35.64 -27.35
N LEU A 122 -3.20 35.33 -27.83
CA LEU A 122 -4.49 35.76 -27.19
C LEU A 122 -5.39 34.54 -26.98
N ASN A 123 -5.67 33.78 -28.04
CA ASN A 123 -6.65 32.67 -28.01
C ASN A 123 -5.90 31.34 -27.91
N GLN A 124 -4.86 31.30 -27.08
CA GLN A 124 -4.00 30.11 -26.88
C GLN A 124 -4.54 29.25 -25.72
N SER A 125 -5.84 29.34 -25.41
CA SER A 125 -6.50 28.52 -24.37
C SER A 125 -6.26 27.03 -24.65
N ALA A 126 -6.09 26.64 -25.92
CA ALA A 126 -5.84 25.25 -26.37
C ALA A 126 -4.67 24.61 -25.60
N HIS A 127 -3.66 25.40 -25.21
CA HIS A 127 -2.51 24.90 -24.42
C HIS A 127 -2.45 25.60 -23.06
N GLY A 128 -3.10 26.74 -22.89
CA GLY A 128 -3.22 27.39 -21.56
C GLY A 128 -3.93 26.51 -20.55
N ASP A 129 -5.04 25.92 -20.95
CA ASP A 129 -5.84 25.00 -20.11
C ASP A 129 -5.06 23.71 -19.87
N ARG A 130 -4.27 23.24 -20.84
CA ARG A 130 -3.53 21.94 -20.75
C ARG A 130 -2.49 22.01 -19.66
N GLU A 131 -1.83 23.16 -19.53
CA GLU A 131 -0.95 23.53 -18.38
C GLU A 131 -1.77 23.44 -17.09
N TYR A 132 -2.89 24.15 -17.03
CA TYR A 132 -3.81 24.15 -15.85
C TYR A 132 -4.32 22.72 -15.58
N GLY A 133 -4.57 21.97 -16.66
CA GLY A 133 -4.93 20.55 -16.61
C GLY A 133 -3.86 19.75 -15.89
N PHE A 134 -2.60 19.92 -16.30
CA PHE A 134 -1.44 19.26 -15.66
C PHE A 134 -1.53 19.48 -14.14
N ILE A 135 -1.52 20.74 -13.70
CA ILE A 135 -1.40 21.03 -12.24
C ILE A 135 -2.54 20.31 -11.51
N GLY A 136 -3.73 20.27 -12.13
CA GLY A 136 -4.89 19.52 -11.61
C GLY A 136 -4.55 18.08 -11.34
N ALA A 137 -4.11 17.33 -12.37
CA ALA A 137 -3.65 15.94 -12.28
C ALA A 137 -2.57 15.86 -11.20
N ARG A 138 -1.56 16.71 -11.31
CA ARG A 138 -0.40 16.74 -10.37
C ARG A 138 -0.86 16.83 -8.91
N MET A 139 -1.87 17.64 -8.58
CA MET A 139 -2.33 17.89 -7.18
C MET A 139 -3.52 17.01 -6.80
N GLY A 140 -4.05 16.22 -7.74
CA GLY A 140 -5.23 15.35 -7.51
C GLY A 140 -6.44 16.14 -7.05
N VAL A 141 -6.66 17.33 -7.60
CA VAL A 141 -7.84 18.18 -7.27
C VAL A 141 -9.09 17.57 -7.90
N ALA A 142 -10.21 17.58 -7.16
CA ALA A 142 -11.55 17.14 -7.60
C ALA A 142 -12.14 18.15 -8.58
N ARG A 143 -11.98 17.92 -9.87
CA ARG A 143 -12.39 18.92 -10.89
C ARG A 143 -13.21 18.25 -11.99
N LYS A 144 -14.28 18.96 -12.39
CA LYS A 144 -15.07 18.71 -13.61
C LYS A 144 -14.35 19.40 -14.76
N VAL A 145 -14.05 18.67 -15.83
CA VAL A 145 -13.39 19.23 -17.03
C VAL A 145 -14.43 19.28 -18.14
N VAL A 146 -14.83 20.49 -18.53
CA VAL A 146 -15.78 20.72 -19.65
C VAL A 146 -14.97 21.29 -20.81
N VAL A 147 -15.03 20.61 -21.95
CA VAL A 147 -14.27 20.98 -23.18
C VAL A 147 -15.28 21.22 -24.30
N GLY A 148 -15.17 22.38 -24.93
CA GLY A 148 -16.01 22.74 -26.08
C GLY A 148 -16.09 24.24 -26.19
N HIS A 149 -16.66 24.74 -27.27
CA HIS A 149 -16.92 26.18 -27.42
C HIS A 149 -17.98 26.59 -26.40
N TRP A 150 -17.83 27.77 -25.79
CA TRP A 150 -18.70 28.27 -24.69
C TRP A 150 -20.13 28.55 -25.20
N GLU A 151 -20.33 28.53 -26.51
CA GLU A 151 -21.65 28.73 -27.14
C GLU A 151 -22.28 27.37 -27.47
N ASP A 152 -21.50 26.30 -27.55
CA ASP A 152 -22.02 24.92 -27.78
C ASP A 152 -23.12 24.63 -26.76
N PRO A 153 -24.27 24.04 -27.17
CA PRO A 153 -25.33 23.71 -26.23
C PRO A 153 -24.89 22.60 -25.26
N GLU A 154 -24.08 21.65 -25.72
CA GLU A 154 -23.56 20.54 -24.86
C GLU A 154 -22.78 21.17 -23.69
N VAL A 155 -21.93 22.17 -23.93
CA VAL A 155 -21.09 22.83 -22.88
C VAL A 155 -22.01 23.60 -21.92
N ARG A 156 -23.04 24.26 -22.43
CA ARG A 156 -24.00 25.01 -21.58
C ARG A 156 -24.85 24.03 -20.76
N GLU A 157 -25.23 22.89 -21.34
CA GLU A 157 -25.96 21.83 -20.61
C GLU A 157 -25.06 21.36 -19.45
N ARG A 158 -23.77 21.05 -19.72
CA ARG A 158 -22.82 20.48 -18.72
C ARG A 158 -22.58 21.49 -17.59
N LEU A 159 -22.47 22.79 -17.92
CA LEU A 159 -22.33 23.89 -16.94
C LEU A 159 -23.59 23.94 -16.07
N ALA A 160 -24.78 24.01 -16.67
CA ALA A 160 -26.06 24.08 -15.93
C ALA A 160 -26.13 22.91 -14.94
N LYS A 161 -25.95 21.67 -15.41
CA LYS A 161 -26.00 20.42 -14.59
C LYS A 161 -24.93 20.51 -13.50
N TRP A 162 -23.70 20.89 -13.88
CA TRP A 162 -22.56 20.99 -12.92
C TRP A 162 -22.86 22.02 -11.83
N MET A 163 -23.55 23.10 -12.16
CA MET A 163 -23.91 24.15 -11.18
C MET A 163 -24.96 23.62 -10.20
N ARG A 164 -25.94 22.89 -10.72
CA ARG A 164 -27.00 22.24 -9.90
C ARG A 164 -26.32 21.25 -8.94
N THR A 165 -25.32 20.50 -9.42
CA THR A 165 -24.58 19.48 -8.63
C THR A 165 -23.70 20.16 -7.57
N ALA A 166 -23.11 21.31 -7.92
CA ALA A 166 -22.17 22.04 -7.04
C ALA A 166 -22.97 22.76 -5.94
N VAL A 167 -24.20 23.15 -6.26
CA VAL A 167 -25.17 23.71 -5.27
C VAL A 167 -25.64 22.58 -4.37
N ALA A 168 -25.90 21.40 -4.91
CA ALA A 168 -26.32 20.21 -4.14
C ALA A 168 -25.20 19.81 -3.18
N PHE A 169 -23.94 20.02 -3.61
CA PHE A 169 -22.73 19.68 -2.82
C PHE A 169 -22.57 20.71 -1.71
N ALA A 170 -22.90 21.99 -1.98
CA ALA A 170 -22.87 23.08 -0.99
C ALA A 170 -23.95 22.85 0.08
N GLU A 171 -25.11 22.33 -0.32
CA GLU A 171 -26.22 21.97 0.59
C GLU A 171 -25.84 20.74 1.39
N SER A 172 -25.22 19.75 0.77
CA SER A 172 -24.63 18.57 1.46
C SER A 172 -23.68 19.03 2.57
N ARG A 173 -22.83 20.00 2.26
CA ARG A 173 -21.64 20.32 3.08
C ARG A 173 -22.06 20.84 4.44
N ASN A 174 -23.21 21.51 4.56
CA ASN A 174 -23.79 21.92 5.87
C ASN A 174 -25.19 21.32 6.02
N LEU A 175 -25.37 20.09 5.54
CA LEU A 175 -26.65 19.35 5.64
C LEU A 175 -26.82 18.87 7.07
N LYS A 176 -27.85 19.34 7.75
CA LYS A 176 -28.22 18.84 9.11
C LYS A 176 -29.28 17.74 8.91
N VAL A 177 -29.10 16.60 9.57
CA VAL A 177 -30.07 15.47 9.57
C VAL A 177 -30.44 15.19 11.02
N ALA A 178 -31.74 15.07 11.28
CA ALA A 178 -32.30 14.67 12.58
C ALA A 178 -32.83 13.23 12.44
N ARG A 179 -32.33 12.30 13.25
CA ARG A 179 -32.89 10.94 13.36
C ARG A 179 -33.81 10.93 14.57
N PHE A 180 -35.05 10.46 14.38
CA PHE A 180 -36.03 10.14 15.46
C PHE A 180 -36.02 8.63 15.73
N GLY A 181 -35.23 8.23 16.73
CA GLY A 181 -34.95 6.81 17.01
C GLY A 181 -33.81 6.26 16.16
N ASP A 182 -33.32 5.08 16.55
CA ASP A 182 -32.05 4.45 16.11
C ASP A 182 -32.31 3.63 14.84
N ASN A 183 -31.30 2.88 14.39
CA ASN A 183 -31.40 2.06 13.16
C ASN A 183 -32.35 0.92 13.45
N MET A 184 -33.09 0.43 12.46
CA MET A 184 -33.84 -0.83 12.61
C MET A 184 -32.86 -1.87 13.17
N ARG A 185 -33.20 -2.47 14.32
CA ARG A 185 -32.31 -3.39 15.07
C ARG A 185 -31.90 -4.54 14.16
N GLU A 186 -30.62 -4.88 14.17
CA GLU A 186 -29.98 -6.00 13.42
C GLU A 186 -29.81 -5.65 11.92
N VAL A 187 -30.10 -4.43 11.49
CA VAL A 187 -29.92 -4.05 10.05
C VAL A 187 -28.54 -3.40 9.85
N ALA A 188 -27.87 -3.79 8.77
CA ALA A 188 -26.42 -3.55 8.57
C ALA A 188 -26.20 -2.37 7.61
N VAL A 189 -26.78 -2.40 6.42
CA VAL A 189 -26.54 -1.38 5.36
C VAL A 189 -27.09 -0.02 5.84
N THR A 190 -28.06 -0.02 6.75
CA THR A 190 -28.69 1.18 7.36
C THR A 190 -27.64 1.88 8.25
N GLU A 191 -26.82 1.06 8.91
CA GLU A 191 -25.74 1.49 9.84
C GLU A 191 -24.64 2.19 9.03
N GLY A 192 -23.82 3.00 9.70
CA GLY A 192 -22.67 3.67 9.06
C GLY A 192 -21.87 4.45 10.08
N ASP A 193 -20.80 5.08 9.62
CA ASP A 193 -19.91 5.91 10.47
C ASP A 193 -20.36 7.37 10.35
N LYS A 194 -21.07 7.91 11.34
CA LYS A 194 -21.71 9.24 11.21
C LYS A 194 -20.63 10.32 11.22
N VAL A 195 -19.50 10.09 11.92
CA VAL A 195 -18.34 11.06 11.96
C VAL A 195 -17.57 10.95 10.64
N GLY A 196 -17.39 9.72 10.14
CA GLY A 196 -16.82 9.45 8.81
C GLY A 196 -17.62 10.14 7.71
N ALA A 197 -18.94 10.23 7.90
CA ALA A 197 -19.85 10.95 6.98
C ALA A 197 -19.54 12.44 7.08
N GLN A 198 -19.57 12.99 8.30
CA GLN A 198 -19.35 14.44 8.53
C GLN A 198 -18.00 14.79 7.91
N ILE A 199 -17.01 13.92 8.08
CA ILE A 199 -15.66 14.17 7.49
C ILE A 199 -15.74 14.19 5.97
N GLN A 200 -16.39 13.20 5.36
CA GLN A 200 -16.47 13.07 3.89
C GLN A 200 -17.40 14.16 3.32
N PHE A 201 -18.64 14.25 3.80
CA PHE A 201 -19.73 15.05 3.19
C PHE A 201 -20.00 16.37 3.94
N GLY A 202 -19.76 16.39 5.25
CA GLY A 202 -20.05 17.54 6.13
C GLY A 202 -21.32 17.34 6.94
N TRP A 203 -22.01 16.22 6.73
CA TRP A 203 -23.36 15.94 7.29
C TRP A 203 -23.31 15.95 8.81
N SER A 204 -24.04 16.90 9.40
CA SER A 204 -24.34 16.94 10.85
C SER A 204 -25.53 15.99 11.07
N VAL A 205 -25.24 14.72 11.41
CA VAL A 205 -26.25 13.64 11.62
C VAL A 205 -26.38 13.40 13.13
N ASN A 206 -27.55 13.66 13.69
CA ASN A 206 -27.73 13.80 15.16
C ASN A 206 -29.01 13.07 15.55
N GLY A 207 -28.92 12.25 16.61
CA GLY A 207 -30.06 11.47 17.16
C GLY A 207 -30.95 12.29 18.09
N TYR A 208 -32.26 12.28 17.87
CA TYR A 208 -33.29 12.90 18.75
C TYR A 208 -34.27 11.84 19.23
N GLY A 209 -34.47 11.76 20.55
CA GLY A 209 -35.55 10.96 21.14
C GLY A 209 -36.85 11.24 20.43
N ILE A 210 -37.75 10.25 20.34
CA ILE A 210 -39.09 10.40 19.72
C ILE A 210 -39.90 11.35 20.60
N GLY A 211 -39.67 11.29 21.92
CA GLY A 211 -40.28 12.18 22.93
C GLY A 211 -40.06 13.65 22.60
N ASP A 212 -38.90 13.99 22.03
CA ASP A 212 -38.55 15.38 21.65
C ASP A 212 -39.56 15.84 20.59
N LEU A 213 -40.00 14.90 19.73
CA LEU A 213 -40.93 15.16 18.59
C LEU A 213 -42.39 15.13 19.06
N VAL A 214 -42.75 14.29 20.02
CA VAL A 214 -44.16 14.23 20.51
C VAL A 214 -44.48 15.60 21.10
N GLN A 215 -43.53 16.19 21.83
CA GLN A 215 -43.69 17.54 22.46
C GLN A 215 -44.13 18.55 21.40
N TYR A 216 -43.51 18.55 20.22
CA TYR A 216 -43.81 19.48 19.10
C TYR A 216 -45.22 19.20 18.56
N ILE A 217 -45.61 17.93 18.54
CA ILE A 217 -46.97 17.51 18.10
C ILE A 217 -48.01 17.94 19.16
N ARG A 218 -47.67 17.83 20.45
CA ARG A 218 -48.61 18.05 21.60
C ARG A 218 -49.06 19.51 21.68
N ASP A 219 -48.24 20.44 21.17
CA ASP A 219 -48.50 21.90 21.27
C ASP A 219 -48.57 22.49 19.85
N VAL A 220 -49.11 21.73 18.90
CA VAL A 220 -49.39 22.22 17.52
C VAL A 220 -50.81 22.79 17.48
N SER A 221 -50.99 23.94 16.85
CA SER A 221 -52.27 24.69 16.80
C SER A 221 -53.30 23.87 16.02
N GLU A 222 -54.43 23.58 16.66
CA GLU A 222 -55.54 22.80 16.05
C GLU A 222 -56.13 23.60 14.88
N GLN A 223 -55.91 24.92 14.86
CA GLN A 223 -56.43 25.82 13.79
C GLN A 223 -55.70 25.47 12.49
N LYS A 224 -54.35 25.45 12.55
CA LYS A 224 -53.46 25.18 11.40
C LYS A 224 -53.74 23.77 10.88
N VAL A 225 -53.86 22.81 11.79
CA VAL A 225 -54.20 21.39 11.48
C VAL A 225 -55.45 21.36 10.60
N ASN A 226 -56.54 22.02 11.02
CA ASN A 226 -57.86 22.00 10.33
C ASN A 226 -57.73 22.63 8.93
N GLU A 227 -56.98 23.72 8.78
CA GLU A 227 -56.81 24.39 7.46
C GLU A 227 -55.91 23.52 6.58
N LEU A 228 -54.93 22.79 7.17
CA LEU A 228 -54.06 21.88 6.38
C LEU A 228 -54.90 20.71 5.87
N LEU A 229 -55.64 20.04 6.76
CA LEU A 229 -56.58 18.95 6.38
C LEU A 229 -57.52 19.47 5.28
N ASP A 230 -57.93 20.74 5.38
CA ASP A 230 -58.78 21.38 4.35
C ASP A 230 -57.99 21.37 3.04
N GLU A 231 -56.70 21.68 3.10
CA GLU A 231 -55.77 21.72 1.92
C GLU A 231 -55.62 20.31 1.32
N TYR A 232 -55.51 19.28 2.17
CA TYR A 232 -55.46 17.85 1.76
C TYR A 232 -56.66 17.56 0.83
N GLU A 233 -57.90 17.72 1.30
CA GLU A 233 -59.14 17.48 0.52
C GLU A 233 -59.01 18.14 -0.87
N GLU A 234 -58.35 19.30 -0.94
CA GLU A 234 -58.14 20.08 -2.19
C GLU A 234 -57.13 19.33 -3.08
N LEU A 235 -55.98 18.97 -2.51
CA LEU A 235 -54.80 18.47 -3.27
C LEU A 235 -55.00 17.00 -3.66
N TYR A 236 -55.54 16.18 -2.75
CA TYR A 236 -55.66 14.71 -2.88
C TYR A 236 -57.14 14.35 -3.04
N ASP A 237 -57.39 13.18 -3.63
CA ASP A 237 -58.74 12.55 -3.77
C ASP A 237 -58.94 11.65 -2.55
N ILE A 238 -59.44 12.22 -1.45
CA ILE A 238 -59.66 11.48 -0.17
C ILE A 238 -60.67 10.36 -0.44
N VAL A 239 -60.34 9.16 0.03
CA VAL A 239 -61.23 7.97 0.05
C VAL A 239 -62.53 8.42 0.73
N PRO A 240 -63.72 8.06 0.19
CA PRO A 240 -64.99 8.67 0.64
C PRO A 240 -65.26 8.64 2.15
N ALA A 241 -64.84 7.58 2.85
CA ALA A 241 -65.03 7.40 4.31
C ALA A 241 -64.28 8.49 5.09
N GLY A 242 -63.37 9.21 4.42
CA GLY A 242 -62.56 10.29 5.02
C GLY A 242 -63.04 11.67 4.60
N ARG A 243 -64.15 11.76 3.88
CA ARG A 243 -64.77 13.06 3.46
C ARG A 243 -65.78 13.48 4.53
N GLN A 244 -66.26 12.52 5.32
CA GLN A 244 -67.14 12.75 6.51
C GLN A 244 -66.29 12.57 7.77
N GLU A 245 -66.65 13.26 8.85
CA GLU A 245 -65.95 13.18 10.16
C GLU A 245 -66.18 11.78 10.73
N GLY A 246 -65.16 10.93 10.73
CA GLY A 246 -65.19 9.58 11.32
C GLY A 246 -63.88 9.25 12.00
N PRO A 247 -63.61 7.97 12.33
CA PRO A 247 -62.31 7.57 12.86
C PRO A 247 -61.25 7.58 11.75
N VAL A 248 -61.69 7.41 10.50
CA VAL A 248 -60.83 7.45 9.28
C VAL A 248 -60.25 8.87 9.09
N ARG A 249 -61.12 9.88 9.04
CA ARG A 249 -60.71 11.28 8.80
C ARG A 249 -59.96 11.82 10.02
N GLU A 250 -60.16 11.23 11.20
CA GLU A 250 -59.37 11.62 12.41
C GLU A 250 -57.94 11.11 12.21
N SER A 251 -57.77 9.86 11.77
CA SER A 251 -56.45 9.28 11.44
C SER A 251 -55.71 10.22 10.48
N ILE A 252 -56.42 10.76 9.47
CA ILE A 252 -55.86 11.72 8.47
C ILE A 252 -55.51 13.04 9.16
N ARG A 253 -56.30 13.44 10.14
CA ARG A 253 -56.02 14.64 10.97
C ARG A 253 -54.73 14.38 11.76
N GLU A 254 -54.52 13.17 12.25
CA GLU A 254 -53.35 12.82 13.11
C GLU A 254 -52.07 12.83 12.28
N GLN A 255 -52.14 12.41 11.02
CA GLN A 255 -50.99 12.56 10.09
C GLN A 255 -50.71 14.05 9.94
N ALA A 256 -51.72 14.86 9.64
CA ALA A 256 -51.63 16.33 9.49
C ALA A 256 -51.01 16.96 10.73
N ARG A 257 -51.34 16.47 11.93
CA ARG A 257 -50.68 16.89 13.20
C ARG A 257 -49.20 16.56 13.10
N ILE A 258 -48.88 15.32 12.71
CA ILE A 258 -47.48 14.80 12.63
C ILE A 258 -46.69 15.62 11.60
N GLU A 259 -47.33 16.00 10.48
CA GLU A 259 -46.70 16.85 9.43
C GLU A 259 -46.31 18.18 10.07
N LEU A 260 -47.28 18.86 10.71
CA LEU A 260 -47.10 20.25 11.23
C LEU A 260 -46.07 20.28 12.37
N GLY A 261 -46.13 19.30 13.28
CA GLY A 261 -45.12 19.12 14.36
C GLY A 261 -43.74 18.88 13.79
N LEU A 262 -43.65 17.99 12.80
CA LEU A 262 -42.36 17.66 12.12
C LEU A 262 -41.82 18.94 11.47
N LYS A 263 -42.64 19.60 10.65
CA LYS A 263 -42.24 20.81 9.88
C LYS A 263 -41.71 21.86 10.86
N ALA A 264 -42.38 22.01 12.01
CA ALA A 264 -42.01 22.92 13.10
C ALA A 264 -40.65 22.50 13.65
N PHE A 265 -40.51 21.22 14.00
CA PHE A 265 -39.28 20.65 14.61
C PHE A 265 -38.09 20.76 13.65
N LEU A 266 -38.32 20.55 12.35
CA LEU A 266 -37.25 20.55 11.32
C LEU A 266 -36.81 22.00 11.04
N GLN A 267 -37.77 22.93 10.91
CA GLN A 267 -37.47 24.37 10.70
C GLN A 267 -36.72 24.94 11.90
N ASP A 268 -37.02 24.46 13.11
CA ASP A 268 -36.45 24.98 14.40
C ASP A 268 -34.96 24.63 14.50
N GLY A 269 -34.53 23.52 13.88
CA GLY A 269 -33.14 23.04 13.94
C GLY A 269 -32.45 23.11 12.59
N ASN A 270 -33.01 23.87 11.63
CA ASN A 270 -32.46 24.05 10.26
C ASN A 270 -32.14 22.68 9.64
N PHE A 271 -32.91 21.66 9.98
CA PHE A 271 -32.80 20.29 9.40
C PHE A 271 -33.36 20.32 7.97
N THR A 272 -32.62 19.76 7.03
CA THR A 272 -33.03 19.61 5.61
C THR A 272 -33.40 18.15 5.31
N ALA A 273 -32.97 17.19 6.14
CA ALA A 273 -33.33 15.76 6.01
C ALA A 273 -33.57 15.16 7.39
N PHE A 274 -34.29 14.05 7.45
CA PHE A 274 -34.58 13.37 8.73
C PHE A 274 -34.96 11.93 8.47
N THR A 275 -34.91 11.11 9.51
CA THR A 275 -35.24 9.67 9.48
C THR A 275 -36.20 9.34 10.62
N THR A 276 -37.07 8.35 10.38
CA THR A 276 -37.92 7.73 11.41
C THR A 276 -37.35 6.35 11.69
N THR A 277 -38.05 5.60 12.53
CA THR A 277 -37.91 4.14 12.68
C THR A 277 -39.23 3.64 13.25
N PHE A 278 -39.79 2.57 12.70
CA PHE A 278 -41.09 2.02 13.15
C PHE A 278 -40.94 1.33 14.52
N GLU A 279 -39.71 1.04 14.94
CA GLU A 279 -39.42 0.28 16.19
C GLU A 279 -39.40 1.21 17.42
N ASP A 280 -39.44 2.54 17.22
CA ASP A 280 -39.54 3.55 18.30
C ASP A 280 -40.58 4.61 17.89
N LEU A 281 -41.82 4.47 18.35
CA LEU A 281 -42.91 5.44 18.07
C LEU A 281 -43.64 5.83 19.35
N HIS A 282 -43.11 5.46 20.52
CA HIS A 282 -43.79 5.68 21.82
C HIS A 282 -44.14 7.17 21.93
N GLY A 283 -45.43 7.49 21.75
CA GLY A 283 -46.02 8.84 21.88
C GLY A 283 -46.69 9.30 20.61
N LEU A 284 -46.28 8.74 19.46
CA LEU A 284 -46.97 8.93 18.16
C LEU A 284 -48.15 7.95 18.07
N LYS A 285 -49.32 8.44 17.65
CA LYS A 285 -50.53 7.62 17.48
C LYS A 285 -50.36 6.68 16.29
N GLN A 286 -49.66 7.13 15.24
CA GLN A 286 -49.41 6.30 14.04
C GLN A 286 -48.07 6.62 13.38
N LEU A 287 -47.49 5.64 12.67
CA LEU A 287 -46.22 5.82 11.91
C LEU A 287 -46.41 6.97 10.93
N PRO A 288 -45.53 8.01 10.97
CA PRO A 288 -45.61 9.12 10.02
C PRO A 288 -45.63 8.51 8.62
N GLY A 289 -46.61 8.91 7.80
CA GLY A 289 -46.83 8.39 6.44
C GLY A 289 -47.11 9.51 5.48
N LEU A 290 -48.35 9.99 5.46
CA LEU A 290 -48.82 11.17 4.68
C LEU A 290 -47.98 12.40 5.05
N ALA A 291 -47.66 12.55 6.33
CA ALA A 291 -46.78 13.64 6.84
C ALA A 291 -45.44 13.58 6.11
N VAL A 292 -44.70 12.50 6.31
CA VAL A 292 -43.36 12.27 5.70
C VAL A 292 -43.46 12.42 4.19
N GLN A 293 -44.43 11.77 3.53
CA GLN A 293 -44.61 11.85 2.06
C GLN A 293 -44.68 13.33 1.64
N ARG A 294 -45.42 14.13 2.38
CA ARG A 294 -45.68 15.55 2.02
C ARG A 294 -44.41 16.38 2.26
N LEU A 295 -43.75 16.17 3.39
CA LEU A 295 -42.44 16.81 3.72
C LEU A 295 -41.42 16.48 2.63
N MET A 296 -41.34 15.20 2.25
CA MET A 296 -40.46 14.76 1.14
C MET A 296 -40.80 15.60 -0.09
N GLN A 297 -42.07 15.71 -0.46
CA GLN A 297 -42.47 16.55 -1.62
C GLN A 297 -41.87 17.94 -1.38
N GLN A 298 -41.96 18.45 -0.15
CA GLN A 298 -41.57 19.83 0.19
C GLN A 298 -40.04 19.97 0.24
N GLY A 299 -39.32 18.94 -0.22
CA GLY A 299 -37.87 19.01 -0.49
C GLY A 299 -37.05 18.44 0.64
N TYR A 300 -37.68 18.02 1.75
CA TYR A 300 -36.98 17.42 2.91
C TYR A 300 -36.47 16.06 2.50
N GLY A 301 -35.27 15.73 2.94
CA GLY A 301 -34.70 14.39 2.74
C GLY A 301 -35.22 13.46 3.79
N PHE A 302 -35.58 12.24 3.40
CA PHE A 302 -36.18 11.26 4.34
C PHE A 302 -35.76 9.85 3.97
N ALA A 303 -35.61 9.03 4.99
CA ALA A 303 -35.56 7.57 4.82
C ALA A 303 -36.05 6.96 6.11
N GLY A 304 -36.74 5.82 6.02
CA GLY A 304 -37.25 5.09 7.19
C GLY A 304 -36.17 4.24 7.87
N GLU A 305 -36.54 3.50 8.91
CA GLU A 305 -35.68 2.46 9.52
C GLU A 305 -34.33 3.05 9.97
N GLY A 306 -34.30 4.36 10.25
CA GLY A 306 -33.16 5.07 10.87
C GLY A 306 -32.04 5.37 9.90
N ASP A 307 -32.31 5.26 8.59
CA ASP A 307 -31.30 5.26 7.48
C ASP A 307 -30.94 6.70 7.10
N TRP A 308 -30.09 7.31 7.92
CA TRP A 308 -29.61 8.71 7.68
C TRP A 308 -28.89 8.79 6.33
N LYS A 309 -28.19 7.74 5.90
CA LYS A 309 -27.38 7.79 4.65
C LYS A 309 -28.28 8.04 3.44
N THR A 310 -29.44 7.36 3.37
CA THR A 310 -30.37 7.48 2.23
C THR A 310 -31.17 8.77 2.32
N ALA A 311 -31.48 9.25 3.53
CA ALA A 311 -32.21 10.52 3.80
C ALA A 311 -31.36 11.70 3.34
N ALA A 312 -30.08 11.72 3.71
CA ALA A 312 -29.08 12.72 3.26
C ALA A 312 -29.04 12.70 1.74
N LEU A 313 -28.83 11.50 1.17
CA LEU A 313 -28.72 11.33 -0.30
C LEU A 313 -29.99 11.88 -0.95
N LEU A 314 -31.16 11.66 -0.34
CA LEU A 314 -32.47 12.10 -0.90
C LEU A 314 -32.51 13.63 -0.93
N ARG A 315 -32.05 14.29 0.14
CA ARG A 315 -32.01 15.77 0.22
C ARG A 315 -31.10 16.32 -0.88
N ILE A 316 -29.90 15.72 -0.99
CA ILE A 316 -28.85 16.12 -1.95
C ILE A 316 -29.40 15.90 -3.36
N MET A 317 -30.05 14.77 -3.57
CA MET A 317 -30.60 14.39 -4.89
C MET A 317 -31.78 15.31 -5.25
N LYS A 318 -32.57 15.77 -4.27
CA LYS A 318 -33.65 16.75 -4.53
C LYS A 318 -33.00 18.05 -4.97
N VAL A 319 -32.11 18.62 -4.14
CA VAL A 319 -31.47 19.92 -4.44
C VAL A 319 -30.66 19.80 -5.74
N MET A 320 -30.30 18.59 -6.17
CA MET A 320 -29.64 18.38 -7.50
C MET A 320 -30.63 18.69 -8.62
N SER A 321 -31.93 18.60 -8.34
CA SER A 321 -32.99 18.67 -9.37
C SER A 321 -33.63 20.06 -9.38
N THR A 322 -33.49 20.85 -8.31
CA THR A 322 -34.22 22.15 -8.14
C THR A 322 -34.12 22.92 -9.46
N GLY A 323 -35.28 23.32 -10.01
CA GLY A 323 -35.43 23.84 -11.38
C GLY A 323 -36.19 22.84 -12.24
N LEU A 324 -35.57 21.70 -12.53
CA LEU A 324 -36.23 20.56 -13.24
C LEU A 324 -37.47 20.16 -12.43
N GLN A 325 -38.43 19.49 -13.07
CA GLN A 325 -39.71 19.10 -12.43
C GLN A 325 -39.85 17.58 -12.38
N GLY A 326 -38.78 16.85 -12.72
CA GLY A 326 -38.73 15.38 -12.68
C GLY A 326 -39.35 14.81 -11.41
N GLY A 327 -38.72 15.04 -10.26
CA GLY A 327 -39.22 14.47 -8.99
C GLY A 327 -38.35 13.34 -8.48
N THR A 328 -38.11 13.34 -7.17
CA THR A 328 -37.19 12.43 -6.47
C THR A 328 -37.94 11.87 -5.27
N SER A 329 -37.75 10.60 -4.95
CA SER A 329 -38.44 9.90 -3.84
C SER A 329 -37.49 8.92 -3.14
N PHE A 330 -37.76 8.68 -1.87
CA PHE A 330 -37.20 7.53 -1.12
C PHE A 330 -37.76 6.28 -1.78
N MET A 331 -37.03 5.16 -1.77
CA MET A 331 -37.47 3.94 -2.51
C MET A 331 -36.88 2.65 -1.94
N GLU A 332 -37.68 1.58 -1.96
CA GLU A 332 -37.27 0.18 -1.67
C GLU A 332 -37.70 -0.72 -2.83
N ASP A 333 -36.81 -1.54 -3.36
CA ASP A 333 -37.12 -2.51 -4.43
C ASP A 333 -37.89 -3.67 -3.79
N TYR A 334 -39.23 -3.70 -3.90
CA TYR A 334 -40.09 -4.60 -3.08
C TYR A 334 -40.32 -5.95 -3.74
N THR A 335 -40.86 -5.98 -4.97
CA THR A 335 -41.16 -7.26 -5.66
C THR A 335 -40.76 -7.15 -7.13
N TYR A 336 -40.36 -8.27 -7.71
CA TYR A 336 -40.11 -8.44 -9.17
C TYR A 336 -41.35 -9.03 -9.83
N HIS A 337 -41.55 -8.65 -11.09
CA HIS A 337 -42.44 -9.32 -12.08
C HIS A 337 -41.55 -9.90 -13.16
N PHE A 338 -41.53 -11.23 -13.32
CA PHE A 338 -40.80 -11.96 -14.39
C PHE A 338 -41.73 -12.28 -15.57
N GLU A 339 -41.35 -11.80 -16.75
CA GLU A 339 -42.08 -11.98 -18.04
C GLU A 339 -41.11 -11.75 -19.19
N LYS A 340 -40.98 -12.68 -20.12
CA LYS A 340 -39.85 -12.68 -21.08
C LYS A 340 -39.52 -11.25 -21.52
N GLY A 341 -40.53 -10.48 -21.94
CA GLY A 341 -40.34 -9.15 -22.55
C GLY A 341 -40.68 -8.03 -21.59
N ASN A 342 -41.17 -8.36 -20.39
CA ASN A 342 -41.77 -7.36 -19.45
C ASN A 342 -41.31 -7.68 -18.02
N ASP A 343 -39.99 -7.74 -17.80
CA ASP A 343 -39.38 -7.96 -16.46
C ASP A 343 -39.41 -6.63 -15.69
N LEU A 344 -40.27 -6.52 -14.67
CA LEU A 344 -40.54 -5.28 -13.92
C LEU A 344 -40.09 -5.42 -12.46
N VAL A 345 -39.81 -4.29 -11.83
CA VAL A 345 -39.56 -4.17 -10.37
C VAL A 345 -40.59 -3.19 -9.83
N LEU A 346 -41.18 -3.53 -8.69
CA LEU A 346 -42.16 -2.68 -7.98
C LEU A 346 -41.43 -2.03 -6.80
N GLY A 347 -41.27 -0.73 -6.86
CA GLY A 347 -40.70 0.09 -5.79
C GLY A 347 -41.80 0.65 -4.93
N SER A 348 -41.62 0.61 -3.61
CA SER A 348 -42.55 1.17 -2.61
C SER A 348 -41.81 1.34 -1.29
N HIS A 349 -42.47 1.92 -0.29
CA HIS A 349 -42.08 1.77 1.12
C HIS A 349 -43.35 1.44 1.94
N MET A 350 -43.18 1.04 3.20
CA MET A 350 -44.27 0.89 4.21
C MET A 350 -45.39 1.91 3.95
N LEU A 351 -45.03 3.20 3.87
CA LEU A 351 -45.97 4.32 3.56
C LEU A 351 -45.25 5.43 2.81
N GLU A 352 -43.93 5.61 3.05
CA GLU A 352 -43.17 6.86 2.80
C GLU A 352 -42.55 6.82 1.40
N VAL A 353 -43.25 7.34 0.39
CA VAL A 353 -42.75 7.53 -1.00
C VAL A 353 -43.29 8.87 -1.49
N CYS A 354 -42.39 9.74 -1.97
CA CYS A 354 -42.70 11.16 -2.30
C CYS A 354 -43.68 11.20 -3.47
N PRO A 355 -44.74 12.03 -3.40
CA PRO A 355 -45.68 12.19 -4.50
C PRO A 355 -45.14 12.96 -5.72
N SER A 356 -43.91 13.48 -5.65
CA SER A 356 -43.25 14.18 -6.77
C SER A 356 -42.94 13.21 -7.92
N ILE A 357 -43.00 11.90 -7.70
CA ILE A 357 -42.76 10.86 -8.77
C ILE A 357 -44.12 10.36 -9.31
N ALA A 358 -45.25 10.86 -8.79
CA ALA A 358 -46.61 10.36 -9.11
C ALA A 358 -46.97 10.76 -10.54
N ALA A 359 -47.80 9.98 -11.23
CA ALA A 359 -48.38 10.36 -12.54
C ALA A 359 -49.36 11.50 -12.30
N GLU A 360 -49.79 12.18 -13.37
CA GLU A 360 -50.72 13.34 -13.27
C GLU A 360 -52.15 12.80 -13.12
N GLU A 361 -52.46 12.22 -11.95
CA GLU A 361 -53.75 11.51 -11.70
C GLU A 361 -54.35 11.93 -10.36
N LYS A 362 -53.65 12.77 -9.60
CA LYS A 362 -54.09 13.24 -8.25
C LYS A 362 -54.01 12.05 -7.29
N PRO A 363 -53.05 12.06 -6.34
CA PRO A 363 -52.82 10.91 -5.47
C PRO A 363 -54.03 10.68 -4.56
N ILE A 364 -54.48 9.43 -4.44
CA ILE A 364 -55.57 9.04 -3.51
C ILE A 364 -55.00 9.16 -2.09
N LEU A 365 -55.73 9.83 -1.19
CA LEU A 365 -55.41 9.89 0.26
C LEU A 365 -56.24 8.82 0.98
N ASP A 366 -55.66 7.64 1.20
CA ASP A 366 -56.31 6.47 1.84
C ASP A 366 -55.86 6.38 3.30
N VAL A 367 -56.51 5.49 4.07
CA VAL A 367 -56.04 5.05 5.42
C VAL A 367 -56.46 3.58 5.61
N GLN A 368 -55.55 2.66 5.29
CA GLN A 368 -55.70 1.20 5.54
C GLN A 368 -54.92 0.86 6.82
N HIS A 369 -54.92 -0.42 7.19
CA HIS A 369 -54.14 -0.97 8.33
C HIS A 369 -52.69 -1.18 7.89
N LEU A 370 -51.77 -0.92 8.82
CA LEU A 370 -50.33 -1.26 8.69
C LEU A 370 -49.93 -2.07 9.93
N GLY A 371 -49.42 -3.28 9.71
CA GLY A 371 -48.93 -4.18 10.78
C GLY A 371 -47.71 -3.61 11.46
N ILE A 372 -46.68 -3.29 10.66
CA ILE A 372 -45.32 -2.90 11.15
C ILE A 372 -45.44 -1.70 12.09
N GLY A 373 -44.65 -1.72 13.17
CA GLY A 373 -44.67 -0.73 14.26
C GLY A 373 -45.85 -0.97 15.20
N GLY A 374 -46.85 -1.74 14.76
CA GLY A 374 -48.09 -2.06 15.52
C GLY A 374 -48.75 -0.81 16.08
N LYS A 375 -49.37 -0.01 15.23
CA LYS A 375 -49.92 1.33 15.61
C LYS A 375 -51.23 1.56 14.87
N ASP A 376 -51.84 2.73 15.11
CA ASP A 376 -53.14 3.15 14.51
C ASP A 376 -53.04 3.02 12.98
N ASP A 377 -54.18 2.77 12.34
CA ASP A 377 -54.34 2.76 10.86
C ASP A 377 -53.75 4.08 10.37
N PRO A 378 -52.56 4.09 9.70
CA PRO A 378 -51.91 5.32 9.26
C PRO A 378 -52.39 5.86 7.91
N ALA A 379 -52.63 7.17 7.81
CA ALA A 379 -53.06 7.83 6.57
C ALA A 379 -51.85 8.00 5.65
N ARG A 380 -52.01 7.73 4.36
CA ARG A 380 -50.90 7.72 3.37
C ARG A 380 -51.45 8.07 1.98
N LEU A 381 -50.65 8.74 1.16
CA LEU A 381 -50.97 9.00 -0.25
C LEU A 381 -50.64 7.73 -1.02
N VAL A 382 -51.57 7.26 -1.85
CA VAL A 382 -51.35 6.12 -2.78
C VAL A 382 -51.49 6.66 -4.21
N PHE A 383 -50.59 6.24 -5.10
CA PHE A 383 -50.45 6.77 -6.48
C PHE A 383 -49.48 5.85 -7.22
N ASP A 384 -49.68 5.74 -8.53
CA ASP A 384 -48.78 5.02 -9.46
C ASP A 384 -47.65 5.98 -9.83
N GLY A 385 -46.42 5.49 -9.83
CA GLY A 385 -45.26 6.27 -10.29
C GLY A 385 -45.33 6.54 -11.79
N GLY A 386 -44.77 7.69 -12.21
CA GLY A 386 -44.63 8.09 -13.62
C GLY A 386 -43.71 7.18 -14.41
N GLU A 387 -43.55 7.48 -15.70
CA GLU A 387 -42.70 6.69 -16.62
C GLU A 387 -41.58 7.60 -17.11
N GLY A 388 -40.62 7.02 -17.85
CA GLY A 388 -39.43 7.70 -18.38
C GLY A 388 -38.17 7.20 -17.70
N ALA A 389 -37.01 7.48 -18.32
CA ALA A 389 -35.65 7.27 -17.77
C ALA A 389 -35.58 7.88 -16.36
N ALA A 390 -34.95 7.17 -15.45
CA ALA A 390 -34.78 7.56 -14.04
C ALA A 390 -33.50 6.93 -13.50
N VAL A 391 -33.17 7.21 -12.24
CA VAL A 391 -31.89 6.77 -11.63
C VAL A 391 -32.16 6.37 -10.17
N ASN A 392 -31.67 5.21 -9.78
CA ASN A 392 -31.83 4.66 -8.42
C ASN A 392 -30.45 4.74 -7.78
N ALA A 393 -30.28 5.56 -6.74
CA ALA A 393 -28.98 5.73 -6.08
C ALA A 393 -29.04 5.23 -4.64
N SER A 394 -28.06 4.44 -4.24
CA SER A 394 -27.81 4.08 -2.83
C SER A 394 -26.39 4.47 -2.47
N LEU A 395 -26.23 5.07 -1.29
CA LEU A 395 -24.90 5.31 -0.66
C LEU A 395 -24.73 4.29 0.47
N ILE A 396 -23.60 3.61 0.48
CA ILE A 396 -23.27 2.59 1.51
C ILE A 396 -21.92 2.94 2.14
N ASP A 397 -21.68 2.44 3.35
CA ASP A 397 -20.37 2.54 4.03
C ASP A 397 -19.74 1.15 3.92
N LEU A 398 -18.53 1.07 3.39
CA LEU A 398 -17.76 -0.20 3.33
C LEU A 398 -16.84 -0.30 4.56
N GLY A 399 -16.98 0.62 5.51
CA GLY A 399 -16.17 0.66 6.74
C GLY A 399 -15.11 1.74 6.65
N HIS A 400 -14.19 1.59 5.71
CA HIS A 400 -13.06 2.53 5.51
C HIS A 400 -13.53 3.75 4.74
N ARG A 401 -14.50 3.56 3.84
CA ARG A 401 -14.94 4.59 2.86
C ARG A 401 -16.36 4.31 2.38
N PHE A 402 -16.95 5.28 1.70
CA PHE A 402 -18.33 5.18 1.17
C PHE A 402 -18.26 4.83 -0.32
N ARG A 403 -19.36 4.31 -0.84
CA ARG A 403 -19.52 4.00 -2.28
C ARG A 403 -20.95 4.41 -2.65
N LEU A 404 -21.03 5.17 -3.73
CA LEU A 404 -22.31 5.57 -4.35
C LEU A 404 -22.56 4.59 -5.52
N ILE A 405 -23.57 3.76 -5.37
CA ILE A 405 -24.08 2.84 -6.43
C ILE A 405 -25.26 3.54 -7.09
N VAL A 406 -25.18 3.71 -8.39
CA VAL A 406 -26.26 4.33 -9.21
C VAL A 406 -26.70 3.27 -10.23
N ASN A 407 -28.00 3.07 -10.34
CA ASN A 407 -28.60 2.19 -11.37
C ASN A 407 -29.53 3.07 -12.20
N GLU A 408 -29.18 3.28 -13.46
CA GLU A 408 -30.09 3.88 -14.47
C GLU A 408 -31.23 2.85 -14.59
N VAL A 409 -32.47 3.33 -14.59
CA VAL A 409 -33.68 2.47 -14.80
C VAL A 409 -34.62 3.22 -15.73
N ASP A 410 -35.66 2.53 -16.19
CA ASP A 410 -36.74 3.15 -16.98
C ASP A 410 -38.03 2.87 -16.21
N ALA A 411 -38.58 3.89 -15.57
CA ALA A 411 -39.91 3.82 -14.92
C ALA A 411 -40.94 3.59 -16.04
N VAL A 412 -41.96 2.79 -15.73
CA VAL A 412 -43.01 2.38 -16.71
C VAL A 412 -44.38 2.45 -16.03
N LYS A 413 -45.40 2.92 -16.75
CA LYS A 413 -46.81 3.03 -16.26
C LYS A 413 -47.38 1.62 -16.15
N PRO A 414 -48.04 1.27 -15.03
CA PRO A 414 -48.69 -0.04 -14.90
C PRO A 414 -49.90 -0.20 -15.84
N GLU A 415 -49.82 -1.15 -16.79
CA GLU A 415 -50.95 -1.46 -17.71
C GLU A 415 -52.04 -2.23 -16.94
N HIS A 416 -51.69 -2.91 -15.84
CA HIS A 416 -52.64 -3.59 -14.91
C HIS A 416 -52.65 -2.81 -13.58
N ASP A 417 -53.73 -2.08 -13.29
CA ASP A 417 -53.89 -1.29 -12.03
C ASP A 417 -53.88 -2.27 -10.85
N MET A 418 -53.66 -1.78 -9.63
CA MET A 418 -53.53 -2.63 -8.42
C MET A 418 -54.49 -2.11 -7.37
N PRO A 419 -55.72 -2.65 -7.28
CA PRO A 419 -56.74 -2.10 -6.38
C PRO A 419 -56.51 -2.33 -4.88
N LYS A 420 -55.84 -3.44 -4.50
CA LYS A 420 -55.68 -3.83 -3.07
C LYS A 420 -54.26 -3.58 -2.56
N LEU A 421 -53.46 -2.72 -3.22
CA LEU A 421 -52.14 -2.24 -2.68
C LEU A 421 -52.33 -0.88 -2.02
N PRO A 422 -52.28 -0.78 -0.67
CA PRO A 422 -52.67 0.45 0.01
C PRO A 422 -51.49 1.44 0.12
N VAL A 423 -50.40 1.17 -0.58
CA VAL A 423 -49.19 2.04 -0.53
C VAL A 423 -48.87 2.46 -1.97
N ALA A 424 -48.34 3.68 -2.12
CA ALA A 424 -47.91 4.22 -3.44
C ALA A 424 -46.72 3.38 -3.92
N ARG A 425 -46.61 3.25 -5.24
CA ARG A 425 -45.66 2.32 -5.90
C ARG A 425 -45.31 2.90 -7.27
N ILE A 426 -44.20 2.43 -7.82
CA ILE A 426 -43.68 2.82 -9.16
C ILE A 426 -43.03 1.59 -9.76
N LEU A 427 -43.33 1.26 -11.01
CA LEU A 427 -42.71 0.11 -11.72
C LEU A 427 -41.55 0.64 -12.53
N TRP A 428 -40.44 -0.09 -12.58
CA TRP A 428 -39.30 0.28 -13.46
C TRP A 428 -38.64 -0.99 -13.99
N LYS A 429 -38.16 -0.91 -15.23
CA LYS A 429 -37.24 -1.90 -15.84
C LYS A 429 -35.82 -1.38 -15.62
N PRO A 430 -35.02 -2.02 -14.75
CA PRO A 430 -33.67 -1.55 -14.51
C PRO A 430 -32.71 -1.95 -15.65
N ARG A 431 -31.84 -1.01 -16.05
CA ARG A 431 -30.82 -1.26 -17.10
C ARG A 431 -29.66 -2.02 -16.44
N PRO A 432 -29.00 -2.98 -17.14
CA PRO A 432 -29.33 -3.33 -18.53
C PRO A 432 -30.49 -4.33 -18.65
N SER A 433 -30.77 -5.06 -17.57
CA SER A 433 -31.86 -6.05 -17.44
C SER A 433 -32.09 -6.28 -15.95
N LEU A 434 -33.23 -6.83 -15.55
CA LEU A 434 -33.50 -7.12 -14.13
C LEU A 434 -32.38 -8.00 -13.55
N ARG A 435 -32.12 -9.16 -14.14
CA ARG A 435 -31.16 -10.14 -13.59
C ARG A 435 -29.77 -9.48 -13.47
N ASP A 436 -29.30 -8.80 -14.51
CA ASP A 436 -27.92 -8.24 -14.55
C ASP A 436 -27.81 -7.09 -13.54
N SER A 437 -28.76 -6.17 -13.57
CA SER A 437 -28.85 -5.01 -12.64
C SER A 437 -28.76 -5.55 -11.22
N ALA A 438 -29.72 -6.38 -10.82
CA ALA A 438 -29.84 -6.97 -9.48
C ALA A 438 -28.53 -7.64 -9.07
N GLU A 439 -27.95 -8.49 -9.92
CA GLU A 439 -26.64 -9.15 -9.69
C GLU A 439 -25.57 -8.09 -9.41
N ALA A 440 -25.44 -7.09 -10.29
CA ALA A 440 -24.41 -6.03 -10.18
C ALA A 440 -24.67 -5.20 -8.94
N TRP A 441 -25.93 -4.96 -8.61
CA TRP A 441 -26.29 -4.17 -7.42
C TRP A 441 -25.82 -4.94 -6.17
N ILE A 442 -26.13 -6.23 -6.10
CA ILE A 442 -25.84 -7.12 -4.94
C ILE A 442 -24.32 -7.25 -4.79
N LEU A 443 -23.62 -7.28 -5.91
CA LEU A 443 -22.13 -7.37 -5.90
C LEU A 443 -21.54 -6.06 -5.36
N ALA A 444 -22.17 -4.93 -5.68
CA ALA A 444 -21.72 -3.57 -5.27
C ALA A 444 -22.14 -3.31 -3.83
N GLY A 445 -23.04 -4.13 -3.30
CA GLY A 445 -23.50 -4.09 -1.90
C GLY A 445 -24.49 -2.98 -1.68
N GLY A 446 -25.20 -2.57 -2.73
CA GLY A 446 -26.20 -1.49 -2.65
C GLY A 446 -27.30 -1.82 -1.66
N ALA A 447 -27.85 -0.81 -1.00
CA ALA A 447 -28.88 -0.98 0.05
C ALA A 447 -30.23 -1.35 -0.59
N HIS A 448 -31.07 -2.01 0.19
CA HIS A 448 -32.53 -2.14 -0.08
C HIS A 448 -33.06 -0.72 -0.31
N HIS A 449 -32.71 0.22 0.57
CA HIS A 449 -33.15 1.64 0.50
C HIS A 449 -32.37 2.41 -0.57
N THR A 450 -33.08 3.04 -1.49
CA THR A 450 -32.49 3.83 -2.60
C THR A 450 -33.19 5.18 -2.66
N CYS A 451 -32.60 6.08 -3.42
CA CYS A 451 -33.22 7.36 -3.83
C CYS A 451 -33.52 7.23 -5.31
N PHE A 452 -34.81 7.27 -5.64
CA PHE A 452 -35.35 7.21 -7.02
C PHE A 452 -35.56 8.64 -7.48
N SER A 453 -35.03 9.00 -8.64
CA SER A 453 -35.17 10.38 -9.19
C SER A 453 -35.34 10.30 -10.69
N PHE A 454 -36.29 11.08 -11.21
CA PHE A 454 -36.51 11.28 -12.65
C PHE A 454 -35.58 12.39 -13.14
N ALA A 455 -35.26 13.32 -12.25
CA ALA A 455 -34.63 14.61 -12.59
C ALA A 455 -33.10 14.49 -12.58
N VAL A 456 -32.56 13.70 -11.67
CA VAL A 456 -31.08 13.62 -11.45
C VAL A 456 -30.48 12.74 -12.52
N THR A 457 -29.45 13.24 -13.20
CA THR A 457 -28.62 12.50 -14.19
C THR A 457 -27.60 11.63 -13.46
N THR A 458 -27.11 10.58 -14.10
CA THR A 458 -25.92 9.83 -13.66
C THR A 458 -24.73 10.79 -13.61
N GLU A 459 -24.58 11.62 -14.65
CA GLU A 459 -23.52 12.67 -14.73
C GLU A 459 -23.50 13.56 -13.48
N GLN A 460 -24.66 13.87 -12.87
CA GLN A 460 -24.78 14.69 -11.63
C GLN A 460 -24.26 13.91 -10.42
N LEU A 461 -24.57 12.62 -10.31
CA LEU A 461 -24.17 11.80 -9.13
C LEU A 461 -22.69 11.44 -9.24
N GLN A 462 -22.18 11.23 -10.44
CA GLN A 462 -20.73 10.97 -10.65
C GLN A 462 -19.96 12.23 -10.25
N ASP A 463 -20.44 13.40 -10.69
CA ASP A 463 -19.85 14.75 -10.46
C ASP A 463 -19.91 15.10 -8.97
N PHE A 464 -20.94 14.64 -8.27
CA PHE A 464 -21.09 14.83 -6.81
C PHE A 464 -20.07 13.95 -6.08
N ALA A 465 -19.92 12.71 -6.53
CA ALA A 465 -18.97 11.74 -5.93
C ALA A 465 -17.56 12.26 -6.17
N GLU A 466 -17.34 12.88 -7.34
CA GLU A 466 -16.04 13.48 -7.72
C GLU A 466 -15.70 14.56 -6.69
N MET A 467 -16.69 15.39 -6.33
CA MET A 467 -16.53 16.56 -5.43
C MET A 467 -16.34 16.09 -3.99
N ALA A 468 -16.96 14.96 -3.64
CA ALA A 468 -16.97 14.41 -2.26
C ALA A 468 -15.84 13.37 -2.10
N GLY A 469 -15.21 12.95 -3.20
CA GLY A 469 -14.07 12.03 -3.14
C GLY A 469 -14.52 10.67 -2.64
N ILE A 470 -15.56 10.13 -3.25
CA ILE A 470 -16.03 8.73 -3.03
C ILE A 470 -16.13 8.04 -4.39
N GLU A 471 -15.88 6.74 -4.40
CA GLU A 471 -16.13 5.87 -5.56
C GLU A 471 -17.57 6.12 -5.96
N CYS A 472 -17.83 6.25 -7.26
CA CYS A 472 -19.20 6.21 -7.80
C CYS A 472 -19.27 5.14 -8.88
N VAL A 473 -19.91 4.03 -8.58
CA VAL A 473 -20.07 2.88 -9.51
C VAL A 473 -21.47 3.00 -10.11
N VAL A 474 -21.58 2.76 -11.42
CA VAL A 474 -22.84 2.97 -12.21
C VAL A 474 -23.21 1.64 -12.87
N ILE A 475 -24.50 1.32 -12.83
CA ILE A 475 -25.12 0.14 -13.50
C ILE A 475 -26.12 0.67 -14.54
N ASN A 476 -25.78 0.63 -15.82
CA ASN A 476 -26.62 1.21 -16.90
C ASN A 476 -26.63 0.23 -18.08
N GLU A 477 -27.10 0.71 -19.25
CA GLU A 477 -27.18 -0.07 -20.51
C GLU A 477 -25.89 -0.85 -20.69
N HIS A 478 -24.74 -0.19 -20.50
CA HIS A 478 -23.40 -0.67 -20.91
C HIS A 478 -22.90 -1.71 -19.91
N THR A 479 -23.42 -1.70 -18.68
CA THR A 479 -22.85 -2.52 -17.58
C THR A 479 -22.92 -4.01 -17.97
N SER A 480 -21.77 -4.68 -17.99
CA SER A 480 -21.66 -6.16 -18.05
C SER A 480 -21.17 -6.66 -16.70
N VAL A 481 -21.75 -7.72 -16.17
CA VAL A 481 -21.46 -8.19 -14.79
C VAL A 481 -20.00 -8.65 -14.70
N SER A 482 -19.46 -9.30 -15.74
CA SER A 482 -18.02 -9.65 -15.88
C SER A 482 -17.14 -8.45 -15.54
N SER A 483 -17.17 -7.42 -16.40
CA SER A 483 -16.34 -6.20 -16.29
C SER A 483 -16.69 -5.42 -15.02
N PHE A 484 -17.94 -5.40 -14.58
CA PHE A 484 -18.41 -4.65 -13.38
C PHE A 484 -17.70 -5.19 -12.13
N LYS A 485 -17.52 -6.50 -12.02
CA LYS A 485 -16.89 -7.16 -10.85
C LYS A 485 -15.44 -6.73 -10.75
N ASN A 486 -14.75 -6.62 -11.89
CA ASN A 486 -13.34 -6.14 -11.98
C ASN A 486 -13.28 -4.65 -11.64
N GLU A 487 -14.25 -3.85 -12.12
CA GLU A 487 -14.28 -2.39 -11.84
C GLU A 487 -14.37 -2.21 -10.32
N LEU A 488 -15.16 -3.05 -9.66
CA LEU A 488 -15.33 -3.04 -8.19
C LEU A 488 -13.97 -3.37 -7.57
N LYS A 489 -13.34 -4.46 -8.00
CA LYS A 489 -12.01 -4.87 -7.48
C LYS A 489 -11.04 -3.68 -7.62
N TRP A 490 -10.86 -3.15 -8.83
CA TRP A 490 -9.78 -2.17 -9.16
C TRP A 490 -10.06 -0.83 -8.49
N ASN A 491 -11.32 -0.46 -8.35
CA ASN A 491 -11.74 0.75 -7.60
C ASN A 491 -11.35 0.59 -6.14
N GLU A 492 -11.65 -0.57 -5.55
CA GLU A 492 -11.37 -0.87 -4.11
C GLU A 492 -9.95 -0.41 -3.78
N VAL A 493 -8.99 -0.78 -4.63
CA VAL A 493 -7.54 -0.56 -4.39
C VAL A 493 -7.23 0.94 -4.50
N PHE A 494 -7.82 1.61 -5.48
CA PHE A 494 -7.60 3.06 -5.70
C PHE A 494 -8.09 3.82 -4.46
N TRP A 495 -9.26 3.46 -3.93
CA TRP A 495 -9.99 4.34 -2.99
C TRP A 495 -9.55 4.06 -1.54
N ARG A 496 -8.86 2.96 -1.27
CA ARG A 496 -8.38 2.64 0.10
C ARG A 496 -7.81 3.90 0.76
N MET B 1 20.88 9.67 -38.62
CA MET B 1 22.21 9.74 -39.31
C MET B 1 23.29 10.10 -38.28
N LYS B 2 23.35 11.38 -37.88
CA LYS B 2 24.38 11.93 -36.95
C LYS B 2 24.20 11.31 -35.56
N MET B 3 24.79 10.13 -35.34
CA MET B 3 24.41 9.11 -34.31
C MET B 3 25.48 8.02 -34.29
N PRO B 4 25.48 7.04 -33.34
CA PRO B 4 26.30 5.83 -33.48
C PRO B 4 25.54 4.65 -34.11
N ALA B 5 26.15 3.46 -34.08
CA ALA B 5 25.60 2.19 -34.61
C ALA B 5 25.28 1.27 -33.42
N TYR B 6 24.13 0.59 -33.49
CA TYR B 6 23.64 -0.34 -32.42
C TYR B 6 23.47 -1.74 -33.01
N GLU B 7 23.72 -2.75 -32.18
CA GLU B 7 23.72 -4.17 -32.60
C GLU B 7 22.30 -4.72 -32.40
N PHE B 8 22.16 -5.77 -31.59
CA PHE B 8 20.94 -6.58 -31.31
C PHE B 8 21.34 -8.05 -31.39
N TRP B 9 21.36 -8.64 -30.20
CA TRP B 9 21.94 -9.98 -29.97
C TRP B 9 20.79 -10.96 -30.08
N PHE B 10 20.80 -11.78 -31.13
CA PHE B 10 19.85 -12.91 -31.30
C PHE B 10 20.38 -14.10 -30.50
N VAL B 11 19.52 -14.62 -29.62
CA VAL B 11 19.85 -15.72 -28.67
C VAL B 11 18.73 -16.76 -28.78
N VAL B 12 19.08 -18.04 -28.66
CA VAL B 12 18.11 -19.16 -28.68
C VAL B 12 18.30 -20.00 -27.41
N GLY B 13 17.18 -20.37 -26.78
CA GLY B 13 17.14 -21.18 -25.54
C GLY B 13 17.02 -22.66 -25.86
N SER B 14 17.77 -23.48 -25.16
CA SER B 14 17.76 -24.96 -25.33
C SER B 14 18.22 -25.59 -24.02
N GLN B 15 18.44 -26.91 -24.02
CA GLN B 15 18.98 -27.67 -22.87
C GLN B 15 19.75 -28.89 -23.38
N HIS B 16 20.56 -29.50 -22.51
CA HIS B 16 21.43 -30.66 -22.83
C HIS B 16 20.61 -31.96 -22.91
N LEU B 17 19.31 -31.94 -22.57
CA LEU B 17 18.50 -33.19 -22.45
C LEU B 17 18.68 -34.04 -23.72
N TYR B 18 18.52 -33.43 -24.89
CA TYR B 18 18.70 -34.09 -26.21
C TYR B 18 20.16 -33.94 -26.61
N GLY B 19 20.69 -34.90 -27.36
CA GLY B 19 22.12 -34.95 -27.72
C GLY B 19 22.57 -33.65 -28.39
N ASP B 20 23.86 -33.56 -28.70
CA ASP B 20 24.52 -32.40 -29.35
C ASP B 20 24.23 -32.44 -30.87
N GLU B 21 23.82 -33.61 -31.37
CA GLU B 21 23.25 -33.83 -32.74
C GLU B 21 21.91 -33.10 -32.89
N ALA B 22 21.15 -32.95 -31.80
CA ALA B 22 19.88 -32.18 -31.75
C ALA B 22 20.18 -30.70 -31.58
N LEU B 23 21.14 -30.34 -30.72
CA LEU B 23 21.59 -28.94 -30.48
C LEU B 23 22.22 -28.36 -31.75
N ALA B 24 22.81 -29.21 -32.60
CA ALA B 24 23.34 -28.80 -33.92
C ALA B 24 22.18 -28.46 -34.85
N GLN B 25 21.04 -29.17 -34.75
CA GLN B 25 19.81 -28.93 -35.55
C GLN B 25 19.16 -27.60 -35.12
N VAL B 26 19.26 -27.25 -33.84
CA VAL B 26 18.74 -25.96 -33.29
C VAL B 26 19.59 -24.81 -33.85
N GLU B 27 20.92 -24.91 -33.76
CA GLU B 27 21.86 -23.89 -34.29
C GLU B 27 21.68 -23.76 -35.81
N ALA B 28 21.42 -24.87 -36.51
CA ALA B 28 21.21 -24.91 -37.98
C ALA B 28 19.96 -24.11 -38.33
N HIS B 29 18.90 -24.23 -37.52
CA HIS B 29 17.61 -23.49 -37.69
C HIS B 29 17.86 -22.00 -37.41
N ALA B 30 18.55 -21.69 -36.31
CA ALA B 30 18.78 -20.30 -35.83
C ALA B 30 19.63 -19.54 -36.86
N ARG B 31 20.78 -20.09 -37.24
CA ARG B 31 21.76 -19.42 -38.14
C ARG B 31 21.17 -19.25 -39.54
N GLU B 32 20.05 -19.90 -39.86
CA GLU B 32 19.29 -19.68 -41.12
C GLU B 32 18.29 -18.54 -40.93
N MET B 33 17.70 -18.43 -39.74
CA MET B 33 16.66 -17.44 -39.36
C MET B 33 17.26 -16.03 -39.30
N VAL B 34 18.49 -15.90 -38.78
CA VAL B 34 19.19 -14.61 -38.48
C VAL B 34 19.41 -13.81 -39.76
N PRO B 35 20.00 -14.35 -40.85
CA PRO B 35 20.21 -13.56 -42.06
C PRO B 35 18.89 -12.99 -42.61
N ALA B 36 17.89 -13.84 -42.83
CA ALA B 36 16.59 -13.43 -43.41
C ALA B 36 15.95 -12.35 -42.53
N LEU B 37 16.07 -12.50 -41.21
CA LEU B 37 15.52 -11.55 -40.21
C LEU B 37 16.27 -10.23 -40.34
N GLN B 38 17.60 -10.30 -40.46
CA GLN B 38 18.50 -9.12 -40.64
C GLN B 38 18.08 -8.36 -41.89
N ALA B 39 17.97 -9.07 -43.02
CA ALA B 39 17.62 -8.50 -44.34
C ALA B 39 16.23 -7.87 -44.24
N ALA B 40 15.28 -8.56 -43.61
CA ALA B 40 13.87 -8.10 -43.47
C ALA B 40 13.83 -6.79 -42.67
N VAL B 41 14.27 -6.81 -41.40
CA VAL B 41 14.26 -5.63 -40.45
C VAL B 41 14.96 -4.47 -41.14
N GLY B 42 15.95 -4.79 -41.98
CA GLY B 42 16.67 -3.82 -42.83
C GLY B 42 18.09 -3.63 -42.34
N ASN B 43 18.87 -2.85 -43.08
CA ASN B 43 20.35 -2.73 -43.00
C ASN B 43 20.75 -1.69 -41.94
N ALA B 44 19.78 -1.06 -41.26
CA ALA B 44 20.01 0.04 -40.30
C ALA B 44 20.72 -0.49 -39.04
N HIS B 45 20.25 -1.62 -38.48
CA HIS B 45 20.79 -2.26 -37.24
C HIS B 45 21.18 -3.71 -37.49
N VAL B 46 22.38 -4.10 -37.02
CA VAL B 46 22.99 -5.43 -37.24
C VAL B 46 22.42 -6.44 -36.22
N LEU B 47 22.17 -7.67 -36.69
CA LEU B 47 21.66 -8.79 -35.87
C LEU B 47 22.83 -9.73 -35.63
N ARG B 48 23.39 -9.72 -34.43
CA ARG B 48 24.49 -10.63 -34.04
C ARG B 48 23.93 -11.96 -33.50
N TRP B 49 24.32 -13.08 -34.10
CA TRP B 49 24.04 -14.45 -33.60
C TRP B 49 25.00 -14.76 -32.46
N LYS B 50 24.48 -14.79 -31.22
CA LYS B 50 25.28 -15.02 -29.99
C LYS B 50 24.98 -16.43 -29.44
N GLY B 51 24.57 -17.36 -30.29
CA GLY B 51 24.61 -18.81 -29.99
C GLY B 51 23.42 -19.30 -29.18
N VAL B 52 23.16 -20.60 -29.24
CA VAL B 52 22.13 -21.28 -28.42
C VAL B 52 22.67 -21.36 -26.98
N LEU B 53 21.80 -21.13 -25.99
CA LEU B 53 22.17 -21.10 -24.54
C LEU B 53 21.45 -22.20 -23.78
N LYS B 54 22.21 -23.17 -23.25
CA LYS B 54 21.67 -24.35 -22.52
C LYS B 54 22.03 -24.23 -21.04
N ASP B 55 23.25 -23.80 -20.73
CA ASP B 55 23.78 -23.78 -19.35
C ASP B 55 23.33 -22.47 -18.69
N ALA B 56 23.03 -22.49 -17.40
CA ALA B 56 22.74 -21.29 -16.58
C ALA B 56 23.95 -20.35 -16.59
N ASP B 57 25.16 -20.91 -16.68
CA ASP B 57 26.44 -20.16 -16.60
C ASP B 57 26.63 -19.40 -17.90
N GLU B 58 26.38 -20.04 -19.04
CA GLU B 58 26.48 -19.45 -20.42
C GLU B 58 25.49 -18.30 -20.55
N ILE B 59 24.25 -18.48 -20.08
CA ILE B 59 23.14 -17.47 -20.13
C ILE B 59 23.53 -16.24 -19.32
N ARG B 60 23.90 -16.43 -18.06
CA ARG B 60 24.35 -15.33 -17.15
C ARG B 60 25.52 -14.59 -17.83
N ARG B 61 26.51 -15.32 -18.34
CA ARG B 61 27.72 -14.77 -19.02
C ARG B 61 27.29 -13.86 -20.18
N LEU B 62 26.32 -14.30 -20.97
CA LEU B 62 25.81 -13.53 -22.13
C LEU B 62 25.10 -12.27 -21.63
N CYS B 63 24.16 -12.41 -20.70
CA CYS B 63 23.41 -11.27 -20.13
C CYS B 63 24.37 -10.24 -19.54
N LEU B 64 25.40 -10.67 -18.80
CA LEU B 64 26.42 -9.74 -18.21
C LEU B 64 27.13 -8.98 -19.33
N GLU B 65 27.51 -9.67 -20.42
CA GLU B 65 28.27 -9.13 -21.57
C GLU B 65 27.40 -8.17 -22.38
N ALA B 66 26.10 -8.44 -22.48
CA ALA B 66 25.11 -7.55 -23.14
C ALA B 66 24.99 -6.25 -22.32
N SER B 67 25.10 -6.35 -21.01
CA SER B 67 24.96 -5.20 -20.09
C SER B 67 26.25 -4.36 -20.12
N ALA B 68 27.40 -4.97 -20.40
CA ALA B 68 28.70 -4.26 -20.53
C ALA B 68 28.79 -3.59 -21.91
N ASP B 69 28.45 -4.33 -22.96
CA ASP B 69 28.60 -3.87 -24.37
C ASP B 69 27.64 -2.69 -24.60
N ASP B 70 28.18 -1.51 -24.85
CA ASP B 70 27.42 -0.26 -25.12
C ASP B 70 26.90 -0.27 -26.55
N VAL B 71 27.17 -1.30 -27.33
CA VAL B 71 26.71 -1.37 -28.75
C VAL B 71 25.50 -2.32 -28.85
N CYS B 72 25.12 -2.98 -27.74
CA CYS B 72 24.15 -4.12 -27.71
C CYS B 72 22.74 -3.64 -28.10
N ALA B 73 22.13 -2.78 -27.27
CA ALA B 73 20.86 -2.06 -27.55
C ALA B 73 19.64 -2.94 -27.30
N GLY B 74 19.75 -4.24 -27.53
CA GLY B 74 18.65 -5.17 -27.21
C GLY B 74 19.04 -6.64 -27.36
N VAL B 75 18.26 -7.51 -26.75
CA VAL B 75 18.44 -8.98 -26.85
C VAL B 75 17.13 -9.55 -27.36
N ILE B 76 17.21 -10.35 -28.43
CA ILE B 76 16.08 -11.15 -28.97
C ILE B 76 16.33 -12.61 -28.61
N ALA B 77 15.73 -13.05 -27.50
CA ALA B 77 15.71 -14.45 -27.05
C ALA B 77 14.50 -15.14 -27.68
N TRP B 78 14.63 -16.45 -27.93
CA TRP B 78 13.56 -17.36 -28.41
C TRP B 78 13.90 -18.78 -27.92
N MET B 79 12.96 -19.48 -27.29
CA MET B 79 13.19 -20.88 -26.85
C MET B 79 12.77 -21.81 -27.99
N HIS B 80 13.76 -22.36 -28.70
CA HIS B 80 13.57 -23.28 -29.84
C HIS B 80 13.01 -24.58 -29.29
N THR B 81 13.74 -25.17 -28.35
CA THR B 81 13.29 -26.30 -27.53
C THR B 81 13.02 -25.79 -26.11
N PHE B 82 12.55 -26.66 -25.24
CA PHE B 82 12.34 -26.40 -23.80
C PHE B 82 13.68 -26.05 -23.14
N SER B 83 13.84 -24.82 -22.66
CA SER B 83 15.02 -24.38 -21.85
C SER B 83 14.51 -23.97 -20.48
N PRO B 84 14.82 -24.77 -19.43
CA PRO B 84 14.29 -24.53 -18.10
C PRO B 84 14.79 -23.21 -17.51
N ALA B 85 13.86 -22.33 -17.15
CA ALA B 85 14.09 -20.88 -17.02
C ALA B 85 14.81 -20.57 -15.70
N LYS B 86 14.88 -21.50 -14.77
CA LYS B 86 15.59 -21.22 -13.50
C LYS B 86 17.05 -20.88 -13.86
N MET B 87 17.53 -21.43 -14.99
CA MET B 87 18.86 -21.11 -15.57
C MET B 87 18.93 -19.62 -15.92
N TRP B 88 17.89 -19.10 -16.58
CA TRP B 88 17.84 -17.71 -17.10
C TRP B 88 17.80 -16.66 -15.99
N ILE B 89 17.40 -17.03 -14.77
CA ILE B 89 17.09 -16.09 -13.65
C ILE B 89 18.31 -15.19 -13.43
N ARG B 90 19.43 -15.77 -12.99
CA ARG B 90 20.65 -15.03 -12.63
C ARG B 90 21.01 -14.10 -13.79
N GLY B 91 20.84 -14.60 -15.02
CA GLY B 91 21.03 -13.82 -16.26
C GLY B 91 20.09 -12.64 -16.34
N LEU B 92 18.78 -12.90 -16.39
CA LEU B 92 17.74 -11.87 -16.64
C LEU B 92 17.82 -10.78 -15.56
N LEU B 93 18.11 -11.12 -14.31
CA LEU B 93 18.30 -10.11 -13.23
C LEU B 93 19.40 -9.12 -13.63
N ALA B 94 20.47 -9.60 -14.26
CA ALA B 94 21.66 -8.79 -14.58
C ALA B 94 21.48 -8.10 -15.93
N LEU B 95 20.54 -8.55 -16.76
CA LEU B 95 20.37 -7.98 -18.11
C LEU B 95 19.79 -6.57 -17.99
N ARG B 96 20.59 -5.55 -18.33
CA ARG B 96 20.23 -4.11 -18.25
C ARG B 96 19.67 -3.63 -19.59
N LYS B 97 19.83 -4.41 -20.66
CA LYS B 97 19.32 -4.03 -22.01
C LYS B 97 17.87 -4.49 -22.18
N PRO B 98 17.10 -3.88 -23.09
CA PRO B 98 15.75 -4.36 -23.43
C PRO B 98 15.77 -5.80 -23.95
N LEU B 99 14.71 -6.55 -23.65
CA LEU B 99 14.51 -7.98 -24.05
C LEU B 99 13.26 -8.10 -24.91
N LEU B 100 13.35 -8.76 -26.07
CA LEU B 100 12.18 -9.09 -26.93
C LEU B 100 12.04 -10.61 -26.98
N HIS B 101 11.03 -11.14 -26.33
CA HIS B 101 10.71 -12.58 -26.36
C HIS B 101 10.03 -12.85 -27.71
N LEU B 102 10.79 -13.38 -28.66
CA LEU B 102 10.26 -13.81 -29.96
C LEU B 102 9.79 -15.25 -29.80
N HIS B 103 8.49 -15.44 -29.63
CA HIS B 103 7.83 -16.77 -29.62
C HIS B 103 7.56 -17.14 -31.08
N THR B 104 8.45 -17.92 -31.67
CA THR B 104 8.35 -18.28 -33.11
C THR B 104 8.47 -19.81 -33.23
N GLN B 105 8.47 -20.28 -34.47
CA GLN B 105 8.68 -21.70 -34.81
C GLN B 105 9.44 -21.73 -36.13
N PHE B 106 10.48 -22.55 -36.25
CA PHE B 106 11.27 -22.64 -37.50
C PHE B 106 10.34 -23.04 -38.65
N ASN B 107 9.70 -24.21 -38.54
CA ASN B 107 8.75 -24.79 -39.54
C ASN B 107 7.43 -24.02 -39.49
N ARG B 108 6.89 -23.72 -40.67
CA ARG B 108 5.60 -23.03 -40.90
C ARG B 108 4.46 -24.02 -40.66
N ASP B 109 4.52 -25.19 -41.29
CA ASP B 109 3.47 -26.23 -41.18
C ASP B 109 4.05 -27.39 -40.38
N ILE B 110 3.19 -28.32 -39.95
CA ILE B 110 3.60 -29.60 -39.30
C ILE B 110 3.87 -30.60 -40.43
N PRO B 111 5.04 -31.29 -40.44
CA PRO B 111 5.28 -32.36 -41.40
C PRO B 111 4.50 -33.63 -41.00
N TRP B 112 3.19 -33.64 -41.31
CA TRP B 112 2.18 -34.61 -40.81
C TRP B 112 2.63 -36.06 -41.04
N ASP B 113 3.25 -36.36 -42.19
CA ASP B 113 3.64 -37.73 -42.60
C ASP B 113 4.87 -38.20 -41.81
N THR B 114 5.81 -37.31 -41.50
CA THR B 114 7.13 -37.68 -40.92
C THR B 114 7.29 -37.13 -39.49
N ILE B 115 6.29 -36.40 -38.97
CA ILE B 115 6.26 -35.90 -37.56
C ILE B 115 6.69 -37.02 -36.60
N ASP B 116 7.97 -36.99 -36.20
CA ASP B 116 8.64 -38.00 -35.34
C ASP B 116 8.61 -37.52 -33.89
N MET B 117 8.95 -38.42 -32.96
CA MET B 117 9.16 -38.13 -31.51
C MET B 117 10.28 -37.10 -31.37
N ASP B 118 11.30 -37.14 -32.23
CA ASP B 118 12.45 -36.21 -32.20
C ASP B 118 11.99 -34.81 -32.64
N PHE B 119 11.13 -34.72 -33.64
CA PHE B 119 10.57 -33.45 -34.15
C PHE B 119 9.81 -32.73 -33.03
N MET B 120 9.06 -33.49 -32.23
CA MET B 120 8.32 -33.00 -31.04
C MET B 120 9.32 -32.51 -29.98
N ASN B 121 10.44 -33.24 -29.83
CA ASN B 121 11.51 -32.94 -28.84
C ASN B 121 12.42 -31.82 -29.38
N LEU B 122 12.25 -31.42 -30.64
CA LEU B 122 13.09 -30.37 -31.27
C LEU B 122 12.29 -29.05 -31.35
N ASN B 123 11.25 -29.00 -32.20
CA ASN B 123 10.48 -27.78 -32.53
C ASN B 123 9.33 -27.60 -31.54
N GLN B 124 9.66 -27.70 -30.24
CA GLN B 124 8.69 -27.59 -29.13
C GLN B 124 8.71 -26.17 -28.57
N SER B 125 8.95 -25.18 -29.44
CA SER B 125 8.94 -23.73 -29.12
C SER B 125 7.69 -23.43 -28.29
N ALA B 126 6.53 -23.90 -28.78
CA ALA B 126 5.18 -23.66 -28.25
C ALA B 126 5.14 -23.71 -26.71
N HIS B 127 5.95 -24.54 -26.05
CA HIS B 127 5.95 -24.68 -24.56
C HIS B 127 7.31 -24.32 -23.93
N GLY B 128 8.41 -24.47 -24.67
CA GLY B 128 9.72 -23.96 -24.22
C GLY B 128 9.65 -22.47 -23.96
N ASP B 129 8.95 -21.75 -24.85
CA ASP B 129 8.68 -20.29 -24.75
C ASP B 129 7.83 -20.02 -23.52
N ARG B 130 6.78 -20.79 -23.29
CA ARG B 130 5.83 -20.56 -22.18
C ARG B 130 6.59 -20.55 -20.85
N GLU B 131 7.51 -21.50 -20.67
CA GLU B 131 8.35 -21.61 -19.45
C GLU B 131 9.16 -20.31 -19.28
N TYR B 132 9.76 -19.80 -20.35
CA TYR B 132 10.52 -18.51 -20.34
C TYR B 132 9.54 -17.36 -20.10
N GLY B 133 8.35 -17.48 -20.69
CA GLY B 133 7.27 -16.51 -20.49
C GLY B 133 6.97 -16.40 -19.01
N PHE B 134 6.81 -17.54 -18.33
CA PHE B 134 6.54 -17.60 -16.88
C PHE B 134 7.61 -16.82 -16.12
N ILE B 135 8.88 -17.14 -16.37
CA ILE B 135 10.02 -16.54 -15.62
C ILE B 135 10.09 -15.03 -15.89
N GLY B 136 9.70 -14.61 -17.09
CA GLY B 136 9.53 -13.20 -17.46
C GLY B 136 8.50 -12.51 -16.57
N ALA B 137 7.28 -13.06 -16.49
CA ALA B 137 6.20 -12.57 -15.61
C ALA B 137 6.65 -12.67 -14.14
N ARG B 138 7.21 -13.82 -13.76
CA ARG B 138 7.53 -14.17 -12.35
C ARG B 138 8.50 -13.14 -11.77
N MET B 139 9.51 -12.73 -12.54
CA MET B 139 10.52 -11.73 -12.11
C MET B 139 10.06 -10.33 -12.47
N GLY B 140 8.98 -10.22 -13.26
CA GLY B 140 8.39 -8.94 -13.68
C GLY B 140 9.32 -8.17 -14.58
N VAL B 141 10.12 -8.88 -15.38
CA VAL B 141 11.07 -8.26 -16.35
C VAL B 141 10.25 -7.45 -17.35
N ALA B 142 10.74 -6.25 -17.69
CA ALA B 142 10.22 -5.42 -18.79
C ALA B 142 10.59 -6.11 -20.11
N ARG B 143 9.61 -6.73 -20.77
CA ARG B 143 9.87 -7.46 -22.04
C ARG B 143 8.71 -7.25 -23.01
N LYS B 144 9.05 -7.09 -24.29
CA LYS B 144 8.11 -7.17 -25.43
C LYS B 144 7.88 -8.65 -25.73
N VAL B 145 6.66 -9.05 -26.08
CA VAL B 145 6.33 -10.44 -26.54
C VAL B 145 5.81 -10.35 -27.96
N VAL B 146 6.51 -10.98 -28.91
CA VAL B 146 6.13 -11.03 -30.34
C VAL B 146 5.95 -12.50 -30.74
N VAL B 147 4.78 -12.85 -31.28
CA VAL B 147 4.39 -14.25 -31.54
C VAL B 147 4.03 -14.39 -33.01
N GLY B 148 4.45 -15.51 -33.61
CA GLY B 148 4.16 -15.88 -35.01
C GLY B 148 5.36 -16.53 -35.69
N HIS B 149 5.20 -16.94 -36.95
CA HIS B 149 6.28 -17.53 -37.77
C HIS B 149 7.27 -16.43 -38.14
N TRP B 150 8.57 -16.74 -38.13
CA TRP B 150 9.67 -15.76 -38.29
C TRP B 150 9.71 -15.21 -39.73
N GLU B 151 9.11 -15.93 -40.69
CA GLU B 151 8.99 -15.48 -42.10
C GLU B 151 7.73 -14.62 -42.28
N ASP B 152 6.78 -14.73 -41.35
CA ASP B 152 5.53 -13.92 -41.31
C ASP B 152 5.89 -12.43 -41.38
N PRO B 153 5.41 -11.66 -42.38
CA PRO B 153 5.75 -10.23 -42.45
C PRO B 153 5.26 -9.45 -41.21
N GLU B 154 4.13 -9.88 -40.61
CA GLU B 154 3.50 -9.30 -39.39
C GLU B 154 4.42 -9.47 -38.16
N VAL B 155 5.30 -10.46 -38.16
CA VAL B 155 6.35 -10.64 -37.09
C VAL B 155 7.51 -9.70 -37.43
N ARG B 156 7.96 -9.68 -38.68
CA ARG B 156 9.22 -9.02 -39.10
C ARG B 156 9.13 -7.52 -38.84
N GLU B 157 8.03 -6.87 -39.24
CA GLU B 157 7.88 -5.40 -39.10
C GLU B 157 7.72 -5.07 -37.60
N ARG B 158 7.12 -5.96 -36.80
CA ARG B 158 6.97 -5.75 -35.34
C ARG B 158 8.34 -5.79 -34.68
N LEU B 159 9.22 -6.69 -35.13
CA LEU B 159 10.65 -6.73 -34.70
C LEU B 159 11.35 -5.45 -35.16
N ALA B 160 11.08 -4.99 -36.38
CA ALA B 160 11.74 -3.80 -36.99
C ALA B 160 11.43 -2.57 -36.15
N LYS B 161 10.16 -2.38 -35.75
CA LYS B 161 9.67 -1.24 -34.93
C LYS B 161 10.22 -1.33 -33.51
N TRP B 162 10.31 -2.53 -32.95
CA TRP B 162 10.94 -2.77 -31.62
C TRP B 162 12.42 -2.40 -31.70
N MET B 163 13.11 -2.87 -32.74
CA MET B 163 14.55 -2.57 -32.96
C MET B 163 14.73 -1.05 -32.99
N ARG B 164 13.87 -0.33 -33.72
CA ARG B 164 13.90 1.15 -33.75
C ARG B 164 13.73 1.67 -32.30
N THR B 165 12.71 1.18 -31.61
CA THR B 165 12.33 1.61 -30.23
C THR B 165 13.53 1.40 -29.29
N ALA B 166 14.17 0.22 -29.36
CA ALA B 166 15.24 -0.17 -28.42
C ALA B 166 16.47 0.72 -28.65
N VAL B 167 16.76 1.06 -29.91
CA VAL B 167 17.87 1.99 -30.29
C VAL B 167 17.56 3.34 -29.65
N ALA B 168 16.30 3.76 -29.73
CA ALA B 168 15.82 5.01 -29.09
C ALA B 168 16.05 4.90 -27.59
N PHE B 169 15.74 3.73 -27.01
CA PHE B 169 15.93 3.50 -25.56
C PHE B 169 17.42 3.67 -25.23
N ALA B 170 18.31 3.09 -26.05
CA ALA B 170 19.78 3.15 -25.85
C ALA B 170 20.23 4.62 -25.83
N GLU B 171 19.70 5.42 -26.76
CA GLU B 171 19.96 6.88 -26.86
C GLU B 171 19.42 7.58 -25.61
N SER B 172 18.23 7.16 -25.15
CA SER B 172 17.60 7.63 -23.88
C SER B 172 18.54 7.31 -22.72
N ARG B 173 19.03 6.07 -22.66
CA ARG B 173 19.92 5.61 -21.56
C ARG B 173 21.14 6.54 -21.48
N ASN B 174 21.69 6.99 -22.62
CA ASN B 174 22.97 7.75 -22.65
C ASN B 174 22.71 9.22 -22.94
N LEU B 175 21.43 9.64 -23.00
CA LEU B 175 21.03 10.99 -23.50
C LEU B 175 21.67 12.07 -22.63
N LYS B 176 22.25 13.08 -23.27
CA LYS B 176 22.78 14.27 -22.59
C LYS B 176 22.02 15.48 -23.14
N VAL B 177 21.50 16.31 -22.24
CA VAL B 177 20.73 17.54 -22.58
C VAL B 177 21.46 18.74 -21.96
N ALA B 178 21.56 19.83 -22.72
CA ALA B 178 22.08 21.12 -22.26
C ALA B 178 20.90 22.11 -22.21
N ARG B 179 20.64 22.69 -21.04
CA ARG B 179 19.61 23.74 -20.85
C ARG B 179 20.30 25.10 -20.79
N PHE B 180 19.99 25.96 -21.76
CA PHE B 180 20.44 27.38 -21.77
C PHE B 180 19.42 28.23 -21.01
N GLY B 181 19.62 28.35 -19.70
CA GLY B 181 18.72 29.05 -18.77
C GLY B 181 17.66 28.12 -18.24
N ASP B 182 17.02 28.51 -17.13
CA ASP B 182 16.11 27.68 -16.30
C ASP B 182 14.74 27.57 -16.99
N ASN B 183 13.79 26.91 -16.35
CA ASN B 183 12.38 26.78 -16.82
C ASN B 183 11.84 28.21 -16.94
N MET B 184 10.85 28.39 -17.81
CA MET B 184 10.03 29.63 -17.82
C MET B 184 9.46 29.77 -16.40
N ARG B 185 9.61 30.93 -15.78
CA ARG B 185 9.22 31.20 -14.37
C ARG B 185 7.73 30.90 -14.16
N GLU B 186 7.41 30.25 -13.04
CA GLU B 186 6.03 29.93 -12.59
C GLU B 186 5.42 28.82 -13.46
N VAL B 187 6.15 28.26 -14.43
CA VAL B 187 5.62 27.17 -15.31
C VAL B 187 5.93 25.82 -14.65
N ALA B 188 4.90 24.97 -14.53
CA ALA B 188 4.90 23.76 -13.68
C ALA B 188 5.32 22.53 -14.48
N VAL B 189 4.75 22.36 -15.68
CA VAL B 189 4.80 21.06 -16.42
C VAL B 189 6.16 20.91 -17.09
N THR B 190 6.89 22.02 -17.28
CA THR B 190 8.28 22.01 -17.84
C THR B 190 9.24 21.52 -16.75
N GLU B 191 9.04 22.01 -15.52
CA GLU B 191 9.83 21.65 -14.33
C GLU B 191 9.50 20.20 -13.94
N GLY B 192 10.48 19.48 -13.39
CA GLY B 192 10.34 18.11 -12.86
C GLY B 192 11.57 17.68 -12.09
N ASP B 193 11.61 16.41 -11.69
CA ASP B 193 12.73 15.82 -10.91
C ASP B 193 13.80 15.35 -11.89
N LYS B 194 14.89 16.12 -12.04
CA LYS B 194 15.97 15.81 -13.01
C LYS B 194 16.70 14.53 -12.58
N VAL B 195 16.91 14.34 -11.27
CA VAL B 195 17.58 13.11 -10.74
C VAL B 195 16.65 11.93 -10.98
N GLY B 196 15.34 12.12 -10.79
CA GLY B 196 14.31 11.11 -11.12
C GLY B 196 14.40 10.70 -12.58
N ALA B 197 14.65 11.66 -13.47
CA ALA B 197 14.82 11.43 -14.92
C ALA B 197 16.08 10.59 -15.14
N GLN B 198 17.23 11.07 -14.64
CA GLN B 198 18.54 10.36 -14.68
C GLN B 198 18.36 8.90 -14.30
N ILE B 199 17.63 8.64 -13.20
CA ILE B 199 17.38 7.26 -12.68
C ILE B 199 16.51 6.51 -13.70
N GLN B 200 15.35 7.06 -14.05
CA GLN B 200 14.31 6.35 -14.84
C GLN B 200 14.80 6.12 -16.28
N PHE B 201 15.37 7.14 -16.91
CA PHE B 201 15.66 7.15 -18.37
C PHE B 201 17.16 7.18 -18.61
N GLY B 202 17.92 7.73 -17.67
CA GLY B 202 19.38 7.88 -17.79
C GLY B 202 19.78 9.27 -18.26
N TRP B 203 18.82 10.19 -18.42
CA TRP B 203 19.02 11.53 -19.05
C TRP B 203 19.98 12.37 -18.22
N SER B 204 21.16 12.66 -18.76
CA SER B 204 22.12 13.66 -18.24
C SER B 204 21.58 15.01 -18.67
N VAL B 205 20.86 15.70 -17.80
CA VAL B 205 20.24 17.03 -18.06
C VAL B 205 20.93 18.07 -17.18
N ASN B 206 21.67 19.00 -17.77
CA ASN B 206 22.54 19.94 -17.02
C ASN B 206 22.35 21.36 -17.54
N GLY B 207 22.33 22.33 -16.61
CA GLY B 207 22.09 23.75 -16.88
C GLY B 207 23.36 24.47 -17.26
N TYR B 208 23.26 25.35 -18.26
CA TYR B 208 24.33 26.29 -18.68
C TYR B 208 23.76 27.70 -18.62
N GLY B 209 24.59 28.67 -18.22
CA GLY B 209 24.34 30.11 -18.42
C GLY B 209 24.25 30.40 -19.90
N ILE B 210 23.49 31.42 -20.30
CA ILE B 210 23.40 31.80 -21.73
C ILE B 210 24.79 32.25 -22.18
N GLY B 211 25.52 32.92 -21.29
CA GLY B 211 26.89 33.43 -21.50
C GLY B 211 27.85 32.36 -21.99
N ASP B 212 27.67 31.11 -21.56
CA ASP B 212 28.49 29.95 -22.01
C ASP B 212 28.27 29.74 -23.52
N LEU B 213 27.03 29.95 -24.01
CA LEU B 213 26.62 29.77 -25.43
C LEU B 213 26.99 31.01 -26.24
N VAL B 214 26.96 32.20 -25.62
CA VAL B 214 27.36 33.45 -26.33
C VAL B 214 28.85 33.33 -26.66
N GLN B 215 29.65 32.77 -25.74
CA GLN B 215 31.10 32.54 -25.91
C GLN B 215 31.36 31.64 -27.13
N TYR B 216 30.47 30.71 -27.42
CA TYR B 216 30.58 29.72 -28.54
C TYR B 216 30.14 30.36 -29.87
N ILE B 217 29.11 31.21 -29.83
CA ILE B 217 28.57 31.87 -31.05
C ILE B 217 29.58 32.93 -31.49
N ARG B 218 30.16 33.68 -30.55
CA ARG B 218 31.17 34.74 -30.84
C ARG B 218 32.37 34.11 -31.56
N ASP B 219 32.80 32.92 -31.12
CA ASP B 219 34.05 32.24 -31.59
C ASP B 219 33.81 31.50 -32.91
N VAL B 220 32.63 31.65 -33.54
CA VAL B 220 32.30 31.01 -34.83
C VAL B 220 32.98 31.81 -35.95
N SER B 221 33.53 31.12 -36.96
CA SER B 221 34.15 31.73 -38.17
C SER B 221 33.03 32.28 -39.07
N GLU B 222 33.18 33.53 -39.51
CA GLU B 222 32.26 34.19 -40.47
C GLU B 222 32.32 33.43 -41.81
N GLN B 223 33.42 32.73 -42.06
CA GLN B 223 33.62 31.88 -43.27
C GLN B 223 32.47 30.86 -43.32
N LYS B 224 32.28 30.10 -42.23
CA LYS B 224 31.28 29.01 -42.11
C LYS B 224 29.86 29.62 -42.08
N VAL B 225 29.72 30.81 -41.50
CA VAL B 225 28.44 31.57 -41.47
C VAL B 225 28.02 31.89 -42.91
N ASN B 226 28.97 32.34 -43.74
CA ASN B 226 28.73 32.67 -45.17
C ASN B 226 28.35 31.39 -45.92
N GLU B 227 29.03 30.27 -45.63
CA GLU B 227 28.78 28.94 -46.25
C GLU B 227 27.33 28.52 -45.98
N LEU B 228 26.80 28.93 -44.82
CA LEU B 228 25.43 28.54 -44.37
C LEU B 228 24.38 29.41 -45.09
N LEU B 229 24.57 30.74 -45.10
CA LEU B 229 23.66 31.74 -45.75
C LEU B 229 23.35 31.37 -47.19
N ASP B 230 24.31 30.74 -47.89
CA ASP B 230 24.14 30.25 -49.28
C ASP B 230 23.36 28.94 -49.25
N GLU B 231 23.63 28.08 -48.25
CA GLU B 231 22.92 26.80 -48.04
C GLU B 231 21.45 27.07 -47.72
N TYR B 232 21.17 28.14 -46.96
CA TYR B 232 19.79 28.67 -46.74
C TYR B 232 19.17 29.03 -48.10
N GLU B 233 19.83 29.91 -48.86
CA GLU B 233 19.36 30.49 -50.15
C GLU B 233 18.96 29.37 -51.12
N GLU B 234 19.70 28.25 -51.17
CA GLU B 234 19.43 27.17 -52.14
C GLU B 234 18.47 26.13 -51.54
N LEU B 235 18.28 26.08 -50.22
CA LEU B 235 17.36 25.11 -49.56
C LEU B 235 15.97 25.74 -49.39
N TYR B 236 15.91 26.94 -48.84
CA TYR B 236 14.63 27.60 -48.45
C TYR B 236 14.33 28.73 -49.45
N ASP B 237 13.07 29.18 -49.46
CA ASP B 237 12.58 30.25 -50.37
C ASP B 237 12.56 31.55 -49.60
N ILE B 238 13.72 32.20 -49.46
CA ILE B 238 13.91 33.42 -48.64
C ILE B 238 12.93 34.50 -49.15
N VAL B 239 12.25 35.16 -48.22
CA VAL B 239 11.40 36.36 -48.51
C VAL B 239 12.22 37.30 -49.39
N PRO B 240 11.68 37.82 -50.52
CA PRO B 240 12.45 38.61 -51.47
C PRO B 240 13.24 39.77 -50.82
N ALA B 241 12.74 40.35 -49.72
CA ALA B 241 13.40 41.45 -48.97
C ALA B 241 14.66 40.94 -48.22
N GLY B 242 14.90 39.64 -48.22
CA GLY B 242 16.06 39.02 -47.56
C GLY B 242 17.18 38.70 -48.54
N ARG B 243 16.84 38.50 -49.83
CA ARG B 243 17.80 38.10 -50.89
C ARG B 243 18.80 39.24 -51.13
N GLN B 244 18.31 40.50 -51.14
CA GLN B 244 19.16 41.72 -51.21
C GLN B 244 19.87 41.91 -49.87
N GLU B 245 20.99 42.64 -49.89
CA GLU B 245 21.82 42.89 -48.69
C GLU B 245 21.10 43.95 -47.85
N GLY B 246 20.09 43.53 -47.09
CA GLY B 246 19.30 44.39 -46.19
C GLY B 246 19.58 44.06 -44.72
N PRO B 247 18.86 44.69 -43.76
CA PRO B 247 19.00 44.34 -42.34
C PRO B 247 18.36 42.98 -41.99
N VAL B 248 17.43 42.51 -42.84
CA VAL B 248 16.74 41.20 -42.73
C VAL B 248 17.73 40.08 -43.08
N ARG B 249 18.51 40.23 -44.15
CA ARG B 249 19.60 39.29 -44.53
C ARG B 249 20.57 39.14 -43.34
N GLU B 250 20.87 40.24 -42.63
CA GLU B 250 21.80 40.27 -41.47
C GLU B 250 21.14 39.62 -40.24
N SER B 251 19.81 39.73 -40.10
CA SER B 251 19.02 39.00 -39.07
C SER B 251 19.11 37.49 -39.32
N ILE B 252 19.05 37.05 -40.58
CA ILE B 252 19.20 35.62 -41.00
C ILE B 252 20.63 35.16 -40.71
N ARG B 253 21.62 36.02 -40.97
CA ARG B 253 23.06 35.74 -40.68
C ARG B 253 23.23 35.51 -39.17
N GLU B 254 22.48 36.25 -38.34
CA GLU B 254 22.52 36.13 -36.86
C GLU B 254 22.00 34.74 -36.45
N GLN B 255 20.92 34.26 -37.10
CA GLN B 255 20.38 32.89 -36.87
C GLN B 255 21.45 31.88 -37.27
N ALA B 256 22.10 32.09 -38.44
CA ALA B 256 23.19 31.22 -38.96
C ALA B 256 24.35 31.20 -37.96
N ARG B 257 24.65 32.34 -37.33
CA ARG B 257 25.71 32.41 -36.30
C ARG B 257 25.29 31.58 -35.09
N ILE B 258 24.04 31.74 -34.65
CA ILE B 258 23.45 30.97 -33.51
C ILE B 258 23.45 29.48 -33.87
N GLU B 259 23.03 29.14 -35.09
CA GLU B 259 23.01 27.73 -35.58
C GLU B 259 24.39 27.11 -35.35
N LEU B 260 25.45 27.76 -35.86
CA LEU B 260 26.84 27.22 -35.89
C LEU B 260 27.46 27.26 -34.48
N GLY B 261 27.14 28.27 -33.70
CA GLY B 261 27.57 28.39 -32.29
C GLY B 261 26.96 27.28 -31.45
N LEU B 262 25.65 27.04 -31.61
CA LEU B 262 24.93 25.94 -30.92
C LEU B 262 25.54 24.61 -31.35
N LYS B 263 25.53 24.31 -32.65
CA LYS B 263 26.07 23.02 -33.18
C LYS B 263 27.46 22.77 -32.57
N ALA B 264 28.31 23.80 -32.49
CA ALA B 264 29.69 23.73 -31.96
C ALA B 264 29.68 23.31 -30.48
N PHE B 265 28.85 23.98 -29.68
CA PHE B 265 28.64 23.72 -28.23
C PHE B 265 28.13 22.30 -28.04
N LEU B 266 27.07 21.94 -28.77
CA LEU B 266 26.33 20.66 -28.60
C LEU B 266 27.24 19.48 -28.98
N GLN B 267 28.01 19.58 -30.05
CA GLN B 267 29.03 18.56 -30.42
C GLN B 267 30.07 18.49 -29.31
N ASP B 268 30.51 19.65 -28.80
CA ASP B 268 31.62 19.81 -27.83
C ASP B 268 31.31 19.03 -26.55
N GLY B 269 30.05 19.02 -26.10
CA GLY B 269 29.63 18.39 -24.82
C GLY B 269 28.81 17.13 -25.03
N ASN B 270 28.75 16.61 -26.26
CA ASN B 270 28.01 15.39 -26.67
C ASN B 270 26.51 15.57 -26.39
N PHE B 271 25.99 16.79 -26.44
CA PHE B 271 24.56 17.10 -26.20
C PHE B 271 23.71 16.73 -27.41
N THR B 272 22.75 15.84 -27.21
CA THR B 272 21.85 15.31 -28.25
C THR B 272 20.51 16.04 -28.18
N ALA B 273 20.26 16.80 -27.12
CA ALA B 273 19.04 17.62 -26.96
C ALA B 273 19.39 18.86 -26.14
N PHE B 274 18.59 19.91 -26.30
CA PHE B 274 18.81 21.20 -25.60
C PHE B 274 17.49 21.97 -25.51
N THR B 275 17.47 22.98 -24.65
CA THR B 275 16.33 23.90 -24.39
C THR B 275 16.82 25.34 -24.27
N THR B 276 16.12 26.26 -24.94
CA THR B 276 16.34 27.73 -24.82
C THR B 276 15.11 28.39 -24.20
N THR B 277 15.29 29.09 -23.09
CA THR B 277 14.25 29.90 -22.42
C THR B 277 14.37 31.35 -22.90
N PHE B 278 13.26 31.95 -23.32
CA PHE B 278 13.20 33.33 -23.87
C PHE B 278 13.31 34.37 -22.74
N GLU B 279 13.24 33.96 -21.47
CA GLU B 279 13.30 34.91 -20.31
C GLU B 279 14.76 35.21 -19.94
N ASP B 280 15.71 34.41 -20.45
CA ASP B 280 17.17 34.60 -20.27
C ASP B 280 17.83 34.45 -21.64
N LEU B 281 18.07 35.56 -22.31
CA LEU B 281 18.78 35.59 -23.62
C LEU B 281 19.91 36.65 -23.61
N HIS B 282 20.27 37.18 -22.45
CA HIS B 282 21.26 38.28 -22.29
C HIS B 282 22.49 37.93 -23.12
N GLY B 283 22.71 38.64 -24.23
CA GLY B 283 23.89 38.48 -25.12
C GLY B 283 23.49 38.14 -26.54
N LEU B 284 22.45 37.30 -26.70
CA LEU B 284 21.89 36.93 -28.02
C LEU B 284 21.15 38.14 -28.62
N LYS B 285 21.37 38.40 -29.91
CA LYS B 285 20.74 39.54 -30.64
C LYS B 285 19.25 39.23 -30.80
N GLN B 286 18.92 37.96 -31.10
CA GLN B 286 17.51 37.51 -31.30
C GLN B 286 17.34 36.11 -30.74
N LEU B 287 16.09 35.73 -30.45
CA LEU B 287 15.70 34.38 -29.98
C LEU B 287 16.06 33.36 -31.05
N PRO B 288 16.77 32.26 -30.69
CA PRO B 288 17.07 31.18 -31.64
C PRO B 288 15.80 30.58 -32.24
N GLY B 289 15.59 30.77 -33.55
CA GLY B 289 14.39 30.33 -34.29
C GLY B 289 14.78 29.41 -35.44
N LEU B 290 15.05 29.98 -36.61
CA LEU B 290 15.56 29.26 -37.80
C LEU B 290 16.70 28.33 -37.37
N ALA B 291 17.60 28.80 -36.51
CA ALA B 291 18.75 28.03 -35.99
C ALA B 291 18.24 26.72 -35.40
N VAL B 292 17.33 26.84 -34.43
CA VAL B 292 16.77 25.69 -33.66
C VAL B 292 16.01 24.77 -34.61
N GLN B 293 15.37 25.34 -35.63
CA GLN B 293 14.57 24.57 -36.62
C GLN B 293 15.48 23.66 -37.43
N ARG B 294 16.61 24.19 -37.91
CA ARG B 294 17.60 23.44 -38.73
C ARG B 294 18.29 22.37 -37.86
N LEU B 295 18.62 22.72 -36.62
CA LEU B 295 19.24 21.78 -35.63
C LEU B 295 18.27 20.64 -35.34
N MET B 296 17.00 20.94 -35.06
CA MET B 296 15.96 19.91 -34.88
C MET B 296 15.89 19.04 -36.14
N GLN B 297 15.92 19.62 -37.33
CA GLN B 297 15.87 18.83 -38.59
C GLN B 297 17.06 17.89 -38.64
N GLN B 298 18.21 18.29 -38.05
CA GLN B 298 19.48 17.50 -38.03
C GLN B 298 19.38 16.38 -36.98
N GLY B 299 18.25 16.29 -36.26
CA GLY B 299 17.97 15.19 -35.33
C GLY B 299 18.20 15.60 -33.88
N TYR B 300 18.53 16.86 -33.62
CA TYR B 300 18.67 17.37 -32.23
C TYR B 300 17.29 17.40 -31.59
N GLY B 301 17.27 17.08 -30.30
CA GLY B 301 16.11 17.29 -29.44
C GLY B 301 16.07 18.74 -29.03
N PHE B 302 14.88 19.34 -29.02
CA PHE B 302 14.67 20.73 -28.56
C PHE B 302 13.28 20.90 -27.99
N ALA B 303 13.18 21.77 -27.00
CA ALA B 303 11.92 22.39 -26.53
C ALA B 303 12.24 23.77 -25.98
N GLY B 304 11.27 24.68 -26.03
CA GLY B 304 11.38 26.06 -25.56
C GLY B 304 11.20 26.15 -24.07
N GLU B 305 11.31 27.36 -23.51
CA GLU B 305 10.91 27.66 -22.13
C GLU B 305 11.56 26.65 -21.17
N GLY B 306 12.76 26.19 -21.53
CA GLY B 306 13.62 25.35 -20.67
C GLY B 306 13.03 23.98 -20.41
N ASP B 307 12.12 23.48 -21.27
CA ASP B 307 11.40 22.19 -21.08
C ASP B 307 12.30 21.02 -21.46
N TRP B 308 13.13 20.54 -20.53
CA TRP B 308 14.12 19.45 -20.76
C TRP B 308 13.41 18.12 -21.03
N LYS B 309 12.21 17.91 -20.49
CA LYS B 309 11.46 16.64 -20.69
C LYS B 309 11.12 16.51 -22.17
N THR B 310 10.42 17.48 -22.76
CA THR B 310 9.84 17.33 -24.12
C THR B 310 11.00 17.35 -25.12
N ALA B 311 12.04 18.12 -24.85
CA ALA B 311 13.27 18.15 -25.68
C ALA B 311 13.84 16.74 -25.73
N ALA B 312 13.97 16.10 -24.56
CA ALA B 312 14.43 14.69 -24.43
C ALA B 312 13.53 13.82 -25.30
N LEU B 313 12.23 13.83 -25.01
CA LEU B 313 11.25 12.99 -25.74
C LEU B 313 11.40 13.24 -27.25
N LEU B 314 11.66 14.48 -27.67
CA LEU B 314 11.75 14.80 -29.11
C LEU B 314 12.93 14.05 -29.74
N ARG B 315 14.07 14.03 -29.04
CA ARG B 315 15.31 13.38 -29.50
C ARG B 315 15.00 11.90 -29.63
N ILE B 316 14.44 11.33 -28.57
CA ILE B 316 14.06 9.88 -28.47
C ILE B 316 13.16 9.54 -29.67
N MET B 317 12.16 10.36 -29.96
CA MET B 317 11.18 10.08 -31.03
C MET B 317 11.87 10.34 -32.37
N LYS B 318 12.81 11.28 -32.40
CA LYS B 318 13.61 11.56 -33.61
C LYS B 318 14.36 10.28 -33.97
N VAL B 319 15.07 9.71 -33.00
CA VAL B 319 15.90 8.48 -33.17
C VAL B 319 14.99 7.26 -33.27
N MET B 320 13.72 7.38 -32.86
CA MET B 320 12.72 6.29 -33.05
C MET B 320 12.35 6.19 -34.54
N SER B 321 12.39 7.30 -35.27
CA SER B 321 11.83 7.42 -36.64
C SER B 321 12.91 7.18 -37.70
N THR B 322 14.19 7.34 -37.33
CA THR B 322 15.35 7.28 -38.26
C THR B 322 15.29 5.98 -39.07
N GLY B 323 15.53 6.08 -40.38
CA GLY B 323 15.28 5.01 -41.36
C GLY B 323 13.98 5.27 -42.07
N LEU B 324 12.85 5.13 -41.35
CA LEU B 324 11.53 5.59 -41.84
C LEU B 324 11.60 7.10 -42.05
N GLN B 325 10.78 7.62 -42.96
CA GLN B 325 10.58 9.08 -43.16
C GLN B 325 9.14 9.40 -42.76
N GLY B 326 8.87 10.69 -42.59
CA GLY B 326 7.60 11.22 -42.05
C GLY B 326 7.85 12.55 -41.39
N GLY B 327 8.79 12.57 -40.43
CA GLY B 327 9.24 13.80 -39.77
C GLY B 327 8.66 13.91 -38.37
N THR B 328 9.42 14.50 -37.46
CA THR B 328 9.10 14.61 -36.03
C THR B 328 9.50 16.00 -35.56
N SER B 329 8.62 16.66 -34.80
CA SER B 329 8.74 18.10 -34.45
C SER B 329 8.31 18.31 -33.01
N PHE B 330 8.85 19.36 -32.42
CA PHE B 330 8.38 20.03 -31.17
C PHE B 330 7.10 20.78 -31.52
N MET B 331 6.14 20.83 -30.60
CA MET B 331 4.79 21.33 -30.93
C MET B 331 4.08 21.81 -29.67
N GLU B 332 3.19 22.80 -29.86
CA GLU B 332 2.24 23.34 -28.85
C GLU B 332 0.87 23.41 -29.55
N ASP B 333 -0.21 23.07 -28.86
CA ASP B 333 -1.60 23.20 -29.39
C ASP B 333 -2.06 24.65 -29.23
N TYR B 334 -1.96 25.49 -30.26
CA TYR B 334 -2.09 26.97 -30.09
C TYR B 334 -3.56 27.40 -30.08
N THR B 335 -4.31 27.07 -31.14
CA THR B 335 -5.72 27.47 -31.30
C THR B 335 -6.53 26.26 -31.75
N TYR B 336 -7.83 26.25 -31.42
CA TYR B 336 -8.83 25.31 -32.00
C TYR B 336 -9.63 26.02 -33.09
N HIS B 337 -10.17 25.21 -34.01
CA HIS B 337 -11.20 25.56 -35.02
C HIS B 337 -12.36 24.61 -34.81
N PHE B 338 -13.40 25.09 -34.13
CA PHE B 338 -14.64 24.33 -33.83
C PHE B 338 -15.54 24.40 -35.06
N GLU B 339 -15.90 23.23 -35.61
CA GLU B 339 -16.76 23.07 -36.81
C GLU B 339 -17.33 21.65 -36.81
N LYS B 340 -18.65 21.56 -36.94
CA LYS B 340 -19.49 20.34 -36.78
C LYS B 340 -18.63 19.09 -37.01
N GLY B 341 -18.13 18.88 -38.24
CA GLY B 341 -17.45 17.64 -38.65
C GLY B 341 -15.95 17.80 -38.80
N ASN B 342 -15.45 19.03 -38.72
CA ASN B 342 -14.06 19.39 -39.07
C ASN B 342 -13.43 20.10 -37.86
N ASP B 343 -13.46 19.47 -36.69
CA ASP B 343 -12.83 20.01 -35.45
C ASP B 343 -11.31 19.95 -35.62
N LEU B 344 -10.67 21.11 -35.82
CA LEU B 344 -9.21 21.19 -36.10
C LEU B 344 -8.48 21.79 -34.92
N VAL B 345 -7.21 21.42 -34.77
CA VAL B 345 -6.24 22.01 -33.81
C VAL B 345 -5.08 22.56 -34.62
N LEU B 346 -4.72 23.82 -34.35
CA LEU B 346 -3.56 24.54 -34.94
C LEU B 346 -2.33 24.37 -34.01
N GLY B 347 -1.45 23.45 -34.38
CA GLY B 347 -0.17 23.20 -33.69
C GLY B 347 0.92 24.09 -34.26
N SER B 348 1.63 24.78 -33.38
CA SER B 348 2.71 25.73 -33.74
C SER B 348 3.57 25.98 -32.51
N HIS B 349 4.63 26.77 -32.63
CA HIS B 349 5.35 27.35 -31.48
C HIS B 349 5.69 28.79 -31.83
N MET B 350 6.21 29.56 -30.87
CA MET B 350 6.73 30.95 -31.03
C MET B 350 7.54 31.11 -32.33
N LEU B 351 8.49 30.23 -32.60
CA LEU B 351 9.24 30.15 -33.89
C LEU B 351 9.59 28.70 -34.25
N GLU B 352 9.82 27.84 -33.25
CA GLU B 352 10.69 26.63 -33.34
C GLU B 352 9.84 25.37 -33.57
N VAL B 353 9.55 25.05 -34.84
CA VAL B 353 8.88 23.78 -35.24
C VAL B 353 9.69 23.17 -36.38
N CYS B 354 9.90 21.86 -36.33
CA CYS B 354 10.86 21.13 -37.20
C CYS B 354 10.34 21.13 -38.64
N PRO B 355 11.18 21.49 -39.64
CA PRO B 355 10.80 21.38 -41.05
C PRO B 355 10.64 19.95 -41.55
N SER B 356 10.94 18.94 -40.74
CA SER B 356 10.78 17.51 -41.13
C SER B 356 9.30 17.20 -41.35
N ILE B 357 8.42 17.89 -40.61
CA ILE B 357 6.95 17.66 -40.62
C ILE B 357 6.30 18.52 -41.70
N ALA B 358 7.07 19.33 -42.44
CA ALA B 358 6.55 20.29 -43.44
C ALA B 358 5.93 19.54 -44.63
N ALA B 359 5.17 20.26 -45.46
CA ALA B 359 4.64 19.76 -46.75
C ALA B 359 5.76 19.82 -47.80
N GLU B 360 5.49 19.33 -49.01
CA GLU B 360 6.49 19.20 -50.10
C GLU B 360 7.04 20.57 -50.48
N GLU B 361 6.19 21.59 -50.63
CA GLU B 361 6.65 22.96 -50.99
C GLU B 361 7.73 23.40 -50.01
N LYS B 362 8.81 24.02 -50.49
CA LYS B 362 9.95 24.49 -49.67
C LYS B 362 9.43 25.49 -48.64
N PRO B 363 9.95 25.43 -47.38
CA PRO B 363 9.51 26.38 -46.37
C PRO B 363 10.01 27.79 -46.75
N ILE B 364 9.17 28.80 -46.55
CA ILE B 364 9.51 30.24 -46.69
C ILE B 364 10.34 30.64 -45.46
N LEU B 365 11.48 31.31 -45.69
CA LEU B 365 12.35 31.90 -44.63
C LEU B 365 11.96 33.36 -44.48
N ASP B 366 11.54 33.78 -43.30
CA ASP B 366 10.97 35.13 -43.07
C ASP B 366 11.57 35.73 -41.79
N VAL B 367 11.38 37.03 -41.61
CA VAL B 367 11.77 37.76 -40.38
C VAL B 367 10.64 38.73 -40.09
N GLN B 368 9.72 38.37 -39.18
CA GLN B 368 8.64 39.24 -38.67
C GLN B 368 8.97 39.57 -37.22
N HIS B 369 8.11 40.36 -36.57
CA HIS B 369 8.26 40.81 -35.17
C HIS B 369 7.91 39.66 -34.24
N LEU B 370 8.59 39.59 -33.10
CA LEU B 370 8.21 38.69 -31.98
C LEU B 370 8.33 39.48 -30.68
N GLY B 371 7.20 40.02 -30.21
CA GLY B 371 7.12 40.78 -28.94
C GLY B 371 7.67 39.97 -27.79
N ILE B 372 7.43 38.65 -27.79
CA ILE B 372 7.85 37.69 -26.74
C ILE B 372 9.38 37.61 -26.71
N GLY B 373 9.97 37.92 -25.55
CA GLY B 373 11.41 37.82 -25.27
C GLY B 373 12.10 39.17 -25.35
N GLY B 374 11.43 40.14 -25.99
CA GLY B 374 11.93 41.52 -26.21
C GLY B 374 13.28 41.50 -26.93
N LYS B 375 13.29 41.10 -28.20
CA LYS B 375 14.53 40.99 -28.98
C LYS B 375 14.26 41.37 -30.43
N ASP B 376 15.34 41.45 -31.22
CA ASP B 376 15.32 41.76 -32.68
C ASP B 376 14.38 40.75 -33.37
N ASP B 377 13.65 41.22 -34.38
CA ASP B 377 12.81 40.37 -35.28
C ASP B 377 13.61 39.10 -35.56
N PRO B 378 13.21 37.93 -35.01
CA PRO B 378 13.94 36.68 -35.21
C PRO B 378 13.56 36.00 -36.53
N ALA B 379 14.57 35.52 -37.26
CA ALA B 379 14.41 34.80 -38.54
C ALA B 379 13.91 33.39 -38.23
N ARG B 380 12.91 32.92 -38.97
CA ARG B 380 12.31 31.57 -38.83
C ARG B 380 11.92 31.02 -40.21
N LEU B 381 11.87 29.71 -40.31
CA LEU B 381 11.18 29.02 -41.43
C LEU B 381 9.70 28.97 -41.09
N VAL B 382 8.86 29.47 -41.99
CA VAL B 382 7.38 29.27 -41.94
C VAL B 382 7.02 28.25 -43.03
N PHE B 383 6.08 27.36 -42.73
CA PHE B 383 5.65 26.23 -43.61
C PHE B 383 4.42 25.57 -43.01
N ASP B 384 3.57 25.02 -43.88
CA ASP B 384 2.42 24.15 -43.49
C ASP B 384 2.97 22.75 -43.19
N GLY B 385 2.58 22.17 -42.06
CA GLY B 385 2.86 20.77 -41.72
C GLY B 385 2.22 19.84 -42.73
N GLY B 386 2.89 18.74 -43.09
CA GLY B 386 2.37 17.71 -43.99
C GLY B 386 1.09 17.14 -43.41
N GLU B 387 0.44 16.20 -44.09
CA GLU B 387 -0.77 15.51 -43.54
C GLU B 387 -0.49 14.02 -43.35
N GLY B 388 -1.40 13.32 -42.68
CA GLY B 388 -1.32 11.87 -42.44
C GLY B 388 -1.38 11.55 -40.97
N ALA B 389 -1.68 10.28 -40.65
CA ALA B 389 -1.70 9.72 -39.29
C ALA B 389 -0.41 10.15 -38.59
N ALA B 390 -0.55 10.68 -37.38
CA ALA B 390 0.55 11.17 -36.54
C ALA B 390 0.16 11.04 -35.07
N VAL B 391 1.13 11.29 -34.21
CA VAL B 391 1.09 10.94 -32.77
C VAL B 391 1.64 12.16 -32.02
N ASN B 392 0.96 12.57 -30.98
CA ASN B 392 1.36 13.78 -30.21
C ASN B 392 1.61 13.29 -28.80
N ALA B 393 2.88 13.24 -28.38
CA ALA B 393 3.30 12.68 -27.08
C ALA B 393 3.82 13.79 -26.17
N SER B 394 3.46 13.73 -24.90
CA SER B 394 4.09 14.54 -23.83
C SER B 394 4.64 13.60 -22.77
N LEU B 395 5.73 13.97 -22.14
CA LEU B 395 6.16 13.36 -20.85
C LEU B 395 6.02 14.38 -19.74
N ILE B 396 5.45 13.96 -18.62
CA ILE B 396 5.14 14.85 -17.46
C ILE B 396 5.62 14.15 -16.20
N ASP B 397 6.02 14.94 -15.19
CA ASP B 397 6.47 14.44 -13.87
C ASP B 397 5.31 14.67 -12.90
N LEU B 398 4.73 13.59 -12.37
CA LEU B 398 3.58 13.60 -11.41
C LEU B 398 4.08 13.65 -9.96
N GLY B 399 5.38 13.88 -9.75
CA GLY B 399 6.02 14.05 -8.43
C GLY B 399 6.79 12.81 -8.03
N HIS B 400 6.09 11.68 -7.93
CA HIS B 400 6.65 10.37 -7.52
C HIS B 400 7.03 9.54 -8.74
N ARG B 401 6.68 9.96 -9.96
CA ARG B 401 6.93 9.17 -11.21
C ARG B 401 6.59 9.97 -12.47
N PHE B 402 6.90 9.41 -13.63
CA PHE B 402 6.71 10.03 -14.96
C PHE B 402 5.54 9.35 -15.67
N ARG B 403 4.80 10.12 -16.46
CA ARG B 403 3.69 9.62 -17.30
C ARG B 403 3.93 10.09 -18.74
N LEU B 404 3.76 9.19 -19.69
CA LEU B 404 3.87 9.46 -21.14
C LEU B 404 2.46 9.45 -21.72
N ILE B 405 1.91 10.63 -21.97
CA ILE B 405 0.58 10.76 -22.62
C ILE B 405 0.87 10.75 -24.11
N VAL B 406 0.18 9.90 -24.85
CA VAL B 406 0.33 9.79 -26.34
C VAL B 406 -1.06 9.90 -26.93
N ASN B 407 -1.25 10.86 -27.84
CA ASN B 407 -2.55 11.16 -28.48
C ASN B 407 -2.39 10.99 -29.97
N GLU B 408 -2.92 9.90 -30.52
CA GLU B 408 -2.97 9.63 -31.98
C GLU B 408 -3.84 10.73 -32.60
N VAL B 409 -3.31 11.44 -33.58
CA VAL B 409 -4.06 12.52 -34.27
C VAL B 409 -3.93 12.27 -35.77
N ASP B 410 -4.77 12.94 -36.56
CA ASP B 410 -4.67 12.96 -38.04
C ASP B 410 -4.34 14.39 -38.45
N ALA B 411 -3.08 14.64 -38.82
CA ALA B 411 -2.69 15.89 -39.50
C ALA B 411 -3.52 16.00 -40.77
N VAL B 412 -3.97 17.19 -41.11
CA VAL B 412 -4.81 17.41 -42.30
C VAL B 412 -4.28 18.66 -43.02
N LYS B 413 -4.36 18.69 -44.35
CA LYS B 413 -3.89 19.83 -45.17
C LYS B 413 -4.77 21.04 -44.94
N PRO B 414 -4.19 22.23 -44.61
CA PRO B 414 -4.98 23.44 -44.39
C PRO B 414 -5.75 23.78 -45.66
N GLU B 415 -7.03 24.12 -45.56
CA GLU B 415 -7.90 24.44 -46.72
C GLU B 415 -7.69 25.90 -47.12
N HIS B 416 -7.77 26.81 -46.15
CA HIS B 416 -7.46 28.24 -46.30
C HIS B 416 -5.98 28.49 -46.04
N ASP B 417 -5.39 29.46 -46.74
CA ASP B 417 -4.00 29.93 -46.51
C ASP B 417 -4.05 30.82 -45.26
N MET B 418 -2.89 31.12 -44.69
CA MET B 418 -2.74 31.91 -43.43
C MET B 418 -1.65 32.96 -43.62
N PRO B 419 -1.94 34.07 -44.34
CA PRO B 419 -0.90 35.03 -44.72
C PRO B 419 -0.23 35.72 -43.52
N LYS B 420 -1.01 36.24 -42.58
CA LYS B 420 -0.48 37.15 -41.52
C LYS B 420 0.24 36.34 -40.44
N LEU B 421 0.11 35.02 -40.44
CA LEU B 421 0.72 34.12 -39.42
C LEU B 421 2.17 33.89 -39.78
N PRO B 422 3.13 34.51 -39.06
CA PRO B 422 4.54 34.48 -39.46
C PRO B 422 5.40 33.34 -38.90
N VAL B 423 4.78 32.22 -38.50
CA VAL B 423 5.48 31.02 -37.94
C VAL B 423 4.84 29.77 -38.55
N ALA B 424 5.62 28.70 -38.71
CA ALA B 424 5.14 27.46 -39.33
C ALA B 424 4.07 26.86 -38.43
N ARG B 425 3.10 26.18 -39.04
CA ARG B 425 1.94 25.61 -38.31
C ARG B 425 1.58 24.27 -38.94
N ILE B 426 0.75 23.52 -38.24
CA ILE B 426 0.18 22.22 -38.71
C ILE B 426 -1.21 22.09 -38.11
N LEU B 427 -2.15 21.55 -38.88
CA LEU B 427 -3.53 21.28 -38.42
C LEU B 427 -3.67 19.77 -38.30
N TRP B 428 -4.34 19.34 -37.23
CA TRP B 428 -4.70 17.92 -37.01
C TRP B 428 -6.09 17.83 -36.39
N LYS B 429 -6.83 16.77 -36.74
CA LYS B 429 -8.02 16.32 -36.01
C LYS B 429 -7.53 15.31 -34.98
N PRO B 430 -7.56 15.65 -33.67
CA PRO B 430 -7.14 14.70 -32.63
C PRO B 430 -8.19 13.61 -32.40
N ARG B 431 -7.73 12.38 -32.18
CA ARG B 431 -8.61 11.19 -32.03
C ARG B 431 -8.92 11.01 -30.55
N PRO B 432 -10.13 10.58 -30.15
CA PRO B 432 -11.22 10.30 -31.10
C PRO B 432 -11.99 11.54 -31.58
N SER B 433 -12.00 12.61 -30.77
CA SER B 433 -12.67 13.90 -31.05
C SER B 433 -11.83 15.02 -30.44
N LEU B 434 -12.01 16.25 -30.91
CA LEU B 434 -11.33 17.41 -30.29
C LEU B 434 -11.72 17.51 -28.81
N ARG B 435 -13.00 17.39 -28.48
CA ARG B 435 -13.50 17.56 -27.09
C ARG B 435 -13.01 16.39 -26.24
N ASP B 436 -13.19 15.15 -26.72
CA ASP B 436 -12.78 13.91 -26.03
C ASP B 436 -11.26 13.87 -25.85
N SER B 437 -10.48 14.04 -26.91
CA SER B 437 -9.01 14.06 -26.82
C SER B 437 -8.63 15.12 -25.76
N ALA B 438 -9.02 16.39 -25.95
CA ALA B 438 -8.58 17.52 -25.09
C ALA B 438 -8.93 17.25 -23.62
N GLU B 439 -10.12 16.69 -23.37
CA GLU B 439 -10.58 16.33 -22.01
C GLU B 439 -9.62 15.25 -21.51
N ALA B 440 -9.50 14.14 -22.22
CA ALA B 440 -8.62 13.03 -21.80
C ALA B 440 -7.21 13.57 -21.51
N TRP B 441 -6.77 14.53 -22.30
CA TRP B 441 -5.40 15.10 -22.20
C TRP B 441 -5.33 15.88 -20.89
N ILE B 442 -6.25 16.82 -20.72
CA ILE B 442 -6.33 17.66 -19.49
C ILE B 442 -6.44 16.72 -18.28
N LEU B 443 -7.26 15.67 -18.33
CA LEU B 443 -7.43 14.75 -17.19
C LEU B 443 -6.11 14.04 -16.91
N ALA B 444 -5.38 13.69 -17.96
CA ALA B 444 -4.12 12.92 -17.86
C ALA B 444 -3.00 13.85 -17.41
N GLY B 445 -3.25 15.15 -17.40
CA GLY B 445 -2.24 16.16 -17.06
C GLY B 445 -1.23 16.33 -18.18
N GLY B 446 -1.64 16.08 -19.42
CA GLY B 446 -0.79 16.31 -20.60
C GLY B 446 -0.29 17.74 -20.62
N ALA B 447 0.97 17.93 -21.03
CA ALA B 447 1.62 19.25 -21.16
C ALA B 447 1.03 20.02 -22.35
N HIS B 448 1.15 21.33 -22.31
CA HIS B 448 1.03 22.22 -23.49
C HIS B 448 2.02 21.76 -24.56
N HIS B 449 3.31 21.61 -24.20
CA HIS B 449 4.40 21.11 -25.08
C HIS B 449 4.18 19.64 -25.42
N THR B 450 4.24 19.32 -26.71
CA THR B 450 4.12 17.93 -27.22
C THR B 450 5.30 17.64 -28.15
N CYS B 451 5.45 16.39 -28.54
CA CYS B 451 6.28 15.94 -29.67
C CYS B 451 5.35 15.36 -30.72
N PHE B 452 5.09 16.14 -31.76
CA PHE B 452 4.37 15.71 -32.97
C PHE B 452 5.30 14.83 -33.82
N SER B 453 4.78 13.72 -34.33
CA SER B 453 5.55 12.76 -35.18
C SER B 453 4.59 12.09 -36.16
N PHE B 454 4.98 12.00 -37.42
CA PHE B 454 4.30 11.11 -38.40
C PHE B 454 4.85 9.68 -38.28
N ALA B 455 6.17 9.55 -38.11
CA ALA B 455 6.92 8.28 -38.29
C ALA B 455 6.83 7.41 -37.03
N VAL B 456 6.81 8.00 -35.85
CA VAL B 456 6.71 7.25 -34.56
C VAL B 456 5.28 6.74 -34.34
N THR B 457 5.08 5.42 -34.33
CA THR B 457 3.77 4.80 -34.00
C THR B 457 3.59 4.81 -32.48
N THR B 458 2.34 4.71 -32.02
CA THR B 458 1.99 4.56 -30.60
C THR B 458 2.66 3.29 -30.08
N GLU B 459 2.60 2.19 -30.84
CA GLU B 459 3.23 0.90 -30.41
C GLU B 459 4.63 1.21 -29.90
N GLN B 460 5.44 1.97 -30.64
CA GLN B 460 6.84 2.31 -30.27
C GLN B 460 6.87 2.97 -28.89
N LEU B 461 6.10 4.05 -28.69
CA LEU B 461 6.09 4.82 -27.42
C LEU B 461 5.66 3.91 -26.25
N GLN B 462 4.65 3.07 -26.46
CA GLN B 462 4.20 2.10 -25.43
C GLN B 462 5.38 1.19 -25.09
N ASP B 463 6.05 0.62 -26.10
CA ASP B 463 7.19 -0.32 -25.92
C ASP B 463 8.26 0.40 -25.11
N PHE B 464 8.55 1.64 -25.49
CA PHE B 464 9.60 2.50 -24.85
C PHE B 464 9.29 2.62 -23.36
N ALA B 465 8.04 2.93 -23.04
CA ALA B 465 7.54 3.09 -21.66
C ALA B 465 7.72 1.77 -20.92
N GLU B 466 7.40 0.64 -21.57
CA GLU B 466 7.54 -0.73 -21.01
C GLU B 466 9.00 -0.91 -20.61
N MET B 467 9.92 -0.57 -21.50
CA MET B 467 11.39 -0.59 -21.25
C MET B 467 11.73 0.33 -20.08
N ALA B 468 11.22 1.56 -20.07
CA ALA B 468 11.65 2.62 -19.12
C ALA B 468 10.92 2.47 -17.78
N GLY B 469 9.88 1.64 -17.70
CA GLY B 469 9.10 1.43 -16.46
C GLY B 469 8.26 2.66 -16.09
N ILE B 470 7.57 3.23 -17.08
CA ILE B 470 6.65 4.39 -16.87
C ILE B 470 5.29 4.01 -17.46
N GLU B 471 4.21 4.53 -16.84
CA GLU B 471 2.84 4.53 -17.42
C GLU B 471 2.92 5.16 -18.81
N CYS B 472 2.35 4.50 -19.82
CA CYS B 472 2.07 5.13 -21.13
C CYS B 472 0.56 5.07 -21.34
N VAL B 473 -0.10 6.21 -21.24
CA VAL B 473 -1.56 6.34 -21.46
C VAL B 473 -1.74 6.83 -22.90
N VAL B 474 -2.67 6.21 -23.62
CA VAL B 474 -2.91 6.45 -25.07
C VAL B 474 -4.31 7.02 -25.25
N ILE B 475 -4.42 8.08 -26.06
CA ILE B 475 -5.72 8.68 -26.49
C ILE B 475 -5.84 8.50 -28.00
N ASN B 476 -6.74 7.61 -28.45
CA ASN B 476 -6.87 7.27 -29.89
C ASN B 476 -8.36 7.16 -30.23
N GLU B 477 -8.66 6.45 -31.32
CA GLU B 477 -10.04 6.16 -31.80
C GLU B 477 -10.84 5.48 -30.68
N HIS B 478 -10.21 4.54 -29.96
CA HIS B 478 -10.90 3.61 -29.04
C HIS B 478 -11.12 4.28 -27.69
N THR B 479 -10.40 5.37 -27.41
CA THR B 479 -10.42 6.01 -26.07
C THR B 479 -11.84 6.50 -25.78
N SER B 480 -12.43 6.02 -24.67
CA SER B 480 -13.67 6.53 -24.06
C SER B 480 -13.28 7.29 -22.80
N VAL B 481 -13.64 8.56 -22.67
CA VAL B 481 -13.16 9.40 -21.54
C VAL B 481 -13.58 8.76 -20.23
N SER B 482 -14.84 8.30 -20.12
CA SER B 482 -15.37 7.56 -18.95
C SER B 482 -14.38 6.45 -18.59
N SER B 483 -14.08 5.55 -19.52
CA SER B 483 -13.14 4.42 -19.33
C SER B 483 -11.76 4.98 -19.00
N PHE B 484 -11.35 6.00 -19.73
CA PHE B 484 -9.99 6.62 -19.66
C PHE B 484 -9.73 7.08 -18.23
N LYS B 485 -10.67 7.85 -17.69
CA LYS B 485 -10.57 8.41 -16.33
C LYS B 485 -10.29 7.26 -15.37
N ASN B 486 -11.04 6.15 -15.49
CA ASN B 486 -10.91 4.95 -14.62
C ASN B 486 -9.53 4.34 -14.82
N GLU B 487 -9.05 4.29 -16.06
CA GLU B 487 -7.73 3.67 -16.41
C GLU B 487 -6.63 4.45 -15.69
N LEU B 488 -6.75 5.78 -15.66
CA LEU B 488 -5.79 6.70 -14.99
C LEU B 488 -5.72 6.35 -13.50
N LYS B 489 -6.88 6.12 -12.88
CA LYS B 489 -6.95 5.78 -11.43
C LYS B 489 -6.17 4.48 -11.24
N TRP B 490 -6.62 3.41 -11.91
CA TRP B 490 -6.11 2.02 -11.76
C TRP B 490 -4.62 1.93 -12.08
N ASN B 491 -4.19 2.51 -13.20
CA ASN B 491 -2.75 2.72 -13.49
C ASN B 491 -2.11 3.37 -12.26
N GLU B 492 -2.56 4.55 -11.85
CA GLU B 492 -1.93 5.32 -10.73
C GLU B 492 -1.56 4.37 -9.58
N VAL B 493 -2.49 3.49 -9.22
CA VAL B 493 -2.36 2.53 -8.08
C VAL B 493 -1.26 1.51 -8.41
N PHE B 494 -1.14 1.12 -9.68
CA PHE B 494 -0.12 0.14 -10.15
C PHE B 494 1.29 0.70 -10.04
N TRP B 495 1.51 1.95 -10.40
CA TRP B 495 2.88 2.57 -10.42
C TRP B 495 3.18 3.23 -9.07
N ARG B 496 3.11 2.48 -7.95
CA ARG B 496 3.44 2.95 -6.57
C ARG B 496 2.64 4.19 -6.21
N LYS C 2 -16.35 -44.15 -5.71
CA LYS C 2 -15.02 -43.67 -5.17
C LYS C 2 -15.07 -42.18 -4.83
N MET C 3 -16.10 -41.46 -5.31
CA MET C 3 -16.38 -40.05 -4.95
C MET C 3 -17.12 -40.01 -3.61
N PRO C 4 -16.62 -39.24 -2.61
CA PRO C 4 -17.34 -39.06 -1.35
C PRO C 4 -18.63 -38.29 -1.62
N ALA C 5 -19.71 -38.61 -0.90
CA ALA C 5 -21.02 -37.97 -1.10
C ALA C 5 -20.89 -36.54 -0.58
N TYR C 6 -21.44 -35.58 -1.32
CA TYR C 6 -21.45 -34.14 -0.98
C TYR C 6 -22.86 -33.61 -1.15
N GLU C 7 -23.31 -32.80 -0.21
CA GLU C 7 -24.62 -32.12 -0.29
C GLU C 7 -24.44 -30.60 -0.23
N PHE C 8 -25.47 -29.86 -0.59
CA PHE C 8 -25.53 -28.38 -0.53
C PHE C 8 -26.68 -27.95 0.38
N TRP C 9 -26.39 -27.10 1.36
CA TRP C 9 -27.34 -26.75 2.43
C TRP C 9 -28.16 -25.54 2.03
N PHE C 10 -29.37 -25.76 1.53
CA PHE C 10 -30.31 -24.67 1.14
C PHE C 10 -30.85 -24.05 2.41
N VAL C 11 -30.75 -22.72 2.49
CA VAL C 11 -31.09 -21.92 3.69
C VAL C 11 -31.86 -20.68 3.22
N VAL C 12 -32.94 -20.33 3.90
CA VAL C 12 -33.78 -19.16 3.53
C VAL C 12 -33.70 -18.17 4.68
N GLY C 13 -33.44 -16.92 4.35
CA GLY C 13 -33.41 -15.82 5.33
C GLY C 13 -34.79 -15.23 5.51
N SER C 14 -35.09 -14.85 6.74
CA SER C 14 -36.31 -14.11 7.11
C SER C 14 -36.10 -13.54 8.50
N GLN C 15 -37.13 -12.87 9.02
CA GLN C 15 -37.15 -12.19 10.34
C GLN C 15 -38.46 -12.56 11.03
N HIS C 16 -38.59 -12.25 12.32
CA HIS C 16 -39.84 -12.42 13.09
C HIS C 16 -40.86 -11.33 12.70
N LEU C 17 -40.39 -10.18 12.19
CA LEU C 17 -41.16 -8.91 12.05
C LEU C 17 -42.52 -9.12 11.37
N TYR C 18 -42.64 -10.03 10.40
CA TYR C 18 -43.88 -10.20 9.58
C TYR C 18 -44.81 -11.21 10.27
N GLY C 19 -44.87 -11.13 11.59
CA GLY C 19 -45.54 -12.11 12.45
C GLY C 19 -44.94 -13.50 12.30
N ASP C 20 -45.74 -14.53 12.59
CA ASP C 20 -45.33 -15.96 12.68
C ASP C 20 -46.10 -16.80 11.64
N GLU C 21 -47.28 -16.36 11.24
CA GLU C 21 -48.05 -16.98 10.13
C GLU C 21 -47.17 -16.94 8.87
N ALA C 22 -46.60 -15.78 8.52
CA ALA C 22 -45.82 -15.54 7.29
C ALA C 22 -44.56 -16.42 7.25
N LEU C 23 -43.98 -16.77 8.40
CA LEU C 23 -42.80 -17.69 8.48
C LEU C 23 -43.21 -19.11 8.13
N ALA C 24 -44.48 -19.46 8.30
CA ALA C 24 -45.04 -20.75 7.82
C ALA C 24 -45.16 -20.72 6.29
N GLN C 25 -45.54 -19.56 5.73
CA GLN C 25 -45.69 -19.36 4.27
C GLN C 25 -44.32 -19.49 3.60
N VAL C 26 -43.28 -18.92 4.22
CA VAL C 26 -41.86 -19.05 3.75
C VAL C 26 -41.46 -20.54 3.81
N GLU C 27 -41.62 -21.17 4.97
CA GLU C 27 -41.36 -22.62 5.16
C GLU C 27 -41.96 -23.39 3.98
N ALA C 28 -43.24 -23.11 3.67
CA ALA C 28 -44.03 -23.80 2.62
C ALA C 28 -43.34 -23.60 1.28
N HIS C 29 -42.99 -22.35 0.95
CA HIS C 29 -42.31 -21.96 -0.31
C HIS C 29 -40.99 -22.72 -0.41
N ALA C 30 -40.17 -22.70 0.63
CA ALA C 30 -38.85 -23.38 0.60
C ALA C 30 -39.09 -24.87 0.36
N ARG C 31 -39.93 -25.50 1.19
CA ARG C 31 -40.22 -26.96 1.15
C ARG C 31 -40.69 -27.37 -0.25
N GLU C 32 -41.23 -26.44 -1.04
CA GLU C 32 -41.64 -26.68 -2.45
C GLU C 32 -40.43 -26.49 -3.37
N MET C 33 -39.63 -25.44 -3.15
CA MET C 33 -38.53 -25.02 -4.06
C MET C 33 -37.40 -26.04 -4.00
N VAL C 34 -37.06 -26.52 -2.82
CA VAL C 34 -35.91 -27.45 -2.62
C VAL C 34 -36.18 -28.70 -3.46
N PRO C 35 -37.28 -29.45 -3.25
CA PRO C 35 -37.52 -30.64 -4.06
C PRO C 35 -37.46 -30.38 -5.57
N ALA C 36 -38.11 -29.31 -6.06
CA ALA C 36 -38.19 -28.98 -7.50
C ALA C 36 -36.79 -28.58 -8.02
N LEU C 37 -35.95 -27.97 -7.18
CA LEU C 37 -34.57 -27.61 -7.56
C LEU C 37 -33.67 -28.84 -7.51
N GLN C 38 -33.95 -29.79 -6.60
CA GLN C 38 -33.21 -31.07 -6.48
C GLN C 38 -33.41 -31.88 -7.76
N ALA C 39 -34.65 -31.90 -8.25
CA ALA C 39 -35.10 -32.63 -9.46
C ALA C 39 -34.61 -31.91 -10.71
N ALA C 40 -34.45 -30.58 -10.66
CA ALA C 40 -34.00 -29.72 -11.79
C ALA C 40 -32.51 -29.89 -12.01
N VAL C 41 -31.70 -29.82 -10.95
CA VAL C 41 -30.22 -30.04 -11.03
C VAL C 41 -29.93 -31.54 -11.21
N GLY C 42 -30.95 -32.39 -11.09
CA GLY C 42 -30.81 -33.86 -11.26
C GLY C 42 -30.30 -34.49 -9.99
N ASN C 43 -30.92 -35.58 -9.54
CA ASN C 43 -30.43 -36.39 -8.39
C ASN C 43 -29.01 -36.86 -8.73
N ALA C 44 -28.03 -36.05 -8.34
CA ALA C 44 -26.58 -36.22 -8.63
C ALA C 44 -25.76 -35.37 -7.67
N HIS C 45 -26.20 -34.12 -7.43
CA HIS C 45 -25.53 -33.12 -6.56
C HIS C 45 -25.95 -33.30 -5.10
N VAL C 46 -27.26 -33.40 -4.86
CA VAL C 46 -27.91 -33.49 -3.50
C VAL C 46 -28.06 -32.07 -2.95
N LEU C 47 -29.25 -31.72 -2.46
CA LEU C 47 -29.58 -30.33 -2.06
C LEU C 47 -30.51 -30.36 -0.84
N ARG C 48 -29.94 -30.43 0.36
CA ARG C 48 -30.70 -30.47 1.63
C ARG C 48 -31.42 -29.15 1.86
N TRP C 49 -32.66 -29.20 2.36
CA TRP C 49 -33.37 -28.03 2.95
C TRP C 49 -32.99 -27.95 4.42
N LYS C 50 -32.18 -26.94 4.81
CA LYS C 50 -31.60 -26.79 6.18
C LYS C 50 -32.28 -25.68 6.95
N GLY C 51 -33.54 -25.37 6.64
CA GLY C 51 -34.43 -24.60 7.53
C GLY C 51 -34.34 -23.12 7.28
N VAL C 52 -35.37 -22.38 7.74
CA VAL C 52 -35.48 -20.90 7.65
C VAL C 52 -34.74 -20.29 8.85
N LEU C 53 -34.00 -19.21 8.62
CA LEU C 53 -33.14 -18.56 9.63
C LEU C 53 -33.67 -17.15 9.88
N LYS C 54 -34.05 -16.87 11.14
CA LYS C 54 -34.64 -15.58 11.57
C LYS C 54 -33.82 -14.95 12.69
N ASP C 55 -32.95 -15.72 13.34
CA ASP C 55 -32.15 -15.29 14.52
C ASP C 55 -30.67 -15.36 14.15
N ALA C 56 -29.86 -14.47 14.73
CA ALA C 56 -28.39 -14.41 14.56
C ALA C 56 -27.75 -15.70 15.10
N ASP C 57 -28.28 -16.22 16.21
CA ASP C 57 -27.70 -17.39 16.93
C ASP C 57 -28.00 -18.67 16.15
N GLU C 58 -29.15 -18.70 15.48
CA GLU C 58 -29.57 -19.78 14.54
C GLU C 58 -28.64 -19.76 13.31
N ILE C 59 -28.33 -18.57 12.80
CA ILE C 59 -27.50 -18.39 11.56
C ILE C 59 -26.07 -18.80 11.88
N ARG C 60 -25.57 -18.39 13.04
CA ARG C 60 -24.21 -18.76 13.46
C ARG C 60 -24.13 -20.28 13.53
N ARG C 61 -25.07 -20.91 14.24
CA ARG C 61 -25.18 -22.40 14.40
C ARG C 61 -25.10 -23.06 13.03
N LEU C 62 -25.90 -22.57 12.07
CA LEU C 62 -26.01 -23.14 10.70
C LEU C 62 -24.66 -23.09 10.00
N CYS C 63 -23.98 -21.95 10.06
CA CYS C 63 -22.65 -21.74 9.44
C CYS C 63 -21.64 -22.69 10.07
N LEU C 64 -21.59 -22.73 11.41
CA LEU C 64 -20.59 -23.53 12.17
C LEU C 64 -20.76 -25.01 11.86
N GLU C 65 -21.99 -25.51 11.78
CA GLU C 65 -22.26 -26.94 11.43
C GLU C 65 -21.76 -27.18 10.00
N ALA C 66 -22.09 -26.28 9.07
CA ALA C 66 -21.74 -26.37 7.63
C ALA C 66 -20.22 -26.40 7.45
N SER C 67 -19.47 -25.70 8.31
CA SER C 67 -17.99 -25.69 8.28
C SER C 67 -17.50 -27.00 8.85
N ALA C 68 -18.06 -27.41 10.00
CA ALA C 68 -17.64 -28.61 10.75
C ALA C 68 -17.91 -29.86 9.88
N ASP C 69 -19.09 -29.93 9.26
CA ASP C 69 -19.56 -31.12 8.48
C ASP C 69 -18.81 -31.22 7.14
N ASP C 70 -17.85 -32.14 7.05
CA ASP C 70 -17.03 -32.39 5.84
C ASP C 70 -17.89 -32.83 4.65
N VAL C 71 -19.19 -33.06 4.84
CA VAL C 71 -20.11 -33.48 3.76
C VAL C 71 -20.69 -32.23 3.05
N CYS C 72 -20.75 -31.08 3.75
CA CYS C 72 -21.27 -29.80 3.17
C CYS C 72 -20.21 -29.20 2.23
N ALA C 73 -20.48 -29.30 0.92
CA ALA C 73 -19.62 -28.82 -0.18
C ALA C 73 -19.86 -27.32 -0.41
N GLY C 74 -21.05 -26.85 -0.05
CA GLY C 74 -21.49 -25.45 -0.26
C GLY C 74 -22.85 -25.18 0.37
N VAL C 75 -23.16 -23.90 0.53
CA VAL C 75 -24.40 -23.39 1.16
C VAL C 75 -25.07 -22.51 0.11
N ILE C 76 -26.38 -22.58 -0.01
CA ILE C 76 -27.15 -21.71 -0.94
C ILE C 76 -28.10 -20.89 -0.09
N ALA C 77 -27.81 -19.59 0.07
CA ALA C 77 -28.61 -18.66 0.89
C ALA C 77 -29.50 -17.84 -0.03
N TRP C 78 -30.76 -17.69 0.36
CA TRP C 78 -31.76 -16.85 -0.33
C TRP C 78 -32.61 -16.14 0.73
N MET C 79 -32.69 -14.82 0.68
CA MET C 79 -33.55 -14.03 1.60
C MET C 79 -34.94 -13.95 0.96
N HIS C 80 -35.89 -14.74 1.50
CA HIS C 80 -37.31 -14.76 1.05
C HIS C 80 -37.95 -13.43 1.43
N THR C 81 -37.89 -13.10 2.71
CA THR C 81 -38.26 -11.77 3.27
C THR C 81 -36.97 -10.98 3.50
N PHE C 82 -37.09 -9.78 4.08
CA PHE C 82 -35.98 -9.00 4.66
C PHE C 82 -35.42 -9.77 5.87
N SER C 83 -34.15 -10.18 5.83
CA SER C 83 -33.42 -10.78 6.98
C SER C 83 -32.29 -9.87 7.43
N PRO C 84 -32.51 -8.99 8.44
CA PRO C 84 -31.51 -8.03 8.90
C PRO C 84 -30.08 -8.61 9.02
N ALA C 85 -29.16 -8.03 8.24
CA ALA C 85 -27.89 -8.66 7.80
C ALA C 85 -26.89 -8.77 8.95
N LYS C 86 -27.00 -7.91 9.97
CA LYS C 86 -26.13 -7.98 11.18
C LYS C 86 -26.22 -9.39 11.78
N MET C 87 -27.41 -10.00 11.76
CA MET C 87 -27.68 -11.38 12.28
C MET C 87 -26.83 -12.43 11.54
N TRP C 88 -26.48 -12.14 10.28
CA TRP C 88 -25.65 -13.05 9.45
C TRP C 88 -24.15 -12.86 9.69
N ILE C 89 -23.75 -11.72 10.27
CA ILE C 89 -22.31 -11.33 10.39
C ILE C 89 -21.56 -12.43 11.13
N ARG C 90 -21.93 -12.69 12.38
CA ARG C 90 -21.18 -13.62 13.25
C ARG C 90 -21.09 -14.95 12.51
N GLY C 91 -22.18 -15.31 11.81
CA GLY C 91 -22.31 -16.57 11.06
C GLY C 91 -21.36 -16.63 9.87
N LEU C 92 -21.46 -15.64 8.97
CA LEU C 92 -20.68 -15.57 7.70
C LEU C 92 -19.18 -15.49 7.98
N LEU C 93 -18.77 -14.97 9.14
CA LEU C 93 -17.34 -14.91 9.50
C LEU C 93 -16.87 -16.35 9.70
N ALA C 94 -17.71 -17.19 10.32
CA ALA C 94 -17.35 -18.56 10.75
C ALA C 94 -17.63 -19.58 9.63
N LEU C 95 -18.33 -19.17 8.57
CA LEU C 95 -18.67 -20.07 7.43
C LEU C 95 -17.43 -20.22 6.53
N ARG C 96 -16.81 -21.40 6.52
CA ARG C 96 -15.55 -21.69 5.77
C ARG C 96 -15.91 -22.44 4.47
N LYS C 97 -17.22 -22.62 4.18
CA LYS C 97 -17.69 -23.34 2.97
C LYS C 97 -18.22 -22.35 1.94
N PRO C 98 -18.12 -22.67 0.63
CA PRO C 98 -18.59 -21.79 -0.43
C PRO C 98 -20.06 -21.38 -0.28
N LEU C 99 -20.34 -20.10 -0.55
CA LEU C 99 -21.71 -19.51 -0.46
C LEU C 99 -22.17 -19.11 -1.87
N LEU C 100 -23.35 -19.57 -2.25
CA LEU C 100 -24.09 -19.05 -3.43
C LEU C 100 -25.29 -18.26 -2.91
N HIS C 101 -25.31 -16.97 -3.21
CA HIS C 101 -26.43 -16.07 -2.88
C HIS C 101 -27.44 -16.12 -4.02
N LEU C 102 -28.43 -17.01 -3.90
CA LEU C 102 -29.53 -17.15 -4.89
C LEU C 102 -30.49 -16.00 -4.64
N HIS C 103 -30.52 -15.02 -5.55
CA HIS C 103 -31.43 -13.84 -5.48
C HIS C 103 -32.65 -14.15 -6.35
N THR C 104 -33.63 -14.82 -5.76
CA THR C 104 -34.83 -15.33 -6.47
C THR C 104 -36.10 -14.75 -5.83
N GLN C 105 -37.24 -15.21 -6.33
CA GLN C 105 -38.59 -14.84 -5.85
C GLN C 105 -39.49 -16.04 -6.09
N PHE C 106 -40.46 -16.31 -5.22
CA PHE C 106 -41.33 -17.49 -5.38
C PHE C 106 -42.29 -17.26 -6.56
N ASN C 107 -43.07 -16.18 -6.53
CA ASN C 107 -44.02 -15.82 -7.61
C ASN C 107 -43.23 -15.32 -8.83
N ARG C 108 -43.56 -15.82 -10.02
CA ARG C 108 -42.98 -15.32 -11.30
C ARG C 108 -43.58 -13.93 -11.53
N ASP C 109 -44.90 -13.84 -11.59
CA ASP C 109 -45.63 -12.58 -11.93
C ASP C 109 -46.19 -11.95 -10.65
N ILE C 110 -46.43 -10.65 -10.68
CA ILE C 110 -47.15 -9.92 -9.59
C ILE C 110 -48.63 -10.23 -9.77
N PRO C 111 -49.29 -10.79 -8.72
CA PRO C 111 -50.74 -10.97 -8.72
C PRO C 111 -51.43 -9.60 -8.57
N TRP C 112 -51.49 -8.84 -9.67
CA TRP C 112 -51.93 -7.41 -9.72
C TRP C 112 -53.22 -7.19 -8.92
N ASP C 113 -54.11 -8.19 -8.89
CA ASP C 113 -55.45 -8.09 -8.26
C ASP C 113 -55.32 -8.18 -6.74
N THR C 114 -54.59 -9.19 -6.25
CA THR C 114 -54.57 -9.62 -4.82
C THR C 114 -53.20 -9.35 -4.20
N ILE C 115 -52.69 -8.10 -4.29
CA ILE C 115 -51.34 -7.70 -3.78
C ILE C 115 -51.52 -6.93 -2.46
N ASP C 116 -51.99 -7.60 -1.42
CA ASP C 116 -52.27 -6.94 -0.12
C ASP C 116 -50.94 -6.54 0.56
N MET C 117 -51.02 -5.87 1.70
CA MET C 117 -49.84 -5.51 2.51
C MET C 117 -49.14 -6.80 2.96
N ASP C 118 -49.91 -7.87 3.18
CA ASP C 118 -49.38 -9.18 3.65
C ASP C 118 -48.46 -9.76 2.57
N PHE C 119 -48.79 -9.56 1.30
CA PHE C 119 -48.03 -10.10 0.14
C PHE C 119 -46.65 -9.44 0.12
N MET C 120 -46.62 -8.11 0.18
CA MET C 120 -45.38 -7.29 0.18
C MET C 120 -44.54 -7.66 1.40
N ASN C 121 -45.15 -8.10 2.52
CA ASN C 121 -44.47 -8.52 3.77
C ASN C 121 -44.11 -10.02 3.72
N LEU C 122 -43.73 -10.51 2.54
CA LEU C 122 -43.43 -11.95 2.30
C LEU C 122 -42.44 -12.07 1.15
N ASN C 123 -42.77 -11.53 -0.03
CA ASN C 123 -41.97 -11.70 -1.27
C ASN C 123 -40.99 -10.53 -1.43
N GLN C 124 -40.29 -10.18 -0.34
CA GLN C 124 -39.33 -9.03 -0.20
C GLN C 124 -38.14 -9.29 -1.13
N SER C 125 -37.46 -10.43 -0.94
CA SER C 125 -36.29 -10.87 -1.74
C SER C 125 -35.63 -9.65 -2.41
N ALA C 126 -36.29 -9.06 -3.40
CA ALA C 126 -35.84 -7.87 -4.18
C ALA C 126 -35.01 -6.90 -3.31
N HIS C 127 -35.36 -6.72 -2.03
CA HIS C 127 -34.61 -5.82 -1.11
C HIS C 127 -34.07 -6.58 0.09
N GLY C 128 -34.64 -7.73 0.42
CA GLY C 128 -34.04 -8.58 1.46
C GLY C 128 -32.69 -9.12 1.03
N ASP C 129 -32.58 -9.52 -0.22
CA ASP C 129 -31.31 -10.02 -0.83
C ASP C 129 -30.30 -8.88 -0.95
N ARG C 130 -30.73 -7.66 -1.26
CA ARG C 130 -29.81 -6.50 -1.43
C ARG C 130 -29.15 -6.23 -0.08
N GLU C 131 -29.93 -6.22 1.01
CA GLU C 131 -29.39 -6.07 2.38
C GLU C 131 -28.34 -7.16 2.62
N TYR C 132 -28.62 -8.38 2.22
CA TYR C 132 -27.71 -9.54 2.45
C TYR C 132 -26.49 -9.33 1.56
N GLY C 133 -26.75 -8.97 0.31
CA GLY C 133 -25.69 -8.63 -0.65
C GLY C 133 -24.72 -7.67 -0.02
N PHE C 134 -25.25 -6.55 0.50
CA PHE C 134 -24.45 -5.49 1.15
C PHE C 134 -23.48 -6.16 2.12
N ILE C 135 -24.00 -6.87 3.12
CA ILE C 135 -23.15 -7.40 4.22
C ILE C 135 -22.08 -8.31 3.61
N GLY C 136 -22.42 -9.02 2.53
CA GLY C 136 -21.45 -9.82 1.77
C GLY C 136 -20.32 -8.96 1.21
N ALA C 137 -20.66 -7.88 0.51
CA ALA C 137 -19.69 -6.93 -0.07
C ALA C 137 -18.90 -6.29 1.08
N ARG C 138 -19.55 -5.99 2.19
CA ARG C 138 -18.97 -5.27 3.33
C ARG C 138 -17.89 -6.14 3.99
N MET C 139 -18.13 -7.46 4.11
CA MET C 139 -17.20 -8.44 4.74
C MET C 139 -16.23 -9.03 3.70
N GLY C 140 -16.47 -8.77 2.41
CA GLY C 140 -15.59 -9.21 1.31
C GLY C 140 -15.58 -10.72 1.18
N VAL C 141 -16.66 -11.37 1.63
CA VAL C 141 -16.79 -12.86 1.61
C VAL C 141 -16.79 -13.29 0.14
N ALA C 142 -16.23 -14.47 -0.14
CA ALA C 142 -16.27 -15.12 -1.47
C ALA C 142 -17.70 -15.65 -1.70
N ARG C 143 -18.45 -14.99 -2.57
CA ARG C 143 -19.87 -15.37 -2.81
C ARG C 143 -20.14 -15.38 -4.32
N LYS C 144 -20.85 -16.41 -4.78
CA LYS C 144 -21.48 -16.41 -6.12
C LYS C 144 -22.84 -15.72 -5.96
N VAL C 145 -23.22 -14.88 -6.91
CA VAL C 145 -24.58 -14.27 -6.95
C VAL C 145 -25.25 -14.76 -8.23
N VAL C 146 -26.31 -15.55 -8.06
CA VAL C 146 -27.17 -16.06 -9.17
C VAL C 146 -28.54 -15.47 -8.97
N VAL C 147 -29.04 -14.79 -10.00
CA VAL C 147 -30.29 -13.99 -9.94
C VAL C 147 -31.22 -14.56 -10.98
N GLY C 148 -32.53 -14.43 -10.74
CA GLY C 148 -33.60 -14.91 -11.63
C GLY C 148 -34.56 -15.82 -10.89
N HIS C 149 -35.70 -16.11 -11.50
CA HIS C 149 -36.75 -16.97 -10.89
C HIS C 149 -36.19 -18.38 -10.72
N TRP C 150 -36.70 -19.14 -9.74
CA TRP C 150 -36.19 -20.48 -9.33
C TRP C 150 -36.61 -21.57 -10.30
N GLU C 151 -37.50 -21.23 -11.25
CA GLU C 151 -37.93 -22.13 -12.37
C GLU C 151 -37.16 -21.80 -13.66
N ASP C 152 -36.45 -20.66 -13.72
CA ASP C 152 -35.57 -20.33 -14.86
C ASP C 152 -34.67 -21.52 -15.18
N PRO C 153 -34.50 -21.92 -16.47
CA PRO C 153 -33.48 -22.90 -16.83
C PRO C 153 -32.10 -22.29 -16.61
N GLU C 154 -31.93 -21.00 -16.92
CA GLU C 154 -30.65 -20.25 -16.79
C GLU C 154 -30.17 -20.27 -15.34
N VAL C 155 -31.07 -20.28 -14.37
CA VAL C 155 -30.74 -20.24 -12.92
C VAL C 155 -30.35 -21.64 -12.47
N ARG C 156 -31.12 -22.64 -12.92
CA ARG C 156 -30.94 -24.07 -12.56
C ARG C 156 -29.64 -24.60 -13.18
N GLU C 157 -29.27 -24.10 -14.36
CA GLU C 157 -27.99 -24.44 -15.04
C GLU C 157 -26.83 -23.88 -14.22
N ARG C 158 -26.93 -22.62 -13.80
CA ARG C 158 -25.85 -21.94 -13.00
C ARG C 158 -25.67 -22.66 -11.68
N LEU C 159 -26.79 -23.05 -11.03
CA LEU C 159 -26.82 -23.80 -9.73
C LEU C 159 -26.07 -25.12 -9.90
N ALA C 160 -26.37 -25.87 -10.96
CA ALA C 160 -25.68 -27.14 -11.27
C ALA C 160 -24.20 -26.83 -11.43
N LYS C 161 -23.86 -25.92 -12.33
CA LYS C 161 -22.45 -25.62 -12.66
C LYS C 161 -21.73 -25.26 -11.36
N TRP C 162 -22.28 -24.33 -10.58
CA TRP C 162 -21.69 -23.89 -9.28
C TRP C 162 -21.50 -25.12 -8.38
N MET C 163 -22.52 -25.96 -8.27
CA MET C 163 -22.51 -27.15 -7.37
C MET C 163 -21.34 -28.06 -7.78
N ARG C 164 -21.15 -28.28 -9.07
CA ARG C 164 -20.01 -29.08 -9.60
C ARG C 164 -18.72 -28.39 -9.13
N THR C 165 -18.65 -27.07 -9.32
CA THR C 165 -17.44 -26.29 -8.99
C THR C 165 -17.15 -26.44 -7.51
N ALA C 166 -18.19 -26.32 -6.66
CA ALA C 166 -18.07 -26.26 -5.19
C ALA C 166 -17.65 -27.63 -4.64
N VAL C 167 -18.02 -28.70 -5.34
CA VAL C 167 -17.63 -30.11 -4.99
C VAL C 167 -16.15 -30.30 -5.32
N ALA C 168 -15.73 -29.86 -6.51
CA ALA C 168 -14.31 -29.82 -6.90
C ALA C 168 -13.52 -29.01 -5.85
N PHE C 169 -14.10 -27.91 -5.33
CA PHE C 169 -13.44 -27.02 -4.34
C PHE C 169 -13.34 -27.76 -3.00
N ALA C 170 -14.39 -28.49 -2.64
CA ALA C 170 -14.43 -29.28 -1.39
C ALA C 170 -13.44 -30.45 -1.48
N GLU C 171 -13.14 -30.92 -2.72
CA GLU C 171 -12.14 -31.99 -3.04
C GLU C 171 -10.72 -31.40 -3.08
N SER C 172 -10.58 -30.16 -3.56
CA SER C 172 -9.33 -29.36 -3.46
C SER C 172 -8.92 -29.22 -1.99
N ARG C 173 -9.80 -28.69 -1.14
CA ARG C 173 -9.48 -28.39 0.28
C ARG C 173 -8.95 -29.65 0.99
N ASN C 174 -9.38 -30.85 0.56
CA ASN C 174 -8.98 -32.15 1.16
C ASN C 174 -8.07 -32.94 0.21
N LEU C 175 -7.47 -32.27 -0.79
CA LEU C 175 -6.64 -32.91 -1.84
C LEU C 175 -5.27 -33.29 -1.25
N LYS C 176 -4.85 -34.52 -1.47
CA LYS C 176 -3.51 -35.01 -1.08
C LYS C 176 -2.77 -35.38 -2.37
N VAL C 177 -1.59 -34.81 -2.57
CA VAL C 177 -0.73 -35.09 -3.76
C VAL C 177 0.54 -35.77 -3.29
N ALA C 178 0.92 -36.84 -3.98
CA ALA C 178 2.18 -37.58 -3.74
C ALA C 178 3.11 -37.27 -4.92
N ARG C 179 4.31 -36.79 -4.65
CA ARG C 179 5.34 -36.54 -5.70
C ARG C 179 6.40 -37.64 -5.61
N PHE C 180 6.51 -38.47 -6.66
CA PHE C 180 7.59 -39.50 -6.82
C PHE C 180 8.81 -38.85 -7.49
N GLY C 181 9.62 -38.20 -6.65
CA GLY C 181 10.77 -37.40 -7.09
C GLY C 181 10.43 -35.94 -7.24
N ASP C 182 11.48 -35.12 -7.37
CA ASP C 182 11.46 -33.64 -7.33
C ASP C 182 11.16 -33.11 -8.74
N ASN C 183 11.21 -31.78 -8.90
CA ASN C 183 10.95 -31.07 -10.18
C ASN C 183 12.09 -31.37 -11.14
N MET C 184 11.98 -30.94 -12.39
CA MET C 184 13.00 -31.15 -13.45
C MET C 184 14.19 -30.22 -13.18
N ARG C 185 14.93 -30.46 -12.10
CA ARG C 185 16.14 -29.70 -11.72
C ARG C 185 15.98 -28.19 -11.99
N GLU C 186 16.26 -27.73 -13.21
CA GLU C 186 16.49 -26.28 -13.47
C GLU C 186 15.19 -25.60 -13.95
N VAL C 187 14.03 -26.27 -13.83
CA VAL C 187 12.70 -25.75 -14.32
C VAL C 187 12.15 -24.81 -13.26
N ALA C 188 11.49 -23.73 -13.68
CA ALA C 188 11.03 -22.62 -12.81
C ALA C 188 9.53 -22.78 -12.48
N VAL C 189 8.69 -22.89 -13.51
CA VAL C 189 7.20 -22.79 -13.35
C VAL C 189 6.65 -24.01 -12.58
N THR C 190 7.46 -25.05 -12.39
CA THR C 190 7.06 -26.28 -11.66
C THR C 190 7.22 -26.07 -10.15
N GLU C 191 8.24 -25.31 -9.74
CA GLU C 191 8.51 -24.98 -8.31
C GLU C 191 7.46 -24.00 -7.83
N GLY C 192 7.11 -24.09 -6.55
CA GLY C 192 6.13 -23.21 -5.88
C GLY C 192 6.13 -23.41 -4.39
N ASP C 193 5.31 -22.64 -3.69
CA ASP C 193 5.24 -22.65 -2.20
C ASP C 193 4.22 -23.72 -1.80
N LYS C 194 4.69 -24.87 -1.31
CA LYS C 194 3.75 -25.97 -0.98
C LYS C 194 2.89 -25.55 0.20
N VAL C 195 3.47 -24.85 1.17
CA VAL C 195 2.74 -24.34 2.36
C VAL C 195 1.74 -23.26 1.92
N GLY C 196 2.17 -22.35 1.03
CA GLY C 196 1.32 -21.32 0.39
C GLY C 196 0.14 -21.95 -0.34
N ALA C 197 0.38 -23.07 -1.04
CA ALA C 197 -0.67 -23.85 -1.74
C ALA C 197 -1.66 -24.42 -0.72
N GLN C 198 -1.14 -25.11 0.30
CA GLN C 198 -1.97 -25.71 1.38
C GLN C 198 -2.81 -24.59 2.05
N ILE C 199 -2.23 -23.39 2.22
CA ILE C 199 -2.93 -22.25 2.88
C ILE C 199 -4.04 -21.71 1.95
N GLN C 200 -3.80 -21.67 0.64
CA GLN C 200 -4.75 -21.11 -0.37
C GLN C 200 -5.81 -22.15 -0.74
N PHE C 201 -5.39 -23.37 -1.05
CA PHE C 201 -6.27 -24.42 -1.63
C PHE C 201 -6.53 -25.54 -0.64
N GLY C 202 -5.54 -25.90 0.19
CA GLY C 202 -5.63 -26.97 1.20
C GLY C 202 -4.81 -28.20 0.83
N TRP C 203 -4.13 -28.17 -0.32
CA TRP C 203 -3.38 -29.30 -0.92
C TRP C 203 -2.22 -29.76 -0.03
N SER C 204 -2.35 -30.95 0.55
CA SER C 204 -1.25 -31.65 1.29
C SER C 204 -0.39 -32.35 0.26
N VAL C 205 0.55 -31.59 -0.32
CA VAL C 205 1.51 -32.06 -1.37
C VAL C 205 2.79 -32.53 -0.70
N ASN C 206 3.07 -33.83 -0.76
CA ASN C 206 4.13 -34.50 0.05
C ASN C 206 5.03 -35.27 -0.90
N GLY C 207 6.34 -35.08 -0.77
CA GLY C 207 7.37 -35.77 -1.56
C GLY C 207 7.63 -37.18 -1.06
N TYR C 208 7.62 -38.16 -1.96
CA TYR C 208 8.03 -39.56 -1.70
C TYR C 208 9.24 -39.84 -2.60
N GLY C 209 10.12 -40.74 -2.15
CA GLY C 209 11.20 -41.30 -2.97
C GLY C 209 10.63 -42.23 -4.03
N ILE C 210 11.37 -42.43 -5.11
CA ILE C 210 11.05 -43.46 -6.15
C ILE C 210 11.25 -44.85 -5.54
N GLY C 211 12.18 -44.99 -4.58
CA GLY C 211 12.42 -46.22 -3.83
C GLY C 211 11.17 -46.71 -3.10
N ASP C 212 10.29 -45.80 -2.70
CA ASP C 212 9.02 -46.12 -1.98
C ASP C 212 8.06 -46.79 -2.96
N LEU C 213 7.97 -46.25 -4.18
CA LEU C 213 7.12 -46.79 -5.27
C LEU C 213 7.75 -48.06 -5.85
N VAL C 214 9.09 -48.15 -5.90
CA VAL C 214 9.77 -49.37 -6.43
C VAL C 214 9.47 -50.53 -5.47
N GLN C 215 9.41 -50.27 -4.15
CA GLN C 215 9.04 -51.30 -3.12
C GLN C 215 7.59 -51.73 -3.37
N TYR C 216 6.69 -50.78 -3.70
CA TYR C 216 5.24 -51.02 -3.87
C TYR C 216 4.94 -51.75 -5.19
N ILE C 217 5.74 -51.49 -6.23
CA ILE C 217 5.53 -52.03 -7.61
C ILE C 217 5.80 -53.54 -7.62
N ARG C 218 6.88 -53.97 -6.93
CA ARG C 218 7.38 -55.37 -6.96
C ARG C 218 6.46 -56.28 -6.14
N ASP C 219 5.63 -55.71 -5.25
CA ASP C 219 4.74 -56.44 -4.33
C ASP C 219 3.32 -56.47 -4.90
N VAL C 220 3.16 -56.43 -6.22
CA VAL C 220 1.84 -56.55 -6.90
C VAL C 220 1.64 -58.02 -7.26
N SER C 221 0.41 -58.53 -7.19
CA SER C 221 0.06 -59.92 -7.57
C SER C 221 0.15 -60.06 -9.10
N GLU C 222 0.94 -61.02 -9.58
CA GLU C 222 1.10 -61.35 -11.03
C GLU C 222 -0.24 -61.84 -11.61
N GLN C 223 -1.15 -62.32 -10.75
CA GLN C 223 -2.54 -62.74 -11.07
C GLN C 223 -3.37 -61.53 -11.55
N LYS C 224 -3.27 -60.41 -10.82
CA LYS C 224 -3.97 -59.12 -11.13
C LYS C 224 -3.36 -58.52 -12.40
N VAL C 225 -2.04 -58.62 -12.56
CA VAL C 225 -1.31 -58.15 -13.77
C VAL C 225 -1.90 -58.85 -15.00
N ASN C 226 -1.98 -60.19 -14.97
CA ASN C 226 -2.55 -61.01 -16.07
C ASN C 226 -3.98 -60.54 -16.36
N GLU C 227 -4.79 -60.37 -15.31
CA GLU C 227 -6.21 -59.92 -15.41
C GLU C 227 -6.26 -58.52 -16.04
N LEU C 228 -5.29 -57.65 -15.72
CA LEU C 228 -5.20 -56.27 -16.26
C LEU C 228 -4.78 -56.30 -17.73
N LEU C 229 -3.86 -57.22 -18.10
CA LEU C 229 -3.47 -57.45 -19.52
C LEU C 229 -4.72 -57.90 -20.30
N ASP C 230 -5.52 -58.79 -19.71
CA ASP C 230 -6.77 -59.35 -20.31
C ASP C 230 -7.73 -58.19 -20.62
N GLU C 231 -7.86 -57.22 -19.70
CA GLU C 231 -8.76 -56.05 -19.86
C GLU C 231 -8.23 -55.12 -20.96
N TYR C 232 -6.91 -54.93 -21.06
CA TYR C 232 -6.27 -54.08 -22.10
C TYR C 232 -6.78 -54.48 -23.48
N GLU C 233 -6.55 -55.73 -23.93
CA GLU C 233 -6.82 -56.19 -25.33
C GLU C 233 -8.34 -56.32 -25.57
N GLU C 234 -9.16 -56.00 -24.58
CA GLU C 234 -10.62 -55.87 -24.75
C GLU C 234 -10.99 -54.39 -24.90
N LEU C 235 -10.20 -53.48 -24.31
CA LEU C 235 -10.46 -52.00 -24.23
C LEU C 235 -9.68 -51.24 -25.30
N TYR C 236 -8.52 -51.75 -25.70
CA TYR C 236 -7.63 -51.11 -26.70
C TYR C 236 -7.34 -52.10 -27.84
N ASP C 237 -7.12 -51.58 -29.04
CA ASP C 237 -6.70 -52.39 -30.22
C ASP C 237 -5.16 -52.41 -30.19
N ILE C 238 -4.59 -53.17 -29.25
CA ILE C 238 -3.14 -53.19 -28.95
C ILE C 238 -2.42 -53.81 -30.16
N VAL C 239 -1.18 -53.38 -30.43
CA VAL C 239 -0.27 -53.92 -31.48
C VAL C 239 0.19 -55.32 -31.06
N PRO C 240 0.45 -56.24 -32.01
CA PRO C 240 0.71 -57.65 -31.72
C PRO C 240 1.00 -58.13 -30.28
N ALA C 241 2.06 -57.61 -29.64
CA ALA C 241 2.56 -58.09 -28.31
C ALA C 241 1.50 -57.83 -27.23
N SER C 251 7.03 -57.35 -21.10
CA SER C 251 6.55 -56.67 -22.33
C SER C 251 5.85 -55.35 -21.95
N ILE C 252 4.54 -55.28 -22.24
CA ILE C 252 3.55 -54.26 -21.77
C ILE C 252 3.28 -54.47 -20.28
N ARG C 253 3.48 -55.69 -19.77
CA ARG C 253 3.21 -56.06 -18.35
C ARG C 253 3.89 -55.08 -17.40
N GLU C 254 4.99 -54.42 -17.82
CA GLU C 254 5.69 -53.42 -16.97
C GLU C 254 4.73 -52.28 -16.64
N GLN C 255 4.03 -51.74 -17.64
CA GLN C 255 3.04 -50.63 -17.44
C GLN C 255 1.89 -51.15 -16.56
N ALA C 256 1.29 -52.30 -16.89
CA ALA C 256 0.18 -52.89 -16.11
C ALA C 256 0.63 -53.12 -14.67
N ARG C 257 1.89 -53.51 -14.48
CA ARG C 257 2.50 -53.72 -13.14
C ARG C 257 2.54 -52.36 -12.42
N ILE C 258 3.10 -51.35 -13.10
CA ILE C 258 3.27 -49.96 -12.58
C ILE C 258 1.90 -49.35 -12.27
N GLU C 259 0.90 -49.57 -13.13
CA GLU C 259 -0.49 -49.11 -12.89
C GLU C 259 -1.01 -49.62 -11.54
N LEU C 260 -0.90 -50.93 -11.28
CA LEU C 260 -1.44 -51.57 -10.05
C LEU C 260 -0.58 -51.21 -8.82
N GLY C 261 0.73 -51.01 -9.00
CA GLY C 261 1.67 -50.62 -7.92
C GLY C 261 1.45 -49.19 -7.47
N LEU C 262 1.23 -48.28 -8.44
CA LEU C 262 0.82 -46.88 -8.20
C LEU C 262 -0.55 -46.89 -7.50
N LYS C 263 -1.53 -47.52 -8.16
CA LYS C 263 -2.94 -47.63 -7.69
C LYS C 263 -2.96 -48.03 -6.22
N ALA C 264 -2.16 -49.04 -5.86
CA ALA C 264 -2.00 -49.54 -4.48
C ALA C 264 -1.49 -48.41 -3.59
N PHE C 265 -0.43 -47.71 -4.03
CA PHE C 265 0.23 -46.62 -3.27
C PHE C 265 -0.76 -45.49 -3.02
N LEU C 266 -1.44 -45.05 -4.08
CA LEU C 266 -2.36 -43.89 -4.05
C LEU C 266 -3.52 -44.19 -3.09
N GLN C 267 -4.15 -45.37 -3.24
CA GLN C 267 -5.31 -45.75 -2.39
C GLN C 267 -4.87 -45.81 -0.93
N ASP C 268 -3.67 -46.34 -0.66
CA ASP C 268 -3.17 -46.65 0.71
C ASP C 268 -2.87 -45.33 1.45
N GLY C 269 -2.50 -44.28 0.71
CA GLY C 269 -2.22 -42.94 1.27
C GLY C 269 -3.37 -41.96 1.09
N ASN C 270 -4.51 -42.44 0.56
CA ASN C 270 -5.73 -41.63 0.25
C ASN C 270 -5.35 -40.55 -0.77
N PHE C 271 -4.39 -40.80 -1.65
CA PHE C 271 -3.92 -39.83 -2.68
C PHE C 271 -4.93 -39.81 -3.83
N THR C 272 -5.30 -38.61 -4.29
CA THR C 272 -6.18 -38.38 -5.47
C THR C 272 -5.39 -37.71 -6.59
N ALA C 273 -4.16 -37.26 -6.32
CA ALA C 273 -3.27 -36.68 -7.35
C ALA C 273 -1.82 -37.05 -7.05
N PHE C 274 -1.01 -37.11 -8.10
CA PHE C 274 0.43 -37.47 -7.99
C PHE C 274 1.20 -36.96 -9.21
N THR C 275 2.53 -36.82 -9.04
CA THR C 275 3.49 -36.40 -10.08
C THR C 275 4.65 -37.40 -10.14
N THR C 276 5.06 -37.77 -11.35
CA THR C 276 6.33 -38.49 -11.61
C THR C 276 7.29 -37.49 -12.24
N THR C 277 8.58 -37.76 -12.13
CA THR C 277 9.63 -37.07 -12.90
C THR C 277 10.36 -38.18 -13.66
N PHE C 278 10.86 -37.89 -14.86
CA PHE C 278 11.67 -38.82 -15.69
C PHE C 278 13.16 -38.71 -15.32
N GLU C 279 13.55 -37.69 -14.54
CA GLU C 279 14.96 -37.39 -14.16
C GLU C 279 15.35 -38.16 -12.89
N ASP C 280 14.36 -38.79 -12.23
CA ASP C 280 14.53 -39.72 -11.08
C ASP C 280 13.63 -40.95 -11.33
N LEU C 281 14.21 -42.00 -11.92
CA LEU C 281 13.52 -43.28 -12.21
C LEU C 281 14.37 -44.49 -11.74
N HIS C 282 15.31 -44.28 -10.81
CA HIS C 282 16.18 -45.36 -10.27
C HIS C 282 15.32 -46.41 -9.57
N GLY C 283 15.06 -47.53 -10.26
CA GLY C 283 14.19 -48.63 -9.80
C GLY C 283 13.11 -48.98 -10.82
N LEU C 284 12.48 -47.96 -11.43
CA LEU C 284 11.45 -48.15 -12.49
C LEU C 284 12.12 -48.69 -13.75
N LYS C 285 11.48 -49.67 -14.40
CA LYS C 285 12.00 -50.26 -15.66
C LYS C 285 11.81 -49.27 -16.81
N GLN C 286 10.70 -48.53 -16.80
CA GLN C 286 10.36 -47.53 -17.85
C GLN C 286 9.52 -46.41 -17.22
N LEU C 287 9.57 -45.21 -17.81
CA LEU C 287 8.73 -44.06 -17.41
C LEU C 287 7.24 -44.46 -17.50
N PRO C 288 6.48 -44.42 -16.39
CA PRO C 288 5.05 -44.75 -16.41
C PRO C 288 4.33 -43.95 -17.51
N GLY C 289 3.60 -44.63 -18.40
CA GLY C 289 2.91 -44.01 -19.56
C GLY C 289 1.47 -44.44 -19.66
N LEU C 290 1.22 -45.64 -20.20
CA LEU C 290 -0.10 -46.31 -20.22
C LEU C 290 -0.67 -46.39 -18.79
N ALA C 291 0.17 -46.68 -17.80
CA ALA C 291 -0.22 -46.82 -16.37
C ALA C 291 -0.89 -45.52 -15.93
N VAL C 292 -0.19 -44.40 -16.09
CA VAL C 292 -0.61 -43.03 -15.67
C VAL C 292 -1.87 -42.64 -16.46
N GLN C 293 -1.88 -42.92 -17.77
CA GLN C 293 -3.04 -42.64 -18.67
C GLN C 293 -4.29 -43.38 -18.18
N ARG C 294 -4.12 -44.63 -17.75
CA ARG C 294 -5.21 -45.44 -17.15
C ARG C 294 -5.65 -44.80 -15.81
N LEU C 295 -4.69 -44.48 -14.93
CA LEU C 295 -4.94 -43.88 -13.58
C LEU C 295 -5.65 -42.52 -13.71
N MET C 296 -5.20 -41.67 -14.64
CA MET C 296 -5.87 -40.38 -14.97
C MET C 296 -7.32 -40.67 -15.40
N GLN C 297 -7.53 -41.57 -16.37
CA GLN C 297 -8.88 -42.00 -16.80
C GLN C 297 -9.70 -42.39 -15.56
N GLN C 298 -9.09 -43.06 -14.58
CA GLN C 298 -9.75 -43.51 -13.33
C GLN C 298 -10.00 -42.33 -12.40
N GLY C 299 -9.73 -41.09 -12.84
CA GLY C 299 -10.09 -39.85 -12.11
C GLY C 299 -8.95 -39.30 -11.28
N TYR C 300 -7.76 -39.88 -11.35
CA TYR C 300 -6.56 -39.38 -10.61
C TYR C 300 -6.03 -38.13 -11.33
N GLY C 301 -5.67 -37.13 -10.53
CA GLY C 301 -4.86 -35.99 -10.99
C GLY C 301 -3.41 -36.41 -11.17
N PHE C 302 -2.81 -36.02 -12.29
CA PHE C 302 -1.39 -36.28 -12.61
C PHE C 302 -0.81 -35.12 -13.41
N ALA C 303 0.51 -34.93 -13.28
CA ALA C 303 1.36 -34.11 -14.17
C ALA C 303 2.79 -34.63 -14.10
N GLY C 304 3.54 -34.56 -15.19
CA GLY C 304 4.92 -35.05 -15.25
C GLY C 304 5.90 -34.04 -14.68
N GLU C 305 7.18 -34.37 -14.69
CA GLU C 305 8.31 -33.47 -14.34
C GLU C 305 8.07 -32.88 -12.94
N GLY C 306 7.37 -33.63 -12.08
CA GLY C 306 7.14 -33.28 -10.66
C GLY C 306 6.28 -32.04 -10.48
N ASP C 307 5.32 -31.79 -11.40
CA ASP C 307 4.49 -30.55 -11.46
C ASP C 307 3.21 -30.77 -10.64
N TRP C 308 3.30 -30.60 -9.33
CA TRP C 308 2.18 -30.83 -8.38
C TRP C 308 1.04 -29.86 -8.68
N LYS C 309 1.35 -28.62 -9.04
CA LYS C 309 0.33 -27.57 -9.35
C LYS C 309 -0.62 -28.10 -10.43
N THR C 310 -0.09 -28.64 -11.53
CA THR C 310 -0.93 -29.08 -12.67
C THR C 310 -1.65 -30.36 -12.27
N ALA C 311 -0.99 -31.21 -11.50
CA ALA C 311 -1.55 -32.49 -11.02
C ALA C 311 -2.78 -32.18 -10.16
N ALA C 312 -2.65 -31.25 -9.23
CA ALA C 312 -3.76 -30.76 -8.39
C ALA C 312 -4.85 -30.21 -9.32
N LEU C 313 -4.47 -29.36 -10.27
CA LEU C 313 -5.43 -28.68 -11.17
C LEU C 313 -6.15 -29.75 -12.00
N LEU C 314 -5.47 -30.84 -12.37
CA LEU C 314 -6.10 -31.91 -13.18
C LEU C 314 -7.17 -32.64 -12.34
N ARG C 315 -6.81 -33.05 -11.11
CA ARG C 315 -7.74 -33.73 -10.18
C ARG C 315 -8.95 -32.83 -9.95
N ILE C 316 -8.72 -31.54 -9.66
CA ILE C 316 -9.77 -30.49 -9.40
C ILE C 316 -10.71 -30.37 -10.62
N MET C 317 -10.18 -30.42 -11.84
CA MET C 317 -10.96 -30.22 -13.10
C MET C 317 -11.66 -31.53 -13.47
N LYS C 318 -11.08 -32.68 -13.14
CA LYS C 318 -11.79 -33.97 -13.27
C LYS C 318 -13.03 -33.94 -12.37
N VAL C 319 -12.87 -33.54 -11.11
CA VAL C 319 -13.94 -33.50 -10.08
C VAL C 319 -14.98 -32.44 -10.49
N MET C 320 -14.52 -31.39 -11.16
CA MET C 320 -15.37 -30.28 -11.66
C MET C 320 -16.25 -30.77 -12.82
N SER C 321 -15.79 -31.78 -13.57
CA SER C 321 -16.44 -32.27 -14.81
C SER C 321 -17.38 -33.46 -14.51
N THR C 322 -17.07 -34.26 -13.48
CA THR C 322 -17.79 -35.53 -13.13
C THR C 322 -19.31 -35.32 -13.27
N GLY C 323 -19.96 -36.19 -14.03
CA GLY C 323 -21.37 -36.04 -14.44
C GLY C 323 -21.51 -35.85 -15.94
N LEU C 324 -20.82 -34.83 -16.49
CA LEU C 324 -20.73 -34.58 -17.96
C LEU C 324 -19.71 -35.54 -18.55
N GLN C 325 -19.85 -35.88 -19.84
CA GLN C 325 -19.02 -36.87 -20.58
C GLN C 325 -18.11 -36.10 -21.55
N GLY C 326 -17.40 -35.08 -21.03
CA GLY C 326 -16.39 -34.33 -21.80
C GLY C 326 -15.04 -35.02 -21.73
N GLY C 327 -14.45 -35.11 -20.54
CA GLY C 327 -13.12 -35.69 -20.34
C GLY C 327 -12.06 -34.61 -20.23
N THR C 328 -11.22 -34.74 -19.20
CA THR C 328 -10.19 -33.75 -18.82
C THR C 328 -8.84 -34.44 -18.88
N SER C 329 -7.81 -33.76 -19.40
CA SER C 329 -6.48 -34.36 -19.62
C SER C 329 -5.38 -33.40 -19.21
N PHE C 330 -4.23 -33.96 -18.85
CA PHE C 330 -2.92 -33.29 -18.73
C PHE C 330 -2.45 -32.94 -20.15
N MET C 331 -1.78 -31.81 -20.34
CA MET C 331 -1.46 -31.27 -21.69
C MET C 331 -0.16 -30.47 -21.66
N GLU C 332 0.57 -30.51 -22.76
CA GLU C 332 1.70 -29.61 -23.07
C GLU C 332 1.52 -29.13 -24.52
N ASP C 333 1.52 -27.82 -24.73
CA ASP C 333 1.38 -27.23 -26.09
C ASP C 333 2.70 -27.53 -26.83
N TYR C 334 2.73 -28.54 -27.71
CA TYR C 334 4.00 -29.07 -28.28
C TYR C 334 4.41 -28.30 -29.52
N THR C 335 3.60 -28.34 -30.58
CA THR C 335 3.94 -27.75 -31.90
C THR C 335 2.79 -26.86 -32.36
N TYR C 336 3.11 -25.87 -33.19
CA TYR C 336 2.14 -25.05 -33.96
C TYR C 336 2.11 -25.54 -35.42
N HIS C 337 0.98 -25.24 -36.05
CA HIS C 337 0.74 -25.33 -37.51
C HIS C 337 0.27 -23.95 -37.94
N PHE C 338 1.05 -23.25 -38.77
CA PHE C 338 0.70 -21.93 -39.35
C PHE C 338 0.06 -22.16 -40.71
N GLU C 339 -1.17 -21.66 -40.89
CA GLU C 339 -1.98 -21.75 -42.13
C GLU C 339 -2.96 -20.58 -42.22
N LYS C 340 -3.29 -20.16 -43.44
CA LYS C 340 -4.17 -19.00 -43.76
C LYS C 340 -5.28 -18.90 -42.70
N GLY C 341 -6.15 -19.92 -42.64
CA GLY C 341 -7.28 -20.00 -41.70
C GLY C 341 -7.05 -21.08 -40.64
N ASN C 342 -6.67 -22.28 -41.07
CA ASN C 342 -6.48 -23.50 -40.24
C ASN C 342 -5.19 -23.35 -39.42
N ASP C 343 -5.07 -22.27 -38.64
CA ASP C 343 -3.91 -22.00 -37.75
C ASP C 343 -4.19 -22.70 -36.41
N LEU C 344 -3.57 -23.86 -36.17
CA LEU C 344 -3.93 -24.74 -35.03
C LEU C 344 -2.68 -25.06 -34.21
N VAL C 345 -2.89 -25.66 -33.03
CA VAL C 345 -1.86 -26.09 -32.05
C VAL C 345 -2.01 -27.61 -31.86
N LEU C 346 -0.90 -28.30 -31.64
CA LEU C 346 -0.84 -29.76 -31.36
C LEU C 346 -0.42 -29.96 -29.90
N GLY C 347 -1.40 -30.16 -29.02
CA GLY C 347 -1.13 -30.58 -27.64
C GLY C 347 -0.70 -32.03 -27.58
N SER C 348 0.12 -32.37 -26.58
CA SER C 348 0.52 -33.75 -26.24
C SER C 348 1.35 -33.75 -24.96
N HIS C 349 1.88 -34.91 -24.58
CA HIS C 349 2.99 -35.04 -23.60
C HIS C 349 3.86 -36.25 -23.97
N MET C 350 5.03 -36.39 -23.34
CA MET C 350 5.97 -37.54 -23.53
C MET C 350 5.18 -38.83 -23.81
N LEU C 351 4.31 -39.20 -22.86
CA LEU C 351 3.41 -40.39 -22.93
C LEU C 351 2.02 -40.05 -22.35
N GLU C 352 1.96 -39.16 -21.37
CA GLU C 352 0.87 -39.06 -20.37
C GLU C 352 -0.22 -38.11 -20.89
N VAL C 353 -1.18 -38.66 -21.64
CA VAL C 353 -2.39 -37.95 -22.13
C VAL C 353 -3.62 -38.83 -21.81
N CYS C 354 -4.68 -38.24 -21.27
CA CYS C 354 -5.88 -38.98 -20.78
C CYS C 354 -6.73 -39.50 -21.95
N PRO C 355 -7.03 -40.83 -22.01
CA PRO C 355 -7.90 -41.36 -23.05
C PRO C 355 -9.33 -40.79 -23.06
N SER C 356 -9.69 -39.97 -22.06
CA SER C 356 -11.03 -39.32 -21.90
C SER C 356 -11.25 -38.22 -22.94
N ILE C 357 -10.19 -37.79 -23.63
CA ILE C 357 -10.26 -36.72 -24.68
C ILE C 357 -10.15 -37.37 -26.07
N ALA C 358 -10.18 -38.71 -26.15
CA ALA C 358 -10.00 -39.48 -27.42
C ALA C 358 -11.19 -39.21 -28.36
N ALA C 359 -11.06 -39.63 -29.62
CA ALA C 359 -12.02 -39.34 -30.70
C ALA C 359 -13.10 -40.42 -30.73
N GLU C 360 -13.12 -41.27 -31.78
CA GLU C 360 -14.18 -42.27 -32.03
C GLU C 360 -13.91 -43.54 -31.20
N GLU C 361 -12.97 -43.46 -30.24
CA GLU C 361 -12.38 -44.62 -29.51
C GLU C 361 -11.41 -45.34 -30.45
N LYS C 362 -11.09 -46.61 -30.15
CA LYS C 362 -10.07 -47.43 -30.85
C LYS C 362 -8.69 -46.86 -30.54
N PRO C 363 -8.29 -46.74 -29.24
CA PRO C 363 -6.97 -46.22 -28.90
C PRO C 363 -5.88 -47.27 -29.17
N ILE C 364 -4.97 -47.00 -30.09
CA ILE C 364 -3.81 -47.89 -30.38
C ILE C 364 -2.99 -47.98 -29.08
N LEU C 365 -2.38 -49.12 -28.78
CA LEU C 365 -1.47 -49.27 -27.62
C LEU C 365 -0.07 -49.65 -28.12
N ASP C 366 0.66 -48.69 -28.65
CA ASP C 366 1.97 -48.90 -29.31
C ASP C 366 3.03 -49.01 -28.21
N VAL C 367 4.27 -49.30 -28.61
CA VAL C 367 5.48 -49.21 -27.73
C VAL C 367 6.70 -48.83 -28.60
N GLN C 368 6.98 -47.53 -28.79
CA GLN C 368 8.22 -47.02 -29.43
C GLN C 368 9.24 -46.69 -28.32
N HIS C 369 10.42 -46.20 -28.69
CA HIS C 369 11.51 -45.79 -27.74
C HIS C 369 11.30 -44.36 -27.29
N LEU C 370 11.64 -44.05 -26.03
CA LEU C 370 11.57 -42.68 -25.44
C LEU C 370 12.93 -42.30 -24.87
N GLY C 371 13.72 -41.56 -25.66
CA GLY C 371 15.06 -41.07 -25.29
C GLY C 371 15.06 -40.33 -23.97
N ILE C 372 13.98 -39.58 -23.69
CA ILE C 372 13.90 -38.57 -22.59
C ILE C 372 14.20 -39.21 -21.24
N GLY C 373 13.55 -40.34 -20.91
CA GLY C 373 13.68 -41.02 -19.61
C GLY C 373 15.04 -41.68 -19.42
N GLY C 374 15.68 -42.14 -20.52
CA GLY C 374 16.90 -42.96 -20.50
C GLY C 374 16.61 -44.36 -19.97
N LYS C 375 15.37 -44.82 -20.16
CA LYS C 375 14.83 -46.10 -19.63
C LYS C 375 14.23 -46.92 -20.78
N ASP C 376 13.73 -48.12 -20.47
CA ASP C 376 13.15 -49.08 -21.46
C ASP C 376 12.08 -48.38 -22.29
N ASP C 377 12.05 -48.63 -23.60
CA ASP C 377 10.97 -48.16 -24.51
C ASP C 377 9.63 -48.42 -23.81
N PRO C 378 8.93 -47.37 -23.33
CA PRO C 378 7.72 -47.54 -22.52
C PRO C 378 6.44 -47.72 -23.35
N ALA C 379 5.54 -48.60 -22.91
CA ALA C 379 4.24 -48.87 -23.55
C ALA C 379 3.26 -47.74 -23.20
N ARG C 380 2.49 -47.27 -24.18
CA ARG C 380 1.62 -46.07 -24.04
C ARG C 380 0.35 -46.29 -24.86
N LEU C 381 -0.71 -45.54 -24.55
CA LEU C 381 -1.88 -45.35 -25.44
C LEU C 381 -1.61 -44.16 -26.36
N VAL C 382 -1.76 -44.37 -27.67
CA VAL C 382 -1.79 -43.29 -28.70
C VAL C 382 -3.20 -43.25 -29.31
N PHE C 383 -3.72 -42.05 -29.51
CA PHE C 383 -5.08 -41.78 -30.05
C PHE C 383 -5.15 -40.31 -30.46
N ASP C 384 -5.96 -40.02 -31.47
CA ASP C 384 -6.20 -38.63 -31.92
C ASP C 384 -7.14 -38.00 -30.89
N GLY C 385 -6.96 -36.71 -30.63
CA GLY C 385 -7.81 -35.93 -29.71
C GLY C 385 -9.17 -35.68 -30.34
N GLY C 386 -10.23 -35.72 -29.53
CA GLY C 386 -11.60 -35.39 -29.95
C GLY C 386 -11.70 -33.97 -30.47
N GLU C 387 -12.92 -33.49 -30.73
CA GLU C 387 -13.21 -32.11 -31.21
C GLU C 387 -14.25 -31.47 -30.30
N GLY C 388 -14.46 -30.15 -30.47
CA GLY C 388 -15.46 -29.36 -29.75
C GLY C 388 -14.81 -28.26 -28.94
N ALA C 389 -15.64 -27.32 -28.45
CA ALA C 389 -15.27 -26.23 -27.52
C ALA C 389 -14.62 -26.85 -26.29
N ALA C 390 -13.48 -26.30 -25.89
CA ALA C 390 -12.69 -26.81 -24.74
C ALA C 390 -12.04 -25.64 -24.01
N VAL C 391 -11.31 -25.99 -22.94
CA VAL C 391 -10.67 -25.05 -21.98
C VAL C 391 -9.27 -25.58 -21.67
N ASN C 392 -8.29 -24.68 -21.66
CA ASN C 392 -6.86 -24.99 -21.35
C ASN C 392 -6.44 -24.12 -20.16
N ALA C 393 -6.22 -24.75 -19.00
CA ALA C 393 -6.01 -24.06 -17.71
C ALA C 393 -4.64 -24.45 -17.14
N SER C 394 -3.84 -23.47 -16.80
CA SER C 394 -2.60 -23.65 -16.01
C SER C 394 -2.74 -22.81 -14.75
N LEU C 395 -2.26 -23.34 -13.63
CA LEU C 395 -2.08 -22.59 -12.37
C LEU C 395 -0.58 -22.34 -12.18
N ILE C 396 -0.20 -21.08 -11.99
CA ILE C 396 1.22 -20.69 -11.77
C ILE C 396 1.32 -20.02 -10.41
N ASP C 397 2.50 -20.09 -9.81
CA ASP C 397 2.87 -19.36 -8.57
C ASP C 397 3.67 -18.14 -9.01
N LEU C 398 3.27 -16.96 -8.57
CA LEU C 398 4.00 -15.68 -8.76
C LEU C 398 4.85 -15.36 -7.52
N GLY C 399 5.01 -16.33 -6.60
CA GLY C 399 5.82 -16.20 -5.37
C GLY C 399 4.97 -15.81 -4.18
N HIS C 400 4.24 -14.69 -4.31
CA HIS C 400 3.39 -14.07 -3.25
C HIS C 400 1.94 -14.49 -3.44
N ARG C 401 1.61 -15.15 -4.55
CA ARG C 401 0.23 -15.59 -4.83
C ARG C 401 0.20 -16.49 -6.06
N PHE C 402 -0.95 -17.09 -6.31
CA PHE C 402 -1.21 -17.99 -7.45
C PHE C 402 -2.15 -17.28 -8.44
N ARG C 403 -2.02 -17.66 -9.69
CA ARG C 403 -2.85 -17.13 -10.80
C ARG C 403 -3.29 -18.32 -11.64
N LEU C 404 -4.60 -18.45 -11.82
CA LEU C 404 -5.24 -19.45 -12.69
C LEU C 404 -5.44 -18.78 -14.05
N ILE C 405 -4.69 -19.21 -15.06
CA ILE C 405 -4.85 -18.74 -16.45
C ILE C 405 -5.71 -19.77 -17.17
N VAL C 406 -6.77 -19.32 -17.82
CA VAL C 406 -7.72 -20.20 -18.56
C VAL C 406 -7.77 -19.68 -19.99
N ASN C 407 -7.41 -20.50 -20.97
CA ASN C 407 -7.51 -20.16 -22.41
C ASN C 407 -8.62 -21.02 -23.04
N GLU C 408 -9.73 -20.41 -23.45
CA GLU C 408 -10.76 -21.14 -24.20
C GLU C 408 -10.17 -21.47 -25.57
N VAL C 409 -10.30 -22.72 -25.99
CA VAL C 409 -9.87 -23.24 -27.33
C VAL C 409 -11.01 -24.02 -27.96
N ASP C 410 -10.96 -24.16 -29.29
CA ASP C 410 -11.85 -25.05 -30.07
C ASP C 410 -10.99 -26.19 -30.63
N ALA C 411 -11.08 -27.37 -30.03
CA ALA C 411 -10.45 -28.59 -30.55
C ALA C 411 -11.06 -28.85 -31.93
N VAL C 412 -10.24 -29.29 -32.87
CA VAL C 412 -10.64 -29.60 -34.27
C VAL C 412 -10.03 -30.96 -34.63
N LYS C 413 -10.78 -31.82 -35.34
CA LYS C 413 -10.37 -33.22 -35.66
C LYS C 413 -9.31 -33.15 -36.75
N PRO C 414 -8.24 -33.97 -36.65
CA PRO C 414 -7.08 -33.87 -37.54
C PRO C 414 -7.44 -34.04 -39.02
N GLU C 415 -6.82 -33.25 -39.89
CA GLU C 415 -7.01 -33.29 -41.36
C GLU C 415 -6.25 -34.52 -41.91
N HIS C 416 -4.94 -34.53 -41.73
CA HIS C 416 -4.01 -35.61 -42.15
C HIS C 416 -3.91 -36.66 -41.03
N ASP C 417 -3.24 -37.79 -41.30
CA ASP C 417 -2.85 -38.81 -40.29
C ASP C 417 -1.46 -38.48 -39.76
N MET C 418 -1.07 -39.05 -38.64
CA MET C 418 0.29 -38.87 -38.06
C MET C 418 0.92 -40.23 -37.80
N PRO C 419 1.42 -40.92 -38.85
CA PRO C 419 1.84 -42.31 -38.71
C PRO C 419 3.08 -42.47 -37.82
N LYS C 420 4.06 -41.57 -37.96
CA LYS C 420 5.38 -41.67 -37.29
C LYS C 420 5.32 -41.10 -35.87
N LEU C 421 4.21 -40.49 -35.47
CA LEU C 421 4.03 -39.88 -34.11
C LEU C 421 3.64 -40.97 -33.11
N PRO C 422 4.53 -41.33 -32.15
CA PRO C 422 4.24 -42.41 -31.21
C PRO C 422 3.58 -41.96 -29.91
N VAL C 423 2.85 -40.84 -29.93
CA VAL C 423 2.25 -40.20 -28.71
C VAL C 423 0.81 -39.77 -29.01
N ALA C 424 -0.06 -39.90 -28.01
CA ALA C 424 -1.44 -39.36 -28.04
C ALA C 424 -1.34 -37.85 -28.20
N ARG C 425 -2.26 -37.25 -28.94
CA ARG C 425 -2.21 -35.83 -29.32
C ARG C 425 -3.64 -35.30 -29.51
N ILE C 426 -3.76 -33.98 -29.53
CA ILE C 426 -5.04 -33.26 -29.80
C ILE C 426 -4.66 -31.97 -30.54
N LEU C 427 -5.57 -31.48 -31.38
CA LEU C 427 -5.36 -30.26 -32.17
C LEU C 427 -6.49 -29.28 -31.84
N TRP C 428 -6.14 -28.03 -31.56
CA TRP C 428 -7.15 -26.99 -31.21
C TRP C 428 -6.72 -25.65 -31.78
N LYS C 429 -7.71 -24.82 -32.13
CA LYS C 429 -7.53 -23.40 -32.50
C LYS C 429 -7.80 -22.58 -31.24
N PRO C 430 -6.76 -21.93 -30.66
CA PRO C 430 -6.94 -21.10 -29.47
C PRO C 430 -7.65 -19.80 -29.82
N ARG C 431 -8.61 -19.40 -28.99
CA ARG C 431 -9.26 -18.07 -29.09
C ARG C 431 -8.31 -17.02 -28.52
N PRO C 432 -8.30 -15.78 -29.03
CA PRO C 432 -9.07 -15.40 -30.22
C PRO C 432 -8.36 -15.69 -31.54
N SER C 433 -7.09 -16.07 -31.46
CA SER C 433 -6.21 -16.51 -32.57
C SER C 433 -4.94 -17.08 -31.95
N LEU C 434 -4.19 -17.90 -32.66
CA LEU C 434 -2.95 -18.51 -32.11
C LEU C 434 -2.02 -17.38 -31.63
N ARG C 435 -1.74 -16.40 -32.50
CA ARG C 435 -0.79 -15.29 -32.22
C ARG C 435 -1.17 -14.64 -30.89
N ASP C 436 -2.43 -14.17 -30.79
CA ASP C 436 -2.96 -13.38 -29.64
C ASP C 436 -3.04 -14.27 -28.38
N SER C 437 -3.62 -15.47 -28.50
CA SER C 437 -3.80 -16.40 -27.35
C SER C 437 -2.43 -16.67 -26.73
N ALA C 438 -1.44 -16.98 -27.55
CA ALA C 438 -0.05 -17.24 -27.09
C ALA C 438 0.49 -15.97 -26.42
N GLU C 439 0.45 -14.83 -27.10
CA GLU C 439 0.97 -13.55 -26.55
C GLU C 439 0.35 -13.33 -25.16
N ALA C 440 -0.96 -13.50 -25.03
CA ALA C 440 -1.68 -13.28 -23.76
C ALA C 440 -1.17 -14.30 -22.76
N TRP C 441 -0.90 -15.52 -23.22
CA TRP C 441 -0.44 -16.62 -22.35
C TRP C 441 0.95 -16.29 -21.79
N ILE C 442 1.95 -16.00 -22.63
CA ILE C 442 3.33 -15.63 -22.20
C ILE C 442 3.25 -14.41 -21.28
N LEU C 443 2.37 -13.45 -21.57
CA LEU C 443 2.25 -12.21 -20.74
C LEU C 443 1.72 -12.58 -19.34
N ALA C 444 0.78 -13.52 -19.27
CA ALA C 444 0.18 -13.99 -18.00
C ALA C 444 1.11 -14.99 -17.31
N GLY C 445 2.18 -15.42 -18.00
CA GLY C 445 3.18 -16.33 -17.46
C GLY C 445 2.63 -17.74 -17.23
N GLY C 446 1.65 -18.16 -18.02
CA GLY C 446 1.16 -19.55 -17.97
C GLY C 446 2.28 -20.56 -18.17
N ALA C 447 2.16 -21.74 -17.56
CA ALA C 447 3.15 -22.83 -17.65
C ALA C 447 3.11 -23.45 -19.06
N HIS C 448 4.11 -24.28 -19.38
CA HIS C 448 4.08 -25.22 -20.52
C HIS C 448 2.99 -26.28 -20.30
N HIS C 449 2.87 -26.77 -19.05
CA HIS C 449 1.89 -27.79 -18.60
C HIS C 449 0.53 -27.15 -18.36
N THR C 450 -0.53 -27.69 -18.99
CA THR C 450 -1.92 -27.22 -18.84
C THR C 450 -2.84 -28.39 -18.48
N CYS C 451 -4.08 -28.07 -18.13
CA CYS C 451 -5.21 -29.04 -18.05
C CYS C 451 -6.20 -28.69 -19.16
N PHE C 452 -6.29 -29.57 -20.16
CA PHE C 452 -7.28 -29.48 -21.25
C PHE C 452 -8.53 -30.27 -20.85
N SER C 453 -9.69 -29.63 -20.91
CA SER C 453 -10.99 -30.28 -20.60
C SER C 453 -12.03 -29.84 -21.64
N PHE C 454 -12.88 -30.77 -22.06
CA PHE C 454 -14.04 -30.50 -22.92
C PHE C 454 -15.23 -30.08 -22.06
N ALA C 455 -15.32 -30.64 -20.84
CA ALA C 455 -16.49 -30.56 -19.93
C ALA C 455 -16.46 -29.32 -19.02
N VAL C 456 -15.29 -28.85 -18.62
CA VAL C 456 -15.12 -27.70 -17.68
C VAL C 456 -15.37 -26.39 -18.42
N THR C 457 -16.21 -25.51 -17.86
CA THR C 457 -16.49 -24.15 -18.38
C THR C 457 -15.48 -23.19 -17.78
N THR C 458 -15.20 -22.07 -18.44
CA THR C 458 -14.47 -20.92 -17.82
C THR C 458 -15.21 -20.49 -16.56
N GLU C 459 -16.54 -20.29 -16.63
CA GLU C 459 -17.38 -19.92 -15.45
C GLU C 459 -16.96 -20.78 -14.25
N GLN C 460 -16.86 -22.09 -14.45
CA GLN C 460 -16.46 -23.05 -13.39
C GLN C 460 -15.13 -22.60 -12.79
N LEU C 461 -14.13 -22.35 -13.64
CA LEU C 461 -12.76 -22.02 -13.18
C LEU C 461 -12.72 -20.65 -12.49
N GLN C 462 -13.49 -19.68 -13.00
CA GLN C 462 -13.60 -18.33 -12.41
C GLN C 462 -14.21 -18.45 -11.01
N ASP C 463 -15.31 -19.22 -10.87
CA ASP C 463 -16.05 -19.51 -9.61
C ASP C 463 -15.11 -20.23 -8.64
N PHE C 464 -14.33 -21.19 -9.12
CA PHE C 464 -13.34 -21.93 -8.29
C PHE C 464 -12.29 -20.96 -7.76
N ALA C 465 -11.75 -20.10 -8.62
CA ALA C 465 -10.76 -19.09 -8.22
C ALA C 465 -11.38 -18.18 -7.15
N GLU C 466 -12.64 -17.77 -7.33
CA GLU C 466 -13.35 -16.87 -6.38
C GLU C 466 -13.49 -17.59 -5.03
N MET C 467 -13.78 -18.89 -5.04
CA MET C 467 -13.85 -19.70 -3.79
C MET C 467 -12.46 -19.77 -3.14
N ALA C 468 -11.41 -19.99 -3.95
CA ALA C 468 -10.02 -20.24 -3.50
C ALA C 468 -9.27 -18.93 -3.22
N GLY C 469 -9.82 -17.78 -3.63
CA GLY C 469 -9.26 -16.43 -3.37
C GLY C 469 -7.99 -16.17 -4.17
N ILE C 470 -8.00 -16.56 -5.45
CA ILE C 470 -6.87 -16.34 -6.39
C ILE C 470 -7.40 -15.64 -7.65
N GLU C 471 -6.55 -14.79 -8.23
CA GLU C 471 -6.77 -14.20 -9.57
C GLU C 471 -7.06 -15.32 -10.57
N CYS C 472 -8.14 -15.18 -11.34
CA CYS C 472 -8.40 -16.07 -12.50
C CYS C 472 -8.45 -15.21 -13.74
N VAL C 473 -7.39 -15.25 -14.52
CA VAL C 473 -7.28 -14.50 -15.80
C VAL C 473 -7.83 -15.41 -16.91
N VAL C 474 -8.66 -14.86 -17.77
CA VAL C 474 -9.34 -15.61 -18.87
C VAL C 474 -8.90 -15.07 -20.24
N ILE C 475 -8.60 -15.97 -21.16
CA ILE C 475 -8.24 -15.65 -22.58
C ILE C 475 -9.27 -16.37 -23.44
N ASN C 476 -10.15 -15.61 -24.07
CA ASN C 476 -11.28 -16.13 -24.89
C ASN C 476 -11.41 -15.26 -26.14
N GLU C 477 -12.48 -15.46 -26.91
CA GLU C 477 -12.81 -14.69 -28.14
C GLU C 477 -12.66 -13.20 -27.86
N HIS C 478 -13.16 -12.71 -26.73
CA HIS C 478 -13.30 -11.27 -26.40
C HIS C 478 -11.98 -10.67 -25.91
N THR C 479 -10.99 -11.51 -25.59
CA THR C 479 -9.70 -11.04 -25.04
C THR C 479 -9.01 -10.17 -26.08
N SER C 480 -8.54 -9.00 -25.67
CA SER C 480 -7.70 -8.06 -26.43
C SER C 480 -6.37 -7.92 -25.67
N VAL C 481 -5.22 -8.08 -26.34
CA VAL C 481 -3.89 -8.18 -25.69
C VAL C 481 -3.52 -6.87 -24.97
N SER C 482 -3.94 -5.72 -25.51
CA SER C 482 -3.82 -4.39 -24.84
C SER C 482 -4.61 -4.41 -23.52
N SER C 483 -5.93 -4.64 -23.58
CA SER C 483 -6.85 -4.74 -22.42
C SER C 483 -6.25 -5.73 -21.41
N PHE C 484 -5.88 -6.92 -21.89
CA PHE C 484 -5.35 -8.04 -21.08
C PHE C 484 -4.17 -7.52 -20.24
N LYS C 485 -3.20 -6.84 -20.86
CA LYS C 485 -1.98 -6.34 -20.16
C LYS C 485 -2.42 -5.43 -19.03
N ASN C 486 -3.40 -4.58 -19.28
CA ASN C 486 -3.92 -3.61 -18.27
C ASN C 486 -4.55 -4.44 -17.14
N GLU C 487 -5.34 -5.47 -17.49
CA GLU C 487 -6.07 -6.31 -16.52
C GLU C 487 -5.04 -7.00 -15.64
N LEU C 488 -3.96 -7.51 -16.22
CA LEU C 488 -2.87 -8.16 -15.47
C LEU C 488 -2.33 -7.17 -14.45
N LYS C 489 -2.00 -5.94 -14.86
CA LYS C 489 -1.37 -4.94 -13.95
C LYS C 489 -2.36 -4.69 -12.81
N TRP C 490 -3.62 -4.40 -13.14
CA TRP C 490 -4.62 -3.94 -12.16
C TRP C 490 -4.92 -5.06 -11.19
N ASN C 491 -5.15 -6.27 -11.70
CA ASN C 491 -5.28 -7.50 -10.88
C ASN C 491 -4.07 -7.57 -9.93
N GLU C 492 -2.85 -7.51 -10.48
CA GLU C 492 -1.59 -7.64 -9.70
C GLU C 492 -1.72 -6.80 -8.43
N VAL C 493 -2.19 -5.57 -8.57
CA VAL C 493 -2.32 -4.56 -7.48
C VAL C 493 -3.42 -5.00 -6.51
N PHE C 494 -4.52 -5.52 -7.04
CA PHE C 494 -5.68 -5.96 -6.22
C PHE C 494 -5.28 -7.17 -5.37
N TRP C 495 -4.58 -8.14 -5.97
CA TRP C 495 -4.43 -9.49 -5.39
C TRP C 495 -3.26 -9.56 -4.41
N ARG C 496 -2.42 -8.53 -4.30
CA ARG C 496 -1.20 -8.59 -3.46
C ARG C 496 -1.41 -7.76 -2.20
N MET D 3 8.53 42.01 9.32
CA MET D 3 8.03 42.84 8.17
C MET D 3 6.52 42.66 8.00
N PRO D 4 5.98 41.41 7.94
CA PRO D 4 4.54 41.20 7.81
C PRO D 4 3.75 41.44 9.10
N ALA D 5 4.23 40.87 10.22
CA ALA D 5 3.59 40.93 11.55
C ALA D 5 2.30 40.10 11.54
N TYR D 6 2.37 38.93 12.19
CA TYR D 6 1.30 37.92 12.25
C TYR D 6 0.71 37.93 13.65
N GLU D 7 -0.50 37.39 13.76
CA GLU D 7 -1.21 37.19 15.05
C GLU D 7 -1.46 35.69 15.24
N PHE D 8 -1.86 35.28 16.44
CA PHE D 8 -2.33 33.91 16.72
C PHE D 8 -3.72 33.99 17.36
N TRP D 9 -4.65 33.20 16.82
CA TRP D 9 -6.09 33.20 17.19
C TRP D 9 -6.31 32.15 18.27
N PHE D 10 -6.35 32.59 19.52
CA PHE D 10 -6.68 31.77 20.71
C PHE D 10 -8.19 31.51 20.70
N VAL D 11 -8.58 30.26 20.87
CA VAL D 11 -9.98 29.84 20.71
C VAL D 11 -10.30 28.82 21.80
N VAL D 12 -11.40 29.05 22.52
CA VAL D 12 -11.83 28.17 23.65
C VAL D 12 -13.09 27.46 23.20
N GLY D 13 -13.14 26.14 23.38
CA GLY D 13 -14.31 25.32 23.03
C GLY D 13 -15.19 25.15 24.24
N SER D 14 -16.50 25.16 24.03
CA SER D 14 -17.47 24.72 25.05
C SER D 14 -18.74 24.21 24.36
N GLN D 15 -19.88 24.30 25.03
CA GLN D 15 -21.19 23.89 24.47
C GLN D 15 -22.30 24.67 25.20
N HIS D 16 -23.52 24.60 24.69
CA HIS D 16 -24.73 25.28 25.22
C HIS D 16 -25.34 24.51 26.39
N LEU D 17 -24.74 23.38 26.81
CA LEU D 17 -25.32 22.41 27.80
C LEU D 17 -25.34 22.94 29.24
N TYR D 18 -24.37 23.78 29.63
CA TYR D 18 -24.16 24.17 31.05
C TYR D 18 -24.69 25.60 31.30
N GLY D 19 -25.63 26.06 30.47
CA GLY D 19 -26.20 27.41 30.55
C GLY D 19 -25.19 28.51 30.21
N ASP D 20 -25.69 29.74 30.04
CA ASP D 20 -24.92 30.92 29.58
C ASP D 20 -24.01 31.42 30.70
N GLU D 21 -24.40 31.25 31.96
CA GLU D 21 -23.57 31.65 33.13
C GLU D 21 -22.19 30.99 33.01
N ALA D 22 -22.13 29.68 32.75
CA ALA D 22 -20.86 28.91 32.68
C ALA D 22 -20.03 29.38 31.48
N LEU D 23 -20.67 29.74 30.37
CA LEU D 23 -19.99 30.25 29.15
C LEU D 23 -19.36 31.62 29.45
N ALA D 24 -20.06 32.47 30.21
CA ALA D 24 -19.55 33.78 30.70
C ALA D 24 -18.41 33.52 31.67
N GLN D 25 -18.57 32.53 32.56
CA GLN D 25 -17.57 32.14 33.59
C GLN D 25 -16.35 31.54 32.88
N VAL D 26 -16.56 30.91 31.72
CA VAL D 26 -15.47 30.34 30.87
C VAL D 26 -14.76 31.49 30.18
N GLU D 27 -15.51 32.41 29.57
CA GLU D 27 -14.97 33.58 28.83
C GLU D 27 -14.05 34.37 29.77
N ALA D 28 -14.50 34.65 30.99
CA ALA D 28 -13.76 35.41 32.03
C ALA D 28 -12.39 34.76 32.29
N HIS D 29 -12.34 33.42 32.32
CA HIS D 29 -11.09 32.63 32.43
C HIS D 29 -10.20 32.90 31.22
N ALA D 30 -10.77 32.77 30.01
CA ALA D 30 -10.04 32.89 28.73
C ALA D 30 -9.52 34.32 28.57
N ARG D 31 -10.37 35.33 28.73
CA ARG D 31 -9.97 36.75 28.55
C ARG D 31 -8.93 37.14 29.61
N GLU D 32 -8.87 36.41 30.73
CA GLU D 32 -7.84 36.59 31.80
C GLU D 32 -6.56 35.85 31.45
N MET D 33 -6.67 34.73 30.74
CA MET D 33 -5.50 33.90 30.36
C MET D 33 -4.73 34.60 29.23
N VAL D 34 -5.43 35.10 28.21
CA VAL D 34 -4.81 35.52 26.92
C VAL D 34 -3.81 36.65 27.15
N PRO D 35 -4.15 37.72 27.92
CA PRO D 35 -3.18 38.77 28.20
C PRO D 35 -1.92 38.28 28.93
N ALA D 36 -2.07 37.40 29.92
CA ALA D 36 -0.94 36.82 30.70
C ALA D 36 -0.12 35.90 29.78
N LEU D 37 -0.80 35.18 28.88
CA LEU D 37 -0.13 34.40 27.81
C LEU D 37 0.65 35.36 26.91
N GLN D 38 0.05 36.47 26.48
CA GLN D 38 0.69 37.46 25.59
C GLN D 38 1.94 38.07 26.27
N ALA D 39 1.82 38.52 27.52
CA ALA D 39 2.94 39.13 28.29
C ALA D 39 4.11 38.14 28.38
N ALA D 40 3.84 36.88 28.68
CA ALA D 40 4.87 35.81 28.63
C ALA D 40 5.22 35.54 27.17
N VAL D 41 6.50 35.62 26.82
CA VAL D 41 6.99 35.31 25.45
C VAL D 41 5.95 35.85 24.46
N GLY D 42 5.86 37.17 24.38
CA GLY D 42 4.93 37.89 23.48
C GLY D 42 5.45 39.27 23.13
N ASN D 43 4.62 40.05 22.43
CA ASN D 43 4.97 41.38 21.84
C ASN D 43 5.55 41.20 20.45
N ALA D 44 6.22 40.06 20.18
CA ALA D 44 6.83 39.71 18.87
C ALA D 44 5.72 39.38 17.86
N HIS D 45 4.71 38.67 18.33
CA HIS D 45 3.49 38.27 17.58
C HIS D 45 2.29 38.57 18.49
N VAL D 46 1.20 39.07 17.90
CA VAL D 46 -0.06 39.40 18.62
C VAL D 46 -0.75 38.08 18.99
N LEU D 47 -1.42 38.00 20.13
CA LEU D 47 -2.22 36.80 20.54
C LEU D 47 -3.67 37.25 20.70
N ARG D 48 -4.53 36.99 19.71
CA ARG D 48 -5.91 37.54 19.65
C ARG D 48 -6.89 36.57 20.28
N TRP D 49 -7.78 37.09 21.12
CA TRP D 49 -8.86 36.32 21.78
C TRP D 49 -10.06 36.27 20.84
N LYS D 50 -10.36 35.10 20.26
CA LYS D 50 -11.40 34.93 19.21
C LYS D 50 -12.65 34.24 19.78
N GLY D 51 -12.82 34.25 21.09
CA GLY D 51 -14.10 33.89 21.73
C GLY D 51 -14.15 32.42 22.10
N VAL D 52 -15.22 32.05 22.80
CA VAL D 52 -15.59 30.64 23.12
C VAL D 52 -16.54 30.15 22.04
N LEU D 53 -16.25 28.98 21.46
CA LEU D 53 -16.99 28.36 20.32
C LEU D 53 -17.82 27.17 20.80
N LYS D 54 -19.14 27.26 20.70
CA LYS D 54 -20.09 26.20 21.12
C LYS D 54 -20.82 25.64 19.89
N ASP D 55 -21.15 26.49 18.90
CA ASP D 55 -21.89 26.12 17.68
C ASP D 55 -20.92 25.53 16.65
N ALA D 56 -21.37 24.53 15.90
CA ALA D 56 -20.62 23.94 14.77
C ALA D 56 -20.37 25.03 13.72
N ASP D 57 -21.35 25.88 13.44
CA ASP D 57 -21.31 26.88 12.34
C ASP D 57 -20.40 28.05 12.73
N GLU D 58 -20.41 28.44 14.00
CA GLU D 58 -19.46 29.45 14.57
C GLU D 58 -18.03 28.93 14.39
N ILE D 59 -17.77 27.66 14.73
CA ILE D 59 -16.44 27.01 14.65
C ILE D 59 -15.93 27.01 13.20
N ARG D 60 -16.78 26.62 12.25
CA ARG D 60 -16.45 26.61 10.80
C ARG D 60 -16.13 28.03 10.35
N ARG D 61 -16.96 29.01 10.74
CA ARG D 61 -16.77 30.46 10.42
C ARG D 61 -15.38 30.88 10.86
N LEU D 62 -15.05 30.67 12.13
CA LEU D 62 -13.70 30.95 12.69
C LEU D 62 -12.68 30.36 11.70
N CYS D 63 -12.63 29.02 11.60
CA CYS D 63 -11.65 28.27 10.76
C CYS D 63 -11.59 28.84 9.34
N LEU D 64 -12.73 29.17 8.73
CA LEU D 64 -12.76 29.77 7.36
C LEU D 64 -11.98 31.09 7.41
N GLU D 65 -12.28 31.93 8.40
CA GLU D 65 -11.71 33.30 8.49
C GLU D 65 -10.22 33.20 8.86
N ALA D 66 -9.85 32.20 9.68
CA ALA D 66 -8.45 31.91 10.07
C ALA D 66 -7.65 31.41 8.86
N SER D 67 -8.30 30.85 7.85
CA SER D 67 -7.63 30.41 6.61
C SER D 67 -7.47 31.62 5.69
N ALA D 68 -8.53 32.42 5.53
CA ALA D 68 -8.58 33.58 4.61
C ALA D 68 -7.62 34.67 5.08
N ASP D 69 -7.60 34.96 6.38
CA ASP D 69 -6.82 36.08 6.96
C ASP D 69 -5.32 35.75 6.90
N ASP D 70 -4.56 36.50 6.11
CA ASP D 70 -3.12 36.25 5.85
C ASP D 70 -2.31 36.64 7.08
N VAL D 71 -2.96 37.13 8.14
CA VAL D 71 -2.28 37.60 9.37
C VAL D 71 -2.34 36.51 10.47
N CYS D 72 -3.23 35.51 10.35
CA CYS D 72 -3.56 34.54 11.44
C CYS D 72 -2.38 33.63 11.84
N ALA D 73 -1.58 33.12 10.90
CA ALA D 73 -0.30 32.39 11.15
C ALA D 73 -0.43 31.10 11.98
N GLY D 74 -1.38 31.06 12.91
CA GLY D 74 -1.73 29.85 13.68
C GLY D 74 -2.92 30.04 14.60
N VAL D 75 -3.55 28.94 15.00
CA VAL D 75 -4.72 28.92 15.93
C VAL D 75 -4.32 28.10 17.15
N ILE D 76 -4.52 28.69 18.33
CA ILE D 76 -4.39 28.03 19.66
C ILE D 76 -5.79 27.62 20.07
N ALA D 77 -6.08 26.33 20.05
CA ALA D 77 -7.37 25.76 20.49
C ALA D 77 -7.20 25.19 21.90
N TRP D 78 -8.19 25.40 22.76
CA TRP D 78 -8.26 24.81 24.12
C TRP D 78 -9.73 24.59 24.48
N MET D 79 -10.06 23.34 24.83
CA MET D 79 -11.40 22.95 25.30
C MET D 79 -11.41 23.16 26.81
N HIS D 80 -12.04 24.26 27.24
CA HIS D 80 -12.26 24.59 28.66
C HIS D 80 -13.18 23.51 29.25
N THR D 81 -14.39 23.38 28.68
CA THR D 81 -15.37 22.33 29.05
C THR D 81 -15.39 21.28 27.96
N PHE D 82 -16.28 20.29 28.07
CA PHE D 82 -16.54 19.32 26.99
C PHE D 82 -17.18 20.07 25.81
N SER D 83 -16.46 20.17 24.69
CA SER D 83 -16.98 20.71 23.42
C SER D 83 -17.14 19.56 22.45
N PRO D 84 -18.38 19.09 22.18
CA PRO D 84 -18.61 17.96 21.28
C PRO D 84 -17.92 18.15 19.93
N ALA D 85 -17.08 17.20 19.53
CA ALA D 85 -16.01 17.38 18.51
C ALA D 85 -16.57 17.33 17.09
N LYS D 86 -17.76 16.74 16.88
CA LYS D 86 -18.37 16.69 15.53
C LYS D 86 -18.61 18.13 15.04
N MET D 87 -18.74 19.07 15.99
CA MET D 87 -18.92 20.51 15.72
C MET D 87 -17.66 21.08 15.09
N TRP D 88 -16.50 20.51 15.42
CA TRP D 88 -15.16 20.93 14.91
C TRP D 88 -14.81 20.26 13.57
N ILE D 89 -15.48 19.18 13.18
CA ILE D 89 -15.11 18.44 11.93
C ILE D 89 -15.12 19.41 10.75
N ARG D 90 -16.30 19.94 10.40
CA ARG D 90 -16.49 20.86 9.24
C ARG D 90 -15.49 22.01 9.39
N GLY D 91 -15.25 22.48 10.61
CA GLY D 91 -14.26 23.53 10.92
C GLY D 91 -12.84 23.08 10.62
N LEU D 92 -12.38 22.03 11.28
CA LEU D 92 -10.98 21.57 11.19
C LEU D 92 -10.62 21.26 9.73
N LEU D 93 -11.55 20.72 8.95
CA LEU D 93 -11.30 20.43 7.53
C LEU D 93 -10.79 21.69 6.83
N ALA D 94 -11.36 22.85 7.13
CA ALA D 94 -11.14 24.11 6.39
C ALA D 94 -9.93 24.88 6.95
N LEU D 95 -9.52 24.60 8.18
CA LEU D 95 -8.38 25.29 8.83
C LEU D 95 -7.08 24.94 8.09
N ARG D 96 -6.48 25.91 7.41
CA ARG D 96 -5.26 25.70 6.58
C ARG D 96 -4.02 26.13 7.38
N LYS D 97 -4.19 26.73 8.56
CA LYS D 97 -3.08 27.31 9.35
C LYS D 97 -2.69 26.38 10.49
N PRO D 98 -1.40 26.36 10.91
CA PRO D 98 -0.95 25.45 11.95
C PRO D 98 -1.85 25.56 13.18
N LEU D 99 -2.23 24.42 13.74
CA LEU D 99 -3.08 24.31 14.95
C LEU D 99 -2.19 23.88 16.12
N LEU D 100 -2.36 24.54 17.26
CA LEU D 100 -1.81 24.09 18.56
C LEU D 100 -3.01 23.80 19.46
N HIS D 101 -3.15 22.54 19.87
CA HIS D 101 -4.15 22.11 20.88
C HIS D 101 -3.51 22.29 22.24
N LEU D 102 -3.86 23.34 22.99
CA LEU D 102 -3.32 23.62 24.35
C LEU D 102 -4.24 22.95 25.38
N HIS D 103 -3.83 21.78 25.88
CA HIS D 103 -4.56 20.97 26.87
C HIS D 103 -4.13 21.48 28.24
N THR D 104 -4.82 22.51 28.72
CA THR D 104 -4.51 23.16 30.00
C THR D 104 -5.76 23.19 30.88
N GLN D 105 -5.68 23.89 31.99
CA GLN D 105 -6.77 24.05 32.98
C GLN D 105 -6.55 25.38 33.67
N PHE D 106 -7.61 26.15 33.91
CA PHE D 106 -7.49 27.50 34.51
C PHE D 106 -6.83 27.36 35.88
N ASN D 107 -7.50 26.68 36.81
CA ASN D 107 -7.07 26.50 38.22
C ASN D 107 -5.88 25.54 38.25
N ARG D 108 -4.84 25.88 39.02
CA ARG D 108 -3.63 25.05 39.27
C ARG D 108 -4.05 23.79 40.04
N ASP D 109 -4.60 23.96 41.24
CA ASP D 109 -4.95 22.85 42.17
C ASP D 109 -6.46 22.86 42.42
N ILE D 110 -7.01 21.69 42.75
CA ILE D 110 -8.44 21.44 43.02
C ILE D 110 -8.82 22.05 44.37
N PRO D 111 -9.90 22.85 44.45
CA PRO D 111 -10.39 23.38 45.73
C PRO D 111 -11.26 22.34 46.47
N TRP D 112 -10.59 21.43 47.19
CA TRP D 112 -11.18 20.22 47.81
C TRP D 112 -12.45 20.55 48.60
N ASP D 113 -12.44 21.65 49.34
CA ASP D 113 -13.52 22.04 50.29
C ASP D 113 -14.83 22.38 49.55
N THR D 114 -14.77 22.94 48.34
CA THR D 114 -15.92 23.57 47.64
C THR D 114 -16.15 22.98 46.25
N ILE D 115 -15.69 21.76 45.96
CA ILE D 115 -15.87 21.17 44.60
C ILE D 115 -17.33 20.76 44.51
N ASP D 116 -18.18 21.59 43.91
CA ASP D 116 -19.59 21.22 43.61
C ASP D 116 -19.64 20.71 42.16
N MET D 117 -20.80 20.22 41.72
CA MET D 117 -21.02 19.76 40.33
C MET D 117 -20.71 20.90 39.35
N ASP D 118 -20.97 22.16 39.74
CA ASP D 118 -20.75 23.36 38.87
C ASP D 118 -19.26 23.46 38.49
N PHE D 119 -18.35 23.18 39.43
CA PHE D 119 -16.89 23.21 39.18
C PHE D 119 -16.54 22.11 38.18
N MET D 120 -17.17 20.95 38.35
CA MET D 120 -16.98 19.76 37.48
C MET D 120 -17.50 20.07 36.06
N ASN D 121 -18.52 20.91 35.94
CA ASN D 121 -19.11 21.33 34.65
C ASN D 121 -18.22 22.40 34.00
N LEU D 122 -17.58 23.24 34.82
CA LEU D 122 -16.77 24.41 34.37
C LEU D 122 -15.39 23.95 33.91
N ASN D 123 -14.68 23.14 34.71
CA ASN D 123 -13.25 22.80 34.45
C ASN D 123 -13.12 21.36 33.89
N GLN D 124 -13.92 21.05 32.86
CA GLN D 124 -13.98 19.69 32.26
C GLN D 124 -12.75 19.47 31.37
N SER D 125 -11.88 20.48 31.22
CA SER D 125 -10.75 20.50 30.26
C SER D 125 -10.11 19.11 30.16
N ALA D 126 -9.96 18.41 31.28
CA ALA D 126 -9.34 17.07 31.38
C ALA D 126 -9.90 16.13 30.31
N HIS D 127 -11.21 16.14 30.08
CA HIS D 127 -11.83 15.20 29.10
C HIS D 127 -12.39 15.96 27.89
N GLY D 128 -12.95 17.16 28.08
CA GLY D 128 -13.36 18.03 26.95
C GLY D 128 -12.28 18.14 25.89
N ASP D 129 -11.01 18.21 26.31
CA ASP D 129 -9.83 18.24 25.42
C ASP D 129 -9.59 16.85 24.84
N ARG D 130 -9.80 15.79 25.62
CA ARG D 130 -9.58 14.41 25.13
C ARG D 130 -10.52 14.12 23.96
N GLU D 131 -11.80 14.48 24.09
CA GLU D 131 -12.81 14.39 22.99
C GLU D 131 -12.29 15.14 21.76
N TYR D 132 -11.85 16.39 21.95
CA TYR D 132 -11.27 17.21 20.85
C TYR D 132 -10.03 16.49 20.32
N GLY D 133 -9.19 15.97 21.20
CA GLY D 133 -7.97 15.22 20.83
C GLY D 133 -8.28 14.06 19.89
N PHE D 134 -9.40 13.37 20.12
CA PHE D 134 -9.87 12.26 19.28
C PHE D 134 -10.10 12.77 17.86
N ILE D 135 -10.88 13.84 17.71
CA ILE D 135 -11.25 14.36 16.36
C ILE D 135 -9.99 14.82 15.63
N GLY D 136 -8.98 15.30 16.36
CA GLY D 136 -7.66 15.59 15.79
C GLY D 136 -7.01 14.34 15.25
N ALA D 137 -6.94 13.29 16.06
CA ALA D 137 -6.33 12.00 15.68
C ALA D 137 -7.13 11.40 14.53
N ARG D 138 -8.45 11.36 14.69
CA ARG D 138 -9.38 10.71 13.74
C ARG D 138 -9.16 11.28 12.33
N MET D 139 -9.06 12.60 12.22
CA MET D 139 -8.95 13.33 10.93
C MET D 139 -7.49 13.40 10.46
N GLY D 140 -6.52 13.02 11.29
CA GLY D 140 -5.09 13.08 10.95
C GLY D 140 -4.65 14.51 10.65
N VAL D 141 -5.20 15.48 11.38
CA VAL D 141 -4.80 16.91 11.23
C VAL D 141 -3.40 17.05 11.86
N ALA D 142 -2.55 17.86 11.24
CA ALA D 142 -1.20 18.22 11.74
C ALA D 142 -1.38 19.21 12.90
N ARG D 143 -1.15 18.73 14.12
CA ARG D 143 -1.37 19.54 15.33
C ARG D 143 -0.19 19.37 16.27
N LYS D 144 0.16 20.48 16.93
CA LYS D 144 1.02 20.51 18.13
C LYS D 144 0.12 20.24 19.33
N VAL D 145 0.60 19.44 20.28
CA VAL D 145 -0.10 19.21 21.58
C VAL D 145 0.80 19.77 22.68
N VAL D 146 0.29 20.71 23.46
CA VAL D 146 1.02 21.27 24.65
C VAL D 146 0.16 21.00 25.88
N VAL D 147 0.75 20.33 26.88
CA VAL D 147 0.03 19.93 28.11
C VAL D 147 0.64 20.63 29.30
N GLY D 148 -0.18 20.96 30.29
CA GLY D 148 0.25 21.60 31.55
C GLY D 148 -0.64 22.77 31.89
N HIS D 149 -0.42 23.34 33.08
CA HIS D 149 -1.09 24.58 33.54
C HIS D 149 -0.57 25.75 32.68
N TRP D 150 -1.45 26.72 32.41
CA TRP D 150 -1.17 27.84 31.47
C TRP D 150 -0.17 28.84 32.09
N GLU D 151 0.08 28.76 33.40
CA GLU D 151 1.06 29.64 34.09
C GLU D 151 2.46 29.01 34.03
N ASP D 152 2.56 27.69 33.85
CA ASP D 152 3.86 26.96 33.87
C ASP D 152 4.82 27.57 32.85
N PRO D 153 6.11 27.76 33.21
CA PRO D 153 7.09 28.31 32.26
C PRO D 153 7.42 27.34 31.12
N GLU D 154 7.23 26.03 31.35
CA GLU D 154 7.51 24.97 30.35
C GLU D 154 6.43 25.07 29.25
N VAL D 155 5.17 25.28 29.63
CA VAL D 155 4.03 25.41 28.67
C VAL D 155 4.21 26.71 27.86
N ARG D 156 4.48 27.83 28.53
CA ARG D 156 4.60 29.19 27.90
C ARG D 156 5.76 29.20 26.90
N GLU D 157 6.89 28.58 27.25
CA GLU D 157 8.05 28.46 26.34
C GLU D 157 7.65 27.54 25.16
N ARG D 158 6.95 26.44 25.41
CA ARG D 158 6.53 25.49 24.34
C ARG D 158 5.71 26.29 23.33
N LEU D 159 4.79 27.13 23.83
CA LEU D 159 3.93 28.04 23.03
C LEU D 159 4.85 28.98 22.25
N ALA D 160 5.78 29.65 22.92
CA ALA D 160 6.73 30.61 22.29
C ALA D 160 7.40 29.95 21.08
N LYS D 161 8.12 28.85 21.30
CA LYS D 161 8.86 28.10 20.25
C LYS D 161 7.89 27.84 19.08
N TRP D 162 6.73 27.26 19.39
CA TRP D 162 5.70 26.92 18.37
C TRP D 162 5.23 28.17 17.63
N MET D 163 5.06 29.29 18.34
CA MET D 163 4.56 30.56 17.73
C MET D 163 5.59 31.04 16.71
N ARG D 164 6.87 31.04 17.08
CA ARG D 164 7.99 31.46 16.18
C ARG D 164 8.10 30.50 15.02
N THR D 165 7.87 29.19 15.26
CA THR D 165 7.82 28.12 14.23
C THR D 165 6.67 28.44 13.26
N ALA D 166 5.45 28.64 13.79
CA ALA D 166 4.24 28.87 13.00
C ALA D 166 4.34 30.17 12.19
N VAL D 167 5.16 31.11 12.65
CA VAL D 167 5.47 32.40 11.94
C VAL D 167 6.44 32.07 10.81
N ALA D 168 7.42 31.21 11.07
CA ALA D 168 8.39 30.78 10.06
C ALA D 168 7.65 30.01 8.98
N PHE D 169 6.63 29.25 9.37
CA PHE D 169 5.85 28.38 8.46
C PHE D 169 5.02 29.27 7.55
N ALA D 170 4.42 30.34 8.10
CA ALA D 170 3.60 31.33 7.36
C ALA D 170 4.50 32.10 6.38
N GLU D 171 5.75 32.35 6.78
CA GLU D 171 6.77 33.01 5.91
C GLU D 171 7.20 32.01 4.83
N SER D 172 7.30 30.73 5.18
CA SER D 172 7.58 29.61 4.24
C SER D 172 6.46 29.57 3.20
N ARG D 173 5.21 29.58 3.65
CA ARG D 173 3.99 29.52 2.80
C ARG D 173 4.12 30.51 1.65
N ASN D 174 4.51 31.76 1.94
CA ASN D 174 4.61 32.83 0.90
C ASN D 174 6.06 33.04 0.45
N LEU D 175 6.96 32.13 0.79
CA LEU D 175 8.42 32.35 0.56
C LEU D 175 8.65 32.49 -0.93
N LYS D 176 9.46 33.48 -1.32
CA LYS D 176 9.83 33.71 -2.74
C LYS D 176 11.33 33.57 -2.87
N VAL D 177 11.79 32.61 -3.67
CA VAL D 177 13.22 32.28 -3.91
C VAL D 177 13.57 32.63 -5.35
N ALA D 178 14.65 33.40 -5.55
CA ALA D 178 15.19 33.76 -6.87
C ALA D 178 16.52 33.02 -7.08
N ARG D 179 16.59 32.15 -8.08
CA ARG D 179 17.84 31.43 -8.43
C ARG D 179 18.52 32.19 -9.56
N PHE D 180 19.76 32.61 -9.34
CA PHE D 180 20.66 33.21 -10.36
C PHE D 180 21.53 32.08 -10.92
N GLY D 181 21.09 31.51 -12.04
CA GLY D 181 21.69 30.33 -12.68
C GLY D 181 21.15 29.03 -12.10
N ASP D 182 21.42 27.92 -12.79
CA ASP D 182 20.81 26.58 -12.56
C ASP D 182 21.56 25.85 -11.44
N ASN D 183 21.24 24.58 -11.21
CA ASN D 183 21.93 23.74 -10.21
C ASN D 183 23.39 23.60 -10.66
N MET D 184 24.32 23.43 -9.72
CA MET D 184 25.77 23.23 -10.00
C MET D 184 25.96 22.00 -10.91
N ARG D 185 25.58 22.12 -12.19
CA ARG D 185 25.51 21.04 -13.20
C ARG D 185 25.31 19.69 -12.50
N GLU D 186 26.33 18.82 -12.50
CA GLU D 186 26.14 17.36 -12.35
C GLU D 186 25.73 17.01 -10.90
N VAL D 187 25.50 18.03 -10.06
CA VAL D 187 25.15 17.86 -8.61
C VAL D 187 23.69 17.37 -8.51
N ALA D 188 23.45 16.42 -7.60
CA ALA D 188 22.19 15.66 -7.46
C ALA D 188 21.38 16.18 -6.29
N VAL D 189 22.00 16.32 -5.10
CA VAL D 189 21.24 16.60 -3.84
C VAL D 189 20.56 17.97 -3.94
N THR D 190 21.19 18.90 -4.67
CA THR D 190 20.70 20.28 -4.95
C THR D 190 19.37 20.21 -5.70
N GLU D 191 19.33 19.42 -6.78
CA GLU D 191 18.16 19.32 -7.69
C GLU D 191 17.03 18.59 -6.96
N GLY D 192 15.81 19.11 -7.10
CA GLY D 192 14.55 18.54 -6.57
C GLY D 192 13.37 19.06 -7.37
N ASP D 193 12.16 18.61 -7.05
CA ASP D 193 10.93 19.06 -7.75
C ASP D 193 10.49 20.39 -7.14
N LYS D 194 10.48 21.46 -7.93
CA LYS D 194 10.11 22.81 -7.44
C LYS D 194 8.59 22.86 -7.22
N VAL D 195 7.83 22.22 -8.11
CA VAL D 195 6.34 22.16 -7.98
C VAL D 195 5.98 21.35 -6.71
N GLY D 196 6.71 20.25 -6.45
CA GLY D 196 6.56 19.47 -5.22
C GLY D 196 6.71 20.36 -4.01
N ALA D 197 7.73 21.21 -4.03
CA ALA D 197 8.01 22.17 -2.95
C ALA D 197 6.84 23.15 -2.88
N GLN D 198 6.53 23.85 -3.98
CA GLN D 198 5.37 24.79 -4.07
C GLN D 198 4.17 24.15 -3.41
N ILE D 199 3.94 22.86 -3.67
CA ILE D 199 2.77 22.13 -3.11
C ILE D 199 3.00 21.97 -1.60
N GLN D 200 4.12 21.36 -1.21
CA GLN D 200 4.41 20.94 0.19
C GLN D 200 4.58 22.16 1.11
N PHE D 201 5.41 23.12 0.71
CA PHE D 201 5.87 24.24 1.58
C PHE D 201 5.23 25.55 1.15
N GLY D 202 5.01 25.77 -0.16
CA GLY D 202 4.42 27.00 -0.73
C GLY D 202 5.46 27.87 -1.40
N TRP D 203 6.71 27.39 -1.48
CA TRP D 203 7.89 28.17 -1.95
C TRP D 203 7.71 28.51 -3.43
N SER D 204 7.53 29.79 -3.76
CA SER D 204 7.63 30.30 -5.14
C SER D 204 9.12 30.34 -5.53
N VAL D 205 9.66 29.28 -6.13
CA VAL D 205 11.10 29.19 -6.51
C VAL D 205 11.22 29.46 -8.00
N ASN D 206 11.93 30.52 -8.39
CA ASN D 206 11.87 31.07 -9.77
C ASN D 206 13.28 31.40 -10.28
N GLY D 207 13.59 30.97 -11.50
CA GLY D 207 14.93 31.07 -12.09
C GLY D 207 15.11 32.33 -12.92
N TYR D 208 16.07 33.18 -12.54
CA TYR D 208 16.47 34.39 -13.30
C TYR D 208 17.87 34.19 -13.89
N GLY D 209 18.04 34.56 -15.14
CA GLY D 209 19.37 34.67 -15.78
C GLY D 209 20.26 35.58 -14.96
N ILE D 210 21.58 35.37 -15.05
CA ILE D 210 22.58 36.23 -14.35
C ILE D 210 22.42 37.65 -14.89
N GLY D 211 22.29 37.79 -16.21
CA GLY D 211 22.12 39.07 -16.92
C GLY D 211 21.12 39.98 -16.22
N ASP D 212 20.04 39.40 -15.70
CA ASP D 212 18.92 40.11 -15.03
C ASP D 212 19.45 40.76 -13.75
N LEU D 213 20.41 40.11 -13.08
CA LEU D 213 21.08 40.66 -11.87
C LEU D 213 22.20 41.62 -12.27
N VAL D 214 22.88 41.36 -13.37
CA VAL D 214 23.95 42.25 -13.93
C VAL D 214 23.31 43.63 -14.17
N GLN D 215 22.16 43.65 -14.83
CA GLN D 215 21.37 44.88 -15.11
C GLN D 215 21.14 45.68 -13.81
N TYR D 216 20.88 45.02 -12.69
CA TYR D 216 20.56 45.67 -11.39
C TYR D 216 21.84 46.20 -10.76
N ILE D 217 22.99 45.63 -11.14
CA ILE D 217 24.33 46.11 -10.67
C ILE D 217 24.84 47.19 -11.64
N ARG D 218 24.45 47.09 -12.91
CA ARG D 218 24.79 48.02 -14.04
C ARG D 218 24.31 49.44 -13.78
N ASP D 219 23.28 49.62 -12.95
CA ASP D 219 22.70 50.95 -12.61
C ASP D 219 22.45 51.01 -11.10
N VAL D 220 23.49 50.77 -10.31
CA VAL D 220 23.49 51.04 -8.84
C VAL D 220 24.08 52.44 -8.62
N SER D 221 23.57 53.18 -7.64
CA SER D 221 24.06 54.54 -7.29
C SER D 221 25.40 54.43 -6.57
N GLU D 222 26.45 55.01 -7.15
CA GLU D 222 27.84 54.93 -6.63
C GLU D 222 27.96 55.66 -5.29
N GLN D 223 27.03 56.57 -4.96
CA GLN D 223 27.07 57.34 -3.69
C GLN D 223 26.74 56.40 -2.53
N LYS D 224 25.69 55.59 -2.67
CA LYS D 224 25.23 54.60 -1.63
C LYS D 224 26.21 53.43 -1.54
N VAL D 225 26.93 53.13 -2.63
CA VAL D 225 28.04 52.14 -2.65
C VAL D 225 29.15 52.63 -1.70
N ASN D 226 29.49 53.91 -1.80
CA ASN D 226 30.59 54.54 -1.01
C ASN D 226 30.13 54.65 0.45
N GLU D 227 28.85 55.01 0.66
CA GLU D 227 28.23 55.09 2.02
C GLU D 227 28.18 53.70 2.66
N LEU D 228 28.01 52.65 1.86
CA LEU D 228 28.10 51.25 2.32
C LEU D 228 29.57 50.93 2.67
N LEU D 229 30.53 51.43 1.88
CA LEU D 229 31.99 51.25 2.15
C LEU D 229 32.36 51.95 3.47
N ASP D 230 31.75 53.09 3.77
CA ASP D 230 31.90 53.78 5.08
C ASP D 230 31.30 52.91 6.18
N GLU D 231 30.18 52.24 5.90
CA GLU D 231 29.50 51.30 6.85
C GLU D 231 30.42 50.10 7.11
N TYR D 232 31.06 49.56 6.04
CA TYR D 232 32.07 48.47 6.13
C TYR D 232 33.16 48.91 7.10
N GLU D 233 33.90 49.98 6.78
CA GLU D 233 35.03 50.53 7.57
C GLU D 233 34.62 50.58 9.06
N GLU D 234 33.37 50.95 9.37
CA GLU D 234 32.87 51.12 10.76
C GLU D 234 32.51 49.77 11.38
N LEU D 235 32.02 48.80 10.60
CA LEU D 235 31.42 47.53 11.12
C LEU D 235 32.49 46.43 11.23
N TYR D 236 33.33 46.28 10.20
CA TYR D 236 34.33 45.19 10.03
C TYR D 236 35.74 45.76 10.07
N ASP D 237 36.74 44.92 10.36
CA ASP D 237 38.17 45.30 10.42
C ASP D 237 38.85 44.94 9.08
N ILE D 238 38.64 45.76 8.05
CA ILE D 238 39.20 45.52 6.69
C ILE D 238 40.71 45.32 6.84
N VAL D 239 41.27 44.35 6.12
CA VAL D 239 42.75 44.12 6.01
C VAL D 239 43.39 45.47 5.67
N PRO D 240 44.43 45.90 6.43
CA PRO D 240 45.03 47.23 6.23
C PRO D 240 45.24 47.65 4.76
N ALA D 241 45.48 46.69 3.85
CA ALA D 241 45.67 46.92 2.39
C ALA D 241 44.36 47.31 1.70
N GLY D 242 43.24 47.42 2.43
CA GLY D 242 41.92 47.71 1.85
C GLY D 242 41.38 49.07 2.24
N ARG D 243 41.98 49.73 3.24
CA ARG D 243 41.55 51.05 3.80
C ARG D 243 42.04 52.20 2.89
N GLN D 244 43.27 52.10 2.36
CA GLN D 244 43.81 53.00 1.31
C GLN D 244 43.20 52.60 -0.03
N GLU D 245 43.32 53.45 -1.06
CA GLU D 245 42.62 53.29 -2.37
C GLU D 245 43.48 52.46 -3.34
N GLY D 246 43.60 51.16 -3.08
CA GLY D 246 44.29 50.19 -3.96
C GLY D 246 43.31 49.38 -4.80
N PRO D 247 43.78 48.41 -5.61
CA PRO D 247 42.90 47.52 -6.35
C PRO D 247 42.11 46.58 -5.41
N VAL D 248 42.65 46.29 -4.21
CA VAL D 248 41.97 45.51 -3.14
C VAL D 248 40.71 46.26 -2.70
N ARG D 249 40.81 47.57 -2.47
CA ARG D 249 39.69 48.46 -2.08
C ARG D 249 38.61 48.43 -3.18
N GLU D 250 38.99 48.44 -4.46
CA GLU D 250 38.03 48.46 -5.59
C GLU D 250 37.34 47.10 -5.72
N SER D 251 38.04 46.00 -5.40
CA SER D 251 37.46 44.63 -5.35
C SER D 251 36.52 44.50 -4.14
N ILE D 252 36.67 45.33 -3.10
CA ILE D 252 35.72 45.42 -1.95
C ILE D 252 34.52 46.28 -2.37
N ARG D 253 34.74 47.33 -3.17
CA ARG D 253 33.65 48.20 -3.68
C ARG D 253 32.73 47.37 -4.60
N GLU D 254 33.28 46.34 -5.27
CA GLU D 254 32.53 45.41 -6.17
C GLU D 254 31.49 44.64 -5.34
N GLN D 255 31.91 44.06 -4.21
CA GLN D 255 30.98 43.37 -3.28
C GLN D 255 29.87 44.36 -2.87
N ALA D 256 30.23 45.55 -2.40
CA ALA D 256 29.29 46.62 -2.00
C ALA D 256 28.32 46.90 -3.15
N ARG D 257 28.84 46.95 -4.37
CA ARG D 257 28.05 47.21 -5.61
C ARG D 257 27.08 46.04 -5.82
N ILE D 258 27.58 44.80 -5.67
CA ILE D 258 26.82 43.52 -5.86
C ILE D 258 25.76 43.38 -4.76
N GLU D 259 26.09 43.72 -3.51
CA GLU D 259 25.13 43.77 -2.37
C GLU D 259 23.93 44.64 -2.75
N LEU D 260 24.16 45.91 -3.10
CA LEU D 260 23.07 46.90 -3.29
C LEU D 260 22.28 46.57 -4.56
N GLY D 261 22.93 46.00 -5.57
CA GLY D 261 22.29 45.52 -6.81
C GLY D 261 21.42 44.32 -6.54
N LEU D 262 21.90 43.40 -5.70
CA LEU D 262 21.11 42.22 -5.23
C LEU D 262 19.93 42.70 -4.39
N LYS D 263 20.21 43.43 -3.32
CA LYS D 263 19.20 43.96 -2.38
C LYS D 263 18.07 44.59 -3.20
N ALA D 264 18.42 45.42 -4.18
CA ALA D 264 17.45 46.10 -5.06
C ALA D 264 16.58 45.02 -5.69
N PHE D 265 17.20 44.07 -6.40
CA PHE D 265 16.54 42.96 -7.12
C PHE D 265 15.59 42.24 -6.15
N LEU D 266 16.11 41.80 -5.01
CA LEU D 266 15.37 40.96 -4.02
C LEU D 266 14.20 41.74 -3.44
N GLN D 267 14.37 43.03 -3.19
CA GLN D 267 13.29 43.87 -2.61
C GLN D 267 12.22 44.07 -3.68
N ASP D 268 12.62 44.14 -4.95
CA ASP D 268 11.74 44.52 -6.09
C ASP D 268 10.80 43.37 -6.45
N GLY D 269 11.18 42.14 -6.12
CA GLY D 269 10.35 40.94 -6.30
C GLY D 269 9.99 40.31 -4.96
N ASN D 270 10.01 41.10 -3.88
CA ASN D 270 9.64 40.71 -2.48
C ASN D 270 10.34 39.40 -2.09
N PHE D 271 11.43 39.04 -2.78
CA PHE D 271 12.21 37.79 -2.56
C PHE D 271 12.76 37.80 -1.14
N THR D 272 12.67 36.66 -0.45
CA THR D 272 13.20 36.44 0.91
C THR D 272 14.42 35.50 0.87
N ALA D 273 14.66 34.80 -0.23
CA ALA D 273 15.82 33.90 -0.38
C ALA D 273 16.21 33.79 -1.85
N PHE D 274 17.48 33.54 -2.09
CA PHE D 274 18.02 33.48 -3.46
C PHE D 274 19.17 32.46 -3.48
N THR D 275 19.63 32.11 -4.67
CA THR D 275 20.80 31.23 -4.89
C THR D 275 21.68 31.86 -5.97
N THR D 276 22.97 31.57 -5.94
CA THR D 276 23.90 31.79 -7.07
C THR D 276 24.62 30.48 -7.35
N THR D 277 25.00 30.28 -8.59
CA THR D 277 25.94 29.22 -9.04
C THR D 277 27.19 29.92 -9.58
N PHE D 278 28.37 29.37 -9.29
CA PHE D 278 29.65 29.89 -9.81
C PHE D 278 29.82 29.49 -11.29
N GLU D 279 28.99 28.57 -11.79
CA GLU D 279 29.07 28.00 -13.16
C GLU D 279 28.42 28.95 -14.18
N ASP D 280 27.69 29.96 -13.68
CA ASP D 280 27.06 31.04 -14.47
C ASP D 280 27.28 32.35 -13.73
N LEU D 281 28.32 33.12 -14.11
CA LEU D 281 28.66 34.43 -13.49
C LEU D 281 28.90 35.49 -14.56
N HIS D 282 28.54 35.20 -15.81
CA HIS D 282 28.82 36.08 -16.97
C HIS D 282 28.23 37.48 -16.71
N GLY D 283 29.11 38.45 -16.40
CA GLY D 283 28.74 39.87 -16.23
C GLY D 283 29.14 40.40 -14.87
N LEU D 284 29.12 39.54 -13.85
CA LEU D 284 29.69 39.85 -12.51
C LEU D 284 31.22 39.86 -12.63
N LYS D 285 31.90 40.78 -11.94
CA LYS D 285 33.39 40.83 -11.90
C LYS D 285 33.89 39.76 -10.93
N GLN D 286 33.12 39.42 -9.89
CA GLN D 286 33.54 38.39 -8.89
C GLN D 286 32.31 37.71 -8.28
N LEU D 287 32.47 36.48 -7.81
CA LEU D 287 31.37 35.68 -7.19
C LEU D 287 30.84 36.37 -5.94
N PRO D 288 29.54 36.67 -5.86
CA PRO D 288 28.99 37.43 -4.74
C PRO D 288 29.39 36.79 -3.40
N GLY D 289 29.97 37.55 -2.48
CA GLY D 289 30.66 37.00 -1.29
C GLY D 289 30.38 37.77 -0.01
N LEU D 290 31.12 38.86 0.22
CA LEU D 290 30.82 39.82 1.31
C LEU D 290 29.37 40.27 1.13
N ALA D 291 28.97 40.56 -0.11
CA ALA D 291 27.59 40.99 -0.47
C ALA D 291 26.57 39.98 0.08
N VAL D 292 26.81 38.70 -0.19
CA VAL D 292 25.89 37.58 0.15
C VAL D 292 25.92 37.35 1.66
N GLN D 293 27.10 37.37 2.28
CA GLN D 293 27.28 37.23 3.74
C GLN D 293 26.48 38.30 4.49
N ARG D 294 26.59 39.56 4.09
CA ARG D 294 25.87 40.68 4.75
C ARG D 294 24.37 40.51 4.51
N LEU D 295 23.97 40.17 3.28
CA LEU D 295 22.55 39.93 2.91
C LEU D 295 21.98 38.82 3.80
N MET D 296 22.78 37.81 4.11
CA MET D 296 22.35 36.65 4.94
C MET D 296 22.10 37.10 6.37
N GLN D 297 22.97 37.93 6.95
CA GLN D 297 22.75 38.46 8.33
C GLN D 297 21.56 39.43 8.28
N GLN D 298 21.32 40.05 7.13
CA GLN D 298 20.16 40.96 6.88
C GLN D 298 18.85 40.13 6.88
N GLY D 299 18.96 38.80 6.97
CA GLY D 299 17.81 37.88 7.18
C GLY D 299 17.45 37.07 5.93
N TYR D 300 18.08 37.34 4.79
CA TYR D 300 17.79 36.67 3.50
C TYR D 300 18.28 35.23 3.58
N GLY D 301 17.54 34.34 2.93
CA GLY D 301 18.00 32.96 2.68
C GLY D 301 18.97 32.95 1.53
N PHE D 302 20.03 32.16 1.65
CA PHE D 302 21.02 31.97 0.56
C PHE D 302 21.55 30.54 0.56
N ALA D 303 21.95 30.08 -0.61
CA ALA D 303 22.81 28.89 -0.77
C ALA D 303 23.48 28.97 -2.14
N GLY D 304 24.70 28.43 -2.22
CA GLY D 304 25.46 28.38 -3.47
C GLY D 304 24.98 27.24 -4.34
N GLU D 305 25.66 27.02 -5.46
CA GLU D 305 25.53 25.79 -6.28
C GLU D 305 24.07 25.61 -6.69
N GLY D 306 23.26 26.68 -6.57
CA GLY D 306 21.85 26.73 -6.99
C GLY D 306 20.90 26.06 -6.00
N ASP D 307 21.29 25.88 -4.73
CA ASP D 307 20.57 25.05 -3.73
C ASP D 307 19.41 25.85 -3.13
N TRP D 308 18.28 25.89 -3.84
CA TRP D 308 17.03 26.56 -3.41
C TRP D 308 16.46 25.89 -2.16
N LYS D 309 16.68 24.59 -1.99
CA LYS D 309 16.16 23.86 -0.80
C LYS D 309 16.78 24.50 0.45
N THR D 310 18.10 24.47 0.59
CA THR D 310 18.78 24.93 1.82
C THR D 310 18.62 26.47 1.93
N ALA D 311 18.54 27.21 0.83
CA ALA D 311 18.33 28.67 0.85
C ALA D 311 16.99 28.96 1.52
N ALA D 312 15.93 28.31 1.04
CA ALA D 312 14.56 28.39 1.59
C ALA D 312 14.62 28.03 3.08
N LEU D 313 15.26 26.90 3.39
CA LEU D 313 15.36 26.37 4.77
C LEU D 313 16.03 27.43 5.64
N LEU D 314 17.03 28.13 5.09
CA LEU D 314 17.79 29.17 5.82
C LEU D 314 16.86 30.33 6.18
N ARG D 315 16.09 30.81 5.21
CA ARG D 315 15.09 31.87 5.48
C ARG D 315 14.17 31.39 6.61
N ILE D 316 13.67 30.16 6.49
CA ILE D 316 12.69 29.60 7.45
C ILE D 316 13.34 29.58 8.84
N MET D 317 14.58 29.15 8.94
CA MET D 317 15.26 29.03 10.26
C MET D 317 15.67 30.41 10.79
N LYS D 318 15.88 31.39 9.91
CA LYS D 318 16.09 32.81 10.31
C LYS D 318 14.81 33.31 10.99
N VAL D 319 13.66 33.19 10.33
CA VAL D 319 12.39 33.71 10.90
C VAL D 319 12.01 32.88 12.14
N MET D 320 12.51 31.64 12.27
CA MET D 320 12.28 30.78 13.46
C MET D 320 13.03 31.35 14.66
N SER D 321 14.15 32.02 14.39
CA SER D 321 15.14 32.46 15.42
C SER D 321 14.93 33.94 15.77
N THR D 322 14.18 34.70 14.98
CA THR D 322 13.96 36.16 15.23
C THR D 322 13.49 36.32 16.68
N GLY D 323 14.15 37.18 17.47
CA GLY D 323 13.89 37.37 18.91
C GLY D 323 14.91 36.64 19.78
N LEU D 324 15.28 35.40 19.42
CA LEU D 324 16.43 34.67 20.00
C LEU D 324 17.74 35.30 19.50
N GLN D 325 18.88 34.96 20.13
CA GLN D 325 20.19 35.61 19.91
C GLN D 325 21.01 34.83 18.85
N GLY D 326 21.00 33.50 18.93
CA GLY D 326 21.93 32.58 18.25
C GLY D 326 22.49 33.07 16.91
N GLY D 327 21.62 33.29 15.92
CA GLY D 327 22.01 33.56 14.53
C GLY D 327 22.08 32.28 13.75
N THR D 328 21.77 32.36 12.45
CA THR D 328 21.62 31.18 11.54
C THR D 328 22.41 31.42 10.25
N SER D 329 23.14 30.42 9.79
CA SER D 329 24.00 30.55 8.59
C SER D 329 23.85 29.35 7.66
N PHE D 330 24.27 29.56 6.41
CA PHE D 330 24.57 28.53 5.39
C PHE D 330 25.89 27.88 5.77
N MET D 331 26.08 26.62 5.43
CA MET D 331 27.22 25.83 5.92
C MET D 331 27.44 24.62 5.04
N GLU D 332 28.68 24.15 5.01
CA GLU D 332 29.13 22.90 4.34
C GLU D 332 30.18 22.27 5.26
N ASP D 333 29.97 21.02 5.68
CA ASP D 333 31.00 20.25 6.43
C ASP D 333 32.19 20.03 5.49
N TYR D 334 33.28 20.79 5.64
CA TYR D 334 34.43 20.76 4.71
C TYR D 334 35.43 19.67 5.13
N THR D 335 36.10 19.84 6.27
CA THR D 335 37.16 18.91 6.73
C THR D 335 36.85 18.47 8.15
N TYR D 336 37.29 17.25 8.49
CA TYR D 336 37.20 16.65 9.85
C TYR D 336 38.53 16.87 10.56
N HIS D 337 38.46 16.97 11.89
CA HIS D 337 39.59 16.85 12.85
C HIS D 337 39.32 15.65 13.75
N PHE D 338 40.08 14.57 13.57
CA PHE D 338 40.07 13.36 14.45
C PHE D 338 41.11 13.57 15.58
N GLU D 339 40.64 13.48 16.81
CA GLU D 339 41.48 13.65 18.02
C GLU D 339 40.75 12.96 19.19
N LYS D 340 41.53 12.37 20.10
CA LYS D 340 41.06 11.50 21.20
C LYS D 340 39.76 12.04 21.80
N GLY D 341 39.82 13.19 22.47
CA GLY D 341 38.70 13.80 23.24
C GLY D 341 38.11 15.01 22.53
N ASN D 342 38.72 15.44 21.41
CA ASN D 342 38.38 16.70 20.68
C ASN D 342 38.13 16.35 19.21
N ASP D 343 37.10 15.53 18.94
CA ASP D 343 36.64 15.16 17.56
C ASP D 343 35.83 16.33 16.99
N LEU D 344 36.45 17.16 16.15
CA LEU D 344 35.82 18.39 15.62
C LEU D 344 35.49 18.20 14.14
N VAL D 345 34.47 18.92 13.70
CA VAL D 345 34.11 19.11 12.27
C VAL D 345 34.30 20.60 11.95
N LEU D 346 34.88 20.90 10.79
CA LEU D 346 35.11 22.28 10.31
C LEU D 346 34.09 22.63 9.24
N GLY D 347 33.11 23.47 9.61
CA GLY D 347 32.09 24.01 8.71
C GLY D 347 32.51 25.33 8.12
N SER D 348 32.39 25.48 6.80
CA SER D 348 32.71 26.71 6.04
C SER D 348 31.85 26.77 4.78
N HIS D 349 32.26 27.58 3.80
CA HIS D 349 31.81 27.51 2.38
C HIS D 349 32.85 28.22 1.53
N MET D 350 32.81 28.00 0.21
CA MET D 350 33.68 28.69 -0.78
C MET D 350 34.11 30.06 -0.25
N LEU D 351 33.14 30.84 0.26
CA LEU D 351 33.39 32.12 0.99
C LEU D 351 32.10 32.74 1.57
N GLU D 352 30.91 32.19 1.25
CA GLU D 352 29.59 32.79 1.60
C GLU D 352 29.01 32.17 2.89
N VAL D 353 29.41 32.65 4.06
CA VAL D 353 28.90 32.19 5.38
C VAL D 353 28.52 33.41 6.22
N CYS D 354 27.37 33.35 6.88
CA CYS D 354 26.70 34.47 7.58
C CYS D 354 27.48 34.94 8.81
N PRO D 355 27.76 36.25 8.95
CA PRO D 355 28.31 36.81 10.20
C PRO D 355 27.39 36.83 11.43
N SER D 356 26.20 36.23 11.38
CA SER D 356 25.27 36.16 12.52
C SER D 356 25.66 34.98 13.43
N ILE D 357 26.53 34.09 12.92
CA ILE D 357 27.06 32.94 13.70
C ILE D 357 28.47 33.28 14.14
N ALA D 358 28.95 34.50 13.89
CA ALA D 358 30.35 34.92 14.18
C ALA D 358 30.61 34.92 15.69
N ALA D 359 31.90 34.92 16.06
CA ALA D 359 32.37 35.01 17.47
C ALA D 359 32.23 36.45 17.94
N GLU D 360 32.50 36.70 19.23
CA GLU D 360 32.31 38.00 19.91
C GLU D 360 33.11 39.09 19.17
N GLU D 361 34.28 38.73 18.60
CA GLU D 361 35.20 39.66 17.88
C GLU D 361 34.53 40.21 16.63
N LYS D 362 35.22 41.12 15.91
CA LYS D 362 34.79 41.63 14.59
C LYS D 362 35.40 40.73 13.52
N PRO D 363 34.67 40.49 12.41
CA PRO D 363 35.22 39.74 11.30
C PRO D 363 36.18 40.62 10.49
N ILE D 364 37.31 40.04 10.11
CA ILE D 364 38.27 40.64 9.14
C ILE D 364 37.54 40.64 7.79
N LEU D 365 37.76 41.67 6.97
CA LEU D 365 37.21 41.76 5.59
C LEU D 365 38.36 41.58 4.61
N ASP D 366 38.68 40.34 4.26
CA ASP D 366 39.88 39.99 3.44
C ASP D 366 39.47 39.90 1.96
N VAL D 367 40.44 39.90 1.06
CA VAL D 367 40.24 39.60 -0.39
C VAL D 367 41.46 38.83 -0.91
N GLN D 368 41.46 37.50 -0.71
CA GLN D 368 42.47 36.56 -1.23
C GLN D 368 42.04 36.10 -2.63
N HIS D 369 42.71 35.09 -3.17
CA HIS D 369 42.37 34.42 -4.45
C HIS D 369 41.13 33.55 -4.21
N LEU D 370 40.50 33.07 -5.29
CA LEU D 370 39.54 31.93 -5.29
C LEU D 370 39.76 31.07 -6.52
N GLY D 371 39.69 31.66 -7.71
CA GLY D 371 40.11 31.02 -8.98
C GLY D 371 39.09 29.99 -9.47
N ILE D 372 38.36 29.34 -8.55
CA ILE D 372 37.24 28.41 -8.87
C ILE D 372 36.04 29.27 -9.24
N GLY D 373 35.32 28.86 -10.29
CA GLY D 373 34.33 29.70 -10.98
C GLY D 373 34.99 30.89 -11.68
N GLY D 374 36.33 30.94 -11.67
CA GLY D 374 37.14 32.04 -12.23
C GLY D 374 36.85 33.36 -11.55
N LYS D 375 36.80 34.44 -12.32
CA LYS D 375 36.39 35.78 -11.84
C LYS D 375 37.40 36.36 -10.84
N ASP D 376 37.31 37.68 -10.62
CA ASP D 376 38.24 38.52 -9.82
C ASP D 376 38.34 37.97 -8.40
N ASP D 377 39.47 38.21 -7.74
CA ASP D 377 39.70 37.92 -6.31
C ASP D 377 38.55 38.55 -5.52
N PRO D 378 37.63 37.73 -4.97
CA PRO D 378 36.43 38.24 -4.33
C PRO D 378 36.67 38.59 -2.86
N ALA D 379 36.07 39.70 -2.40
CA ALA D 379 36.14 40.16 -0.99
C ALA D 379 35.15 39.34 -0.16
N ARG D 380 35.55 38.98 1.06
CA ARG D 380 34.74 38.13 1.95
C ARG D 380 35.02 38.49 3.40
N LEU D 381 34.05 38.27 4.27
CA LEU D 381 34.23 38.35 5.75
C LEU D 381 34.76 37.02 6.25
N VAL D 382 35.85 37.07 7.01
CA VAL D 382 36.44 35.89 7.71
C VAL D 382 36.33 36.13 9.21
N PHE D 383 36.05 35.08 9.97
CA PHE D 383 35.79 35.10 11.43
C PHE D 383 35.71 33.65 11.89
N ASP D 384 35.88 33.43 13.19
CA ASP D 384 35.66 32.11 13.82
C ASP D 384 34.22 32.11 14.33
N GLY D 385 33.54 30.98 14.18
CA GLY D 385 32.18 30.79 14.69
C GLY D 385 32.15 30.70 16.21
N GLY D 386 31.11 31.26 16.82
CA GLY D 386 30.90 31.25 18.27
C GLY D 386 30.86 29.84 18.78
N GLU D 387 30.43 29.65 20.02
CA GLU D 387 30.32 28.33 20.68
C GLU D 387 28.90 28.19 21.22
N GLY D 388 28.56 26.99 21.69
CA GLY D 388 27.26 26.68 22.32
C GLY D 388 26.51 25.60 21.55
N ALA D 389 25.43 25.10 22.16
CA ALA D 389 24.47 24.17 21.54
C ALA D 389 23.89 24.83 20.28
N ALA D 390 23.89 24.08 19.19
CA ALA D 390 23.46 24.54 17.85
C ALA D 390 22.78 23.38 17.14
N VAL D 391 22.29 23.64 15.93
CA VAL D 391 21.57 22.65 15.07
C VAL D 391 22.07 22.82 13.63
N ASN D 392 22.18 21.70 12.91
CA ASN D 392 22.64 21.62 11.50
C ASN D 392 21.57 20.84 10.74
N ALA D 393 20.70 21.56 10.03
CA ALA D 393 19.53 20.98 9.34
C ALA D 393 19.77 20.98 7.82
N SER D 394 19.41 19.90 7.14
CA SER D 394 19.31 19.83 5.66
C SER D 394 17.93 19.31 5.27
N LEU D 395 17.39 19.84 4.16
CA LEU D 395 16.12 19.38 3.57
C LEU D 395 16.41 18.82 2.18
N ILE D 396 16.04 17.56 1.96
CA ILE D 396 16.38 16.79 0.73
C ILE D 396 15.08 16.32 0.11
N ASP D 397 15.09 16.14 -1.21
CA ASP D 397 13.95 15.62 -2.01
C ASP D 397 14.30 14.19 -2.39
N LEU D 398 13.60 13.22 -1.79
CA LEU D 398 13.77 11.76 -2.03
C LEU D 398 12.97 11.34 -3.28
N GLY D 399 12.42 12.30 -4.02
CA GLY D 399 11.59 12.07 -5.22
C GLY D 399 10.12 12.15 -4.89
N HIS D 400 9.62 11.20 -4.09
CA HIS D 400 8.18 11.04 -3.75
C HIS D 400 7.80 11.97 -2.61
N ARG D 401 8.77 12.57 -1.91
CA ARG D 401 8.50 13.37 -0.68
C ARG D 401 9.78 14.10 -0.25
N PHE D 402 9.69 14.93 0.79
CA PHE D 402 10.85 15.63 1.37
C PHE D 402 11.15 15.03 2.74
N ARG D 403 12.42 15.05 3.12
CA ARG D 403 12.92 14.63 4.45
C ARG D 403 13.75 15.78 5.00
N LEU D 404 13.47 16.17 6.24
CA LEU D 404 14.25 17.20 6.97
C LEU D 404 15.16 16.48 7.96
N ILE D 405 16.48 16.49 7.70
CA ILE D 405 17.50 15.89 8.60
C ILE D 405 18.00 17.00 9.51
N VAL D 406 18.00 16.77 10.82
CA VAL D 406 18.49 17.73 11.84
C VAL D 406 19.57 17.01 12.66
N ASN D 407 20.75 17.61 12.74
CA ASN D 407 21.89 17.13 13.55
C ASN D 407 22.09 18.15 14.67
N GLU D 408 21.78 17.77 15.91
CA GLU D 408 22.14 18.57 17.10
C GLU D 408 23.66 18.48 17.22
N VAL D 409 24.35 19.61 17.27
CA VAL D 409 25.83 19.68 17.41
C VAL D 409 26.16 20.60 18.58
N ASP D 410 27.38 20.50 19.11
CA ASP D 410 27.96 21.51 20.04
C ASP D 410 29.03 22.25 19.24
N ALA D 411 28.79 23.54 18.95
CA ALA D 411 29.81 24.44 18.39
C ALA D 411 30.86 24.67 19.48
N VAL D 412 32.12 24.75 19.08
CA VAL D 412 33.25 24.90 20.02
C VAL D 412 34.15 26.01 19.48
N LYS D 413 34.62 26.89 20.37
CA LYS D 413 35.56 27.99 20.04
C LYS D 413 36.86 27.37 19.55
N PRO D 414 37.45 27.88 18.45
CA PRO D 414 38.67 27.30 17.89
C PRO D 414 39.83 27.36 18.90
N GLU D 415 40.54 26.24 19.03
CA GLU D 415 41.79 26.14 19.83
C GLU D 415 42.90 26.89 19.10
N HIS D 416 43.35 26.36 17.96
CA HIS D 416 44.43 26.96 17.12
C HIS D 416 43.80 27.97 16.16
N ASP D 417 44.39 29.16 16.09
CA ASP D 417 44.22 30.14 14.97
C ASP D 417 44.61 29.45 13.65
N MET D 418 44.02 29.88 12.53
CA MET D 418 44.21 29.27 11.19
C MET D 418 44.64 30.35 10.19
N PRO D 419 45.90 30.85 10.28
CA PRO D 419 46.27 32.12 9.64
C PRO D 419 46.01 32.12 8.13
N LYS D 420 46.38 31.06 7.42
CA LYS D 420 46.37 31.05 5.93
C LYS D 420 45.00 30.62 5.37
N LEU D 421 43.95 30.52 6.20
CA LEU D 421 42.57 30.17 5.75
C LEU D 421 41.80 31.45 5.46
N PRO D 422 41.58 31.83 4.16
CA PRO D 422 40.97 33.11 3.81
C PRO D 422 39.43 33.10 3.73
N VAL D 423 38.77 32.19 4.45
CA VAL D 423 37.29 32.05 4.49
C VAL D 423 36.86 31.81 5.93
N ALA D 424 35.68 32.32 6.29
CA ALA D 424 35.12 32.17 7.65
C ALA D 424 34.83 30.69 7.87
N ARG D 425 34.91 30.26 9.13
CA ARG D 425 34.81 28.83 9.52
C ARG D 425 34.21 28.75 10.92
N ILE D 426 33.70 27.58 11.25
CA ILE D 426 33.18 27.27 12.60
C ILE D 426 33.49 25.81 12.88
N LEU D 427 33.81 25.49 14.13
CA LEU D 427 34.12 24.11 14.56
C LEU D 427 32.99 23.66 15.50
N TRP D 428 32.58 22.40 15.36
CA TRP D 428 31.54 21.79 16.22
C TRP D 428 31.81 20.29 16.40
N LYS D 429 31.43 19.78 17.58
CA LYS D 429 31.36 18.33 17.86
C LYS D 429 29.92 17.87 17.62
N PRO D 430 29.63 17.18 16.49
CA PRO D 430 28.27 16.71 16.23
C PRO D 430 27.92 15.53 17.15
N ARG D 431 26.72 15.56 17.75
CA ARG D 431 26.25 14.50 18.68
C ARG D 431 25.71 13.34 17.86
N PRO D 432 25.79 12.07 18.34
CA PRO D 432 26.43 11.76 19.62
C PRO D 432 27.97 11.69 19.54
N SER D 433 28.51 11.57 18.32
CA SER D 433 29.97 11.46 18.03
C SER D 433 30.15 11.61 16.53
N LEU D 434 31.31 12.11 16.09
CA LEU D 434 31.62 12.37 14.66
C LEU D 434 31.23 11.14 13.82
N ARG D 435 31.76 9.96 14.14
CA ARG D 435 31.57 8.73 13.33
C ARG D 435 30.07 8.41 13.26
N ASP D 436 29.40 8.28 14.42
CA ASP D 436 27.97 7.90 14.51
C ASP D 436 27.14 8.93 13.74
N SER D 437 27.35 10.21 14.03
CA SER D 437 26.60 11.33 13.42
C SER D 437 26.73 11.23 11.90
N ALA D 438 27.96 11.23 11.41
CA ALA D 438 28.28 11.17 9.96
C ALA D 438 27.61 9.95 9.35
N GLU D 439 27.63 8.80 10.02
CA GLU D 439 26.97 7.56 9.53
C GLU D 439 25.49 7.84 9.36
N ALA D 440 24.82 8.33 10.40
CA ALA D 440 23.36 8.62 10.40
C ALA D 440 23.02 9.69 9.34
N TRP D 441 23.92 10.62 9.07
CA TRP D 441 23.71 11.68 8.07
C TRP D 441 23.76 11.04 6.67
N ILE D 442 24.80 10.27 6.38
CA ILE D 442 25.03 9.58 5.07
C ILE D 442 23.83 8.65 4.80
N LEU D 443 23.38 7.90 5.81
CA LEU D 443 22.22 6.97 5.69
C LEU D 443 20.99 7.78 5.30
N ALA D 444 20.76 8.90 6.00
CA ALA D 444 19.55 9.75 5.85
C ALA D 444 19.64 10.57 4.56
N GLY D 445 20.79 10.54 3.90
CA GLY D 445 21.01 11.21 2.60
C GLY D 445 21.05 12.73 2.75
N GLY D 446 21.36 13.22 3.95
CA GLY D 446 21.54 14.66 4.22
C GLY D 446 22.50 15.26 3.21
N ALA D 447 22.25 16.52 2.82
CA ALA D 447 23.03 17.22 1.79
C ALA D 447 24.41 17.56 2.37
N HIS D 448 25.36 17.86 1.47
CA HIS D 448 26.62 18.55 1.82
C HIS D 448 26.29 19.94 2.40
N HIS D 449 25.30 20.63 1.83
CA HIS D 449 24.81 21.94 2.29
C HIS D 449 23.87 21.76 3.48
N THR D 450 24.08 22.53 4.55
CA THR D 450 23.24 22.48 5.78
C THR D 450 22.86 23.91 6.15
N CYS D 451 22.05 24.04 7.19
CA CYS D 451 21.70 25.31 7.85
C CYS D 451 22.07 25.20 9.33
N PHE D 452 23.16 25.88 9.71
CA PHE D 452 23.74 25.89 11.07
C PHE D 452 23.08 27.03 11.85
N SER D 453 22.32 26.73 12.89
CA SER D 453 21.73 27.75 13.79
C SER D 453 21.98 27.43 15.27
N PHE D 454 22.37 28.47 16.03
CA PHE D 454 22.54 28.47 17.51
C PHE D 454 21.20 28.72 18.19
N ALA D 455 20.30 29.42 17.49
CA ALA D 455 19.03 29.90 18.05
C ALA D 455 17.93 28.86 17.86
N VAL D 456 17.95 28.16 16.72
CA VAL D 456 16.81 27.30 16.28
C VAL D 456 16.84 25.98 17.06
N THR D 457 15.76 25.66 17.78
CA THR D 457 15.62 24.38 18.53
C THR D 457 15.28 23.26 17.55
N THR D 458 15.59 22.03 17.91
CA THR D 458 15.14 20.82 17.17
C THR D 458 13.63 20.76 17.25
N GLU D 459 13.06 20.97 18.43
CA GLU D 459 11.58 20.96 18.60
C GLU D 459 10.97 21.84 17.52
N GLN D 460 11.54 23.02 17.28
CA GLN D 460 11.05 24.00 16.27
C GLN D 460 10.99 23.32 14.90
N LEU D 461 12.06 22.64 14.48
CA LEU D 461 12.17 21.98 13.13
C LEU D 461 11.24 20.78 13.02
N GLN D 462 11.05 20.03 14.10
CA GLN D 462 10.03 18.95 14.19
C GLN D 462 8.64 19.57 14.01
N ASP D 463 8.30 20.58 14.83
CA ASP D 463 7.00 21.28 14.77
C ASP D 463 6.76 21.71 13.32
N PHE D 464 7.78 22.28 12.68
CA PHE D 464 7.66 22.86 11.31
C PHE D 464 7.33 21.72 10.36
N ALA D 465 8.01 20.59 10.54
CA ALA D 465 7.86 19.39 9.70
C ALA D 465 6.44 18.86 9.89
N GLU D 466 5.98 18.78 11.14
CA GLU D 466 4.62 18.32 11.47
C GLU D 466 3.62 19.17 10.66
N MET D 467 3.83 20.49 10.66
CA MET D 467 2.96 21.48 9.95
C MET D 467 3.03 21.25 8.44
N ALA D 468 4.23 21.02 7.91
CA ALA D 468 4.48 20.90 6.46
C ALA D 468 4.16 19.48 5.97
N GLY D 469 3.96 18.53 6.89
CA GLY D 469 3.61 17.13 6.58
C GLY D 469 4.77 16.42 5.90
N ILE D 470 5.96 16.53 6.51
CA ILE D 470 7.22 15.85 6.07
C ILE D 470 7.82 15.07 7.24
N GLU D 471 8.52 13.98 6.89
CA GLU D 471 9.44 13.26 7.80
C GLU D 471 10.47 14.27 8.33
N CYS D 472 10.71 14.23 9.63
CA CYS D 472 11.80 14.98 10.28
C CYS D 472 12.63 14.03 11.13
N VAL D 473 13.84 13.69 10.68
CA VAL D 473 14.74 12.76 11.40
C VAL D 473 15.76 13.59 12.18
N VAL D 474 15.97 13.22 13.45
CA VAL D 474 16.83 13.94 14.42
C VAL D 474 18.04 13.06 14.72
N ILE D 475 19.23 13.65 14.74
CA ILE D 475 20.51 12.99 15.13
C ILE D 475 21.06 13.78 16.32
N ASN D 476 21.10 13.17 17.50
CA ASN D 476 21.53 13.85 18.76
C ASN D 476 22.23 12.85 19.69
N GLU D 477 22.21 13.12 21.00
CA GLU D 477 22.87 12.30 22.05
C GLU D 477 22.30 10.88 22.03
N HIS D 478 20.98 10.76 21.85
CA HIS D 478 20.23 9.48 22.01
C HIS D 478 20.35 8.61 20.76
N THR D 479 20.81 9.16 19.63
CA THR D 479 20.81 8.48 18.31
C THR D 479 21.71 7.24 18.36
N SER D 480 21.12 6.07 18.13
CA SER D 480 21.85 4.81 17.85
C SER D 480 21.67 4.49 16.36
N VAL D 481 22.76 4.42 15.60
CA VAL D 481 22.76 4.14 14.13
C VAL D 481 21.99 2.83 13.85
N SER D 482 22.08 1.83 14.73
CA SER D 482 21.26 0.59 14.68
C SER D 482 19.80 1.01 14.56
N SER D 483 19.31 1.73 15.58
CA SER D 483 17.91 2.21 15.72
C SER D 483 17.56 3.13 14.55
N PHE D 484 18.48 4.03 14.20
CA PHE D 484 18.25 5.12 13.22
C PHE D 484 17.88 4.56 11.85
N LYS D 485 18.59 3.51 11.41
CA LYS D 485 18.36 2.81 10.11
C LYS D 485 16.95 2.21 10.07
N ASN D 486 16.52 1.59 11.18
CA ASN D 486 15.17 0.98 11.32
C ASN D 486 14.11 2.08 11.45
N GLU D 487 14.47 3.21 12.04
CA GLU D 487 13.59 4.41 12.10
C GLU D 487 13.36 4.92 10.68
N LEU D 488 14.42 5.01 9.86
CA LEU D 488 14.31 5.47 8.46
C LEU D 488 13.38 4.50 7.74
N LYS D 489 13.66 3.19 7.83
CA LYS D 489 12.88 2.16 7.12
C LYS D 489 11.42 2.35 7.47
N TRP D 490 11.09 2.51 8.76
CA TRP D 490 9.69 2.49 9.28
C TRP D 490 8.96 3.80 8.98
N ASN D 491 9.69 4.91 9.04
CA ASN D 491 9.21 6.23 8.58
C ASN D 491 8.92 6.16 7.07
N GLU D 492 9.83 5.59 6.27
CA GLU D 492 9.71 5.58 4.78
C GLU D 492 8.32 5.10 4.38
N VAL D 493 7.79 4.08 5.03
CA VAL D 493 6.52 3.43 4.63
C VAL D 493 5.36 4.34 5.05
N PHE D 494 5.43 4.91 6.25
CA PHE D 494 4.38 5.83 6.78
C PHE D 494 4.18 7.02 5.86
N TRP D 495 5.28 7.65 5.42
CA TRP D 495 5.24 8.92 4.64
C TRP D 495 4.91 8.65 3.18
N ARG D 496 5.34 7.54 2.60
CA ARG D 496 4.96 7.12 1.23
C ARG D 496 3.43 7.00 1.16
N MET E 1 -19.43 -11.47 35.55
CA MET E 1 -19.90 -11.83 36.93
C MET E 1 -20.07 -13.35 37.05
N LYS E 2 -20.70 -13.98 36.05
CA LYS E 2 -21.25 -15.35 36.14
C LYS E 2 -21.53 -15.92 34.73
N MET E 3 -22.48 -16.86 34.64
CA MET E 3 -23.09 -17.39 33.40
C MET E 3 -22.11 -18.36 32.70
N PRO E 4 -21.98 -18.41 31.35
CA PRO E 4 -21.86 -19.70 30.65
C PRO E 4 -20.55 -20.46 30.90
N ALA E 5 -20.65 -21.78 31.02
CA ALA E 5 -19.52 -22.66 31.35
C ALA E 5 -18.51 -22.58 30.20
N TYR E 6 -17.25 -22.30 30.51
CA TYR E 6 -16.16 -22.15 29.52
C TYR E 6 -15.00 -23.06 29.88
N GLU E 7 -14.57 -23.85 28.90
CA GLU E 7 -13.41 -24.77 29.05
C GLU E 7 -12.32 -24.38 28.05
N PHE E 8 -11.11 -24.88 28.26
CA PHE E 8 -9.92 -24.65 27.40
C PHE E 8 -9.31 -25.99 27.00
N TRP E 9 -9.23 -26.24 25.70
CA TRP E 9 -8.79 -27.52 25.12
C TRP E 9 -7.25 -27.52 25.07
N PHE E 10 -6.62 -28.34 25.90
CA PHE E 10 -5.17 -28.61 25.87
C PHE E 10 -4.92 -29.67 24.81
N VAL E 11 -3.92 -29.40 23.97
CA VAL E 11 -3.58 -30.24 22.79
C VAL E 11 -2.06 -30.37 22.79
N VAL E 12 -1.56 -31.54 22.42
CA VAL E 12 -0.10 -31.82 22.32
C VAL E 12 0.21 -32.34 20.92
N GLY E 13 1.18 -31.73 20.25
CA GLY E 13 1.60 -32.14 18.91
C GLY E 13 2.71 -33.16 18.97
N SER E 14 2.59 -34.25 18.21
CA SER E 14 3.64 -35.28 17.99
C SER E 14 3.52 -35.80 16.56
N GLN E 15 4.19 -36.91 16.25
CA GLN E 15 4.18 -37.58 14.91
C GLN E 15 4.25 -39.10 15.10
N HIS E 16 3.97 -39.86 14.03
CA HIS E 16 4.05 -41.34 13.97
C HIS E 16 5.47 -41.82 13.65
N LEU E 17 6.46 -40.91 13.69
CA LEU E 17 7.89 -41.20 13.43
C LEU E 17 8.49 -41.97 14.60
N TYR E 18 8.10 -41.62 15.83
CA TYR E 18 8.69 -42.18 17.08
C TYR E 18 7.85 -43.35 17.60
N GLY E 19 6.91 -43.84 16.78
CA GLY E 19 6.04 -45.00 17.07
C GLY E 19 5.12 -44.72 18.25
N ASP E 20 4.60 -45.80 18.87
CA ASP E 20 3.47 -45.79 19.84
C ASP E 20 4.00 -45.73 21.28
N GLU E 21 5.17 -46.30 21.56
CA GLU E 21 5.78 -46.25 22.93
C GLU E 21 6.06 -44.78 23.29
N ALA E 22 6.48 -43.96 22.31
CA ALA E 22 6.75 -42.52 22.51
C ALA E 22 5.42 -41.74 22.59
N LEU E 23 4.44 -42.09 21.74
CA LEU E 23 3.07 -41.47 21.75
C LEU E 23 2.38 -41.74 23.10
N ALA E 24 2.66 -42.88 23.74
CA ALA E 24 2.13 -43.24 25.06
C ALA E 24 2.85 -42.41 26.13
N GLN E 25 4.16 -42.18 25.95
CA GLN E 25 5.04 -41.45 26.90
C GLN E 25 4.71 -39.96 26.92
N VAL E 26 4.42 -39.38 25.74
CA VAL E 26 3.93 -37.97 25.63
C VAL E 26 2.52 -37.90 26.23
N GLU E 27 1.62 -38.82 25.86
CA GLU E 27 0.24 -38.86 26.41
C GLU E 27 0.29 -38.94 27.94
N ALA E 28 1.21 -39.74 28.49
CA ALA E 28 1.43 -39.88 29.95
C ALA E 28 1.81 -38.51 30.52
N HIS E 29 2.85 -37.87 29.97
CA HIS E 29 3.40 -36.54 30.38
C HIS E 29 2.31 -35.47 30.37
N ALA E 30 1.43 -35.48 29.36
CA ALA E 30 0.29 -34.55 29.21
C ALA E 30 -0.77 -34.81 30.29
N ARG E 31 -1.18 -36.07 30.43
CA ARG E 31 -2.24 -36.51 31.39
C ARG E 31 -1.84 -36.17 32.83
N GLU E 32 -0.54 -36.01 33.11
CA GLU E 32 0.00 -35.57 34.43
C GLU E 32 -0.10 -34.05 34.52
N MET E 33 0.38 -33.34 33.47
CA MET E 33 0.46 -31.86 33.40
C MET E 33 -0.94 -31.24 33.55
N VAL E 34 -1.92 -31.75 32.81
CA VAL E 34 -3.28 -31.13 32.66
C VAL E 34 -3.88 -30.91 34.05
N PRO E 35 -4.16 -31.96 34.86
CA PRO E 35 -4.81 -31.77 36.16
C PRO E 35 -4.06 -30.87 37.15
N ALA E 36 -2.72 -30.88 37.15
CA ALA E 36 -1.90 -29.97 38.01
C ALA E 36 -2.15 -28.53 37.58
N LEU E 37 -2.15 -28.30 36.25
CA LEU E 37 -2.52 -26.99 35.65
C LEU E 37 -3.97 -26.62 36.05
N GLN E 38 -4.87 -27.61 36.14
CA GLN E 38 -6.29 -27.38 36.53
C GLN E 38 -6.36 -26.86 37.96
N ALA E 39 -6.21 -27.75 38.97
CA ALA E 39 -6.53 -27.48 40.40
C ALA E 39 -5.64 -26.36 40.96
N ALA E 40 -4.38 -26.28 40.50
CA ALA E 40 -3.49 -25.11 40.71
C ALA E 40 -3.77 -24.08 39.61
N VAL E 41 -4.23 -22.89 39.99
CA VAL E 41 -4.67 -21.78 39.09
C VAL E 41 -5.75 -22.28 38.10
N GLY E 42 -6.84 -22.83 38.63
CA GLY E 42 -8.01 -23.30 37.87
C GLY E 42 -9.26 -23.24 38.71
N ASN E 43 -9.97 -24.37 38.88
CA ASN E 43 -11.28 -24.46 39.59
C ASN E 43 -12.34 -23.74 38.74
N ALA E 44 -12.14 -22.45 38.46
CA ALA E 44 -13.11 -21.55 37.76
C ALA E 44 -13.26 -21.96 36.29
N HIS E 45 -12.15 -22.27 35.60
CA HIS E 45 -12.17 -22.60 34.14
C HIS E 45 -11.70 -24.04 33.92
N VAL E 46 -12.53 -24.81 33.21
CA VAL E 46 -12.31 -26.26 32.95
C VAL E 46 -11.21 -26.40 31.90
N LEU E 47 -10.23 -27.26 32.13
CA LEU E 47 -9.10 -27.51 31.19
C LEU E 47 -9.22 -28.93 30.66
N ARG E 48 -9.88 -29.09 29.50
CA ARG E 48 -10.10 -30.42 28.85
C ARG E 48 -8.78 -30.89 28.22
N TRP E 49 -8.51 -32.19 28.35
CA TRP E 49 -7.42 -32.89 27.63
C TRP E 49 -8.00 -33.42 26.32
N LYS E 50 -7.59 -32.85 25.18
CA LYS E 50 -8.16 -33.22 23.86
C LYS E 50 -7.19 -34.10 23.05
N GLY E 51 -6.21 -34.70 23.74
CA GLY E 51 -5.40 -35.78 23.19
C GLY E 51 -4.09 -35.29 22.61
N VAL E 52 -3.28 -36.25 22.17
CA VAL E 52 -2.05 -36.03 21.35
C VAL E 52 -2.47 -36.09 19.88
N LEU E 53 -2.19 -35.03 19.13
CA LEU E 53 -2.58 -34.89 17.70
C LEU E 53 -1.34 -35.10 16.83
N LYS E 54 -1.39 -36.14 15.99
CA LYS E 54 -0.31 -36.52 15.04
C LYS E 54 -0.85 -36.40 13.62
N ASP E 55 -2.10 -36.79 13.37
CA ASP E 55 -2.72 -36.83 12.01
C ASP E 55 -3.15 -35.43 11.58
N ALA E 56 -2.97 -35.11 10.29
CA ALA E 56 -3.50 -33.88 9.66
C ALA E 56 -5.02 -33.80 9.89
N ASP E 57 -5.73 -34.90 9.60
CA ASP E 57 -7.21 -35.02 9.75
C ASP E 57 -7.60 -34.76 11.20
N GLU E 58 -6.94 -35.43 12.15
CA GLU E 58 -7.26 -35.36 13.61
C GLU E 58 -7.20 -33.90 14.05
N ILE E 59 -6.12 -33.21 13.68
CA ILE E 59 -5.86 -31.78 14.06
C ILE E 59 -6.99 -30.92 13.49
N ARG E 60 -7.30 -31.11 12.19
CA ARG E 60 -8.26 -30.28 11.43
C ARG E 60 -9.66 -30.47 12.01
N ARG E 61 -10.02 -31.72 12.34
CA ARG E 61 -11.30 -32.08 13.00
C ARG E 61 -11.34 -31.36 14.35
N LEU E 62 -10.28 -31.49 15.15
CA LEU E 62 -10.24 -30.95 16.53
C LEU E 62 -10.57 -29.45 16.46
N CYS E 63 -9.87 -28.73 15.60
CA CYS E 63 -10.02 -27.26 15.41
C CYS E 63 -11.47 -26.95 15.04
N LEU E 64 -12.04 -27.67 14.06
CA LEU E 64 -13.42 -27.45 13.55
C LEU E 64 -14.39 -27.59 14.74
N GLU E 65 -14.22 -28.61 15.57
CA GLU E 65 -15.10 -28.89 16.75
C GLU E 65 -14.93 -27.77 17.77
N ALA E 66 -13.69 -27.32 18.02
CA ALA E 66 -13.36 -26.18 18.90
C ALA E 66 -14.10 -24.93 18.42
N SER E 67 -14.14 -24.71 17.12
CA SER E 67 -14.86 -23.56 16.53
C SER E 67 -16.37 -23.75 16.72
N ALA E 68 -16.88 -24.96 16.50
CA ALA E 68 -18.33 -25.27 16.55
C ALA E 68 -18.82 -25.19 18.01
N ASP E 69 -18.09 -25.78 18.96
CA ASP E 69 -18.47 -25.92 20.39
C ASP E 69 -18.38 -24.57 21.11
N ASP E 70 -19.52 -23.96 21.41
CA ASP E 70 -19.61 -22.60 22.01
C ASP E 70 -18.86 -22.56 23.33
N VAL E 71 -18.74 -23.71 24.01
CA VAL E 71 -18.17 -23.82 25.38
C VAL E 71 -16.64 -23.76 25.31
N CYS E 72 -16.03 -24.09 24.16
CA CYS E 72 -14.56 -23.93 23.94
C CYS E 72 -14.21 -22.44 23.85
N ALA E 73 -13.55 -21.90 24.88
CA ALA E 73 -13.16 -20.48 24.98
C ALA E 73 -11.81 -20.26 24.30
N GLY E 74 -11.05 -21.33 24.12
CA GLY E 74 -9.70 -21.26 23.53
C GLY E 74 -9.03 -22.60 23.45
N VAL E 75 -7.96 -22.71 22.67
CA VAL E 75 -7.15 -23.96 22.49
C VAL E 75 -5.72 -23.69 22.98
N ILE E 76 -5.19 -24.56 23.84
CA ILE E 76 -3.80 -24.45 24.36
C ILE E 76 -2.98 -25.57 23.73
N ALA E 77 -2.22 -25.26 22.67
CA ALA E 77 -1.39 -26.23 21.94
C ALA E 77 0.04 -26.16 22.46
N TRP E 78 0.66 -27.33 22.61
CA TRP E 78 2.09 -27.50 23.00
C TRP E 78 2.69 -28.63 22.16
N MET E 79 3.81 -28.38 21.48
CA MET E 79 4.51 -29.39 20.63
C MET E 79 5.54 -30.14 21.48
N HIS E 80 5.13 -31.23 22.16
CA HIS E 80 6.04 -32.02 23.03
C HIS E 80 7.17 -32.54 22.15
N THR E 81 6.82 -33.35 21.15
CA THR E 81 7.75 -33.79 20.09
C THR E 81 7.57 -32.88 18.87
N PHE E 82 8.44 -33.08 17.88
CA PHE E 82 8.39 -32.40 16.58
C PHE E 82 7.08 -32.78 15.91
N SER E 83 6.17 -31.82 15.74
CA SER E 83 4.90 -32.02 15.00
C SER E 83 4.96 -31.18 13.73
N PRO E 84 5.10 -31.83 12.55
CA PRO E 84 5.22 -31.12 11.27
C PRO E 84 4.04 -30.18 11.05
N ALA E 85 4.33 -28.92 10.71
CA ALA E 85 3.36 -27.81 10.80
C ALA E 85 2.34 -27.91 9.66
N LYS E 86 2.70 -28.55 8.53
CA LYS E 86 1.81 -28.62 7.36
C LYS E 86 0.55 -29.40 7.70
N MET E 87 0.56 -30.19 8.78
CA MET E 87 -0.63 -30.92 9.29
C MET E 87 -1.61 -29.92 9.96
N TRP E 88 -1.05 -28.90 10.61
CA TRP E 88 -1.79 -27.86 11.37
C TRP E 88 -2.38 -26.78 10.45
N ILE E 89 -1.94 -26.69 9.20
CA ILE E 89 -2.35 -25.60 8.27
C ILE E 89 -3.88 -25.57 8.22
N ARG E 90 -4.52 -26.56 7.59
CA ARG E 90 -5.99 -26.51 7.35
C ARG E 90 -6.69 -26.32 8.71
N GLY E 91 -6.10 -26.87 9.79
CA GLY E 91 -6.67 -26.83 11.16
C GLY E 91 -6.66 -25.43 11.73
N LEU E 92 -5.47 -24.84 11.82
CA LEU E 92 -5.25 -23.44 12.30
C LEU E 92 -6.11 -22.48 11.48
N LEU E 93 -6.22 -22.69 10.16
CA LEU E 93 -7.11 -21.87 9.30
C LEU E 93 -8.52 -21.92 9.89
N ALA E 94 -9.05 -23.12 10.17
CA ALA E 94 -10.48 -23.33 10.53
C ALA E 94 -10.74 -23.03 12.01
N LEU E 95 -9.69 -22.78 12.80
CA LEU E 95 -9.80 -22.54 14.25
C LEU E 95 -10.25 -21.11 14.48
N ARG E 96 -11.50 -20.92 14.91
CA ARG E 96 -12.12 -19.58 15.17
C ARG E 96 -11.97 -19.19 16.65
N LYS E 97 -11.49 -20.09 17.52
CA LYS E 97 -11.28 -19.77 18.96
C LYS E 97 -9.83 -19.38 19.24
N PRO E 98 -9.59 -18.45 20.20
CA PRO E 98 -8.25 -17.99 20.51
C PRO E 98 -7.30 -19.14 20.84
N LEU E 99 -6.10 -19.08 20.30
CA LEU E 99 -5.07 -20.13 20.52
C LEU E 99 -3.91 -19.55 21.34
N LEU E 100 -3.50 -20.30 22.37
CA LEU E 100 -2.24 -20.12 23.12
C LEU E 100 -1.27 -21.24 22.74
N HIS E 101 -0.18 -20.90 22.07
CA HIS E 101 0.96 -21.82 21.83
C HIS E 101 1.79 -21.83 23.12
N LEU E 102 1.68 -22.89 23.92
CA LEU E 102 2.47 -23.05 25.16
C LEU E 102 3.78 -23.78 24.83
N HIS E 103 4.86 -23.03 24.71
CA HIS E 103 6.22 -23.55 24.47
C HIS E 103 6.86 -23.89 25.82
N THR E 104 6.58 -25.09 26.32
CA THR E 104 7.05 -25.62 27.63
C THR E 104 7.93 -26.86 27.42
N GLN E 105 8.23 -27.56 28.50
CA GLN E 105 9.02 -28.81 28.50
C GLN E 105 8.66 -29.59 29.75
N PHE E 106 8.37 -30.89 29.62
CA PHE E 106 7.92 -31.72 30.76
C PHE E 106 9.01 -31.68 31.84
N ASN E 107 10.18 -32.26 31.58
CA ASN E 107 11.31 -32.26 32.55
C ASN E 107 11.85 -30.84 32.73
N ARG E 108 11.94 -30.37 33.96
CA ARG E 108 12.57 -29.07 34.31
C ARG E 108 14.03 -29.10 33.83
N ASP E 109 14.85 -29.99 34.38
CA ASP E 109 16.31 -30.09 34.11
C ASP E 109 16.60 -31.28 33.16
N ILE E 110 17.81 -31.29 32.60
CA ILE E 110 18.36 -32.39 31.75
C ILE E 110 18.90 -33.49 32.65
N PRO E 111 18.42 -34.75 32.53
CA PRO E 111 18.97 -35.87 33.30
C PRO E 111 20.35 -36.30 32.74
N TRP E 112 21.39 -35.51 33.00
CA TRP E 112 22.72 -35.57 32.34
C TRP E 112 23.19 -37.03 32.18
N ASP E 113 22.93 -37.89 33.17
CA ASP E 113 23.50 -39.26 33.28
C ASP E 113 22.87 -40.16 32.22
N THR E 114 21.53 -40.23 32.20
CA THR E 114 20.72 -41.11 31.30
C THR E 114 19.95 -40.26 30.30
N ILE E 115 20.55 -40.01 29.13
CA ILE E 115 20.01 -39.09 28.07
C ILE E 115 20.09 -39.81 26.72
N ASP E 116 19.54 -41.01 26.65
CA ASP E 116 19.57 -41.86 25.43
C ASP E 116 18.99 -41.05 24.26
N MET E 117 19.00 -41.62 23.06
CA MET E 117 18.39 -41.01 21.86
C MET E 117 16.87 -40.90 22.06
N ASP E 118 16.25 -41.87 22.74
CA ASP E 118 14.78 -41.96 22.96
C ASP E 118 14.24 -40.77 23.75
N PHE E 119 15.08 -40.14 24.60
CA PHE E 119 14.76 -38.89 25.35
C PHE E 119 14.82 -37.67 24.44
N MET E 120 15.76 -37.66 23.49
CA MET E 120 15.91 -36.59 22.47
C MET E 120 14.76 -36.67 21.46
N ASN E 121 14.16 -37.86 21.27
CA ASN E 121 13.04 -38.11 20.32
C ASN E 121 11.70 -37.97 21.07
N LEU E 122 11.72 -37.54 22.34
CA LEU E 122 10.51 -37.48 23.19
C LEU E 122 10.37 -36.06 23.77
N ASN E 123 11.38 -35.55 24.47
CA ASN E 123 11.32 -34.23 25.16
C ASN E 123 12.01 -33.15 24.31
N GLN E 124 11.73 -33.14 23.01
CA GLN E 124 12.41 -32.25 22.03
C GLN E 124 11.59 -30.96 21.81
N SER E 125 10.60 -30.68 22.65
CA SER E 125 9.66 -29.51 22.51
C SER E 125 10.41 -28.27 22.04
N ALA E 126 11.69 -28.13 22.43
CA ALA E 126 12.54 -26.94 22.17
C ALA E 126 12.46 -26.51 20.70
N HIS E 127 12.33 -27.46 19.75
CA HIS E 127 12.34 -27.17 18.29
C HIS E 127 11.03 -27.58 17.60
N GLY E 128 10.27 -28.51 18.18
CA GLY E 128 8.92 -28.85 17.69
C GLY E 128 7.98 -27.68 17.85
N ASP E 129 8.20 -26.86 18.88
CA ASP E 129 7.46 -25.60 19.14
C ASP E 129 7.95 -24.52 18.17
N ARG E 130 9.22 -24.50 17.81
CA ARG E 130 9.80 -23.52 16.84
C ARG E 130 9.16 -23.77 15.47
N GLU E 131 9.18 -25.01 14.98
CA GLU E 131 8.53 -25.44 13.70
C GLU E 131 7.08 -24.94 13.68
N TYR E 132 6.31 -25.23 14.72
CA TYR E 132 4.92 -24.76 14.88
C TYR E 132 4.88 -23.22 14.83
N GLY E 133 5.77 -22.57 15.58
CA GLY E 133 5.88 -21.10 15.64
C GLY E 133 6.02 -20.48 14.25
N PHE E 134 6.79 -21.14 13.38
CA PHE E 134 7.00 -20.73 11.97
C PHE E 134 5.65 -20.65 11.25
N ILE E 135 4.84 -21.70 11.33
CA ILE E 135 3.53 -21.73 10.60
C ILE E 135 2.63 -20.65 11.21
N GLY E 136 2.75 -20.42 12.51
CA GLY E 136 2.07 -19.34 13.25
C GLY E 136 2.33 -17.96 12.64
N ALA E 137 3.61 -17.61 12.42
CA ALA E 137 4.06 -16.33 11.82
C ALA E 137 3.71 -16.32 10.34
N ARG E 138 3.95 -17.43 9.64
CA ARG E 138 3.76 -17.57 8.18
C ARG E 138 2.29 -17.32 7.84
N MET E 139 1.38 -17.93 8.59
CA MET E 139 -0.09 -17.81 8.41
C MET E 139 -0.61 -16.58 9.15
N GLY E 140 0.28 -15.81 9.79
CA GLY E 140 -0.05 -14.54 10.44
C GLY E 140 -1.20 -14.69 11.43
N VAL E 141 -1.41 -15.89 11.98
CA VAL E 141 -2.48 -16.15 13.00
C VAL E 141 -2.09 -15.41 14.28
N ALA E 142 -3.07 -14.73 14.89
CA ALA E 142 -2.93 -14.01 16.17
C ALA E 142 -2.87 -15.07 17.26
N ARG E 143 -1.70 -15.24 17.88
CA ARG E 143 -1.52 -16.25 18.96
C ARG E 143 -0.73 -15.62 20.10
N LYS E 144 -1.11 -15.97 21.34
CA LYS E 144 -0.30 -15.79 22.57
C LYS E 144 0.74 -16.93 22.66
N VAL E 145 1.99 -16.59 22.95
CA VAL E 145 3.11 -17.56 23.15
C VAL E 145 3.58 -17.41 24.60
N VAL E 146 3.50 -18.50 25.37
CA VAL E 146 4.00 -18.57 26.78
C VAL E 146 5.14 -19.58 26.77
N VAL E 147 6.30 -19.20 27.29
CA VAL E 147 7.54 -20.03 27.29
C VAL E 147 7.96 -20.30 28.74
N GLY E 148 8.37 -21.53 29.00
CA GLY E 148 8.96 -21.93 30.29
C GLY E 148 8.42 -23.27 30.73
N HIS E 149 8.97 -23.81 31.80
CA HIS E 149 8.47 -25.04 32.45
C HIS E 149 7.01 -24.82 32.86
N TRP E 150 6.19 -25.86 32.82
CA TRP E 150 4.72 -25.80 33.04
C TRP E 150 4.39 -25.71 34.54
N GLU E 151 5.30 -26.10 35.42
CA GLU E 151 5.12 -26.00 36.90
C GLU E 151 5.52 -24.57 37.35
N ASP E 152 6.43 -23.92 36.62
CA ASP E 152 6.88 -22.52 36.81
C ASP E 152 5.72 -21.63 37.26
N PRO E 153 5.86 -20.82 38.36
CA PRO E 153 4.78 -19.93 38.81
C PRO E 153 4.43 -18.82 37.80
N GLU E 154 5.44 -18.30 37.10
CA GLU E 154 5.28 -17.29 36.01
C GLU E 154 4.29 -17.85 34.98
N VAL E 155 4.53 -19.07 34.49
CA VAL E 155 3.78 -19.71 33.37
C VAL E 155 2.32 -19.96 33.81
N ARG E 156 2.12 -20.42 35.04
CA ARG E 156 0.79 -20.77 35.59
C ARG E 156 -0.05 -19.48 35.74
N GLU E 157 0.59 -18.37 36.10
CA GLU E 157 -0.05 -17.03 36.19
C GLU E 157 -0.47 -16.58 34.77
N ARG E 158 0.43 -16.71 33.78
CA ARG E 158 0.16 -16.29 32.36
C ARG E 158 -0.97 -17.15 31.77
N LEU E 159 -0.95 -18.45 32.03
CA LEU E 159 -2.05 -19.37 31.62
C LEU E 159 -3.37 -18.94 32.25
N ALA E 160 -3.37 -18.52 33.52
CA ALA E 160 -4.57 -18.13 34.31
C ALA E 160 -5.11 -16.80 33.77
N LYS E 161 -4.23 -15.81 33.57
CA LYS E 161 -4.63 -14.50 33.01
C LYS E 161 -5.17 -14.72 31.59
N TRP E 162 -4.44 -15.50 30.78
CA TRP E 162 -4.82 -15.74 29.37
C TRP E 162 -6.19 -16.40 29.30
N MET E 163 -6.51 -17.33 30.21
CA MET E 163 -7.81 -18.05 30.24
C MET E 163 -8.94 -17.10 30.65
N ARG E 164 -8.67 -16.13 31.52
CA ARG E 164 -9.66 -15.10 31.92
C ARG E 164 -9.90 -14.19 30.72
N THR E 165 -8.84 -13.84 29.98
CA THR E 165 -8.87 -12.97 28.77
C THR E 165 -9.70 -13.63 27.67
N ALA E 166 -9.47 -14.91 27.42
CA ALA E 166 -10.06 -15.71 26.31
C ALA E 166 -11.52 -15.99 26.62
N VAL E 167 -11.89 -15.91 27.91
CA VAL E 167 -13.31 -16.00 28.36
C VAL E 167 -13.98 -14.64 28.06
N ALA E 168 -13.29 -13.55 28.41
CA ALA E 168 -13.72 -12.16 28.11
C ALA E 168 -13.92 -12.02 26.61
N PHE E 169 -13.00 -12.61 25.82
CA PHE E 169 -13.02 -12.61 24.34
C PHE E 169 -14.25 -13.37 23.85
N ALA E 170 -14.51 -14.55 24.42
CA ALA E 170 -15.65 -15.42 24.05
C ALA E 170 -16.95 -14.69 24.40
N GLU E 171 -16.99 -13.98 25.54
CA GLU E 171 -18.21 -13.25 25.96
C GLU E 171 -18.42 -12.07 25.01
N SER E 172 -17.34 -11.35 24.72
CA SER E 172 -17.30 -10.29 23.67
C SER E 172 -17.91 -10.83 22.37
N ARG E 173 -17.44 -11.97 21.89
CA ARG E 173 -17.76 -12.54 20.55
C ARG E 173 -19.27 -12.63 20.33
N ASN E 174 -20.07 -12.74 21.40
CA ASN E 174 -21.55 -12.74 21.31
C ASN E 174 -22.10 -11.79 22.36
N LEU E 175 -21.38 -10.70 22.62
CA LEU E 175 -21.83 -9.63 23.55
C LEU E 175 -23.06 -8.93 22.97
N LYS E 176 -24.09 -8.74 23.80
CA LYS E 176 -25.32 -8.02 23.42
C LYS E 176 -25.43 -6.72 24.21
N VAL E 177 -25.35 -5.59 23.50
CA VAL E 177 -25.43 -4.21 24.05
C VAL E 177 -26.78 -3.63 23.66
N ALA E 178 -27.51 -3.09 24.64
CA ALA E 178 -28.77 -2.34 24.42
C ALA E 178 -28.47 -0.85 24.63
N ARG E 179 -28.70 -0.02 23.60
CA ARG E 179 -28.59 1.44 23.71
C ARG E 179 -29.99 2.02 23.89
N PHE E 180 -30.25 2.59 25.05
CA PHE E 180 -31.46 3.43 25.31
C PHE E 180 -31.14 4.82 24.77
N GLY E 181 -31.79 5.18 23.66
CA GLY E 181 -31.50 6.44 22.93
C GLY E 181 -30.15 6.41 22.24
N ASP E 182 -29.88 7.46 21.44
CA ASP E 182 -28.71 7.58 20.53
C ASP E 182 -27.53 8.17 21.31
N ASN E 183 -26.44 8.50 20.59
CA ASN E 183 -25.23 9.13 21.16
C ASN E 183 -25.61 10.54 21.60
N MET E 184 -24.88 11.11 22.57
CA MET E 184 -25.03 12.54 22.91
C MET E 184 -24.77 13.33 21.62
N ARG E 185 -25.65 14.25 21.26
CA ARG E 185 -25.60 14.95 19.97
C ARG E 185 -24.24 15.65 19.83
N GLU E 186 -23.65 15.56 18.64
CA GLU E 186 -22.45 16.29 18.16
C GLU E 186 -21.17 15.68 18.73
N VAL E 187 -21.24 14.59 19.50
CA VAL E 187 -20.04 13.93 20.10
C VAL E 187 -19.47 12.95 19.08
N ALA E 188 -18.14 12.96 18.93
CA ALA E 188 -17.39 12.27 17.86
C ALA E 188 -16.84 10.92 18.33
N VAL E 189 -16.25 10.83 19.52
CA VAL E 189 -15.50 9.62 19.91
C VAL E 189 -16.48 8.56 20.43
N THR E 190 -17.65 9.00 20.87
CA THR E 190 -18.76 8.15 21.35
C THR E 190 -19.42 7.47 20.14
N GLU E 191 -19.38 8.14 18.98
CA GLU E 191 -19.88 7.61 17.69
C GLU E 191 -18.96 6.49 17.19
N GLY E 192 -19.42 5.70 16.24
CA GLY E 192 -18.60 4.64 15.64
C GLY E 192 -19.32 3.89 14.53
N ASP E 193 -18.70 2.81 14.06
CA ASP E 193 -19.26 1.88 13.06
C ASP E 193 -19.75 0.64 13.80
N LYS E 194 -21.05 0.52 14.05
CA LYS E 194 -21.63 -0.59 14.85
C LYS E 194 -21.47 -1.90 14.08
N VAL E 195 -21.70 -1.88 12.78
CA VAL E 195 -21.59 -3.10 11.94
C VAL E 195 -20.11 -3.50 11.90
N GLY E 196 -19.18 -2.55 11.74
CA GLY E 196 -17.71 -2.80 11.74
C GLY E 196 -17.24 -3.39 13.06
N ALA E 197 -17.92 -3.05 14.15
CA ALA E 197 -17.65 -3.59 15.51
C ALA E 197 -18.09 -5.06 15.55
N GLN E 198 -19.25 -5.39 14.96
CA GLN E 198 -19.72 -6.81 14.89
C GLN E 198 -18.72 -7.59 14.05
N ILE E 199 -18.19 -7.01 12.98
CA ILE E 199 -17.18 -7.72 12.15
C ILE E 199 -15.98 -7.99 13.04
N GLN E 200 -15.52 -7.01 13.81
CA GLN E 200 -14.22 -7.13 14.55
C GLN E 200 -14.44 -8.00 15.78
N PHE E 201 -15.38 -7.62 16.65
CA PHE E 201 -15.51 -8.15 18.04
C PHE E 201 -16.73 -9.07 18.20
N GLY E 202 -17.74 -8.96 17.33
CA GLY E 202 -19.00 -9.75 17.40
C GLY E 202 -20.14 -8.99 18.07
N TRP E 203 -19.87 -7.80 18.61
CA TRP E 203 -20.85 -7.07 19.47
C TRP E 203 -22.13 -6.83 18.70
N SER E 204 -23.22 -7.47 19.09
CA SER E 204 -24.59 -7.06 18.69
C SER E 204 -24.94 -5.83 19.53
N VAL E 205 -24.83 -4.63 18.95
CA VAL E 205 -25.20 -3.33 19.59
C VAL E 205 -26.46 -2.79 18.90
N ASN E 206 -27.56 -2.70 19.64
CA ASN E 206 -28.92 -2.46 19.07
C ASN E 206 -29.66 -1.37 19.85
N GLY E 207 -30.29 -0.46 19.13
CA GLY E 207 -30.94 0.72 19.74
C GLY E 207 -32.41 0.46 20.08
N TYR E 208 -32.77 0.71 21.33
CA TYR E 208 -34.18 0.76 21.77
C TYR E 208 -34.56 2.21 22.12
N GLY E 209 -35.80 2.58 21.84
CA GLY E 209 -36.38 3.85 22.33
C GLY E 209 -36.47 3.83 23.83
N ILE E 210 -36.39 4.98 24.49
CA ILE E 210 -36.50 5.06 25.97
C ILE E 210 -37.89 4.56 26.38
N GLY E 211 -38.92 4.86 25.58
CA GLY E 211 -40.30 4.36 25.77
C GLY E 211 -40.38 2.84 25.92
N ASP E 212 -39.39 2.09 25.41
CA ASP E 212 -39.33 0.61 25.54
C ASP E 212 -38.90 0.23 26.98
N LEU E 213 -38.05 1.06 27.60
CA LEU E 213 -37.56 0.89 29.01
C LEU E 213 -38.60 1.41 29.99
N VAL E 214 -39.31 2.50 29.64
CA VAL E 214 -40.41 3.08 30.47
C VAL E 214 -41.45 1.97 30.64
N GLN E 215 -41.82 1.30 29.54
CA GLN E 215 -42.81 0.18 29.52
C GLN E 215 -42.38 -0.90 30.52
N TYR E 216 -41.08 -1.10 30.72
CA TYR E 216 -40.53 -2.11 31.66
C TYR E 216 -40.58 -1.58 33.10
N ILE E 217 -40.33 -0.28 33.32
CA ILE E 217 -40.35 0.31 34.69
C ILE E 217 -41.82 0.43 35.14
N ARG E 218 -42.75 0.62 34.21
CA ARG E 218 -44.21 0.67 34.50
C ARG E 218 -44.69 -0.70 34.99
N ASP E 219 -43.96 -1.78 34.65
CA ASP E 219 -44.39 -3.18 34.89
C ASP E 219 -43.77 -3.69 36.20
N VAL E 220 -42.87 -2.92 36.84
CA VAL E 220 -42.10 -3.39 38.02
C VAL E 220 -43.01 -3.40 39.25
N SER E 221 -42.99 -4.49 40.02
CA SER E 221 -43.80 -4.70 41.27
C SER E 221 -43.27 -3.79 42.38
N GLU E 222 -44.16 -3.01 42.99
CA GLU E 222 -43.83 -2.14 44.16
C GLU E 222 -43.21 -3.00 45.27
N GLN E 223 -43.61 -4.27 45.38
CA GLN E 223 -43.10 -5.19 46.43
C GLN E 223 -41.61 -5.46 46.21
N LYS E 224 -41.20 -5.86 45.00
CA LYS E 224 -39.78 -6.16 44.65
C LYS E 224 -38.94 -4.90 44.89
N VAL E 225 -39.51 -3.73 44.57
CA VAL E 225 -38.88 -2.40 44.76
C VAL E 225 -38.67 -2.17 46.26
N ASN E 226 -39.72 -2.37 47.05
CA ASN E 226 -39.71 -2.17 48.53
C ASN E 226 -38.62 -3.06 49.13
N GLU E 227 -38.55 -4.33 48.72
CA GLU E 227 -37.51 -5.31 49.16
C GLU E 227 -36.13 -4.75 48.82
N LEU E 228 -36.01 -4.12 47.64
CA LEU E 228 -34.74 -3.55 47.12
C LEU E 228 -34.31 -2.37 48.00
N LEU E 229 -35.22 -1.47 48.37
CA LEU E 229 -34.93 -0.34 49.30
C LEU E 229 -34.52 -0.89 50.67
N ASP E 230 -35.01 -2.07 51.06
CA ASP E 230 -34.58 -2.77 52.30
C ASP E 230 -33.10 -3.14 52.12
N GLU E 231 -32.74 -3.70 50.97
CA GLU E 231 -31.36 -4.13 50.66
C GLU E 231 -30.44 -2.91 50.58
N TYR E 232 -30.91 -1.80 50.00
CA TYR E 232 -30.19 -0.49 50.01
C TYR E 232 -29.85 -0.13 51.46
N GLU E 233 -30.87 0.01 52.30
CA GLU E 233 -30.76 0.45 53.71
C GLU E 233 -29.69 -0.40 54.42
N GLU E 234 -29.61 -1.71 54.14
CA GLU E 234 -28.67 -2.64 54.82
C GLU E 234 -27.28 -2.54 54.19
N LEU E 235 -27.18 -2.21 52.90
CA LEU E 235 -25.90 -2.24 52.13
C LEU E 235 -25.22 -0.87 52.15
N TYR E 236 -25.97 0.23 52.04
CA TYR E 236 -25.43 1.60 51.83
C TYR E 236 -25.78 2.48 53.03
N ASP E 237 -25.02 3.56 53.22
CA ASP E 237 -25.24 4.56 54.30
C ASP E 237 -26.05 5.73 53.74
N ILE E 238 -27.38 5.55 53.67
CA ILE E 238 -28.36 6.57 53.16
C ILE E 238 -28.25 7.84 54.00
N VAL E 239 -28.08 9.00 53.35
CA VAL E 239 -28.15 10.35 53.99
C VAL E 239 -29.30 10.33 55.00
N PRO E 240 -29.05 10.70 56.28
CA PRO E 240 -30.04 10.55 57.33
C PRO E 240 -31.40 11.11 56.89
N ALA E 241 -31.39 12.23 56.16
CA ALA E 241 -32.59 12.86 55.57
C ALA E 241 -33.06 12.03 54.37
N GLY E 242 -33.19 10.71 54.55
CA GLY E 242 -33.61 9.77 53.48
C GLY E 242 -34.16 8.44 53.98
N ARG E 243 -34.10 8.18 55.29
CA ARG E 243 -34.63 6.94 55.92
C ARG E 243 -36.12 7.14 56.28
N GLN E 244 -36.50 8.36 56.70
CA GLN E 244 -37.92 8.73 56.96
C GLN E 244 -38.60 8.80 55.59
N GLU E 245 -39.89 8.47 55.50
CA GLU E 245 -40.63 8.49 54.20
C GLU E 245 -40.76 9.95 53.73
N GLY E 246 -39.74 10.47 53.04
CA GLY E 246 -39.74 11.82 52.44
C GLY E 246 -39.82 11.75 50.92
N PRO E 247 -39.82 12.91 50.21
CA PRO E 247 -39.67 12.90 48.75
C PRO E 247 -38.28 12.35 48.35
N VAL E 248 -37.30 12.42 49.26
CA VAL E 248 -35.92 11.87 49.12
C VAL E 248 -35.97 10.33 49.08
N ARG E 249 -36.77 9.71 49.97
CA ARG E 249 -36.94 8.24 50.00
C ARG E 249 -37.59 7.80 48.68
N GLU E 250 -38.65 8.51 48.26
CA GLU E 250 -39.41 8.22 47.00
C GLU E 250 -38.47 8.41 45.79
N SER E 251 -37.50 9.33 45.87
CA SER E 251 -36.46 9.56 44.84
C SER E 251 -35.48 8.37 44.77
N ILE E 252 -35.20 7.74 45.92
CA ILE E 252 -34.37 6.50 45.98
C ILE E 252 -35.24 5.32 45.56
N ARG E 253 -36.53 5.38 45.83
CA ARG E 253 -37.49 4.33 45.42
C ARG E 253 -37.56 4.32 43.87
N GLU E 254 -37.44 5.48 43.24
CA GLU E 254 -37.61 5.63 41.77
C GLU E 254 -36.42 4.97 41.07
N GLN E 255 -35.21 5.16 41.59
CA GLN E 255 -34.00 4.46 41.08
C GLN E 255 -34.15 2.94 41.28
N ALA E 256 -34.79 2.51 42.37
CA ALA E 256 -35.06 1.07 42.63
C ALA E 256 -35.96 0.55 41.51
N ARG E 257 -37.00 1.31 41.15
CA ARG E 257 -37.97 0.95 40.07
C ARG E 257 -37.23 0.88 38.73
N ILE E 258 -36.29 1.80 38.50
CA ILE E 258 -35.46 1.91 37.25
C ILE E 258 -34.48 0.74 37.23
N GLU E 259 -33.87 0.41 38.38
CA GLU E 259 -32.91 -0.72 38.47
C GLU E 259 -33.64 -2.02 38.09
N LEU E 260 -34.84 -2.25 38.62
CA LEU E 260 -35.55 -3.54 38.45
C LEU E 260 -36.22 -3.62 37.07
N GLY E 261 -36.56 -2.46 36.49
CA GLY E 261 -37.03 -2.35 35.08
C GLY E 261 -35.89 -2.59 34.12
N LEU E 262 -34.74 -1.94 34.32
CA LEU E 262 -33.52 -2.20 33.51
C LEU E 262 -33.17 -3.68 33.59
N LYS E 263 -32.93 -4.16 34.82
CA LYS E 263 -32.54 -5.56 35.09
C LYS E 263 -33.49 -6.49 34.33
N ALA E 264 -34.80 -6.21 34.38
CA ALA E 264 -35.84 -7.02 33.73
C ALA E 264 -35.62 -7.03 32.21
N PHE E 265 -35.52 -5.83 31.62
CA PHE E 265 -35.27 -5.61 30.18
C PHE E 265 -33.98 -6.32 29.75
N LEU E 266 -32.88 -6.05 30.45
CA LEU E 266 -31.53 -6.55 30.09
C LEU E 266 -31.57 -8.08 30.04
N GLN E 267 -32.15 -8.70 31.07
CA GLN E 267 -32.20 -10.19 31.24
C GLN E 267 -33.14 -10.78 30.19
N ASP E 268 -34.20 -10.06 29.82
CA ASP E 268 -35.21 -10.50 28.81
C ASP E 268 -34.60 -10.51 27.40
N GLY E 269 -33.53 -9.77 27.17
CA GLY E 269 -32.81 -9.76 25.89
C GLY E 269 -31.42 -10.34 26.00
N ASN E 270 -31.04 -10.90 27.16
CA ASN E 270 -29.69 -11.46 27.42
C ASN E 270 -28.60 -10.41 27.15
N PHE E 271 -28.92 -9.12 27.33
CA PHE E 271 -27.96 -7.99 27.23
C PHE E 271 -27.01 -8.04 28.43
N THR E 272 -25.71 -7.90 28.18
CA THR E 272 -24.65 -7.88 29.20
C THR E 272 -24.08 -6.46 29.31
N ALA E 273 -24.39 -5.57 28.36
CA ALA E 273 -24.02 -4.14 28.42
C ALA E 273 -25.18 -3.26 27.94
N PHE E 274 -25.24 -2.03 28.39
CA PHE E 274 -26.26 -1.07 27.92
C PHE E 274 -25.67 0.34 27.95
N THR E 275 -26.43 1.30 27.41
CA THR E 275 -26.08 2.74 27.40
C THR E 275 -27.35 3.58 27.61
N THR E 276 -27.27 4.56 28.50
CA THR E 276 -28.30 5.62 28.68
C THR E 276 -27.72 6.91 28.13
N THR E 277 -28.59 7.82 27.68
CA THR E 277 -28.24 9.19 27.24
C THR E 277 -29.18 10.16 27.96
N PHE E 278 -28.63 11.22 28.54
CA PHE E 278 -29.40 12.25 29.28
C PHE E 278 -30.23 13.11 28.33
N GLU E 279 -29.87 13.13 27.03
CA GLU E 279 -30.52 13.98 25.99
C GLU E 279 -31.84 13.34 25.52
N ASP E 280 -32.13 12.12 25.98
CA ASP E 280 -33.37 11.36 25.65
C ASP E 280 -33.77 10.54 26.89
N LEU E 281 -34.64 11.08 27.75
CA LEU E 281 -35.09 10.41 29.00
C LEU E 281 -36.62 10.44 29.16
N HIS E 282 -37.37 10.73 28.09
CA HIS E 282 -38.83 10.99 28.16
C HIS E 282 -39.55 9.75 28.71
N GLY E 283 -40.04 9.84 29.95
CA GLY E 283 -40.80 8.79 30.65
C GLY E 283 -40.11 8.30 31.92
N LEU E 284 -38.79 8.52 32.02
CA LEU E 284 -38.02 8.31 33.26
C LEU E 284 -38.24 9.50 34.19
N LYS E 285 -38.46 9.26 35.49
CA LYS E 285 -38.64 10.37 36.45
C LYS E 285 -37.29 11.09 36.62
N GLN E 286 -36.19 10.34 36.62
CA GLN E 286 -34.82 10.88 36.83
C GLN E 286 -33.81 10.07 36.02
N LEU E 287 -32.62 10.64 35.80
CA LEU E 287 -31.50 10.00 35.04
C LEU E 287 -31.08 8.73 35.78
N PRO E 288 -31.04 7.56 35.10
CA PRO E 288 -30.57 6.32 35.70
C PRO E 288 -29.14 6.49 36.24
N GLY E 289 -28.97 6.27 37.55
CA GLY E 289 -27.75 6.57 38.32
C GLY E 289 -27.42 5.46 39.30
N LEU E 290 -27.98 5.51 40.51
CA LEU E 290 -27.86 4.41 41.51
C LEU E 290 -28.18 3.09 40.82
N ALA E 291 -29.26 3.04 40.04
CA ALA E 291 -29.69 1.86 39.26
C ALA E 291 -28.51 1.37 38.42
N VAL E 292 -27.92 2.27 37.64
CA VAL E 292 -26.80 1.95 36.70
C VAL E 292 -25.57 1.55 37.51
N GLN E 293 -25.24 2.31 38.56
CA GLN E 293 -24.11 2.02 39.48
C GLN E 293 -24.25 0.61 40.06
N ARG E 294 -25.48 0.23 40.46
CA ARG E 294 -25.79 -1.07 41.09
C ARG E 294 -25.66 -2.19 40.06
N LEU E 295 -26.14 -1.96 38.83
CA LEU E 295 -26.07 -2.91 37.68
C LEU E 295 -24.61 -3.14 37.27
N MET E 296 -23.78 -2.10 37.34
CA MET E 296 -22.33 -2.19 37.03
C MET E 296 -21.66 -3.02 38.11
N GLN E 297 -22.00 -2.80 39.39
CA GLN E 297 -21.51 -3.63 40.53
C GLN E 297 -21.98 -5.06 40.26
N GLN E 298 -23.26 -5.20 39.92
CA GLN E 298 -23.89 -6.48 39.49
C GLN E 298 -23.15 -6.99 38.24
N GLY E 299 -22.31 -6.16 37.62
CA GLY E 299 -21.29 -6.58 36.62
C GLY E 299 -21.62 -6.21 35.17
N TYR E 300 -22.83 -5.71 34.89
CA TYR E 300 -23.21 -5.25 33.54
C TYR E 300 -22.18 -4.22 33.08
N GLY E 301 -21.88 -4.21 31.78
CA GLY E 301 -21.18 -3.12 31.10
C GLY E 301 -22.09 -1.92 30.98
N PHE E 302 -21.55 -0.71 31.12
CA PHE E 302 -22.35 0.52 30.96
C PHE E 302 -21.44 1.66 30.51
N ALA E 303 -22.03 2.63 29.82
CA ALA E 303 -21.45 3.95 29.52
C ALA E 303 -22.59 4.91 29.16
N GLY E 304 -22.42 6.17 29.53
CA GLY E 304 -23.43 7.21 29.27
C GLY E 304 -23.26 7.77 27.88
N GLU E 305 -24.17 8.68 27.49
CA GLU E 305 -24.08 9.44 26.22
C GLU E 305 -24.10 8.47 25.02
N GLY E 306 -24.67 7.29 25.19
CA GLY E 306 -24.78 6.25 24.14
C GLY E 306 -23.47 5.54 23.83
N ASP E 307 -22.40 5.71 24.62
CA ASP E 307 -21.03 5.18 24.32
C ASP E 307 -21.02 3.65 24.42
N TRP E 308 -21.48 2.96 23.38
CA TRP E 308 -21.52 1.48 23.34
C TRP E 308 -20.09 0.92 23.38
N LYS E 309 -19.13 1.59 22.75
CA LYS E 309 -17.73 1.09 22.63
C LYS E 309 -17.18 0.85 24.04
N THR E 310 -17.26 1.84 24.93
CA THR E 310 -16.64 1.78 26.28
C THR E 310 -17.56 0.98 27.22
N ALA E 311 -18.86 0.92 26.94
CA ALA E 311 -19.82 0.06 27.68
C ALA E 311 -19.47 -1.41 27.43
N ALA E 312 -19.36 -1.80 26.16
CA ALA E 312 -18.87 -3.13 25.75
C ALA E 312 -17.55 -3.42 26.47
N LEU E 313 -16.57 -2.53 26.33
CA LEU E 313 -15.22 -2.71 26.93
C LEU E 313 -15.37 -2.95 28.43
N LEU E 314 -16.31 -2.26 29.08
CA LEU E 314 -16.54 -2.32 30.56
C LEU E 314 -16.93 -3.76 30.90
N ARG E 315 -17.96 -4.29 30.24
CA ARG E 315 -18.39 -5.71 30.34
C ARG E 315 -17.20 -6.65 30.14
N ILE E 316 -16.41 -6.40 29.09
CA ILE E 316 -15.25 -7.26 28.71
C ILE E 316 -14.23 -7.21 29.85
N MET E 317 -14.03 -6.03 30.45
CA MET E 317 -12.99 -5.83 31.50
C MET E 317 -13.51 -6.34 32.85
N LYS E 318 -14.83 -6.37 33.05
CA LYS E 318 -15.47 -6.98 34.25
C LYS E 318 -15.28 -8.49 34.23
N VAL E 319 -15.46 -9.14 33.08
CA VAL E 319 -15.39 -10.62 32.93
C VAL E 319 -13.95 -11.04 32.68
N MET E 320 -13.08 -10.07 32.44
CA MET E 320 -11.62 -10.29 32.35
C MET E 320 -11.08 -10.48 33.78
N SER E 321 -11.74 -9.89 34.77
CA SER E 321 -11.24 -9.78 36.16
C SER E 321 -11.90 -10.78 37.11
N THR E 322 -13.06 -11.36 36.76
CA THR E 322 -13.86 -12.24 37.68
C THR E 322 -12.97 -13.32 38.30
N GLY E 323 -12.92 -13.36 39.64
CA GLY E 323 -11.90 -14.06 40.44
C GLY E 323 -11.07 -13.05 41.25
N LEU E 324 -10.39 -12.12 40.57
CA LEU E 324 -9.52 -11.08 41.20
C LEU E 324 -10.40 -10.08 41.96
N GLN E 325 -9.78 -9.34 42.88
CA GLN E 325 -10.50 -8.49 43.88
C GLN E 325 -10.73 -7.10 43.29
N GLY E 326 -9.72 -6.55 42.60
CA GLY E 326 -9.62 -5.14 42.16
C GLY E 326 -10.96 -4.43 42.01
N GLY E 327 -11.76 -4.82 41.00
CA GLY E 327 -12.98 -4.09 40.61
C GLY E 327 -12.74 -3.23 39.39
N THR E 328 -13.79 -3.01 38.59
CA THR E 328 -13.74 -2.34 37.26
C THR E 328 -14.92 -1.40 37.10
N SER E 329 -14.67 -0.18 36.63
CA SER E 329 -15.69 0.89 36.56
C SER E 329 -15.54 1.72 35.27
N PHE E 330 -16.68 2.24 34.84
CA PHE E 330 -16.82 3.32 33.84
C PHE E 330 -16.24 4.58 34.47
N MET E 331 -15.50 5.37 33.69
CA MET E 331 -14.75 6.52 34.21
C MET E 331 -14.64 7.63 33.17
N GLU E 332 -14.55 8.87 33.65
CA GLU E 332 -14.29 10.08 32.84
C GLU E 332 -13.26 10.93 33.60
N ASP E 333 -12.12 11.23 32.97
CA ASP E 333 -11.06 12.11 33.52
C ASP E 333 -11.63 13.53 33.61
N TYR E 334 -12.01 14.00 34.79
CA TYR E 334 -12.85 15.23 34.95
C TYR E 334 -12.02 16.47 35.24
N THR E 335 -11.19 16.43 36.27
CA THR E 335 -10.40 17.60 36.72
C THR E 335 -8.99 17.14 37.05
N TYR E 336 -7.99 18.00 36.75
CA TYR E 336 -6.60 17.86 37.21
C TYR E 336 -6.37 18.67 38.49
N HIS E 337 -5.48 18.15 39.32
CA HIS E 337 -4.80 18.86 40.43
C HIS E 337 -3.32 18.96 40.06
N PHE E 338 -2.78 20.17 39.97
CA PHE E 338 -1.34 20.42 39.72
C PHE E 338 -0.63 20.75 41.03
N GLU E 339 0.28 19.86 41.43
CA GLU E 339 1.18 19.99 42.60
C GLU E 339 2.50 19.30 42.25
N LYS E 340 3.61 19.79 42.78
CA LYS E 340 4.98 19.33 42.45
C LYS E 340 5.07 17.80 42.54
N GLY E 341 4.68 17.23 43.68
CA GLY E 341 4.80 15.78 43.98
C GLY E 341 3.47 15.05 43.99
N ASN E 342 2.35 15.78 43.91
CA ASN E 342 0.97 15.25 44.09
C ASN E 342 0.12 15.58 42.85
N ASP E 343 0.58 15.19 41.65
CA ASP E 343 -0.12 15.44 40.35
C ASP E 343 -1.26 14.45 40.15
N LEU E 344 -2.49 14.86 40.49
CA LEU E 344 -3.68 13.98 40.51
C LEU E 344 -4.58 14.27 39.32
N VAL E 345 -5.34 13.24 38.93
CA VAL E 345 -6.52 13.34 38.04
C VAL E 345 -7.72 12.89 38.86
N LEU E 346 -8.75 13.71 38.92
CA LEU E 346 -10.04 13.38 39.55
C LEU E 346 -10.95 12.85 38.44
N GLY E 347 -11.26 11.55 38.50
CA GLY E 347 -12.20 10.87 37.59
C GLY E 347 -13.49 10.54 38.31
N SER E 348 -14.63 10.85 37.70
CA SER E 348 -15.99 10.56 38.25
C SER E 348 -17.04 10.95 37.22
N HIS E 349 -17.64 10.00 36.52
CA HIS E 349 -18.67 10.33 35.50
C HIS E 349 -19.77 11.19 36.14
N MET E 350 -20.52 11.92 35.30
CA MET E 350 -21.76 12.67 35.61
C MET E 350 -22.38 12.27 36.96
N LEU E 351 -22.73 11.00 37.15
CA LEU E 351 -23.05 10.43 38.49
C LEU E 351 -22.96 8.90 38.51
N GLU E 352 -22.86 8.23 37.36
CA GLU E 352 -22.91 6.74 37.26
C GLU E 352 -21.49 6.18 37.25
N VAL E 353 -20.96 5.78 38.40
CA VAL E 353 -19.61 5.16 38.56
C VAL E 353 -19.75 3.96 39.52
N CYS E 354 -19.09 2.86 39.18
CA CYS E 354 -19.33 1.51 39.78
C CYS E 354 -18.71 1.43 41.18
N PRO E 355 -19.46 0.96 42.19
CA PRO E 355 -18.92 0.76 43.53
C PRO E 355 -17.73 -0.21 43.62
N SER E 356 -17.49 -1.04 42.61
CA SER E 356 -16.41 -2.04 42.68
C SER E 356 -15.04 -1.37 42.89
N ILE E 357 -14.93 -0.06 42.64
CA ILE E 357 -13.64 0.71 42.76
C ILE E 357 -13.64 1.51 44.07
N ALA E 358 -14.63 1.29 44.95
CA ALA E 358 -14.78 1.99 46.25
C ALA E 358 -13.75 1.45 47.26
N ALA E 359 -13.51 2.22 48.34
CA ALA E 359 -12.57 1.90 49.44
C ALA E 359 -13.24 0.97 50.45
N GLU E 360 -12.53 0.62 51.53
CA GLU E 360 -12.92 -0.38 52.57
C GLU E 360 -14.36 -0.17 53.05
N GLU E 361 -14.88 1.05 53.00
CA GLU E 361 -16.14 1.43 53.69
C GLU E 361 -17.02 2.29 52.79
N LYS E 362 -18.10 2.85 53.38
CA LYS E 362 -18.94 3.97 52.87
C LYS E 362 -20.12 3.38 52.12
N PRO E 363 -20.01 3.17 50.79
CA PRO E 363 -20.97 3.72 49.85
C PRO E 363 -22.06 4.55 50.53
N ILE E 364 -21.90 5.88 50.55
CA ILE E 364 -22.97 6.85 50.95
C ILE E 364 -24.00 6.94 49.81
N LEU E 365 -25.31 6.89 50.13
CA LEU E 365 -26.41 7.00 49.14
C LEU E 365 -27.07 8.39 49.23
N ASP E 366 -26.57 9.35 48.46
CA ASP E 366 -27.03 10.78 48.43
C ASP E 366 -28.19 10.93 47.42
N VAL E 367 -28.72 12.15 47.29
CA VAL E 367 -29.63 12.53 46.17
C VAL E 367 -29.67 14.07 46.06
N GLN E 368 -28.57 14.68 45.63
CA GLN E 368 -28.52 16.13 45.31
C GLN E 368 -29.23 16.38 43.97
N HIS E 369 -29.31 17.65 43.56
CA HIS E 369 -29.91 18.10 42.28
C HIS E 369 -28.90 17.86 41.15
N LEU E 370 -29.41 17.53 39.96
CA LEU E 370 -28.62 17.46 38.70
C LEU E 370 -29.31 18.34 37.64
N GLY E 371 -28.52 19.12 36.90
CA GLY E 371 -29.00 20.02 35.84
C GLY E 371 -29.08 19.32 34.50
N ILE E 372 -28.12 18.42 34.24
CA ILE E 372 -27.98 17.66 32.97
C ILE E 372 -29.18 16.70 32.81
N GLY E 373 -29.85 16.77 31.66
CA GLY E 373 -31.01 15.92 31.34
C GLY E 373 -32.31 16.60 31.71
N GLY E 374 -32.24 17.59 32.61
CA GLY E 374 -33.38 18.40 33.06
C GLY E 374 -34.46 17.56 33.72
N LYS E 375 -34.06 16.71 34.67
CA LYS E 375 -34.95 15.72 35.34
C LYS E 375 -34.90 15.89 36.87
N ASP E 376 -35.74 15.11 37.58
CA ASP E 376 -35.86 15.08 39.07
C ASP E 376 -34.49 14.84 39.69
N ASP E 377 -34.32 15.25 40.95
CA ASP E 377 -33.09 15.05 41.76
C ASP E 377 -32.79 13.56 41.78
N PRO E 378 -31.74 13.09 41.05
CA PRO E 378 -31.49 11.66 40.89
C PRO E 378 -30.59 11.04 41.97
N ALA E 379 -31.04 9.94 42.58
CA ALA E 379 -30.35 9.22 43.67
C ALA E 379 -29.08 8.56 43.13
N ARG E 380 -27.97 8.69 43.85
CA ARG E 380 -26.65 8.20 43.40
C ARG E 380 -25.89 7.61 44.59
N LEU E 381 -24.92 6.74 44.30
CA LEU E 381 -23.88 6.31 45.27
C LEU E 381 -22.69 7.26 45.13
N VAL E 382 -22.28 7.86 46.25
CA VAL E 382 -21.00 8.62 46.37
C VAL E 382 -20.07 7.80 47.27
N PHE E 383 -18.77 7.81 46.96
CA PHE E 383 -17.72 7.04 47.68
C PHE E 383 -16.36 7.41 47.10
N ASP E 384 -15.36 7.56 47.98
CA ASP E 384 -13.96 7.81 47.54
C ASP E 384 -13.51 6.53 46.83
N GLY E 385 -12.74 6.68 45.77
CA GLY E 385 -12.15 5.54 45.04
C GLY E 385 -11.03 4.91 45.85
N GLY E 386 -10.81 3.61 45.65
CA GLY E 386 -9.71 2.87 46.29
C GLY E 386 -8.37 3.38 45.82
N GLU E 387 -7.29 2.72 46.21
CA GLU E 387 -5.91 3.09 45.80
C GLU E 387 -5.22 1.84 45.24
N GLY E 388 -4.06 2.02 44.63
CA GLY E 388 -3.27 0.92 44.06
C GLY E 388 -3.20 0.99 42.55
N ALA E 389 -2.20 0.31 41.97
CA ALA E 389 -1.99 0.17 40.52
C ALA E 389 -3.32 -0.18 39.84
N ALA E 390 -3.58 0.50 38.73
CA ALA E 390 -4.84 0.41 37.96
C ALA E 390 -4.55 0.47 36.47
N VAL E 391 -5.60 0.56 35.67
CA VAL E 391 -5.52 0.57 34.19
C VAL E 391 -6.71 1.37 33.68
N ASN E 392 -6.43 2.32 32.79
CA ASN E 392 -7.46 3.22 32.19
C ASN E 392 -7.42 2.97 30.69
N ALA E 393 -8.44 2.27 30.18
CA ALA E 393 -8.53 1.81 28.79
C ALA E 393 -9.72 2.48 28.10
N SER E 394 -9.50 3.03 26.92
CA SER E 394 -10.56 3.51 26.00
C SER E 394 -10.47 2.73 24.70
N LEU E 395 -11.61 2.43 24.08
CA LEU E 395 -11.62 1.90 22.69
C LEU E 395 -12.24 2.95 21.75
N ILE E 396 -11.54 3.25 20.64
CA ILE E 396 -11.95 4.32 19.68
C ILE E 396 -12.08 3.74 18.27
N ASP E 397 -12.87 4.37 17.40
CA ASP E 397 -13.02 3.97 15.97
C ASP E 397 -12.31 5.02 15.12
N LEU E 398 -11.22 4.65 14.46
CA LEU E 398 -10.42 5.56 13.58
C LEU E 398 -11.00 5.56 12.16
N GLY E 399 -12.15 4.90 11.94
CA GLY E 399 -12.83 4.80 10.65
C GLY E 399 -12.57 3.45 10.01
N HIS E 400 -11.32 3.24 9.61
CA HIS E 400 -10.86 2.04 8.86
C HIS E 400 -10.53 0.88 9.81
N ARG E 401 -10.48 1.12 11.11
CA ARG E 401 -10.04 0.12 12.12
C ARG E 401 -10.34 0.65 13.51
N PHE E 402 -10.09 -0.18 14.53
CA PHE E 402 -10.26 0.18 15.96
C PHE E 402 -8.87 0.28 16.60
N ARG E 403 -8.79 1.07 17.67
CA ARG E 403 -7.56 1.28 18.48
C ARG E 403 -7.92 1.20 19.97
N LEU E 404 -7.26 0.30 20.69
CA LEU E 404 -7.39 0.18 22.15
C LEU E 404 -6.24 0.94 22.81
N ILE E 405 -6.54 2.06 23.47
CA ILE E 405 -5.54 2.87 24.25
C ILE E 405 -5.66 2.47 25.72
N VAL E 406 -4.53 2.11 26.33
CA VAL E 406 -4.46 1.66 27.75
C VAL E 406 -3.43 2.52 28.46
N ASN E 407 -3.86 3.14 29.56
CA ASN E 407 -3.00 3.98 30.43
C ASN E 407 -2.93 3.29 31.79
N GLU E 408 -1.75 2.75 32.14
CA GLU E 408 -1.41 2.29 33.51
C GLU E 408 -1.34 3.54 34.39
N VAL E 409 -2.18 3.60 35.42
CA VAL E 409 -2.24 4.71 36.41
C VAL E 409 -2.23 4.10 37.81
N ASP E 410 -1.88 4.90 38.81
CA ASP E 410 -1.91 4.50 40.25
C ASP E 410 -2.97 5.34 40.94
N ALA E 411 -4.08 4.72 41.31
CA ALA E 411 -5.13 5.30 42.16
C ALA E 411 -4.51 5.68 43.50
N VAL E 412 -4.98 6.77 44.07
CA VAL E 412 -4.40 7.38 45.29
C VAL E 412 -5.56 7.74 46.22
N LYS E 413 -5.45 7.39 47.50
CA LYS E 413 -6.46 7.74 48.52
C LYS E 413 -6.51 9.26 48.64
N PRO E 414 -7.71 9.88 48.67
CA PRO E 414 -7.80 11.33 48.86
C PRO E 414 -7.35 11.75 50.26
N GLU E 415 -6.36 12.64 50.35
CA GLU E 415 -5.82 13.21 51.62
C GLU E 415 -6.84 14.23 52.17
N HIS E 416 -7.59 14.89 51.29
CA HIS E 416 -8.70 15.80 51.65
C HIS E 416 -10.00 15.16 51.16
N ASP E 417 -11.04 15.10 51.99
CA ASP E 417 -12.42 14.76 51.56
C ASP E 417 -13.07 16.05 51.04
N MET E 418 -14.05 15.93 50.13
CA MET E 418 -14.63 17.05 49.35
C MET E 418 -16.15 17.04 49.52
N PRO E 419 -16.67 17.72 50.56
CA PRO E 419 -18.06 17.54 50.98
C PRO E 419 -19.12 17.89 49.93
N LYS E 420 -18.90 18.94 49.13
CA LYS E 420 -19.96 19.52 48.26
C LYS E 420 -20.03 18.76 46.92
N LEU E 421 -19.11 17.81 46.67
CA LEU E 421 -19.00 17.04 45.40
C LEU E 421 -19.94 15.85 45.45
N PRO E 422 -21.14 15.92 44.82
CA PRO E 422 -22.23 14.98 45.10
C PRO E 422 -22.23 13.72 44.24
N VAL E 423 -21.04 13.26 43.83
CA VAL E 423 -20.83 12.07 42.96
C VAL E 423 -19.61 11.30 43.46
N ALA E 424 -19.60 9.98 43.26
CA ALA E 424 -18.44 9.16 43.63
C ALA E 424 -17.29 9.64 42.74
N ARG E 425 -16.06 9.42 43.17
CA ARG E 425 -14.85 9.98 42.52
C ARG E 425 -13.66 9.11 42.90
N ILE E 426 -12.62 9.17 42.09
CA ILE E 426 -11.34 8.49 42.41
C ILE E 426 -10.21 9.39 41.90
N LEU E 427 -9.09 9.42 42.62
CA LEU E 427 -7.90 10.19 42.23
C LEU E 427 -6.88 9.20 41.71
N TRP E 428 -6.02 9.61 40.77
CA TRP E 428 -4.91 8.76 40.27
C TRP E 428 -3.80 9.64 39.70
N LYS E 429 -2.55 9.20 39.92
CA LYS E 429 -1.36 9.69 39.20
C LYS E 429 -1.15 8.80 37.99
N PRO E 430 -1.41 9.31 36.76
CA PRO E 430 -1.16 8.56 35.53
C PRO E 430 0.34 8.42 35.20
N ARG E 431 0.77 7.19 34.89
CA ARG E 431 2.13 6.88 34.41
C ARG E 431 2.26 7.32 32.96
N PRO E 432 3.42 7.85 32.52
CA PRO E 432 4.58 8.03 33.40
C PRO E 432 4.46 9.30 34.25
N SER E 433 3.66 10.27 33.79
CA SER E 433 3.45 11.59 34.42
C SER E 433 2.22 12.26 33.81
N LEU E 434 1.40 12.91 34.63
CA LEU E 434 0.16 13.59 34.19
C LEU E 434 0.40 14.26 32.84
N ARG E 435 1.41 15.10 32.76
CA ARG E 435 1.70 15.90 31.55
C ARG E 435 1.86 14.97 30.35
N ASP E 436 2.68 13.92 30.48
CA ASP E 436 3.10 13.03 29.36
C ASP E 436 2.06 11.94 29.09
N SER E 437 1.30 11.54 30.10
CA SER E 437 0.17 10.60 29.90
C SER E 437 -0.89 11.30 29.05
N ALA E 438 -1.36 12.48 29.48
CA ALA E 438 -2.40 13.28 28.78
C ALA E 438 -1.92 13.63 27.36
N GLU E 439 -0.67 14.04 27.19
CA GLU E 439 -0.11 14.34 25.85
C GLU E 439 -0.29 13.11 24.96
N ALA E 440 0.26 11.98 25.39
CA ALA E 440 0.25 10.75 24.59
C ALA E 440 -1.20 10.34 24.33
N TRP E 441 -2.05 10.44 25.36
CA TRP E 441 -3.47 10.04 25.26
C TRP E 441 -4.12 10.85 24.13
N ILE E 442 -4.06 12.17 24.23
CA ILE E 442 -4.62 13.09 23.20
C ILE E 442 -4.04 12.72 21.83
N LEU E 443 -2.77 12.37 21.73
CA LEU E 443 -2.08 11.99 20.44
C LEU E 443 -2.70 10.71 19.88
N ALA E 444 -3.06 9.76 20.75
CA ALA E 444 -3.66 8.46 20.36
C ALA E 444 -5.15 8.68 20.05
N GLY E 445 -5.72 9.77 20.55
CA GLY E 445 -7.12 10.13 20.30
C GLY E 445 -8.05 9.42 21.25
N GLY E 446 -7.54 8.97 22.39
CA GLY E 446 -8.38 8.31 23.41
C GLY E 446 -9.65 9.10 23.69
N ALA E 447 -10.74 8.42 24.03
CA ALA E 447 -12.05 9.03 24.36
C ALA E 447 -11.96 9.76 25.70
N HIS E 448 -12.89 10.68 25.95
CA HIS E 448 -13.15 11.24 27.30
C HIS E 448 -13.56 10.10 28.24
N HIS E 449 -14.34 9.14 27.73
CA HIS E 449 -14.84 7.95 28.46
C HIS E 449 -13.75 6.89 28.48
N THR E 450 -13.54 6.26 29.63
CA THR E 450 -12.55 5.16 29.81
C THR E 450 -13.17 4.05 30.66
N CYS E 451 -12.46 2.92 30.75
CA CYS E 451 -12.73 1.82 31.71
C CYS E 451 -11.55 1.77 32.68
N PHE E 452 -11.81 2.13 33.93
CA PHE E 452 -10.83 2.12 35.03
C PHE E 452 -11.00 0.78 35.73
N SER E 453 -9.91 0.03 35.88
CA SER E 453 -9.90 -1.30 36.56
C SER E 453 -8.58 -1.49 37.31
N PHE E 454 -8.65 -1.91 38.58
CA PHE E 454 -7.49 -2.35 39.39
C PHE E 454 -7.07 -3.75 38.93
N ALA E 455 -8.06 -4.60 38.67
CA ALA E 455 -7.89 -6.06 38.49
C ALA E 455 -7.31 -6.40 37.12
N VAL E 456 -7.69 -5.65 36.09
CA VAL E 456 -7.29 -5.96 34.69
C VAL E 456 -5.83 -5.56 34.47
N THR E 457 -4.98 -6.51 34.10
CA THR E 457 -3.58 -6.24 33.70
C THR E 457 -3.59 -5.59 32.32
N THR E 458 -2.48 -4.95 31.95
CA THR E 458 -2.20 -4.48 30.58
C THR E 458 -2.02 -5.71 29.69
N GLU E 459 -1.19 -6.68 30.10
CA GLU E 459 -0.98 -7.96 29.38
C GLU E 459 -2.34 -8.51 28.96
N GLN E 460 -3.32 -8.49 29.86
CA GLN E 460 -4.72 -8.95 29.61
C GLN E 460 -5.31 -8.20 28.39
N LEU E 461 -5.27 -6.86 28.40
CA LEU E 461 -5.85 -6.02 27.32
C LEU E 461 -5.08 -6.23 26.01
N GLN E 462 -3.76 -6.43 26.05
CA GLN E 462 -2.92 -6.60 24.85
C GLN E 462 -3.25 -7.95 24.18
N ASP E 463 -3.38 -8.99 25.00
CA ASP E 463 -3.82 -10.34 24.58
C ASP E 463 -5.18 -10.21 23.89
N PHE E 464 -6.11 -9.49 24.49
CA PHE E 464 -7.49 -9.35 23.96
C PHE E 464 -7.47 -8.62 22.61
N ALA E 465 -6.57 -7.66 22.45
CA ALA E 465 -6.36 -6.89 21.21
C ALA E 465 -5.74 -7.81 20.17
N GLU E 466 -4.77 -8.64 20.55
CA GLU E 466 -4.14 -9.59 19.61
C GLU E 466 -5.24 -10.50 19.07
N MET E 467 -6.05 -11.11 19.95
CA MET E 467 -7.14 -12.02 19.51
C MET E 467 -7.99 -11.24 18.52
N ALA E 468 -8.52 -10.09 18.94
CA ALA E 468 -9.57 -9.32 18.23
C ALA E 468 -9.01 -8.62 17.00
N GLY E 469 -7.69 -8.61 16.79
CA GLY E 469 -7.04 -8.01 15.61
C GLY E 469 -7.21 -6.51 15.57
N ILE E 470 -6.85 -5.84 16.67
CA ILE E 470 -6.80 -4.36 16.77
C ILE E 470 -5.47 -3.93 17.39
N GLU E 471 -4.97 -2.77 16.95
CA GLU E 471 -3.85 -2.05 17.62
C GLU E 471 -4.19 -1.96 19.11
N CYS E 472 -3.23 -2.27 19.95
CA CYS E 472 -3.30 -1.95 21.38
C CYS E 472 -2.06 -1.14 21.69
N VAL E 473 -2.25 0.15 21.92
CA VAL E 473 -1.17 1.09 22.28
C VAL E 473 -1.26 1.32 23.80
N VAL E 474 -0.12 1.27 24.49
CA VAL E 474 -0.04 1.40 25.98
C VAL E 474 0.78 2.65 26.33
N ILE E 475 0.33 3.42 27.31
CA ILE E 475 1.08 4.61 27.83
C ILE E 475 1.29 4.39 29.33
N ASN E 476 2.54 4.13 29.73
CA ASN E 476 2.87 3.67 31.10
C ASN E 476 4.24 4.21 31.52
N GLU E 477 4.87 3.57 32.50
CA GLU E 477 6.15 3.99 33.15
C GLU E 477 7.20 4.34 32.08
N HIS E 478 7.32 3.53 31.02
CA HIS E 478 8.40 3.59 30.00
C HIS E 478 8.03 4.54 28.85
N THR E 479 6.79 4.99 28.79
CA THR E 479 6.27 5.80 27.65
C THR E 479 7.01 7.13 27.54
N SER E 480 7.70 7.32 26.42
CA SER E 480 8.32 8.59 25.97
C SER E 480 7.48 9.16 24.83
N VAL E 481 6.89 10.33 25.02
CA VAL E 481 5.96 10.94 24.04
C VAL E 481 6.62 10.95 22.67
N SER E 482 7.92 11.28 22.61
CA SER E 482 8.76 11.29 21.37
C SER E 482 8.63 9.95 20.65
N SER E 483 8.97 8.85 21.32
CA SER E 483 8.93 7.47 20.77
C SER E 483 7.49 7.06 20.47
N PHE E 484 6.56 7.39 21.36
CA PHE E 484 5.10 7.03 21.28
C PHE E 484 4.44 7.57 20.00
N LYS E 485 4.80 8.79 19.58
CA LYS E 485 4.27 9.41 18.33
C LYS E 485 4.73 8.55 17.16
N ASN E 486 6.01 8.17 17.15
CA ASN E 486 6.60 7.34 16.07
C ASN E 486 5.88 5.98 16.05
N GLU E 487 5.62 5.41 17.22
CA GLU E 487 4.99 4.07 17.37
C GLU E 487 3.54 4.16 16.89
N LEU E 488 2.90 5.32 17.07
CA LEU E 488 1.52 5.55 16.58
C LEU E 488 1.52 5.56 15.05
N LYS E 489 2.51 6.23 14.46
CA LYS E 489 2.64 6.36 12.99
C LYS E 489 2.88 4.96 12.40
N TRP E 490 3.82 4.19 12.93
CA TRP E 490 4.23 2.87 12.36
C TRP E 490 3.15 1.80 12.53
N ASN E 491 2.40 1.85 13.64
CA ASN E 491 1.18 1.02 13.89
C ASN E 491 0.12 1.37 12.87
N GLU E 492 -0.23 2.65 12.71
CA GLU E 492 -1.22 3.11 11.68
C GLU E 492 -0.91 2.42 10.35
N VAL E 493 0.35 2.42 9.93
CA VAL E 493 0.78 1.82 8.66
C VAL E 493 0.51 0.31 8.74
N PHE E 494 0.79 -0.31 9.88
CA PHE E 494 0.72 -1.79 10.01
C PHE E 494 -0.72 -2.22 9.87
N TRP E 495 -1.63 -1.47 10.50
CA TRP E 495 -3.00 -1.95 10.80
C TRP E 495 -3.98 -1.59 9.68
N ARG E 496 -3.58 -0.82 8.66
CA ARG E 496 -4.50 -0.40 7.57
C ARG E 496 -4.31 -1.36 6.40
N LYS F 2 39.33 -20.74 1.43
CA LYS F 2 39.86 -22.07 0.98
C LYS F 2 39.35 -22.43 -0.43
N MET F 3 38.38 -21.69 -0.97
CA MET F 3 37.76 -21.89 -2.32
C MET F 3 37.84 -20.55 -3.06
N PRO F 4 37.16 -20.32 -4.24
CA PRO F 4 37.57 -19.26 -5.18
C PRO F 4 37.98 -17.90 -4.61
N ALA F 5 38.93 -17.23 -5.30
CA ALA F 5 39.59 -15.95 -4.90
C ALA F 5 38.86 -14.77 -5.54
N TYR F 6 38.48 -13.81 -4.71
CA TYR F 6 37.69 -12.62 -5.10
C TYR F 6 38.56 -11.37 -4.91
N GLU F 7 38.27 -10.33 -5.68
CA GLU F 7 38.96 -9.01 -5.60
C GLU F 7 37.98 -8.00 -5.01
N PHE F 8 38.50 -6.87 -4.59
CA PHE F 8 37.70 -5.69 -4.19
C PHE F 8 38.25 -4.48 -4.94
N TRP F 9 37.38 -3.77 -5.63
CA TRP F 9 37.74 -2.57 -6.41
C TRP F 9 37.69 -1.35 -5.48
N PHE F 10 38.85 -0.72 -5.26
CA PHE F 10 38.94 0.57 -4.55
C PHE F 10 38.79 1.69 -5.58
N VAL F 11 37.84 2.57 -5.34
CA VAL F 11 37.47 3.67 -6.29
C VAL F 11 37.26 4.95 -5.49
N VAL F 12 37.85 6.04 -5.98
CA VAL F 12 37.76 7.37 -5.31
C VAL F 12 37.01 8.34 -6.24
N GLY F 13 36.01 9.03 -5.70
CA GLY F 13 35.26 10.05 -6.45
C GLY F 13 35.93 11.39 -6.29
N SER F 14 35.94 12.18 -7.36
CA SER F 14 36.35 13.60 -7.36
C SER F 14 35.84 14.23 -8.66
N GLN F 15 36.16 15.50 -8.89
CA GLN F 15 35.66 16.28 -10.05
C GLN F 15 36.82 17.04 -10.70
N HIS F 16 36.59 17.52 -11.92
CA HIS F 16 37.60 18.27 -12.72
C HIS F 16 37.67 19.73 -12.27
N LEU F 17 36.87 20.14 -11.28
CA LEU F 17 36.70 21.57 -10.87
C LEU F 17 38.04 22.18 -10.44
N TYR F 18 38.92 21.40 -9.80
CA TYR F 18 40.21 21.86 -9.23
C TYR F 18 41.35 21.55 -10.20
N GLY F 19 41.01 21.16 -11.44
CA GLY F 19 41.96 20.98 -12.55
C GLY F 19 42.42 19.54 -12.69
N ASP F 20 43.68 19.28 -12.37
CA ASP F 20 44.38 18.00 -12.63
C ASP F 20 45.59 17.91 -11.68
N GLU F 21 46.33 19.02 -11.52
CA GLU F 21 47.42 19.20 -10.53
C GLU F 21 46.96 18.72 -9.14
N ALA F 22 45.69 18.99 -8.78
CA ALA F 22 45.09 18.61 -7.48
C ALA F 22 44.61 17.14 -7.51
N LEU F 23 44.08 16.68 -8.65
CA LEU F 23 43.56 15.29 -8.83
C LEU F 23 44.71 14.27 -8.67
N ALA F 24 45.92 14.62 -9.08
CA ALA F 24 47.14 13.81 -8.88
C ALA F 24 47.37 13.63 -7.38
N GLN F 25 47.08 14.67 -6.58
CA GLN F 25 47.25 14.67 -5.10
C GLN F 25 46.24 13.71 -4.48
N VAL F 26 45.05 13.60 -5.08
CA VAL F 26 43.97 12.67 -4.62
C VAL F 26 44.42 11.24 -4.97
N GLU F 27 44.83 11.02 -6.22
CA GLU F 27 45.34 9.70 -6.70
C GLU F 27 46.45 9.21 -5.75
N ALA F 28 47.43 10.06 -5.46
CA ALA F 28 48.56 9.77 -4.55
C ALA F 28 48.04 9.37 -3.17
N HIS F 29 47.12 10.14 -2.58
CA HIS F 29 46.55 9.88 -1.23
C HIS F 29 45.96 8.46 -1.19
N ALA F 30 45.19 8.11 -2.22
CA ALA F 30 44.52 6.80 -2.35
C ALA F 30 45.62 5.74 -2.47
N ARG F 31 46.46 5.89 -3.48
CA ARG F 31 47.56 4.93 -3.82
C ARG F 31 48.36 4.60 -2.56
N GLU F 32 48.46 5.54 -1.61
CA GLU F 32 49.11 5.34 -0.29
C GLU F 32 48.18 4.54 0.63
N MET F 33 46.88 4.87 0.64
CA MET F 33 45.86 4.28 1.55
C MET F 33 45.63 2.80 1.23
N VAL F 34 45.52 2.46 -0.06
CA VAL F 34 45.10 1.12 -0.54
C VAL F 34 45.99 0.03 0.04
N PRO F 35 47.34 0.10 -0.13
CA PRO F 35 48.23 -0.92 0.41
C PRO F 35 48.11 -1.02 1.94
N ALA F 36 48.16 0.11 2.64
CA ALA F 36 48.11 0.20 4.12
C ALA F 36 46.77 -0.29 4.65
N LEU F 37 45.74 -0.30 3.79
CA LEU F 37 44.41 -0.86 4.11
C LEU F 37 44.46 -2.37 3.85
N GLN F 38 44.94 -2.78 2.68
CA GLN F 38 45.05 -4.22 2.32
C GLN F 38 45.94 -4.93 3.34
N ALA F 39 47.12 -4.37 3.64
CA ALA F 39 48.14 -4.95 4.53
C ALA F 39 47.54 -5.21 5.92
N ALA F 40 46.63 -4.34 6.38
CA ALA F 40 45.81 -4.57 7.60
C ALA F 40 44.74 -5.61 7.28
N VAL F 41 44.69 -6.69 8.09
CA VAL F 41 43.79 -7.87 7.90
C VAL F 41 43.34 -7.92 6.43
N GLY F 42 44.16 -8.53 5.58
CA GLY F 42 43.87 -8.78 4.16
C GLY F 42 44.54 -10.05 3.68
N ASN F 43 45.57 -9.92 2.84
CA ASN F 43 46.32 -11.06 2.24
C ASN F 43 45.35 -11.96 1.44
N ALA F 44 44.43 -12.64 2.13
CA ALA F 44 43.43 -13.57 1.55
C ALA F 44 42.48 -12.81 0.61
N HIS F 45 42.05 -11.61 1.02
CA HIS F 45 41.17 -10.69 0.24
C HIS F 45 42.03 -9.58 -0.37
N VAL F 46 42.32 -9.66 -1.67
CA VAL F 46 43.09 -8.60 -2.40
C VAL F 46 42.20 -7.36 -2.50
N LEU F 47 42.79 -6.16 -2.33
CA LEU F 47 42.09 -4.85 -2.34
C LEU F 47 42.54 -4.06 -3.57
N ARG F 48 42.16 -4.51 -4.76
CA ARG F 48 42.59 -3.91 -6.04
C ARG F 48 42.24 -2.42 -6.04
N TRP F 49 43.07 -1.61 -6.69
CA TRP F 49 42.92 -0.14 -6.83
C TRP F 49 42.43 0.16 -8.24
N LYS F 50 41.22 0.70 -8.39
CA LYS F 50 40.56 0.88 -9.71
C LYS F 50 40.34 2.36 -10.02
N GLY F 51 41.11 3.25 -9.38
CA GLY F 51 41.36 4.61 -9.89
C GLY F 51 40.42 5.63 -9.29
N VAL F 52 40.68 6.92 -9.56
CA VAL F 52 39.84 8.08 -9.14
C VAL F 52 38.91 8.42 -10.30
N LEU F 53 37.62 8.57 -10.02
CA LEU F 53 36.56 8.70 -11.04
C LEU F 53 36.03 10.14 -11.01
N LYS F 54 36.06 10.81 -12.18
CA LYS F 54 35.57 12.20 -12.37
C LYS F 54 34.38 12.18 -13.35
N ASP F 55 34.44 11.42 -14.44
CA ASP F 55 33.40 11.44 -15.51
C ASP F 55 32.22 10.58 -15.06
N ALA F 56 31.04 10.86 -15.60
CA ALA F 56 29.85 9.98 -15.51
C ALA F 56 30.13 8.69 -16.29
N ASP F 57 30.79 8.82 -17.45
CA ASP F 57 31.07 7.71 -18.39
C ASP F 57 32.09 6.76 -17.77
N GLU F 58 33.14 7.30 -17.14
CA GLU F 58 34.15 6.54 -16.36
C GLU F 58 33.43 5.69 -15.29
N ILE F 59 32.66 6.34 -14.41
CA ILE F 59 31.92 5.69 -13.29
C ILE F 59 31.01 4.58 -13.84
N ARG F 60 30.14 4.90 -14.79
CA ARG F 60 29.25 3.91 -15.44
C ARG F 60 30.10 2.75 -15.96
N ARG F 61 31.06 3.01 -16.85
CA ARG F 61 32.01 2.00 -17.41
C ARG F 61 32.55 1.11 -16.27
N LEU F 62 33.15 1.74 -15.26
CA LEU F 62 33.71 1.06 -14.06
C LEU F 62 32.65 0.14 -13.43
N CYS F 63 31.45 0.64 -13.18
CA CYS F 63 30.38 -0.13 -12.51
C CYS F 63 29.95 -1.30 -13.38
N LEU F 64 29.86 -1.11 -14.70
CA LEU F 64 29.49 -2.20 -15.65
C LEU F 64 30.49 -3.34 -15.52
N GLU F 65 31.79 -3.00 -15.54
CA GLU F 65 32.92 -3.96 -15.47
C GLU F 65 32.80 -4.74 -14.14
N ALA F 66 32.59 -4.04 -13.03
CA ALA F 66 32.53 -4.63 -11.66
C ALA F 66 31.41 -5.70 -11.64
N SER F 67 30.32 -5.43 -12.35
CA SER F 67 29.19 -6.37 -12.47
C SER F 67 29.62 -7.56 -13.34
N ALA F 68 30.30 -7.30 -14.47
CA ALA F 68 30.62 -8.30 -15.50
C ALA F 68 31.72 -9.26 -15.03
N ASP F 69 32.62 -8.80 -14.15
CA ASP F 69 33.73 -9.64 -13.62
C ASP F 69 33.21 -10.42 -12.40
N ASP F 70 33.21 -11.76 -12.49
CA ASP F 70 32.75 -12.70 -11.43
C ASP F 70 33.70 -12.64 -10.23
N VAL F 71 34.87 -12.01 -10.37
CA VAL F 71 35.95 -12.00 -9.35
C VAL F 71 35.76 -10.80 -8.44
N CYS F 72 35.01 -9.79 -8.88
CA CYS F 72 34.75 -8.55 -8.10
C CYS F 72 33.70 -8.85 -7.04
N ALA F 73 34.12 -9.24 -5.84
CA ALA F 73 33.26 -9.58 -4.68
C ALA F 73 32.47 -8.35 -4.26
N GLY F 74 33.05 -7.16 -4.49
CA GLY F 74 32.45 -5.86 -4.08
C GLY F 74 33.31 -4.67 -4.48
N VAL F 75 32.73 -3.48 -4.38
CA VAL F 75 33.38 -2.18 -4.71
C VAL F 75 33.31 -1.29 -3.47
N ILE F 76 34.45 -0.75 -3.05
CA ILE F 76 34.50 0.18 -1.88
C ILE F 76 34.84 1.55 -2.43
N ALA F 77 33.88 2.47 -2.38
CA ALA F 77 33.96 3.84 -2.93
C ALA F 77 34.13 4.82 -1.78
N TRP F 78 34.92 5.86 -2.02
CA TRP F 78 35.19 6.97 -1.07
C TRP F 78 35.29 8.27 -1.87
N MET F 79 34.57 9.30 -1.45
CA MET F 79 34.61 10.61 -2.13
C MET F 79 35.69 11.46 -1.47
N HIS F 80 36.89 11.49 -2.04
CA HIS F 80 38.02 12.31 -1.53
C HIS F 80 37.58 13.77 -1.58
N THR F 81 37.24 14.24 -2.79
CA THR F 81 36.67 15.57 -3.04
C THR F 81 35.17 15.39 -3.34
N PHE F 82 34.44 16.50 -3.40
CA PHE F 82 33.05 16.55 -3.91
C PHE F 82 33.05 15.82 -5.26
N SER F 83 32.26 14.74 -5.38
CA SER F 83 31.98 14.08 -6.68
C SER F 83 30.48 14.13 -6.98
N PRO F 84 30.04 15.03 -7.89
CA PRO F 84 28.62 15.23 -8.18
C PRO F 84 27.94 13.89 -8.49
N ALA F 85 26.85 13.61 -7.78
CA ALA F 85 26.32 12.24 -7.61
C ALA F 85 25.60 11.77 -8.88
N LYS F 86 25.08 12.69 -9.70
CA LYS F 86 24.38 12.33 -10.96
C LYS F 86 25.30 11.43 -11.81
N MET F 87 26.62 11.71 -11.78
CA MET F 87 27.64 10.98 -12.57
C MET F 87 27.68 9.52 -12.14
N TRP F 88 27.43 9.27 -10.85
CA TRP F 88 27.34 7.92 -10.26
C TRP F 88 26.03 7.21 -10.63
N ILE F 89 24.95 7.96 -10.87
CA ILE F 89 23.59 7.37 -11.01
C ILE F 89 23.69 6.24 -12.06
N ARG F 90 24.06 6.59 -13.29
CA ARG F 90 24.15 5.62 -14.43
C ARG F 90 24.90 4.40 -13.89
N GLY F 91 26.07 4.63 -13.31
CA GLY F 91 26.88 3.57 -12.66
C GLY F 91 26.06 2.76 -11.68
N LEU F 92 25.67 3.38 -10.56
CA LEU F 92 25.06 2.75 -9.35
C LEU F 92 23.85 1.90 -9.72
N LEU F 93 23.07 2.28 -10.75
CA LEU F 93 21.91 1.46 -11.20
C LEU F 93 22.46 0.11 -11.66
N ALA F 94 23.58 0.12 -12.37
CA ALA F 94 24.16 -1.05 -13.06
C ALA F 94 25.13 -1.79 -12.15
N LEU F 95 25.49 -1.23 -10.99
CA LEU F 95 26.46 -1.90 -10.07
C LEU F 95 25.76 -3.05 -9.35
N ARG F 96 26.15 -4.28 -9.69
CA ARG F 96 25.47 -5.53 -9.26
C ARG F 96 26.23 -6.16 -8.08
N LYS F 97 27.37 -5.61 -7.71
CA LYS F 97 28.20 -6.17 -6.61
C LYS F 97 27.96 -5.34 -5.37
N PRO F 98 28.08 -5.93 -4.16
CA PRO F 98 27.92 -5.19 -2.92
C PRO F 98 28.81 -3.95 -2.91
N LEU F 99 28.26 -2.81 -2.52
CA LEU F 99 29.00 -1.54 -2.41
C LEU F 99 29.28 -1.25 -0.95
N LEU F 100 30.53 -0.83 -0.64
CA LEU F 100 30.89 -0.22 0.67
C LEU F 100 31.24 1.25 0.44
N HIS F 101 30.55 2.13 1.15
CA HIS F 101 30.80 3.60 1.14
C HIS F 101 31.71 3.91 2.32
N LEU F 102 33.01 3.93 2.05
CA LEU F 102 34.06 4.29 3.03
C LEU F 102 34.10 5.81 3.18
N HIS F 103 33.43 6.33 4.20
CA HIS F 103 33.46 7.78 4.52
C HIS F 103 34.66 8.03 5.41
N THR F 104 35.79 8.42 4.80
CA THR F 104 37.08 8.63 5.52
C THR F 104 37.70 9.96 5.07
N GLN F 105 38.95 10.17 5.47
CA GLN F 105 39.74 11.42 5.26
C GLN F 105 41.22 11.05 5.39
N PHE F 106 42.03 11.42 4.40
CA PHE F 106 43.47 11.04 4.40
C PHE F 106 44.12 11.52 5.69
N ASN F 107 44.20 12.85 5.85
CA ASN F 107 44.77 13.53 7.04
C ASN F 107 43.87 13.28 8.25
N ARG F 108 44.47 12.88 9.38
CA ARG F 108 43.77 12.63 10.66
C ARG F 108 43.36 13.97 11.27
N ASP F 109 44.27 14.94 11.30
CA ASP F 109 44.13 16.23 12.03
C ASP F 109 44.19 17.39 11.02
N ILE F 110 43.70 18.57 11.43
CA ILE F 110 43.67 19.82 10.62
C ILE F 110 45.01 20.55 10.75
N PRO F 111 45.78 20.73 9.65
CA PRO F 111 47.02 21.48 9.69
C PRO F 111 46.76 22.99 9.84
N TRP F 112 46.41 23.41 11.06
CA TRP F 112 45.93 24.78 11.40
C TRP F 112 46.83 25.86 10.74
N ASP F 113 48.15 25.63 10.72
CA ASP F 113 49.15 26.67 10.34
C ASP F 113 49.03 27.03 8.85
N THR F 114 48.85 26.03 7.98
CA THR F 114 48.90 26.20 6.50
C THR F 114 47.52 26.00 5.87
N ILE F 115 46.55 25.45 6.62
CA ILE F 115 45.16 25.18 6.14
C ILE F 115 44.76 26.29 5.15
N ASP F 116 45.05 26.08 3.87
CA ASP F 116 44.73 27.05 2.77
C ASP F 116 43.50 26.55 2.01
N MET F 117 42.97 27.40 1.12
CA MET F 117 41.78 27.10 0.29
C MET F 117 42.08 25.89 -0.60
N ASP F 118 43.34 25.67 -0.98
CA ASP F 118 43.75 24.53 -1.85
C ASP F 118 43.61 23.23 -1.06
N PHE F 119 43.80 23.27 0.26
CA PHE F 119 43.63 22.09 1.17
C PHE F 119 42.15 21.76 1.34
N MET F 120 41.34 22.81 1.57
CA MET F 120 39.86 22.73 1.74
C MET F 120 39.22 22.09 0.50
N ASN F 121 39.78 22.36 -0.69
CA ASN F 121 39.32 21.84 -2.00
C ASN F 121 39.95 20.46 -2.29
N LEU F 122 40.67 19.89 -1.31
CA LEU F 122 41.30 18.55 -1.41
C LEU F 122 40.64 17.61 -0.40
N ASN F 123 40.75 17.93 0.90
CA ASN F 123 40.35 16.99 2.00
C ASN F 123 38.90 17.29 2.42
N GLN F 124 38.00 17.46 1.44
CA GLN F 124 36.58 17.84 1.62
C GLN F 124 35.67 16.59 1.52
N SER F 125 36.20 15.41 1.87
CA SER F 125 35.48 14.11 1.93
C SER F 125 34.24 14.26 2.81
N ALA F 126 34.33 15.11 3.84
CA ALA F 126 33.28 15.41 4.83
C ALA F 126 31.96 15.85 4.15
N HIS F 127 32.01 16.38 2.93
CA HIS F 127 30.79 16.81 2.19
C HIS F 127 30.72 16.17 0.81
N GLY F 128 31.82 15.68 0.25
CA GLY F 128 31.79 14.91 -1.01
C GLY F 128 31.13 13.56 -0.82
N ASP F 129 31.31 12.95 0.37
CA ASP F 129 30.69 11.67 0.78
C ASP F 129 29.19 11.88 1.07
N ARG F 130 28.81 13.03 1.64
CA ARG F 130 27.41 13.31 2.03
C ARG F 130 26.53 13.41 0.78
N GLU F 131 27.08 14.01 -0.29
CA GLU F 131 26.46 14.12 -1.64
C GLU F 131 26.21 12.71 -2.18
N TYR F 132 27.25 11.86 -2.13
CA TYR F 132 27.20 10.42 -2.50
C TYR F 132 26.19 9.68 -1.60
N GLY F 133 26.12 10.08 -0.34
CA GLY F 133 25.16 9.51 0.63
C GLY F 133 23.75 9.77 0.21
N PHE F 134 23.48 11.00 -0.25
CA PHE F 134 22.14 11.40 -0.73
C PHE F 134 21.73 10.54 -1.93
N ILE F 135 22.62 10.35 -2.90
CA ILE F 135 22.29 9.55 -4.13
C ILE F 135 22.10 8.08 -3.76
N GLY F 136 22.77 7.62 -2.71
CA GLY F 136 22.56 6.27 -2.15
C GLY F 136 21.18 6.13 -1.51
N ALA F 137 20.83 7.06 -0.61
CA ALA F 137 19.52 7.06 0.10
C ALA F 137 18.39 7.19 -0.93
N ARG F 138 18.55 8.15 -1.85
CA ARG F 138 17.57 8.43 -2.94
C ARG F 138 17.31 7.16 -3.77
N MET F 139 18.38 6.53 -4.23
CA MET F 139 18.29 5.39 -5.16
C MET F 139 17.91 4.12 -4.39
N GLY F 140 17.97 4.16 -3.04
CA GLY F 140 17.69 3.00 -2.16
C GLY F 140 18.68 1.86 -2.31
N VAL F 141 19.87 2.14 -2.85
CA VAL F 141 20.94 1.13 -3.10
C VAL F 141 21.29 0.47 -1.77
N ALA F 142 21.43 -0.85 -1.78
CA ALA F 142 22.01 -1.64 -0.68
C ALA F 142 23.49 -1.26 -0.57
N ARG F 143 23.85 -0.53 0.48
CA ARG F 143 25.27 -0.22 0.79
C ARG F 143 25.50 -0.40 2.31
N LYS F 144 26.71 -0.83 2.66
CA LYS F 144 27.31 -0.67 4.02
C LYS F 144 28.01 0.71 4.05
N VAL F 145 27.85 1.44 5.15
CA VAL F 145 28.53 2.73 5.39
C VAL F 145 29.39 2.59 6.64
N VAL F 146 30.70 2.74 6.46
CA VAL F 146 31.70 2.78 7.55
C VAL F 146 32.29 4.18 7.57
N VAL F 147 32.27 4.80 8.74
CA VAL F 147 32.75 6.19 8.94
C VAL F 147 33.95 6.15 9.88
N GLY F 148 34.99 6.91 9.59
CA GLY F 148 36.15 7.11 10.48
C GLY F 148 37.44 7.25 9.71
N HIS F 149 38.51 7.65 10.40
CA HIS F 149 39.86 7.76 9.80
C HIS F 149 40.29 6.38 9.31
N TRP F 150 40.89 6.31 8.12
CA TRP F 150 41.24 5.07 7.40
C TRP F 150 42.31 4.29 8.16
N GLU F 151 43.04 4.93 9.08
CA GLU F 151 44.01 4.28 10.01
C GLU F 151 43.28 3.81 11.28
N ASP F 152 42.23 4.52 11.72
CA ASP F 152 41.40 4.11 12.89
C ASP F 152 41.18 2.60 12.81
N PRO F 153 41.55 1.80 13.83
CA PRO F 153 41.35 0.35 13.79
C PRO F 153 39.89 -0.06 13.55
N GLU F 154 38.92 0.60 14.20
CA GLU F 154 37.46 0.32 14.06
C GLU F 154 37.11 0.24 12.57
N VAL F 155 37.64 1.15 11.75
CA VAL F 155 37.39 1.20 10.28
C VAL F 155 37.94 -0.08 9.64
N ARG F 156 39.20 -0.43 9.92
CA ARG F 156 39.92 -1.57 9.29
C ARG F 156 39.19 -2.87 9.62
N GLU F 157 38.79 -3.05 10.88
CA GLU F 157 38.12 -4.30 11.34
C GLU F 157 36.73 -4.37 10.72
N ARG F 158 35.99 -3.25 10.72
CA ARG F 158 34.62 -3.15 10.14
C ARG F 158 34.72 -3.47 8.64
N LEU F 159 35.71 -2.88 7.96
CA LEU F 159 35.97 -3.08 6.52
C LEU F 159 36.31 -4.54 6.21
N ALA F 160 37.07 -5.22 7.08
CA ALA F 160 37.43 -6.66 6.93
C ALA F 160 36.18 -7.52 7.06
N LYS F 161 35.41 -7.32 8.13
CA LYS F 161 34.18 -8.10 8.47
C LYS F 161 33.11 -7.88 7.39
N TRP F 162 33.11 -6.71 6.74
CA TRP F 162 32.25 -6.46 5.56
C TRP F 162 32.80 -7.27 4.37
N MET F 163 34.10 -7.16 4.09
CA MET F 163 34.71 -7.80 2.90
C MET F 163 34.42 -9.31 2.94
N ARG F 164 34.56 -9.95 4.10
CA ARG F 164 34.26 -11.39 4.27
C ARG F 164 32.80 -11.61 3.87
N THR F 165 31.90 -10.75 4.35
CA THR F 165 30.44 -10.82 4.05
C THR F 165 30.22 -10.71 2.54
N ALA F 166 30.91 -9.78 1.88
CA ALA F 166 30.76 -9.50 0.43
C ALA F 166 31.24 -10.67 -0.39
N VAL F 167 32.17 -11.46 0.16
CA VAL F 167 32.69 -12.72 -0.44
C VAL F 167 31.61 -13.78 -0.25
N ALA F 168 31.03 -13.86 0.95
CA ALA F 168 29.93 -14.81 1.23
C ALA F 168 28.77 -14.52 0.26
N PHE F 169 28.46 -13.23 0.02
CA PHE F 169 27.39 -12.79 -0.90
C PHE F 169 27.70 -13.25 -2.32
N ALA F 170 28.95 -13.11 -2.75
CA ALA F 170 29.42 -13.56 -4.08
C ALA F 170 29.24 -15.08 -4.20
N GLU F 171 29.46 -15.82 -3.10
CA GLU F 171 29.32 -17.31 -3.10
C GLU F 171 27.84 -17.67 -3.12
N SER F 172 27.04 -16.94 -2.34
CA SER F 172 25.55 -17.01 -2.38
C SER F 172 25.05 -16.78 -3.82
N ARG F 173 25.56 -15.77 -4.52
CA ARG F 173 25.03 -15.35 -5.86
C ARG F 173 25.12 -16.50 -6.86
N ASN F 174 26.14 -17.36 -6.75
CA ASN F 174 26.37 -18.50 -7.66
C ASN F 174 26.36 -19.82 -6.86
N LEU F 175 25.71 -19.81 -5.70
CA LEU F 175 25.60 -21.00 -4.81
C LEU F 175 24.79 -22.07 -5.53
N LYS F 176 25.34 -23.28 -5.62
CA LYS F 176 24.66 -24.46 -6.22
C LYS F 176 24.41 -25.46 -5.09
N VAL F 177 23.18 -25.95 -4.95
CA VAL F 177 22.75 -26.89 -3.88
C VAL F 177 22.10 -28.11 -4.52
N ALA F 178 22.57 -29.30 -4.15
CA ALA F 178 22.01 -30.60 -4.59
C ALA F 178 21.25 -31.22 -3.41
N ARG F 179 19.95 -31.44 -3.59
CA ARG F 179 19.09 -32.10 -2.58
C ARG F 179 18.93 -33.56 -3.01
N PHE F 180 19.26 -34.50 -2.12
CA PHE F 180 19.07 -35.95 -2.33
C PHE F 180 17.74 -36.37 -1.70
N GLY F 181 16.67 -36.27 -2.48
CA GLY F 181 15.29 -36.48 -2.02
C GLY F 181 14.66 -35.16 -1.61
N ASP F 182 13.37 -35.20 -1.27
CA ASP F 182 12.52 -34.00 -1.06
C ASP F 182 12.61 -33.56 0.41
N ASN F 183 11.75 -32.63 0.80
CA ASN F 183 11.60 -32.13 2.20
C ASN F 183 11.02 -33.26 3.06
N MET F 184 11.21 -33.19 4.37
CA MET F 184 10.54 -34.12 5.32
C MET F 184 9.02 -33.99 5.09
N ARG F 185 8.35 -35.14 4.91
CA ARG F 185 7.07 -35.32 4.17
C ARG F 185 6.00 -34.30 4.60
N GLU F 186 6.12 -33.65 5.76
CA GLU F 186 5.04 -32.74 6.22
C GLU F 186 5.63 -31.52 6.96
N VAL F 187 6.91 -31.23 6.82
CA VAL F 187 7.54 -30.08 7.50
C VAL F 187 7.28 -28.82 6.66
N ALA F 188 7.01 -27.70 7.33
CA ALA F 188 6.57 -26.41 6.73
C ALA F 188 7.77 -25.47 6.60
N VAL F 189 8.50 -25.23 7.69
CA VAL F 189 9.59 -24.20 7.75
C VAL F 189 10.78 -24.63 6.88
N THR F 190 10.89 -25.92 6.56
CA THR F 190 11.93 -26.48 5.67
C THR F 190 11.59 -26.09 4.21
N GLU F 191 10.31 -26.15 3.84
CA GLU F 191 9.80 -25.91 2.46
C GLU F 191 9.80 -24.41 2.17
N GLY F 192 9.94 -24.04 0.89
CA GLY F 192 9.87 -22.65 0.41
C GLY F 192 9.76 -22.57 -1.11
N ASP F 193 9.95 -21.37 -1.66
CA ASP F 193 9.95 -21.12 -3.12
C ASP F 193 11.41 -21.04 -3.62
N LYS F 194 11.86 -22.05 -4.36
CA LYS F 194 13.24 -22.15 -4.89
C LYS F 194 13.51 -20.96 -5.81
N VAL F 195 12.56 -20.67 -6.71
CA VAL F 195 12.69 -19.59 -7.74
C VAL F 195 12.75 -18.23 -7.02
N GLY F 196 11.95 -18.05 -5.97
CA GLY F 196 12.00 -16.84 -5.13
C GLY F 196 13.39 -16.65 -4.55
N ALA F 197 13.99 -17.76 -4.09
CA ALA F 197 15.37 -17.80 -3.55
C ALA F 197 16.37 -17.50 -4.66
N GLN F 198 16.28 -18.18 -5.79
CA GLN F 198 17.23 -17.97 -6.92
C GLN F 198 17.19 -16.52 -7.38
N ILE F 199 16.06 -15.83 -7.19
CA ILE F 199 15.91 -14.39 -7.51
C ILE F 199 16.60 -13.56 -6.41
N GLN F 200 16.26 -13.82 -5.15
CA GLN F 200 16.68 -12.99 -3.98
C GLN F 200 18.17 -13.16 -3.66
N PHE F 201 18.66 -14.41 -3.66
CA PHE F 201 20.03 -14.79 -3.23
C PHE F 201 20.88 -15.24 -4.42
N GLY F 202 20.31 -15.91 -5.42
CA GLY F 202 21.04 -16.46 -6.59
C GLY F 202 21.20 -17.98 -6.53
N TRP F 203 20.74 -18.61 -5.45
CA TRP F 203 20.87 -20.06 -5.17
C TRP F 203 20.27 -20.89 -6.30
N SER F 204 21.12 -21.63 -7.02
CA SER F 204 20.70 -22.73 -7.93
C SER F 204 20.48 -24.00 -7.10
N VAL F 205 19.28 -24.15 -6.54
CA VAL F 205 18.84 -25.30 -5.70
C VAL F 205 18.10 -26.28 -6.61
N ASN F 206 18.64 -27.50 -6.77
CA ASN F 206 18.13 -28.51 -7.75
C ASN F 206 17.98 -29.87 -7.05
N GLY F 207 16.98 -30.63 -7.48
CA GLY F 207 16.61 -31.94 -6.89
C GLY F 207 17.25 -33.09 -7.66
N TYR F 208 17.91 -34.00 -6.93
CA TYR F 208 18.49 -35.26 -7.46
C TYR F 208 17.79 -36.42 -6.77
N GLY F 209 17.63 -37.53 -7.48
CA GLY F 209 17.20 -38.82 -6.89
C GLY F 209 18.30 -39.37 -6.01
N ILE F 210 17.97 -40.06 -4.91
CA ILE F 210 18.98 -40.69 -4.01
C ILE F 210 19.76 -41.73 -4.83
N GLY F 211 19.07 -42.46 -5.71
CA GLY F 211 19.66 -43.44 -6.62
C GLY F 211 20.89 -42.89 -7.33
N ASP F 212 20.85 -41.61 -7.75
CA ASP F 212 21.94 -40.92 -8.50
C ASP F 212 23.22 -40.86 -7.67
N LEU F 213 23.10 -40.80 -6.34
CA LEU F 213 24.24 -40.79 -5.38
C LEU F 213 24.74 -42.21 -5.17
N VAL F 214 23.83 -43.18 -5.08
CA VAL F 214 24.19 -44.62 -4.88
C VAL F 214 25.12 -45.03 -6.02
N GLN F 215 24.79 -44.67 -7.27
CA GLN F 215 25.60 -44.96 -8.48
C GLN F 215 26.98 -44.28 -8.38
N TYR F 216 27.08 -43.18 -7.63
CA TYR F 216 28.35 -42.41 -7.43
C TYR F 216 29.12 -42.96 -6.22
N ILE F 217 28.42 -43.61 -5.30
CA ILE F 217 29.03 -44.27 -4.11
C ILE F 217 29.67 -45.60 -4.55
N ARG F 218 29.00 -46.36 -5.42
CA ARG F 218 29.50 -47.66 -5.98
C ARG F 218 30.72 -47.45 -6.88
N ASP F 219 30.99 -46.22 -7.34
CA ASP F 219 32.15 -45.87 -8.21
C ASP F 219 33.30 -45.35 -7.33
N VAL F 220 33.23 -45.52 -6.01
CA VAL F 220 34.25 -45.02 -5.04
C VAL F 220 35.43 -46.00 -5.01
N SER F 221 36.66 -45.49 -5.01
CA SER F 221 37.93 -46.28 -4.91
C SER F 221 38.17 -46.73 -3.47
N GLU F 222 38.06 -48.04 -3.22
CA GLU F 222 38.19 -48.69 -1.88
C GLU F 222 39.58 -48.37 -1.32
N GLN F 223 40.58 -48.20 -2.19
CA GLN F 223 41.95 -47.73 -1.84
C GLN F 223 41.85 -46.40 -1.08
N LYS F 224 41.10 -45.43 -1.63
CA LYS F 224 40.87 -44.10 -1.00
C LYS F 224 40.05 -44.27 0.29
N VAL F 225 39.17 -45.29 0.34
CA VAL F 225 38.28 -45.58 1.51
C VAL F 225 39.14 -46.03 2.70
N ASN F 226 40.11 -46.92 2.46
CA ASN F 226 41.02 -47.44 3.52
C ASN F 226 41.97 -46.31 3.95
N GLU F 227 42.40 -45.47 2.98
CA GLU F 227 43.27 -44.28 3.21
C GLU F 227 42.55 -43.29 4.12
N LEU F 228 41.21 -43.23 4.02
CA LEU F 228 40.35 -42.38 4.89
C LEU F 228 40.25 -43.03 6.28
N LEU F 229 40.16 -44.36 6.35
CA LEU F 229 40.16 -45.12 7.63
C LEU F 229 41.47 -44.86 8.39
N ASP F 230 42.59 -44.75 7.68
CA ASP F 230 43.91 -44.37 8.27
C ASP F 230 43.82 -42.95 8.82
N GLU F 231 43.25 -42.01 8.05
CA GLU F 231 43.07 -40.58 8.45
C GLU F 231 42.12 -40.47 9.64
N TYR F 232 41.09 -41.34 9.70
CA TYR F 232 40.08 -41.40 10.79
C TYR F 232 40.77 -41.78 12.12
N GLU F 233 41.43 -42.94 12.16
CA GLU F 233 42.15 -43.45 13.35
C GLU F 233 43.21 -42.43 13.80
N GLU F 234 43.67 -41.55 12.91
CA GLU F 234 44.63 -40.45 13.25
C GLU F 234 43.87 -39.30 13.92
N LEU F 235 42.73 -38.89 13.35
CA LEU F 235 42.01 -37.64 13.75
C LEU F 235 41.13 -37.87 14.98
N TYR F 236 40.37 -38.97 15.03
CA TYR F 236 39.31 -39.23 16.04
C TYR F 236 39.68 -40.43 16.93
N ASP F 237 39.16 -40.42 18.16
CA ASP F 237 39.28 -41.53 19.13
C ASP F 237 38.18 -42.55 18.83
N ILE F 238 38.42 -43.43 17.84
CA ILE F 238 37.44 -44.46 17.42
C ILE F 238 37.11 -45.34 18.63
N VAL F 239 35.84 -45.73 18.76
CA VAL F 239 35.32 -46.59 19.86
C VAL F 239 36.17 -47.86 19.92
N PRO F 240 36.58 -48.33 21.13
CA PRO F 240 37.43 -49.51 21.26
C PRO F 240 36.97 -50.75 20.45
N ALA F 241 35.66 -51.00 20.39
CA ALA F 241 35.06 -52.14 19.66
C ALA F 241 35.15 -51.94 18.13
N GLY F 242 35.76 -50.85 17.66
CA GLY F 242 35.80 -50.47 16.22
C GLY F 242 37.21 -50.38 15.66
N ARG F 243 38.23 -50.30 16.52
CA ARG F 243 39.66 -50.22 16.09
C ARG F 243 39.99 -51.54 15.37
N GLN F 244 39.52 -52.67 15.93
CA GLN F 244 39.76 -54.05 15.42
C GLN F 244 38.82 -54.32 14.24
N GLU F 245 38.96 -55.49 13.61
CA GLU F 245 38.27 -55.89 12.36
C GLU F 245 36.96 -56.63 12.69
N GLY F 246 36.02 -55.93 13.30
CA GLY F 246 34.67 -56.46 13.57
C GLY F 246 33.70 -56.00 12.48
N PRO F 247 32.37 -56.17 12.69
CA PRO F 247 31.35 -55.53 11.85
C PRO F 247 31.14 -54.04 12.19
N VAL F 248 31.68 -53.59 13.33
CA VAL F 248 31.58 -52.19 13.86
C VAL F 248 32.38 -51.26 12.95
N ARG F 249 33.58 -51.67 12.52
CA ARG F 249 34.47 -50.89 11.62
C ARG F 249 33.91 -50.93 10.19
N GLU F 250 32.99 -51.85 9.87
CA GLU F 250 32.34 -51.91 8.54
C GLU F 250 31.38 -50.73 8.38
N SER F 251 30.77 -50.27 9.48
CA SER F 251 29.91 -49.06 9.54
C SER F 251 30.71 -47.80 9.22
N ILE F 252 31.94 -47.68 9.77
CA ILE F 252 32.88 -46.55 9.57
C ILE F 252 33.43 -46.54 8.12
N ARG F 253 33.62 -47.71 7.51
CA ARG F 253 34.02 -47.83 6.08
C ARG F 253 32.84 -47.43 5.19
N GLU F 254 31.61 -47.67 5.66
CA GLU F 254 30.35 -47.32 4.96
C GLU F 254 30.20 -45.79 4.93
N GLN F 255 30.38 -45.14 6.08
CA GLN F 255 30.40 -43.66 6.19
C GLN F 255 31.49 -43.09 5.26
N ALA F 256 32.68 -43.71 5.21
CA ALA F 256 33.84 -43.32 4.37
C ALA F 256 33.52 -43.53 2.88
N ARG F 257 32.70 -44.53 2.56
CA ARG F 257 32.23 -44.79 1.18
C ARG F 257 31.23 -43.70 0.77
N ILE F 258 30.34 -43.30 1.68
CA ILE F 258 29.36 -42.20 1.49
C ILE F 258 30.13 -40.89 1.38
N GLU F 259 31.14 -40.68 2.23
CA GLU F 259 31.97 -39.44 2.26
C GLU F 259 32.56 -39.21 0.87
N LEU F 260 33.27 -40.20 0.31
CA LEU F 260 34.03 -40.08 -0.97
C LEU F 260 33.08 -40.08 -2.17
N GLY F 261 31.93 -40.72 -2.02
CA GLY F 261 30.86 -40.74 -3.06
C GLY F 261 30.20 -39.37 -3.18
N LEU F 262 29.78 -38.80 -2.06
CA LEU F 262 29.27 -37.41 -2.00
C LEU F 262 30.32 -36.48 -2.61
N LYS F 263 31.54 -36.47 -2.03
CA LYS F 263 32.68 -35.64 -2.51
C LYS F 263 32.74 -35.69 -4.04
N ALA F 264 32.73 -36.90 -4.61
CA ALA F 264 32.73 -37.11 -6.07
C ALA F 264 31.56 -36.33 -6.67
N PHE F 265 30.33 -36.64 -6.22
CA PHE F 265 29.06 -36.11 -6.78
C PHE F 265 29.03 -34.58 -6.71
N LEU F 266 29.36 -34.03 -5.55
CA LEU F 266 29.24 -32.58 -5.25
C LEU F 266 30.33 -31.83 -6.02
N GLN F 267 31.52 -32.41 -6.14
CA GLN F 267 32.65 -31.81 -6.93
C GLN F 267 32.33 -31.95 -8.43
N ASP F 268 31.48 -32.90 -8.81
CA ASP F 268 31.09 -33.13 -10.23
C ASP F 268 30.06 -32.10 -10.69
N GLY F 269 29.26 -31.54 -9.77
CA GLY F 269 28.26 -30.50 -10.05
C GLY F 269 28.58 -29.17 -9.38
N ASN F 270 29.85 -28.93 -9.06
CA ASN F 270 30.38 -27.68 -8.44
C ASN F 270 29.53 -27.29 -7.22
N PHE F 271 28.75 -28.24 -6.69
CA PHE F 271 27.84 -28.04 -5.53
C PHE F 271 28.65 -27.64 -4.29
N THR F 272 28.32 -26.50 -3.69
CA THR F 272 28.93 -26.04 -2.41
C THR F 272 28.01 -26.35 -1.23
N ALA F 273 26.79 -26.82 -1.48
CA ALA F 273 25.86 -27.25 -0.41
C ALA F 273 24.98 -28.43 -0.87
N PHE F 274 24.51 -29.22 0.08
CA PHE F 274 23.63 -30.38 -0.21
C PHE F 274 22.75 -30.65 1.02
N THR F 275 21.70 -31.43 0.82
CA THR F 275 20.77 -31.87 1.89
C THR F 275 20.52 -33.36 1.73
N THR F 276 20.46 -34.08 2.85
CA THR F 276 19.89 -35.46 2.93
C THR F 276 18.56 -35.37 3.68
N THR F 277 17.65 -36.28 3.36
CA THR F 277 16.38 -36.53 4.09
C THR F 277 16.34 -38.02 4.45
N PHE F 278 16.00 -38.35 5.70
CA PHE F 278 15.90 -39.75 6.16
C PHE F 278 14.70 -40.45 5.50
N GLU F 279 13.76 -39.70 4.92
CA GLU F 279 12.51 -40.21 4.29
C GLU F 279 12.83 -41.01 3.01
N ASP F 280 13.93 -40.69 2.34
CA ASP F 280 14.36 -41.40 1.10
C ASP F 280 15.87 -41.70 1.22
N LEU F 281 16.19 -42.95 1.59
CA LEU F 281 17.58 -43.49 1.67
C LEU F 281 17.64 -44.85 0.96
N HIS F 282 16.82 -45.04 -0.07
CA HIS F 282 16.73 -46.30 -0.86
C HIS F 282 18.01 -46.46 -1.70
N GLY F 283 18.86 -47.42 -1.32
CA GLY F 283 20.15 -47.67 -1.96
C GLY F 283 21.30 -47.40 -1.01
N LEU F 284 21.08 -46.60 0.04
CA LEU F 284 22.05 -46.32 1.13
C LEU F 284 21.82 -47.31 2.26
N LYS F 285 22.90 -47.91 2.77
CA LYS F 285 22.89 -48.88 3.90
C LYS F 285 22.55 -48.14 5.20
N GLN F 286 23.00 -46.89 5.34
CA GLN F 286 22.79 -46.09 6.58
C GLN F 286 22.74 -44.59 6.25
N LEU F 287 21.99 -43.83 7.06
CA LEU F 287 21.88 -42.35 6.98
C LEU F 287 23.28 -41.73 6.96
N PRO F 288 23.59 -40.87 5.96
CA PRO F 288 24.86 -40.13 5.95
C PRO F 288 25.00 -39.32 7.24
N GLY F 289 26.07 -39.57 8.00
CA GLY F 289 26.31 -39.00 9.34
C GLY F 289 27.73 -38.48 9.49
N LEU F 290 28.66 -39.38 9.84
CA LEU F 290 30.11 -39.09 9.93
C LEU F 290 30.58 -38.50 8.59
N ALA F 291 30.04 -39.02 7.47
CA ALA F 291 30.32 -38.53 6.09
C ALA F 291 29.92 -37.06 5.96
N VAL F 292 28.70 -36.73 6.42
CA VAL F 292 28.13 -35.36 6.42
C VAL F 292 28.96 -34.47 7.35
N GLN F 293 29.10 -34.88 8.61
CA GLN F 293 29.86 -34.14 9.65
C GLN F 293 31.22 -33.71 9.10
N ARG F 294 31.92 -34.58 8.37
CA ARG F 294 33.26 -34.30 7.79
C ARG F 294 33.12 -33.23 6.70
N LEU F 295 32.24 -33.50 5.73
CA LEU F 295 31.98 -32.67 4.52
C LEU F 295 31.66 -31.24 4.93
N MET F 296 30.95 -31.07 6.05
CA MET F 296 30.60 -29.74 6.60
C MET F 296 31.90 -29.01 6.96
N GLN F 297 32.83 -29.68 7.64
CA GLN F 297 34.14 -29.07 8.03
C GLN F 297 35.02 -28.88 6.79
N GLN F 298 34.75 -29.57 5.68
CA GLN F 298 35.44 -29.34 4.38
C GLN F 298 34.94 -28.02 3.74
N GLY F 299 34.00 -27.33 4.39
CA GLY F 299 33.52 -26.00 3.97
C GLY F 299 32.14 -26.08 3.32
N TYR F 300 31.61 -27.29 3.15
CA TYR F 300 30.31 -27.57 2.48
C TYR F 300 29.15 -27.20 3.39
N GLY F 301 28.12 -26.61 2.80
CA GLY F 301 26.81 -26.37 3.43
C GLY F 301 26.01 -27.65 3.50
N PHE F 302 25.39 -27.92 4.64
CA PHE F 302 24.52 -29.10 4.84
C PHE F 302 23.37 -28.74 5.79
N ALA F 303 22.23 -29.39 5.56
CA ALA F 303 21.10 -29.49 6.51
C ALA F 303 20.35 -30.79 6.21
N GLY F 304 19.73 -31.35 7.24
CA GLY F 304 18.94 -32.60 7.16
C GLY F 304 17.51 -32.30 6.80
N GLU F 305 16.72 -33.35 6.59
CA GLU F 305 15.27 -33.26 6.26
C GLU F 305 15.06 -32.41 5.00
N GLY F 306 16.08 -32.35 4.11
CA GLY F 306 16.04 -31.68 2.80
C GLY F 306 15.99 -30.16 2.90
N ASP F 307 16.44 -29.57 4.03
CA ASP F 307 16.30 -28.10 4.32
C ASP F 307 17.35 -27.32 3.52
N TRP F 308 17.07 -27.07 2.24
CA TRP F 308 17.99 -26.34 1.31
C TRP F 308 18.30 -24.96 1.88
N LYS F 309 17.31 -24.30 2.49
CA LYS F 309 17.50 -22.95 3.08
C LYS F 309 18.67 -23.01 4.08
N THR F 310 18.55 -23.79 5.15
CA THR F 310 19.53 -23.78 6.27
C THR F 310 20.85 -24.37 5.78
N ALA F 311 20.86 -25.17 4.72
CA ALA F 311 22.10 -25.72 4.14
C ALA F 311 22.84 -24.61 3.41
N ALA F 312 22.12 -23.88 2.57
CA ALA F 312 22.65 -22.71 1.84
C ALA F 312 23.27 -21.77 2.86
N LEU F 313 22.45 -21.31 3.82
CA LEU F 313 22.84 -20.33 4.86
C LEU F 313 24.13 -20.82 5.53
N LEU F 314 24.21 -22.13 5.80
CA LEU F 314 25.36 -22.80 6.45
C LEU F 314 26.61 -22.55 5.58
N ARG F 315 26.51 -22.78 4.27
CA ARG F 315 27.62 -22.52 3.31
C ARG F 315 27.99 -21.04 3.34
N ILE F 316 26.97 -20.18 3.35
CA ILE F 316 27.15 -18.70 3.33
C ILE F 316 27.97 -18.34 4.57
N MET F 317 27.54 -18.81 5.74
CA MET F 317 28.11 -18.47 7.08
C MET F 317 29.53 -19.02 7.23
N LYS F 318 29.80 -20.19 6.65
CA LYS F 318 31.17 -20.77 6.61
C LYS F 318 32.08 -19.82 5.81
N VAL F 319 31.62 -19.37 4.65
CA VAL F 319 32.40 -18.44 3.78
C VAL F 319 32.52 -17.08 4.49
N MET F 320 31.54 -16.70 5.32
CA MET F 320 31.62 -15.47 6.16
C MET F 320 32.77 -15.62 7.17
N SER F 321 33.08 -16.84 7.61
CA SER F 321 33.98 -17.10 8.76
C SER F 321 35.42 -17.41 8.29
N THR F 322 35.63 -17.75 7.02
CA THR F 322 36.97 -18.21 6.51
C THR F 322 38.03 -17.18 6.94
N GLY F 323 39.21 -17.67 7.33
CA GLY F 323 40.25 -16.89 8.02
C GLY F 323 40.17 -17.13 9.52
N LEU F 324 39.06 -16.72 10.14
CA LEU F 324 38.79 -16.94 11.59
C LEU F 324 38.61 -18.44 11.83
N GLN F 325 38.89 -18.87 13.06
CA GLN F 325 38.79 -20.29 13.50
C GLN F 325 37.33 -20.56 13.88
N GLY F 326 36.88 -20.02 15.02
CA GLY F 326 35.56 -20.28 15.62
C GLY F 326 34.98 -21.63 15.20
N GLY F 327 34.48 -21.72 13.97
CA GLY F 327 33.82 -22.92 13.42
C GLY F 327 32.32 -22.71 13.30
N THR F 328 31.71 -23.34 12.29
CA THR F 328 30.28 -23.20 11.93
C THR F 328 29.67 -24.58 11.68
N SER F 329 28.47 -24.80 12.20
CA SER F 329 27.78 -26.11 12.20
C SER F 329 26.29 -25.92 11.92
N PHE F 330 25.68 -26.93 11.31
CA PHE F 330 24.21 -27.11 11.28
C PHE F 330 23.81 -27.43 12.72
N MET F 331 22.64 -26.97 13.12
CA MET F 331 22.20 -27.08 14.53
C MET F 331 20.69 -27.20 14.60
N GLU F 332 20.20 -27.85 15.66
CA GLU F 332 18.77 -27.94 16.05
C GLU F 332 18.69 -27.72 17.57
N ASP F 333 17.77 -26.89 18.04
CA ASP F 333 17.50 -26.74 19.49
C ASP F 333 16.76 -28.01 19.93
N TYR F 334 17.35 -28.80 20.84
CA TYR F 334 16.79 -30.11 21.24
C TYR F 334 16.08 -30.01 22.60
N THR F 335 16.83 -29.71 23.65
CA THR F 335 16.27 -29.70 25.02
C THR F 335 16.73 -28.42 25.73
N TYR F 336 15.92 -27.99 26.69
CA TYR F 336 16.22 -26.91 27.67
C TYR F 336 16.60 -27.54 29.01
N HIS F 337 17.59 -26.93 29.63
CA HIS F 337 17.90 -27.09 31.08
C HIS F 337 17.34 -25.84 31.77
N PHE F 338 16.26 -26.02 32.54
CA PHE F 338 15.69 -24.99 33.44
C PHE F 338 16.31 -25.12 34.83
N GLU F 339 16.99 -24.05 35.27
CA GLU F 339 17.64 -23.91 36.59
C GLU F 339 17.76 -22.41 36.87
N LYS F 340 17.27 -21.94 38.02
CA LYS F 340 17.08 -20.49 38.31
C LYS F 340 18.21 -19.69 37.64
N GLY F 341 19.47 -19.98 38.01
CA GLY F 341 20.64 -19.14 37.69
C GLY F 341 21.40 -19.57 36.43
N ASN F 342 21.10 -20.77 35.91
CA ASN F 342 21.82 -21.42 34.78
C ASN F 342 20.78 -21.99 33.82
N ASP F 343 20.10 -21.14 33.05
CA ASP F 343 19.17 -21.56 31.97
C ASP F 343 20.01 -21.92 30.75
N LEU F 344 20.05 -23.20 30.34
CA LEU F 344 20.86 -23.70 29.20
C LEU F 344 19.96 -24.31 28.14
N VAL F 345 20.44 -24.30 26.89
CA VAL F 345 19.81 -24.96 25.71
C VAL F 345 20.76 -26.03 25.19
N LEU F 346 20.25 -27.24 24.94
CA LEU F 346 21.04 -28.36 24.38
C LEU F 346 20.74 -28.46 22.89
N GLY F 347 21.71 -28.05 22.07
CA GLY F 347 21.66 -28.12 20.60
C GLY F 347 22.44 -29.30 20.08
N SER F 348 21.87 -30.03 19.13
CA SER F 348 22.45 -31.22 18.45
C SER F 348 21.66 -31.45 17.16
N HIS F 349 22.01 -32.45 16.36
CA HIS F 349 21.10 -33.02 15.32
C HIS F 349 21.08 -34.53 15.43
N MET F 350 20.07 -35.16 14.81
CA MET F 350 19.87 -36.64 14.72
C MET F 350 21.20 -37.37 14.86
N LEU F 351 22.22 -36.90 14.13
CA LEU F 351 23.65 -37.27 14.36
C LEU F 351 24.59 -36.32 13.61
N GLU F 352 24.06 -35.35 12.87
CA GLU F 352 24.79 -34.55 11.84
C GLU F 352 25.21 -33.18 12.42
N VAL F 353 26.32 -33.13 13.18
CA VAL F 353 26.87 -31.88 13.79
C VAL F 353 28.35 -31.76 13.44
N CYS F 354 28.72 -30.63 12.83
CA CYS F 354 30.09 -30.37 12.29
C CYS F 354 31.10 -30.30 13.43
N PRO F 355 32.26 -30.98 13.31
CA PRO F 355 33.31 -30.96 14.34
C PRO F 355 34.07 -29.62 14.49
N SER F 356 33.69 -28.60 13.72
CA SER F 356 34.30 -27.24 13.73
C SER F 356 34.00 -26.55 15.07
N ILE F 357 32.93 -26.97 15.76
CA ILE F 357 32.46 -26.40 17.06
C ILE F 357 32.92 -27.30 18.22
N ALA F 358 33.83 -28.25 17.97
CA ALA F 358 34.28 -29.26 18.95
C ALA F 358 35.11 -28.57 20.03
N ALA F 359 35.25 -29.19 21.22
CA ALA F 359 36.00 -28.66 22.38
C ALA F 359 37.51 -28.68 22.09
N GLU F 360 38.21 -29.75 22.49
CA GLU F 360 39.69 -29.87 22.41
C GLU F 360 40.08 -31.32 22.07
N GLU F 361 41.29 -31.48 21.50
CA GLU F 361 41.94 -32.77 21.11
C GLU F 361 41.11 -33.45 20.02
N LYS F 362 40.31 -34.46 20.39
CA LYS F 362 39.67 -35.39 19.43
C LYS F 362 38.28 -35.72 19.93
N PRO F 363 37.28 -35.74 19.04
CA PRO F 363 35.94 -36.25 19.36
C PRO F 363 35.85 -37.78 19.24
N ILE F 364 35.17 -38.42 20.20
CA ILE F 364 34.88 -39.89 20.18
C ILE F 364 34.10 -40.21 18.91
N LEU F 365 34.48 -41.26 18.18
CA LEU F 365 33.75 -41.75 16.97
C LEU F 365 32.93 -42.98 17.34
N ASP F 366 31.71 -42.80 17.85
CA ASP F 366 30.79 -43.91 18.22
C ASP F 366 30.18 -44.51 16.94
N VAL F 367 29.28 -45.48 17.11
CA VAL F 367 28.41 -46.05 16.03
C VAL F 367 27.30 -46.85 16.72
N GLN F 368 26.25 -46.17 17.18
CA GLN F 368 25.10 -46.77 17.90
C GLN F 368 23.88 -46.79 16.97
N HIS F 369 22.77 -47.35 17.45
CA HIS F 369 21.50 -47.54 16.71
C HIS F 369 20.82 -46.18 16.52
N LEU F 370 20.25 -45.95 15.34
CA LEU F 370 19.34 -44.81 15.06
C LEU F 370 18.03 -45.34 14.46
N GLY F 371 16.93 -45.16 15.20
CA GLY F 371 15.56 -45.53 14.77
C GLY F 371 15.12 -44.74 13.55
N ILE F 372 15.63 -43.52 13.39
CA ILE F 372 15.27 -42.60 12.27
C ILE F 372 15.83 -43.14 10.95
N GLY F 373 14.94 -43.52 10.02
CA GLY F 373 15.30 -44.04 8.69
C GLY F 373 15.30 -45.56 8.66
N GLY F 374 15.45 -46.19 9.83
CA GLY F 374 15.41 -47.66 10.02
C GLY F 374 16.57 -48.34 9.31
N LYS F 375 17.71 -47.66 9.21
CA LYS F 375 18.90 -48.15 8.45
C LYS F 375 19.98 -48.59 9.44
N ASP F 376 21.04 -49.25 8.93
CA ASP F 376 22.17 -49.82 9.72
C ASP F 376 22.62 -48.80 10.78
N ASP F 377 22.94 -49.29 11.99
CA ASP F 377 23.50 -48.49 13.11
C ASP F 377 24.64 -47.63 12.57
N PRO F 378 24.42 -46.31 12.33
CA PRO F 378 25.36 -45.48 11.59
C PRO F 378 26.45 -44.85 12.47
N ALA F 379 27.68 -44.81 11.95
CA ALA F 379 28.85 -44.20 12.64
C ALA F 379 28.74 -42.68 12.55
N ARG F 380 29.06 -41.99 13.65
CA ARG F 380 28.98 -40.51 13.78
C ARG F 380 30.06 -40.04 14.75
N LEU F 381 30.53 -38.81 14.62
CA LEU F 381 31.41 -38.15 15.63
C LEU F 381 30.56 -37.55 16.74
N VAL F 382 30.87 -37.91 17.99
CA VAL F 382 30.25 -37.31 19.21
C VAL F 382 31.34 -36.50 19.93
N PHE F 383 30.98 -35.31 20.42
CA PHE F 383 31.90 -34.36 21.10
C PHE F 383 31.09 -33.28 21.80
N ASP F 384 31.63 -32.79 22.91
CA ASP F 384 31.05 -31.64 23.66
C ASP F 384 31.38 -30.40 22.82
N GLY F 385 30.42 -29.48 22.70
CA GLY F 385 30.62 -28.20 21.99
C GLY F 385 31.56 -27.30 22.76
N GLY F 386 32.29 -26.42 22.03
CA GLY F 386 33.22 -25.42 22.60
C GLY F 386 32.54 -24.45 23.55
N GLU F 387 33.12 -23.27 23.74
CA GLU F 387 32.51 -22.15 24.52
C GLU F 387 32.78 -20.81 23.83
N GLY F 388 32.10 -19.76 24.28
CA GLY F 388 32.29 -18.37 23.82
C GLY F 388 30.99 -17.74 23.34
N ALA F 389 31.04 -16.44 23.03
CA ALA F 389 29.99 -15.70 22.28
C ALA F 389 29.85 -16.32 20.89
N ALA F 390 28.61 -16.56 20.47
CA ALA F 390 28.26 -17.22 19.20
C ALA F 390 26.93 -16.65 18.69
N VAL F 391 26.54 -17.08 17.50
CA VAL F 391 25.36 -16.55 16.77
C VAL F 391 24.56 -17.75 16.26
N ASN F 392 23.23 -17.66 16.26
CA ASN F 392 22.33 -18.78 15.87
C ASN F 392 21.33 -18.26 14.83
N ALA F 393 21.56 -18.53 13.54
CA ALA F 393 20.81 -17.92 12.44
C ALA F 393 19.89 -18.96 11.79
N SER F 394 18.64 -18.62 11.52
CA SER F 394 17.75 -19.37 10.61
C SER F 394 17.31 -18.45 9.46
N LEU F 395 17.02 -19.03 8.29
CA LEU F 395 16.38 -18.30 7.16
C LEU F 395 15.05 -18.99 6.83
N ILE F 396 13.96 -18.23 6.83
CA ILE F 396 12.57 -18.73 6.62
C ILE F 396 11.94 -18.01 5.44
N ASP F 397 11.06 -18.69 4.71
CA ASP F 397 10.22 -18.10 3.64
C ASP F 397 8.84 -17.81 4.25
N LEU F 398 8.41 -16.55 4.21
CA LEU F 398 7.07 -16.12 4.69
C LEU F 398 6.06 -16.18 3.54
N GLY F 399 6.50 -16.60 2.33
CA GLY F 399 5.68 -16.70 1.11
C GLY F 399 5.94 -15.55 0.15
N HIS F 400 5.83 -14.33 0.65
CA HIS F 400 5.98 -13.05 -0.11
C HIS F 400 7.41 -12.53 -0.02
N ARG F 401 8.25 -13.10 0.86
CA ARG F 401 9.67 -12.67 1.07
C ARG F 401 10.39 -13.69 1.96
N PHE F 402 11.66 -13.42 2.28
CA PHE F 402 12.50 -14.18 3.25
C PHE F 402 12.79 -13.32 4.49
N ARG F 403 13.08 -13.98 5.60
CA ARG F 403 13.44 -13.32 6.87
C ARG F 403 14.61 -14.07 7.47
N LEU F 404 15.70 -13.39 7.78
CA LEU F 404 16.90 -13.98 8.41
C LEU F 404 16.81 -13.68 9.90
N ILE F 405 16.49 -14.68 10.72
CA ILE F 405 16.39 -14.53 12.20
C ILE F 405 17.75 -14.91 12.80
N VAL F 406 18.33 -14.02 13.58
CA VAL F 406 19.68 -14.20 14.18
C VAL F 406 19.57 -14.03 15.70
N ASN F 407 19.92 -15.05 16.45
CA ASN F 407 19.88 -15.02 17.94
C ASN F 407 21.32 -15.13 18.44
N GLU F 408 21.80 -14.11 19.14
CA GLU F 408 23.15 -14.09 19.76
C GLU F 408 23.08 -14.92 21.04
N VAL F 409 23.85 -16.00 21.10
CA VAL F 409 23.89 -16.95 22.25
C VAL F 409 25.30 -16.95 22.82
N ASP F 410 25.46 -17.62 23.96
CA ASP F 410 26.77 -17.87 24.61
C ASP F 410 26.89 -19.37 24.80
N ALA F 411 27.77 -20.01 24.04
CA ALA F 411 28.14 -21.45 24.20
C ALA F 411 28.94 -21.58 25.50
N VAL F 412 28.67 -22.62 26.27
CA VAL F 412 29.28 -22.82 27.62
C VAL F 412 29.83 -24.24 27.73
N LYS F 413 31.03 -24.39 28.30
CA LYS F 413 31.69 -25.72 28.51
C LYS F 413 30.81 -26.52 29.46
N PRO F 414 30.35 -27.73 29.04
CA PRO F 414 29.44 -28.51 29.87
C PRO F 414 30.22 -29.02 31.10
N GLU F 415 29.63 -28.84 32.29
CA GLU F 415 29.92 -29.66 33.50
C GLU F 415 29.07 -30.94 33.38
N HIS F 416 29.14 -31.82 34.38
CA HIS F 416 28.34 -33.06 34.46
C HIS F 416 28.64 -34.00 33.28
N ASP F 417 28.43 -33.56 32.03
CA ASP F 417 28.77 -34.36 30.81
C ASP F 417 27.71 -35.46 30.62
N MET F 418 27.55 -35.98 29.40
CA MET F 418 26.43 -36.87 28.98
C MET F 418 26.98 -38.11 28.31
N PRO F 419 27.36 -39.16 29.09
CA PRO F 419 27.98 -40.35 28.50
C PRO F 419 27.08 -41.11 27.51
N LYS F 420 25.80 -41.30 27.85
CA LYS F 420 24.84 -42.13 27.07
C LYS F 420 24.30 -41.39 25.84
N LEU F 421 24.90 -40.26 25.44
CA LEU F 421 24.47 -39.45 24.26
C LEU F 421 25.30 -39.84 23.04
N PRO F 422 24.70 -40.51 22.03
CA PRO F 422 25.46 -40.97 20.88
C PRO F 422 25.60 -39.90 19.79
N VAL F 423 25.39 -38.62 20.12
CA VAL F 423 25.43 -37.50 19.14
C VAL F 423 26.26 -36.35 19.71
N ALA F 424 26.95 -35.62 18.84
CA ALA F 424 27.66 -34.37 19.18
C ALA F 424 26.63 -33.32 19.61
N ARG F 425 26.98 -32.52 20.61
CA ARG F 425 26.06 -31.59 21.29
C ARG F 425 26.82 -30.31 21.66
N ILE F 426 26.08 -29.27 22.00
CA ILE F 426 26.61 -28.01 22.58
C ILE F 426 25.51 -27.39 23.45
N LEU F 427 25.91 -26.77 24.55
CA LEU F 427 25.01 -26.02 25.45
C LEU F 427 25.30 -24.52 25.28
N TRP F 428 24.25 -23.71 25.22
CA TRP F 428 24.39 -22.23 25.16
C TRP F 428 23.34 -21.57 26.06
N LYS F 429 23.67 -20.38 26.57
CA LYS F 429 22.72 -19.41 27.18
C LYS F 429 22.32 -18.42 26.09
N PRO F 430 21.06 -18.45 25.60
CA PRO F 430 20.65 -17.48 24.59
C PRO F 430 20.38 -16.11 25.23
N ARG F 431 20.90 -15.04 24.63
CA ARG F 431 20.58 -13.65 25.09
C ARG F 431 19.19 -13.27 24.56
N PRO F 432 18.41 -12.50 25.34
CA PRO F 432 18.81 -12.03 26.68
C PRO F 432 18.65 -13.08 27.78
N SER F 433 17.70 -14.01 27.59
CA SER F 433 17.41 -15.15 28.52
C SER F 433 16.62 -16.21 27.76
N LEU F 434 16.80 -17.48 28.11
CA LEU F 434 16.15 -18.63 27.42
C LEU F 434 14.70 -18.28 27.09
N ARG F 435 13.88 -17.94 28.09
CA ARG F 435 12.41 -17.75 27.96
C ARG F 435 12.10 -16.64 26.95
N ASP F 436 12.75 -15.49 27.09
CA ASP F 436 12.51 -14.29 26.25
C ASP F 436 13.04 -14.54 24.83
N SER F 437 14.24 -15.12 24.70
CA SER F 437 14.91 -15.37 23.39
C SER F 437 14.13 -16.44 22.63
N ALA F 438 13.59 -17.43 23.34
CA ALA F 438 12.80 -18.53 22.74
C ALA F 438 11.45 -17.98 22.26
N GLU F 439 10.87 -17.04 23.02
CA GLU F 439 9.60 -16.35 22.68
C GLU F 439 9.81 -15.58 21.39
N ALA F 440 10.82 -14.70 21.36
CA ALA F 440 11.20 -13.85 20.20
C ALA F 440 11.49 -14.73 18.97
N TRP F 441 12.00 -15.93 19.15
CA TRP F 441 12.25 -16.88 18.04
C TRP F 441 10.90 -17.46 17.56
N ILE F 442 10.07 -17.92 18.49
CA ILE F 442 8.73 -18.47 18.16
C ILE F 442 7.92 -17.40 17.41
N LEU F 443 7.99 -16.13 17.86
CA LEU F 443 7.23 -14.99 17.27
C LEU F 443 7.71 -14.74 15.83
N ALA F 444 9.03 -14.70 15.62
CA ALA F 444 9.65 -14.41 14.31
C ALA F 444 9.45 -15.57 13.35
N GLY F 445 9.08 -16.74 13.88
CA GLY F 445 8.81 -17.96 13.07
C GLY F 445 10.09 -18.64 12.67
N GLY F 446 11.15 -18.47 13.46
CA GLY F 446 12.43 -19.15 13.24
C GLY F 446 12.22 -20.65 13.05
N ALA F 447 13.11 -21.29 12.29
CA ALA F 447 13.07 -22.74 12.00
C ALA F 447 13.64 -23.50 13.20
N HIS F 448 13.16 -24.72 13.43
CA HIS F 448 13.83 -25.72 14.30
C HIS F 448 15.31 -25.78 13.89
N HIS F 449 15.60 -25.92 12.59
CA HIS F 449 16.98 -25.93 12.01
C HIS F 449 17.59 -24.53 12.07
N THR F 450 18.81 -24.43 12.58
CA THR F 450 19.57 -23.16 12.67
C THR F 450 20.99 -23.41 12.15
N CYS F 451 21.78 -22.35 12.05
CA CYS F 451 23.25 -22.40 11.86
C CYS F 451 23.91 -21.72 13.04
N PHE F 452 24.68 -22.49 13.81
CA PHE F 452 25.49 -22.03 14.96
C PHE F 452 26.88 -21.69 14.45
N SER F 453 27.41 -20.53 14.85
CA SER F 453 28.76 -20.08 14.44
C SER F 453 29.41 -19.24 15.55
N PHE F 454 30.64 -19.58 15.92
CA PHE F 454 31.46 -18.81 16.87
C PHE F 454 32.06 -17.62 16.12
N ALA F 455 32.50 -17.86 14.88
CA ALA F 455 33.33 -16.94 14.08
C ALA F 455 32.49 -15.85 13.42
N VAL F 456 31.23 -16.16 13.07
CA VAL F 456 30.34 -15.21 12.34
C VAL F 456 29.74 -14.23 13.35
N THR F 457 30.03 -12.94 13.21
CA THR F 457 29.45 -11.84 14.02
C THR F 457 28.06 -11.52 13.47
N THR F 458 27.22 -10.86 14.26
CA THR F 458 25.84 -10.45 13.87
C THR F 458 25.92 -9.38 12.78
N GLU F 459 26.89 -8.48 12.86
CA GLU F 459 27.11 -7.38 11.87
C GLU F 459 27.21 -7.98 10.47
N GLN F 460 27.85 -9.14 10.32
CA GLN F 460 28.05 -9.84 9.02
C GLN F 460 26.72 -10.34 8.46
N LEU F 461 25.89 -10.97 9.30
CA LEU F 461 24.56 -11.50 8.88
C LEU F 461 23.64 -10.35 8.50
N GLN F 462 23.63 -9.25 9.27
CA GLN F 462 22.85 -8.02 8.97
C GLN F 462 23.31 -7.48 7.60
N ASP F 463 24.62 -7.37 7.40
CA ASP F 463 25.19 -6.74 6.18
C ASP F 463 24.85 -7.64 4.99
N PHE F 464 24.83 -8.95 5.20
CA PHE F 464 24.46 -9.94 4.16
C PHE F 464 22.98 -9.74 3.77
N ALA F 465 22.09 -9.59 4.75
CA ALA F 465 20.65 -9.35 4.53
C ALA F 465 20.49 -8.04 3.76
N GLU F 466 21.17 -6.97 4.20
CA GLU F 466 21.23 -5.65 3.51
C GLU F 466 21.57 -5.85 2.02
N MET F 467 22.62 -6.60 1.70
CA MET F 467 23.06 -6.88 0.31
C MET F 467 22.03 -7.69 -0.48
N ALA F 468 21.36 -8.66 0.17
CA ALA F 468 20.45 -9.65 -0.47
C ALA F 468 19.02 -9.11 -0.55
N GLY F 469 18.71 -8.08 0.23
CA GLY F 469 17.40 -7.41 0.23
C GLY F 469 16.37 -8.18 1.03
N ILE F 470 16.74 -8.68 2.22
CA ILE F 470 15.82 -9.43 3.12
C ILE F 470 15.81 -8.76 4.49
N GLU F 471 14.67 -8.80 5.18
CA GLU F 471 14.58 -8.45 6.63
C GLU F 471 15.63 -9.27 7.37
N CYS F 472 16.31 -8.67 8.35
CA CYS F 472 17.16 -9.41 9.32
C CYS F 472 16.86 -8.95 10.74
N VAL F 473 16.00 -9.69 11.44
CA VAL F 473 15.59 -9.40 12.84
C VAL F 473 16.58 -10.12 13.76
N VAL F 474 17.09 -9.42 14.77
CA VAL F 474 18.19 -9.87 15.68
C VAL F 474 17.65 -9.99 17.11
N ILE F 475 18.02 -11.07 17.79
CA ILE F 475 17.71 -11.34 19.22
C ILE F 475 19.04 -11.35 19.99
N ASN F 476 19.26 -10.39 20.88
CA ASN F 476 20.52 -10.27 21.66
C ASN F 476 20.20 -9.73 23.06
N GLU F 477 21.21 -9.22 23.77
CA GLU F 477 21.11 -8.71 25.17
C GLU F 477 20.02 -7.64 25.23
N HIS F 478 20.02 -6.73 24.25
CA HIS F 478 19.17 -5.51 24.25
C HIS F 478 17.73 -5.86 23.88
N THR F 479 17.47 -7.06 23.34
CA THR F 479 16.15 -7.45 22.76
C THR F 479 15.10 -7.54 23.88
N SER F 480 14.05 -6.73 23.76
CA SER F 480 12.81 -6.78 24.56
C SER F 480 11.76 -7.53 23.72
N VAL F 481 10.98 -8.41 24.34
CA VAL F 481 10.02 -9.26 23.58
C VAL F 481 8.92 -8.37 23.00
N SER F 482 8.38 -7.44 23.79
CA SER F 482 7.38 -6.45 23.33
C SER F 482 7.96 -5.70 22.11
N SER F 483 9.05 -4.96 22.30
CA SER F 483 9.71 -4.16 21.23
C SER F 483 9.92 -5.03 19.99
N PHE F 484 10.46 -6.24 20.18
CA PHE F 484 10.78 -7.22 19.10
C PHE F 484 9.53 -7.56 18.31
N LYS F 485 8.37 -7.62 19.00
CA LYS F 485 7.06 -7.96 18.37
C LYS F 485 6.57 -6.77 17.55
N ASN F 486 6.91 -5.55 17.97
CA ASN F 486 6.69 -4.31 17.19
C ASN F 486 7.58 -4.36 15.93
N GLU F 487 8.88 -4.58 16.11
CA GLU F 487 9.87 -4.66 15.00
C GLU F 487 9.37 -5.64 13.93
N LEU F 488 8.77 -6.76 14.33
CA LEU F 488 8.27 -7.77 13.37
C LEU F 488 7.19 -7.13 12.51
N LYS F 489 6.25 -6.43 13.14
CA LYS F 489 5.08 -5.80 12.49
C LYS F 489 5.55 -4.68 11.56
N TRP F 490 6.46 -3.82 12.04
CA TRP F 490 6.95 -2.63 11.30
C TRP F 490 7.87 -3.03 10.14
N ASN F 491 8.75 -4.01 10.35
CA ASN F 491 9.52 -4.65 9.26
C ASN F 491 8.51 -5.25 8.28
N GLU F 492 7.59 -6.09 8.78
CA GLU F 492 6.60 -6.89 7.98
C GLU F 492 6.01 -6.00 6.90
N VAL F 493 5.69 -4.77 7.28
CA VAL F 493 5.05 -3.73 6.42
C VAL F 493 6.08 -3.19 5.44
N PHE F 494 7.24 -2.75 5.92
CA PHE F 494 8.31 -2.14 5.10
C PHE F 494 8.79 -3.10 4.01
N TRP F 495 8.92 -4.39 4.33
CA TRP F 495 9.60 -5.38 3.44
C TRP F 495 8.64 -6.02 2.44
N ARG F 496 7.34 -5.70 2.49
CA ARG F 496 6.32 -6.33 1.59
C ARG F 496 6.14 -5.48 0.32
C1 GOL G . -46.90 5.78 25.64
O1 GOL G . -45.82 6.64 26.00
C2 GOL G . -46.65 5.13 24.28
O2 GOL G . -46.14 3.80 24.45
C3 GOL G . -47.89 5.07 23.41
O3 GOL G . -47.79 4.02 22.47
MN MN H . -37.30 0.11 4.32
C1 GOL I . 22.26 42.09 -24.30
O1 GOL I . 20.96 41.89 -24.85
C2 GOL I . 22.21 42.09 -22.79
O2 GOL I . 21.47 43.22 -22.34
C3 GOL I . 23.59 42.10 -22.15
O3 GOL I . 23.55 41.55 -20.84
MN MN J . 5.90 27.04 -25.31
C1 GOL K . 18.79 -47.18 -13.02
O1 GOL K . 20.10 -46.65 -12.95
C2 GOL K . 18.62 -48.41 -12.15
O2 GOL K . 17.50 -48.23 -11.27
C3 GOL K . 18.44 -49.69 -12.92
O3 GOL K . 17.28 -50.40 -12.48
MN MN L . 6.27 -31.58 -19.59
C1 GOL M . 32.57 39.13 -18.07
O1 GOL M . 32.38 39.38 -16.68
C2 GOL M . 32.03 37.78 -18.48
O2 GOL M . 31.09 37.90 -19.55
C3 GOL M . 33.11 36.79 -18.85
O3 GOL M . 32.53 35.60 -19.39
MN MN N . 28.68 24.35 -1.61
C1 GOL O . -42.04 12.70 29.30
O1 GOL O . -42.62 13.87 28.74
C2 GOL O . -41.55 12.98 30.71
O2 GOL O . -40.63 14.07 30.67
C3 GOL O . -42.69 13.27 31.67
O3 GOL O . -42.72 12.36 32.78
MN MN P . -19.66 11.16 29.84
MN MN Q . 16.30 -31.86 11.66
#